data_4R07
#
_entry.id   4R07
#
_cell.length_a   86.660
_cell.length_b   141.120
_cell.length_c   169.530
_cell.angle_alpha   90.00
_cell.angle_beta   90.59
_cell.angle_gamma   90.00
#
_symmetry.space_group_name_H-M   'P 1 21 1'
#
loop_
_entity.id
_entity.type
_entity.pdbx_description
1 polymer 'Toll-like receptor 8'
2 branched alpha-D-mannopyranose-(1-3)-beta-D-mannopyranose-(1-4)-2-acetamido-2-deoxy-beta-D-glucopyranose-(1-4)-2-acetamido-2-deoxy-beta-D-glucopyranose
3 branched beta-D-mannopyranose-(1-4)-2-acetamido-2-deoxy-beta-D-glucopyranose-(1-4)-2-acetamido-2-deoxy-beta-D-glucopyranose
4 branched 2-acetamido-2-deoxy-beta-D-glucopyranose-(1-4)-2-acetamido-2-deoxy-beta-D-glucopyranose
5 branched alpha-D-mannopyranose-(1-6)-beta-D-mannopyranose-(1-4)-2-acetamido-2-deoxy-beta-D-glucopyranose-(1-4)-2-acetamido-2-deoxy-beta-D-glucopyranose
6 non-polymer URIDINE
7 non-polymer "3'-O-[(R)-{[(2R,3aR,4R,6R,6aR)-6-(2-amino-6-oxo-1,6-dihydro-9H-purin-9-yl)-2-hydroxy-2-oxidotetrahydrofuro[3,4-d][1,3,2]dioxaphosphol-4-yl]methoxy}(hydroxy)phosphoryl]uridine 5'-(dihydrogen phosphate)"
8 non-polymer 2-acetamido-2-deoxy-beta-D-glucopyranose
9 water water
#
_entity_poly.entity_id   1
_entity_poly.type   'polypeptide(L)'
_entity_poly.pdbx_seq_one_letter_code
;RSPWEENFSRSYPCDEKKQNDSVIAECSNRRLQEVPQTVGKYVTELDLSDNFITHITNESFQGLQNLTKINLNHNPNVQH
QNGNPGIQSNGLNITDGAFLNLKNLRELLLEDNQLPQIPSGLPESLTELSLIQNNIYNITKEGISRLINLKNLYLAWNCY
FNKVCEKTNIEDGVFETLTNLELLSLSFNSLSHVPPKLPSSLRKLFLSNTQIKYISEEDFKGLINLTLLDLSGNCPRCFN
APFPCVPCDGGASINIDRFAFQNLTQLRYLNLSSTSLRKINAAWFKNMPHLKVLDLEFNYLVGEIASGAFLTMLPRLEIL
DLSFNYIKGSYPQHINISRNFSKLLSLRALHLRGYVFQELREDDFQPLMQLPNLSTINLGINFIKQIDFKLFQNFSNLEI
IYLSENRISPLVKDTRQSYANSSSFQRHIRKRRSTDFEFDPHSNFYHFTRPLIKPQCAAYGKALDLSLNSIFFIGPNQFE
NLPDIACLNLSANSNAQVLSGTEFSAIPHVKYLDLTNNRLDFDNASALTELSDLEVLDLSYNSHYFRIAGVTHHLEFIQN
FTNLKVLNLSHNNIYTLTDKYNLESKSLVELVFSGNRLDILWNDDDNRYISIFKGLKNLTRLDLSLNRLKHIPNEAFLNL
PASLTELHINDNMLKFFNWTLLQQFPRLELLDLRGNKLLFLTDSLSDFTSSLRTLLLSHNRISHLPSGFLSEVSSLKHLD
LSSNLLKTINKSALETKTTTKLSMLELHGNPFECTCDIGDFRRWMDEHLNVKIPRLVDVICASPGDQRGKSIVSLELTTC
VSDVTEFLVPR
;
_entity_poly.pdbx_strand_id   A,B,C,D
#
loop_
_chem_comp.id
_chem_comp.type
_chem_comp.name
_chem_comp.formula
BMA D-saccharide, beta linking beta-D-mannopyranose 'C6 H12 O6'
MAN D-saccharide, alpha linking alpha-D-mannopyranose 'C6 H12 O6'
NAG D-saccharide, beta linking 2-acetamido-2-deoxy-beta-D-glucopyranose 'C8 H15 N O6'
UCG non-polymer '3'-O-[(R)-{[(2R,3aR,4R,6R,6aR)-6-(2-amino-6-oxo-1,6-dihydro-9H-purin-9-yl)-2-hydroxy-2-oxidotetrahydrofuro[3,4-d][1,3,2]dioxaphosphol-4-yl]methoxy}(hydroxy)phosphoryl]uridine 5'-(dihydrogen phosphate)' 'C19 H24 N7 O18 P3'
URI non-polymer URIDINE 'C9 H12 N2 O6'
#
# COMPACT_ATOMS: atom_id res chain seq x y z
N ARG A 10 -23.31 -40.28 -46.04
CA ARG A 10 -22.03 -40.23 -45.24
C ARG A 10 -21.17 -39.04 -45.64
N SER A 11 -21.08 -38.06 -44.77
CA SER A 11 -20.48 -36.78 -45.12
C SER A 11 -19.02 -36.98 -45.23
N TYR A 12 -18.38 -36.12 -46.01
CA TYR A 12 -16.96 -36.21 -46.25
C TYR A 12 -16.55 -34.88 -46.86
N PRO A 13 -15.43 -34.27 -46.47
CA PRO A 13 -14.53 -34.76 -45.45
C PRO A 13 -14.96 -34.48 -44.01
N CYS A 14 -16.04 -33.73 -43.81
CA CYS A 14 -16.44 -33.36 -42.46
C CYS A 14 -17.22 -34.47 -41.80
N ASP A 15 -17.28 -34.45 -40.46
CA ASP A 15 -18.28 -35.21 -39.69
C ASP A 15 -19.45 -34.30 -39.29
N GLU A 16 -20.64 -34.59 -39.83
CA GLU A 16 -21.83 -33.77 -39.61
C GLU A 16 -22.76 -34.43 -38.61
N LYS A 17 -23.58 -33.63 -37.91
CA LYS A 17 -24.44 -34.14 -36.85
C LYS A 17 -25.44 -33.09 -36.34
N VAL A 23 -27.34 -27.72 -37.24
CA VAL A 23 -26.53 -28.78 -37.82
C VAL A 23 -25.04 -28.42 -37.96
N ILE A 24 -24.19 -29.28 -37.44
CA ILE A 24 -22.80 -28.92 -37.14
C ILE A 24 -21.86 -29.76 -38.00
N ALA A 25 -20.86 -29.10 -38.57
CA ALA A 25 -19.84 -29.76 -39.36
C ALA A 25 -18.46 -29.63 -38.71
N GLU A 26 -18.02 -30.71 -38.10
CA GLU A 26 -16.68 -30.80 -37.53
C GLU A 26 -15.70 -31.12 -38.64
N CYS A 27 -14.94 -30.12 -39.08
CA CYS A 27 -14.08 -30.32 -40.22
C CYS A 27 -12.67 -29.90 -39.92
N SER A 28 -12.31 -29.95 -38.64
CA SER A 28 -11.05 -29.39 -38.22
C SER A 28 -9.93 -30.41 -38.32
N ASN A 29 -8.72 -29.90 -38.49
CA ASN A 29 -7.50 -30.69 -38.40
C ASN A 29 -7.53 -31.90 -39.35
N ARG A 30 -7.75 -31.63 -40.62
CA ARG A 30 -7.99 -32.67 -41.61
C ARG A 30 -7.08 -32.52 -42.79
N ARG A 31 -6.05 -31.70 -42.65
CA ARG A 31 -5.09 -31.45 -43.72
C ARG A 31 -5.72 -30.88 -44.97
N LEU A 32 -6.81 -30.15 -44.79
CA LEU A 32 -7.51 -29.60 -45.95
C LEU A 32 -6.79 -28.38 -46.53
N GLN A 33 -6.78 -28.29 -47.86
CA GLN A 33 -6.02 -27.27 -48.56
C GLN A 33 -6.90 -26.17 -49.11
N GLU A 34 -8.18 -26.43 -49.22
CA GLU A 34 -9.14 -25.39 -49.53
C GLU A 34 -10.40 -25.75 -48.82
N VAL A 35 -11.32 -24.79 -48.77
CA VAL A 35 -12.64 -25.08 -48.23
C VAL A 35 -13.30 -26.14 -49.11
N PRO A 36 -13.78 -27.24 -48.50
CA PRO A 36 -14.35 -28.32 -49.29
C PRO A 36 -15.68 -27.90 -49.92
N GLN A 37 -15.96 -28.43 -51.11
CA GLN A 37 -17.18 -28.04 -51.83
C GLN A 37 -18.28 -29.07 -51.57
N THR A 38 -18.02 -29.87 -50.56
CA THR A 38 -18.72 -31.08 -50.28
C THR A 38 -19.46 -31.00 -48.95
N VAL A 39 -19.56 -29.80 -48.39
CA VAL A 39 -20.14 -29.66 -47.08
C VAL A 39 -21.63 -29.72 -47.30
N GLY A 40 -22.33 -30.54 -46.50
CA GLY A 40 -23.80 -30.58 -46.51
C GLY A 40 -24.41 -29.19 -46.56
N LYS A 41 -25.37 -28.96 -47.46
CA LYS A 41 -25.81 -27.60 -47.76
C LYS A 41 -26.76 -27.07 -46.66
N TYR A 42 -27.17 -27.97 -45.79
CA TYR A 42 -27.99 -27.65 -44.62
C TYR A 42 -27.19 -27.13 -43.38
N VAL A 43 -25.87 -27.16 -43.47
CA VAL A 43 -25.01 -26.99 -42.31
C VAL A 43 -25.12 -25.56 -41.81
N THR A 44 -25.16 -25.40 -40.49
CA THR A 44 -25.31 -24.08 -39.87
C THR A 44 -24.01 -23.59 -39.17
N GLU A 45 -23.23 -24.53 -38.65
CA GLU A 45 -21.94 -24.21 -38.06
C GLU A 45 -20.85 -25.11 -38.65
N LEU A 46 -19.75 -24.48 -39.04
CA LEU A 46 -18.67 -25.16 -39.75
C LEU A 46 -17.34 -24.80 -39.14
N ASP A 47 -16.66 -25.83 -38.69
CA ASP A 47 -15.39 -25.66 -38.06
C ASP A 47 -14.34 -26.21 -38.97
N LEU A 48 -13.54 -25.31 -39.54
CA LEU A 48 -12.46 -25.69 -40.40
C LEU A 48 -11.13 -25.32 -39.78
N SER A 49 -11.08 -25.13 -38.47
CA SER A 49 -9.80 -24.75 -37.82
C SER A 49 -8.70 -25.77 -38.06
N ASP A 50 -7.46 -25.30 -38.01
CA ASP A 50 -6.29 -26.14 -38.04
C ASP A 50 -6.15 -26.91 -39.32
N ASN A 51 -6.63 -26.34 -40.42
CA ASN A 51 -6.40 -26.97 -41.69
C ASN A 51 -5.26 -26.25 -42.40
N PHE A 52 -5.09 -26.50 -43.69
CA PHE A 52 -4.01 -25.94 -44.46
C PHE A 52 -4.58 -24.98 -45.49
N ILE A 53 -5.71 -24.37 -45.16
CA ILE A 53 -6.36 -23.48 -46.09
C ILE A 53 -5.56 -22.16 -46.20
N THR A 54 -5.33 -21.71 -47.43
CA THR A 54 -4.56 -20.50 -47.68
C THR A 54 -5.38 -19.39 -48.35
N HIS A 55 -6.54 -19.72 -48.89
CA HIS A 55 -7.35 -18.76 -49.67
C HIS A 55 -8.82 -18.89 -49.31
N ILE A 56 -9.46 -17.74 -49.08
CA ILE A 56 -10.89 -17.65 -48.97
C ILE A 56 -11.37 -16.58 -49.94
N THR A 57 -12.34 -16.95 -50.78
CA THR A 57 -12.90 -16.03 -51.79
C THR A 57 -14.39 -16.12 -51.66
N ASN A 58 -15.10 -15.36 -52.52
CA ASN A 58 -16.55 -15.36 -52.55
C ASN A 58 -17.13 -16.70 -53.03
N GLU A 59 -16.26 -17.58 -53.50
CA GLU A 59 -16.71 -18.89 -53.98
C GLU A 59 -16.59 -19.92 -52.90
N SER A 60 -15.84 -19.63 -51.85
CA SER A 60 -15.46 -20.69 -50.90
C SER A 60 -16.68 -21.25 -50.21
N PHE A 61 -17.63 -20.39 -49.93
CA PHE A 61 -18.80 -20.77 -49.20
C PHE A 61 -20.10 -20.68 -50.03
N GLN A 62 -19.97 -20.76 -51.34
CA GLN A 62 -21.07 -20.44 -52.23
C GLN A 62 -22.33 -21.29 -51.99
N GLY A 63 -22.17 -22.56 -51.76
CA GLY A 63 -23.32 -23.44 -51.60
C GLY A 63 -23.95 -23.48 -50.22
N LEU A 64 -23.53 -22.60 -49.31
CA LEU A 64 -23.83 -22.77 -47.88
C LEU A 64 -24.41 -21.53 -47.21
N GLN A 65 -25.56 -21.05 -47.68
CA GLN A 65 -26.04 -19.75 -47.23
C GLN A 65 -26.84 -19.84 -45.93
N ASN A 66 -27.00 -21.04 -45.40
CA ASN A 66 -27.57 -21.19 -44.05
C ASN A 66 -26.50 -21.13 -42.92
N LEU A 67 -25.26 -20.76 -43.24
CA LEU A 67 -24.19 -20.75 -42.26
C LEU A 67 -24.36 -19.64 -41.24
N THR A 68 -24.36 -20.05 -39.99
CA THR A 68 -24.45 -19.17 -38.83
C THR A 68 -23.05 -18.87 -38.27
N LYS A 69 -22.19 -19.87 -38.33
CA LYS A 69 -20.91 -19.83 -37.65
C LYS A 69 -19.81 -20.47 -38.49
N ILE A 70 -18.73 -19.75 -38.68
CA ILE A 70 -17.53 -20.33 -39.30
C ILE A 70 -16.32 -20.10 -38.42
N ASN A 71 -15.62 -21.21 -38.17
CA ASN A 71 -14.33 -21.19 -37.52
C ASN A 71 -13.21 -21.51 -38.49
N LEU A 72 -12.37 -20.51 -38.76
CA LEU A 72 -11.17 -20.70 -39.59
C LEU A 72 -9.84 -20.51 -38.86
N ASN A 73 -9.84 -20.65 -37.54
CA ASN A 73 -8.63 -20.40 -36.78
C ASN A 73 -7.51 -21.30 -37.25
N HIS A 74 -6.28 -20.78 -37.21
CA HIS A 74 -5.07 -21.53 -37.39
C HIS A 74 -4.99 -22.16 -38.80
N ASN A 75 -5.40 -21.43 -39.82
CA ASN A 75 -5.10 -21.78 -41.21
C ASN A 75 -4.14 -20.73 -41.74
N PRO A 76 -3.14 -21.12 -42.52
CA PRO A 76 -2.82 -22.52 -42.75
C PRO A 76 -1.93 -23.04 -41.63
N ASN A 77 -2.25 -24.21 -41.15
CA ASN A 77 -1.65 -24.73 -39.94
C ASN A 77 -0.21 -25.20 -40.23
N VAL A 78 0.72 -24.23 -40.32
CA VAL A 78 2.15 -24.44 -40.59
C VAL A 78 2.44 -24.41 -42.08
N ASN A 90 2.26 -18.09 -46.18
CA ASN A 90 2.37 -18.16 -44.72
C ASN A 90 1.05 -17.79 -44.01
N GLY A 91 0.24 -16.93 -44.62
CA GLY A 91 -1.00 -16.42 -44.00
C GLY A 91 -2.26 -16.75 -44.77
N LEU A 92 -3.41 -16.61 -44.11
CA LEU A 92 -4.70 -16.77 -44.76
C LEU A 92 -5.02 -15.55 -45.63
N ASN A 93 -5.27 -15.82 -46.90
CA ASN A 93 -5.48 -14.75 -47.86
C ASN A 93 -6.98 -14.64 -48.16
N ILE A 94 -7.57 -13.55 -47.72
CA ILE A 94 -9.01 -13.42 -47.77
C ILE A 94 -9.38 -12.23 -48.65
N THR A 95 -10.18 -12.48 -49.68
CA THR A 95 -10.56 -11.40 -50.62
C THR A 95 -11.59 -10.46 -50.01
N ASP A 96 -11.55 -9.20 -50.41
CA ASP A 96 -12.63 -8.24 -50.10
C ASP A 96 -13.97 -8.87 -50.40
N GLY A 97 -14.88 -8.81 -49.45
CA GLY A 97 -16.20 -9.34 -49.66
C GLY A 97 -16.32 -10.84 -49.72
N ALA A 98 -15.24 -11.58 -49.46
CA ALA A 98 -15.35 -13.02 -49.51
C ALA A 98 -16.58 -13.55 -48.81
N PHE A 99 -17.00 -12.94 -47.70
CA PHE A 99 -18.07 -13.50 -46.83
C PHE A 99 -19.39 -12.79 -47.02
N LEU A 100 -19.34 -11.71 -47.79
CA LEU A 100 -20.40 -10.73 -47.85
C LEU A 100 -21.74 -11.27 -48.34
N ASN A 101 -21.74 -12.42 -49.01
CA ASN A 101 -22.99 -13.06 -49.46
C ASN A 101 -23.62 -13.95 -48.40
N LEU A 102 -22.88 -14.27 -47.35
CA LEU A 102 -23.47 -15.10 -46.28
C LEU A 102 -24.34 -14.21 -45.39
N LYS A 103 -25.65 -14.34 -45.55
CA LYS A 103 -26.60 -13.39 -44.95
C LYS A 103 -26.93 -13.69 -43.50
N ASN A 104 -26.84 -14.95 -43.12
CA ASN A 104 -27.13 -15.39 -41.75
C ASN A 104 -25.89 -15.54 -40.87
N LEU A 105 -24.72 -15.13 -41.36
CA LEU A 105 -23.47 -15.37 -40.65
C LEU A 105 -23.37 -14.53 -39.37
N ARG A 106 -23.26 -15.20 -38.24
CA ARG A 106 -23.26 -14.51 -36.94
C ARG A 106 -21.88 -14.48 -36.32
N GLU A 107 -21.20 -15.61 -36.37
CA GLU A 107 -19.96 -15.77 -35.63
C GLU A 107 -18.83 -16.14 -36.58
N LEU A 108 -17.80 -15.31 -36.62
CA LEU A 108 -16.66 -15.58 -37.46
C LEU A 108 -15.35 -15.53 -36.68
N LEU A 109 -14.68 -16.69 -36.66
CA LEU A 109 -13.46 -16.89 -35.89
C LEU A 109 -12.29 -17.03 -36.85
N LEU A 110 -11.37 -16.06 -36.78
CA LEU A 110 -10.26 -15.89 -37.70
C LEU A 110 -8.98 -15.66 -36.89
N GLU A 111 -8.72 -16.52 -35.91
CA GLU A 111 -7.60 -16.34 -35.04
C GLU A 111 -6.39 -16.95 -35.68
N ASP A 112 -5.23 -16.35 -35.42
CA ASP A 112 -3.95 -17.00 -35.69
C ASP A 112 -3.81 -17.33 -37.16
N ASN A 113 -4.20 -16.36 -38.01
CA ASN A 113 -4.24 -16.53 -39.47
C ASN A 113 -3.25 -15.58 -40.16
N GLN A 114 -2.38 -14.94 -39.39
CA GLN A 114 -1.43 -13.93 -39.90
C GLN A 114 -2.07 -12.82 -40.72
N LEU A 115 -3.29 -12.44 -40.39
CA LEU A 115 -3.92 -11.39 -41.14
C LEU A 115 -3.21 -10.05 -40.95
N PRO A 116 -2.92 -9.36 -42.07
CA PRO A 116 -2.27 -8.05 -42.05
C PRO A 116 -3.26 -6.93 -41.81
N GLN A 117 -4.54 -7.21 -41.90
CA GLN A 117 -5.58 -6.19 -41.73
C GLN A 117 -6.86 -6.89 -41.38
N ILE A 118 -7.81 -6.11 -40.89
CA ILE A 118 -9.18 -6.55 -40.77
C ILE A 118 -9.76 -6.81 -42.15
N PRO A 119 -10.34 -7.99 -42.39
CA PRO A 119 -10.77 -8.25 -43.76
C PRO A 119 -11.84 -7.27 -44.23
N SER A 120 -11.71 -6.85 -45.48
CA SER A 120 -12.66 -5.89 -46.04
C SER A 120 -13.95 -6.55 -46.44
N GLY A 121 -15.04 -5.81 -46.27
CA GLY A 121 -16.35 -6.28 -46.70
C GLY A 121 -16.87 -7.46 -45.92
N LEU A 122 -16.77 -7.41 -44.58
CA LEU A 122 -17.39 -8.43 -43.76
C LEU A 122 -18.91 -8.25 -43.68
N PRO A 123 -19.64 -9.33 -43.45
CA PRO A 123 -21.11 -9.20 -43.47
C PRO A 123 -21.65 -8.45 -42.29
N GLU A 124 -22.68 -7.65 -42.56
CA GLU A 124 -23.35 -6.81 -41.57
C GLU A 124 -24.04 -7.60 -40.51
N SER A 125 -24.34 -8.86 -40.81
CA SER A 125 -25.02 -9.74 -39.89
C SER A 125 -24.16 -10.23 -38.69
N LEU A 126 -22.85 -10.03 -38.73
CA LEU A 126 -21.97 -10.60 -37.68
C LEU A 126 -22.33 -10.06 -36.29
N THR A 127 -22.46 -10.96 -35.33
CA THR A 127 -22.58 -10.58 -33.93
C THR A 127 -21.28 -10.80 -33.13
N GLU A 128 -20.43 -11.73 -33.60
CA GLU A 128 -19.17 -12.10 -32.95
C GLU A 128 -18.04 -12.13 -33.99
N LEU A 129 -16.95 -11.42 -33.75
CA LEU A 129 -15.78 -11.46 -34.62
C LEU A 129 -14.54 -11.62 -33.76
N SER A 130 -13.73 -12.62 -34.06
CA SER A 130 -12.49 -12.76 -33.36
C SER A 130 -11.27 -12.76 -34.30
N LEU A 131 -10.38 -11.82 -34.06
CA LEU A 131 -9.20 -11.62 -34.85
C LEU A 131 -7.95 -11.71 -33.97
N ILE A 132 -8.06 -12.45 -32.88
CA ILE A 132 -6.95 -12.70 -31.97
C ILE A 132 -5.75 -13.29 -32.67
N GLN A 133 -4.54 -12.83 -32.32
CA GLN A 133 -3.30 -13.45 -32.76
C GLN A 133 -3.11 -13.31 -34.27
N ASN A 134 -3.30 -12.10 -34.77
CA ASN A 134 -2.98 -11.79 -36.15
C ASN A 134 -1.94 -10.66 -36.20
N ASN A 135 -1.75 -10.09 -37.39
CA ASN A 135 -0.79 -9.01 -37.53
C ASN A 135 -1.48 -7.67 -37.82
N ILE A 136 -2.61 -7.43 -37.16
CA ILE A 136 -3.45 -6.25 -37.43
C ILE A 136 -3.10 -5.08 -36.52
N TYR A 137 -2.58 -4.01 -37.11
CA TYR A 137 -2.11 -2.88 -36.35
C TYR A 137 -2.92 -1.63 -36.65
N ASN A 138 -4.03 -1.79 -37.33
CA ASN A 138 -4.88 -0.67 -37.73
C ASN A 138 -6.31 -1.10 -37.57
N ILE A 139 -7.08 -0.43 -36.70
CA ILE A 139 -8.49 -0.76 -36.50
C ILE A 139 -9.26 0.43 -37.10
N THR A 140 -9.97 0.19 -38.20
CA THR A 140 -10.40 1.29 -39.07
C THR A 140 -11.91 1.26 -39.26
N LYS A 141 -12.47 2.44 -39.53
CA LYS A 141 -13.90 2.52 -39.81
C LYS A 141 -14.24 1.65 -41.01
N GLU A 142 -13.43 1.71 -42.04
CA GLU A 142 -13.73 0.90 -43.21
C GLU A 142 -13.83 -0.56 -42.83
N GLY A 143 -12.99 -1.01 -41.89
CA GLY A 143 -13.06 -2.40 -41.44
C GLY A 143 -14.29 -2.77 -40.63
N ILE A 144 -14.70 -1.89 -39.72
CA ILE A 144 -15.50 -2.28 -38.53
C ILE A 144 -16.86 -1.55 -38.37
N SER A 145 -16.93 -0.31 -38.84
CA SER A 145 -18.01 0.58 -38.41
C SER A 145 -19.37 0.21 -38.96
N ARG A 146 -19.39 -0.48 -40.09
CA ARG A 146 -20.61 -0.90 -40.71
C ARG A 146 -21.09 -2.21 -40.06
N LEU A 147 -20.27 -2.79 -39.19
CA LEU A 147 -20.68 -3.99 -38.43
C LEU A 147 -21.48 -3.63 -37.17
N ILE A 148 -22.57 -2.95 -37.43
CA ILE A 148 -23.54 -2.45 -36.47
C ILE A 148 -24.12 -3.51 -35.55
N ASN A 149 -24.12 -4.76 -35.93
CA ASN A 149 -24.69 -5.76 -35.05
C ASN A 149 -23.68 -6.43 -34.11
N LEU A 150 -22.43 -5.99 -34.09
CA LEU A 150 -21.40 -6.71 -33.29
C LEU A 150 -21.71 -6.58 -31.80
N LYS A 151 -21.75 -7.71 -31.11
CA LYS A 151 -21.84 -7.82 -29.67
C LYS A 151 -20.46 -8.07 -29.01
N ASN A 152 -19.68 -8.95 -29.63
CA ASN A 152 -18.35 -9.32 -29.13
C ASN A 152 -17.28 -9.17 -30.20
N LEU A 153 -16.28 -8.36 -29.90
CA LEU A 153 -15.18 -8.11 -30.81
C LEU A 153 -13.84 -8.36 -30.12
N TYR A 154 -13.10 -9.34 -30.62
CA TYR A 154 -11.84 -9.76 -30.03
C TYR A 154 -10.67 -9.39 -30.94
N LEU A 155 -9.82 -8.49 -30.45
CA LEU A 155 -8.67 -8.02 -31.20
C LEU A 155 -7.34 -8.23 -30.49
N ALA A 156 -7.35 -9.06 -29.45
CA ALA A 156 -6.21 -9.20 -28.59
C ALA A 156 -5.03 -9.89 -29.28
N TRP A 157 -3.84 -9.61 -28.76
CA TRP A 157 -2.63 -10.37 -29.06
C TRP A 157 -2.24 -10.23 -30.51
N ASN A 158 -2.35 -9.00 -31.03
CA ASN A 158 -1.77 -8.67 -32.31
C ASN A 158 -0.38 -8.01 -32.22
N CYS A 159 -0.05 -7.34 -31.13
CA CYS A 159 1.28 -6.74 -31.02
C CYS A 159 1.78 -6.72 -29.60
N TYR A 160 2.82 -7.49 -29.31
CA TYR A 160 3.14 -7.78 -27.91
C TYR A 160 4.54 -8.38 -27.79
N PHE A 161 5.04 -8.35 -26.56
CA PHE A 161 6.37 -8.82 -26.19
C PHE A 161 7.44 -8.28 -27.14
N ASN A 162 8.30 -9.16 -27.64
CA ASN A 162 9.27 -8.78 -28.64
C ASN A 162 8.81 -9.21 -30.03
N LYS A 163 7.51 -9.33 -30.26
CA LYS A 163 7.05 -9.49 -31.63
C LYS A 163 7.49 -8.23 -32.42
N VAL A 164 7.83 -8.39 -33.68
CA VAL A 164 8.04 -7.26 -34.55
C VAL A 164 6.71 -6.77 -35.09
N CYS A 165 6.26 -5.61 -34.65
CA CYS A 165 4.92 -5.17 -35.00
C CYS A 165 4.85 -3.69 -34.77
N GLU A 166 3.78 -3.07 -35.22
CA GLU A 166 3.58 -1.63 -35.05
C GLU A 166 2.68 -1.36 -33.84
N LYS A 167 2.84 -0.17 -33.24
CA LYS A 167 1.80 0.45 -32.42
C LYS A 167 0.45 0.43 -33.08
N THR A 168 -0.59 0.19 -32.29
CA THR A 168 -1.89 -0.03 -32.84
C THR A 168 -2.51 1.32 -33.12
N ASN A 169 -2.91 1.55 -34.35
CA ASN A 169 -3.67 2.75 -34.66
C ASN A 169 -5.16 2.46 -34.54
N ILE A 170 -5.83 3.17 -33.66
CA ILE A 170 -7.26 3.03 -33.54
C ILE A 170 -7.94 4.28 -34.08
N GLU A 171 -8.67 4.14 -35.18
CA GLU A 171 -9.17 5.32 -35.89
C GLU A 171 -10.25 5.96 -35.03
N ASP A 172 -10.15 7.27 -34.85
CA ASP A 172 -11.12 8.00 -34.03
C ASP A 172 -12.57 7.63 -34.31
N GLY A 173 -13.24 7.15 -33.28
CA GLY A 173 -14.65 6.87 -33.36
C GLY A 173 -15.02 5.54 -33.98
N VAL A 174 -14.02 4.69 -34.22
CA VAL A 174 -14.26 3.47 -34.97
C VAL A 174 -15.30 2.59 -34.30
N PHE A 175 -15.35 2.59 -32.96
CA PHE A 175 -16.26 1.72 -32.25
C PHE A 175 -17.57 2.48 -31.92
N GLU A 176 -17.65 3.75 -32.31
CA GLU A 176 -18.72 4.65 -31.83
C GLU A 176 -20.06 4.21 -32.40
N THR A 177 -20.04 3.66 -33.60
CA THR A 177 -21.25 3.16 -34.23
C THR A 177 -21.64 1.76 -33.87
N LEU A 178 -20.83 1.07 -33.10
CA LEU A 178 -21.15 -0.29 -32.66
C LEU A 178 -22.01 -0.27 -31.39
N THR A 179 -23.28 0.09 -31.55
CA THR A 179 -24.06 0.50 -30.40
C THR A 179 -24.68 -0.67 -29.71
N ASN A 180 -24.51 -1.88 -30.22
CA ASN A 180 -24.86 -3.07 -29.46
C ASN A 180 -23.60 -3.73 -28.91
N LEU A 181 -22.43 -3.12 -29.02
CA LEU A 181 -21.23 -3.83 -28.58
C LEU A 181 -21.26 -4.06 -27.08
N GLU A 182 -21.07 -5.31 -26.68
CA GLU A 182 -21.08 -5.71 -25.27
C GLU A 182 -19.71 -6.13 -24.73
N LEU A 183 -18.85 -6.67 -25.59
CA LEU A 183 -17.51 -7.11 -25.20
C LEU A 183 -16.48 -6.63 -26.21
N LEU A 184 -15.50 -5.89 -25.75
CA LEU A 184 -14.42 -5.46 -26.60
C LEU A 184 -13.13 -5.87 -25.92
N SER A 185 -12.28 -6.56 -26.65
CA SER A 185 -11.02 -6.99 -26.08
C SER A 185 -9.89 -6.55 -27.00
N LEU A 186 -9.01 -5.72 -26.44
CA LEU A 186 -7.88 -5.15 -27.13
C LEU A 186 -6.56 -5.48 -26.45
N SER A 187 -6.59 -6.42 -25.51
CA SER A 187 -5.41 -6.77 -24.74
C SER A 187 -4.23 -7.19 -25.59
N PHE A 188 -3.03 -7.02 -25.05
CA PHE A 188 -1.75 -7.44 -25.67
C PHE A 188 -1.60 -6.78 -27.08
N ASN A 189 -1.79 -5.48 -27.09
CA ASN A 189 -1.49 -4.63 -28.23
C ASN A 189 -0.91 -3.36 -27.63
N SER A 190 -0.07 -2.65 -28.35
CA SER A 190 0.38 -1.37 -27.91
C SER A 190 -0.61 -0.23 -28.22
N LEU A 191 -1.34 0.19 -27.21
CA LEU A 191 -2.36 1.22 -27.39
C LEU A 191 -2.01 2.58 -26.82
N SER A 192 -1.31 2.59 -25.69
CA SER A 192 -0.90 3.85 -25.05
C SER A 192 -2.01 4.62 -24.31
N HIS A 193 -3.22 4.65 -24.86
CA HIS A 193 -4.34 5.36 -24.23
C HIS A 193 -5.60 4.54 -24.40
N VAL A 194 -6.53 4.69 -23.49
CA VAL A 194 -7.86 4.13 -23.69
C VAL A 194 -8.44 4.80 -24.96
N PRO A 195 -9.02 4.01 -25.86
CA PRO A 195 -9.59 4.59 -27.05
C PRO A 195 -10.77 5.46 -26.69
N PRO A 196 -10.85 6.68 -27.26
CA PRO A 196 -12.05 7.46 -26.96
C PRO A 196 -13.26 6.96 -27.75
N LYS A 197 -14.42 7.48 -27.40
CA LYS A 197 -15.67 7.23 -28.11
C LYS A 197 -16.08 5.76 -28.12
N LEU A 198 -16.13 5.16 -26.94
CA LEU A 198 -16.59 3.79 -26.80
C LEU A 198 -18.11 3.76 -26.62
N PRO A 199 -18.80 2.74 -27.13
CA PRO A 199 -20.24 2.72 -26.94
C PRO A 199 -20.65 2.32 -25.52
N SER A 200 -21.79 2.84 -25.07
CA SER A 200 -22.16 2.67 -23.68
C SER A 200 -22.95 1.42 -23.50
N SER A 201 -23.15 0.67 -24.60
CA SER A 201 -23.64 -0.69 -24.51
C SER A 201 -22.59 -1.62 -23.83
N LEU A 202 -21.33 -1.19 -23.72
CA LEU A 202 -20.29 -2.10 -23.22
C LEU A 202 -20.57 -2.69 -21.82
N ARG A 203 -20.50 -4.02 -21.75
CA ARG A 203 -20.47 -4.76 -20.51
C ARG A 203 -19.02 -5.18 -20.09
N LYS A 204 -18.19 -5.61 -21.04
CA LYS A 204 -16.85 -6.05 -20.70
C LYS A 204 -15.81 -5.40 -21.59
N LEU A 205 -14.79 -4.83 -20.93
CA LEU A 205 -13.73 -4.10 -21.66
C LEU A 205 -12.37 -4.63 -21.20
N PHE A 206 -11.65 -5.26 -22.11
CA PHE A 206 -10.36 -5.86 -21.75
C PHE A 206 -9.23 -5.07 -22.40
N LEU A 207 -8.38 -4.51 -21.55
CA LEU A 207 -7.32 -3.67 -21.98
C LEU A 207 -6.04 -4.06 -21.25
N SER A 208 -5.82 -5.35 -21.04
CA SER A 208 -4.58 -5.85 -20.44
C SER A 208 -3.35 -5.68 -21.34
N ASN A 209 -2.20 -5.36 -20.72
CA ASN A 209 -0.93 -5.32 -21.39
C ASN A 209 -1.01 -4.45 -22.62
N THR A 210 -1.54 -3.24 -22.48
CA THR A 210 -1.78 -2.34 -23.61
C THR A 210 -0.89 -1.08 -23.54
N GLN A 211 0.04 -1.08 -22.62
CA GLN A 211 0.90 0.05 -22.32
C GLN A 211 0.14 1.35 -22.11
N ILE A 212 -0.97 1.30 -21.39
CA ILE A 212 -1.66 2.48 -20.95
C ILE A 212 -1.21 2.91 -19.55
N LYS A 213 -0.50 4.03 -19.43
CA LYS A 213 0.08 4.44 -18.15
C LYS A 213 -0.86 5.28 -17.32
N TYR A 214 -1.88 5.84 -17.93
CA TYR A 214 -2.70 6.83 -17.22
C TYR A 214 -4.14 6.62 -17.65
N ILE A 215 -5.05 6.63 -16.67
CA ILE A 215 -6.47 6.53 -16.90
C ILE A 215 -7.11 7.84 -16.46
N SER A 216 -7.74 8.56 -17.38
CA SER A 216 -8.27 9.86 -17.01
C SER A 216 -9.70 9.67 -16.59
N GLU A 217 -10.27 10.74 -16.07
CA GLU A 217 -11.67 10.78 -15.71
C GLU A 217 -12.58 10.58 -16.91
N GLU A 218 -12.13 10.99 -18.10
CA GLU A 218 -12.96 10.86 -19.31
C GLU A 218 -13.00 9.43 -19.86
N ASP A 219 -12.02 8.60 -19.54
CA ASP A 219 -11.82 7.35 -20.30
C ASP A 219 -13.01 6.37 -20.28
N PHE A 220 -13.66 6.24 -19.11
CA PHE A 220 -14.73 5.25 -18.89
C PHE A 220 -16.01 5.96 -18.44
N LYS A 221 -16.07 7.24 -18.78
CA LYS A 221 -17.10 8.16 -18.28
C LYS A 221 -18.54 7.72 -18.59
N GLY A 222 -18.83 7.30 -19.81
CA GLY A 222 -20.24 6.96 -20.15
C GLY A 222 -20.63 5.49 -20.00
N LEU A 223 -19.79 4.67 -19.33
CA LEU A 223 -19.96 3.21 -19.40
C LEU A 223 -20.73 2.68 -18.21
N ILE A 224 -22.01 3.04 -18.17
CA ILE A 224 -22.82 2.74 -17.01
C ILE A 224 -23.35 1.34 -17.06
N ASN A 225 -23.07 0.60 -18.13
CA ASN A 225 -23.44 -0.79 -18.15
C ASN A 225 -22.27 -1.75 -17.85
N LEU A 226 -21.07 -1.23 -17.71
CA LEU A 226 -19.90 -2.08 -17.56
C LEU A 226 -19.97 -2.92 -16.33
N THR A 227 -19.68 -4.21 -16.50
CA THR A 227 -19.53 -5.11 -15.39
C THR A 227 -18.11 -5.65 -15.24
N LEU A 228 -17.30 -5.58 -16.28
CA LEU A 228 -15.91 -6.01 -16.21
C LEU A 228 -14.99 -5.03 -16.83
N LEU A 229 -13.95 -4.71 -16.10
CA LEU A 229 -12.85 -3.87 -16.60
C LEU A 229 -11.54 -4.55 -16.28
N ASP A 230 -10.72 -4.78 -17.31
CA ASP A 230 -9.39 -5.38 -17.10
C ASP A 230 -8.31 -4.39 -17.51
N LEU A 231 -7.57 -3.90 -16.53
CA LEU A 231 -6.46 -3.00 -16.82
C LEU A 231 -5.11 -3.60 -16.39
N SER A 232 -5.07 -4.91 -16.20
CA SER A 232 -3.85 -5.62 -15.79
C SER A 232 -2.69 -5.37 -16.75
N GLY A 233 -1.46 -5.41 -16.25
CA GLY A 233 -0.22 -5.45 -17.09
C GLY A 233 0.12 -4.10 -17.69
N ASN A 234 -0.51 -3.02 -17.18
CA ASN A 234 -0.17 -1.65 -17.55
C ASN A 234 0.63 -1.02 -16.43
N CYS A 235 1.86 -0.62 -16.74
CA CYS A 235 2.90 -0.44 -15.75
C CYS A 235 3.12 -1.71 -14.98
N PRO A 236 3.65 -2.74 -15.67
CA PRO A 236 3.77 -4.03 -15.05
C PRO A 236 4.86 -4.11 -13.98
N ARG A 237 4.67 -5.08 -13.10
CA ARG A 237 5.71 -5.55 -12.21
C ARG A 237 6.53 -6.58 -12.97
N CYS A 238 7.80 -6.27 -13.20
CA CYS A 238 8.63 -7.03 -14.14
C CYS A 238 9.65 -7.94 -13.47
N PHE A 239 9.83 -7.83 -12.17
CA PHE A 239 10.80 -8.70 -11.55
C PHE A 239 10.39 -10.18 -11.80
N ASN A 240 11.31 -11.01 -12.27
CA ASN A 240 11.03 -12.46 -12.47
C ASN A 240 9.87 -12.75 -13.44
N ALA A 241 9.65 -11.84 -14.39
CA ALA A 241 8.62 -12.07 -15.38
C ALA A 241 8.97 -13.25 -16.28
N PRO A 242 7.98 -14.09 -16.57
CA PRO A 242 8.07 -15.17 -17.55
C PRO A 242 7.80 -14.75 -19.00
N PHE A 243 7.99 -13.46 -19.28
CA PHE A 243 7.82 -12.89 -20.58
C PHE A 243 8.62 -11.58 -20.64
N PRO A 244 8.94 -11.12 -21.85
CA PRO A 244 9.62 -9.86 -21.94
C PRO A 244 8.73 -8.72 -21.45
N CYS A 245 9.23 -7.99 -20.47
CA CYS A 245 8.41 -7.09 -19.68
C CYS A 245 9.10 -5.72 -19.64
N VAL A 246 8.34 -4.67 -19.81
CA VAL A 246 8.84 -3.30 -19.84
C VAL A 246 8.09 -2.50 -18.77
N PRO A 247 8.78 -2.09 -17.71
CA PRO A 247 8.11 -1.29 -16.70
C PRO A 247 7.84 0.14 -17.14
N CYS A 248 6.88 0.80 -16.50
CA CYS A 248 6.76 2.23 -16.60
C CYS A 248 8.01 2.87 -15.99
N ASP A 249 8.37 4.07 -16.43
CA ASP A 249 9.58 4.73 -15.97
C ASP A 249 9.64 4.78 -14.45
N GLY A 250 10.81 4.48 -13.92
CA GLY A 250 10.99 4.34 -12.48
C GLY A 250 10.26 3.14 -11.88
N GLY A 251 9.82 2.19 -12.70
CA GLY A 251 8.83 1.19 -12.25
C GLY A 251 7.59 1.76 -11.55
N ALA A 252 7.22 3.00 -11.88
CA ALA A 252 6.03 3.66 -11.34
C ALA A 252 4.75 2.83 -11.52
N SER A 253 3.72 3.19 -10.74
CA SER A 253 2.43 2.53 -10.84
C SER A 253 1.59 3.11 -11.95
N ILE A 254 0.60 2.35 -12.41
CA ILE A 254 -0.44 2.90 -13.21
C ILE A 254 -1.02 4.14 -12.51
N ASN A 255 -1.39 5.15 -13.27
CA ASN A 255 -1.89 6.42 -12.66
C ASN A 255 -3.35 6.54 -13.04
N ILE A 256 -4.21 6.24 -12.09
CA ILE A 256 -5.65 6.15 -12.30
C ILE A 256 -6.25 7.35 -11.59
N ASP A 257 -6.90 8.22 -12.34
CA ASP A 257 -7.50 9.44 -11.82
C ASP A 257 -8.53 9.10 -10.77
N ARG A 258 -8.54 9.91 -9.72
CA ARG A 258 -9.50 9.75 -8.61
C ARG A 258 -10.91 9.46 -9.07
N PHE A 259 -11.32 10.06 -10.17
CA PHE A 259 -12.72 9.96 -10.63
C PHE A 259 -12.87 9.01 -11.82
N ALA A 260 -11.81 8.26 -12.11
CA ALA A 260 -11.80 7.39 -13.29
C ALA A 260 -12.95 6.38 -13.29
N PHE A 261 -13.36 5.91 -12.12
CA PHE A 261 -14.39 4.89 -12.05
C PHE A 261 -15.73 5.39 -11.60
N GLN A 262 -15.93 6.70 -11.62
CA GLN A 262 -17.03 7.22 -10.82
C GLN A 262 -18.41 6.87 -11.32
N ASN A 263 -18.53 6.57 -12.60
CA ASN A 263 -19.79 6.19 -13.20
C ASN A 263 -19.90 4.71 -13.45
N LEU A 264 -18.97 3.92 -12.92
CA LEU A 264 -18.94 2.48 -13.18
C LEU A 264 -19.75 1.70 -12.14
N THR A 265 -21.03 1.95 -12.09
CA THR A 265 -21.83 1.53 -10.94
C THR A 265 -22.17 0.06 -11.02
N GLN A 266 -22.08 -0.49 -12.22
CA GLN A 266 -22.46 -1.87 -12.42
C GLN A 266 -21.23 -2.80 -12.36
N LEU A 267 -20.05 -2.24 -12.05
CA LEU A 267 -18.84 -3.00 -12.08
C LEU A 267 -18.86 -4.15 -11.11
N ARG A 268 -18.60 -5.36 -11.64
CA ARG A 268 -18.52 -6.58 -10.83
C ARG A 268 -17.09 -7.16 -10.75
N TYR A 269 -16.30 -6.95 -11.80
CA TYR A 269 -14.95 -7.55 -11.91
C TYR A 269 -14.00 -6.45 -12.26
N LEU A 270 -12.95 -6.31 -11.47
CA LEU A 270 -11.89 -5.35 -11.73
C LEU A 270 -10.59 -6.08 -11.64
N ASN A 271 -9.85 -6.09 -12.74
CA ASN A 271 -8.54 -6.68 -12.76
C ASN A 271 -7.43 -5.63 -12.85
N LEU A 272 -6.69 -5.47 -11.77
CA LEU A 272 -5.61 -4.52 -11.71
C LEU A 272 -4.30 -5.30 -11.39
N SER A 273 -4.23 -6.57 -11.80
CA SER A 273 -2.98 -7.30 -11.65
C SER A 273 -1.85 -6.65 -12.40
N SER A 274 -0.67 -6.65 -11.80
CA SER A 274 0.55 -6.15 -12.44
C SER A 274 0.35 -4.75 -13.01
N THR A 275 -0.09 -3.83 -12.17
CA THR A 275 -0.06 -2.43 -12.48
C THR A 275 0.86 -1.68 -11.52
N SER A 276 1.75 -2.41 -10.86
CA SER A 276 2.80 -1.85 -10.00
C SER A 276 2.19 -0.94 -8.94
N LEU A 277 0.99 -1.26 -8.50
CA LEU A 277 0.33 -0.45 -7.46
C LEU A 277 1.01 -0.61 -6.10
N ARG A 278 1.26 0.49 -5.40
CA ARG A 278 1.59 0.47 -3.97
C ARG A 278 0.48 1.04 -3.10
N LYS A 279 -0.40 1.82 -3.69
CA LYS A 279 -1.46 2.45 -2.99
C LYS A 279 -2.70 2.18 -3.79
N ILE A 280 -3.76 1.86 -3.08
CA ILE A 280 -5.09 1.71 -3.61
C ILE A 280 -5.92 2.87 -3.04
N ASN A 281 -6.52 3.66 -3.89
CA ASN A 281 -7.36 4.77 -3.43
C ASN A 281 -8.73 4.24 -3.17
N ALA A 282 -9.14 4.24 -1.91
CA ALA A 282 -10.49 3.81 -1.55
C ALA A 282 -11.60 4.48 -2.37
N ALA A 283 -11.37 5.72 -2.81
CA ALA A 283 -12.39 6.49 -3.50
C ALA A 283 -12.70 5.89 -4.89
N TRP A 284 -11.84 4.99 -5.39
CA TRP A 284 -12.13 4.30 -6.67
C TRP A 284 -13.42 3.51 -6.54
N PHE A 285 -13.75 3.08 -5.33
CA PHE A 285 -14.85 2.17 -5.10
C PHE A 285 -16.11 2.81 -4.56
N LYS A 286 -16.12 4.13 -4.45
CA LYS A 286 -17.21 4.76 -3.73
C LYS A 286 -18.57 4.58 -4.39
N ASN A 287 -18.56 4.43 -5.71
CA ASN A 287 -19.78 4.26 -6.48
C ASN A 287 -19.91 2.86 -7.05
N MET A 288 -19.33 1.90 -6.36
CA MET A 288 -19.11 0.57 -6.95
C MET A 288 -19.64 -0.49 -5.96
N PRO A 289 -20.94 -0.45 -5.68
CA PRO A 289 -21.57 -1.30 -4.67
C PRO A 289 -21.67 -2.76 -5.05
N HIS A 290 -21.46 -3.09 -6.34
CA HIS A 290 -21.66 -4.45 -6.78
C HIS A 290 -20.37 -5.25 -7.01
N LEU A 291 -19.22 -4.62 -6.81
CA LEU A 291 -17.93 -5.28 -7.04
C LEU A 291 -17.82 -6.61 -6.27
N LYS A 292 -17.61 -7.66 -7.04
CA LYS A 292 -17.60 -9.04 -6.60
C LYS A 292 -16.20 -9.67 -6.66
N VAL A 293 -15.43 -9.32 -7.70
CA VAL A 293 -14.10 -9.88 -7.90
C VAL A 293 -13.08 -8.76 -8.09
N LEU A 294 -12.08 -8.72 -7.21
CA LEU A 294 -10.98 -7.79 -7.31
C LEU A 294 -9.61 -8.49 -7.38
N ASP A 295 -8.93 -8.31 -8.50
CA ASP A 295 -7.67 -8.98 -8.77
C ASP A 295 -6.52 -8.00 -8.73
N LEU A 296 -5.64 -8.22 -7.76
CA LEU A 296 -4.55 -7.30 -7.46
C LEU A 296 -3.25 -8.09 -7.37
N GLU A 297 -3.18 -9.20 -8.10
CA GLU A 297 -1.91 -9.97 -8.13
C GLU A 297 -0.75 -9.21 -8.74
N PHE A 298 0.49 -9.60 -8.39
CA PHE A 298 1.70 -9.00 -8.97
C PHE A 298 1.73 -7.45 -8.89
N ASN A 299 1.47 -6.93 -7.69
CA ASN A 299 1.67 -5.52 -7.40
C ASN A 299 2.67 -5.40 -6.24
N TYR A 300 2.68 -4.25 -5.55
CA TYR A 300 3.61 -4.06 -4.45
C TYR A 300 2.85 -3.67 -3.20
N LEU A 301 1.91 -4.52 -2.78
CA LEU A 301 0.86 -4.10 -1.90
C LEU A 301 1.04 -4.62 -0.49
N VAL A 302 2.24 -5.06 -0.14
CA VAL A 302 2.50 -5.47 1.26
C VAL A 302 2.03 -4.45 2.34
N GLY A 303 2.36 -3.19 2.13
CA GLY A 303 1.83 -2.07 2.97
C GLY A 303 0.31 -1.95 3.02
N GLU A 304 -0.33 -1.95 1.86
CA GLU A 304 -1.79 -1.88 1.82
C GLU A 304 -2.44 -3.08 2.43
N ILE A 305 -1.79 -4.24 2.35
CA ILE A 305 -2.38 -5.42 2.94
C ILE A 305 -2.41 -5.22 4.45
N ALA A 306 -1.37 -4.62 5.00
CA ALA A 306 -1.26 -4.35 6.44
C ALA A 306 -2.18 -3.16 6.92
N SER A 307 -2.48 -2.22 6.05
CA SER A 307 -3.21 -1.01 6.41
C SER A 307 -4.64 -1.13 5.90
N GLY A 308 -4.79 -1.05 4.59
CA GLY A 308 -5.99 -1.57 3.92
C GLY A 308 -7.26 -0.76 4.10
N ALA A 309 -7.16 0.53 3.87
CA ALA A 309 -8.29 1.40 3.94
C ALA A 309 -9.32 1.07 2.86
N PHE A 310 -8.88 0.74 1.64
CA PHE A 310 -9.85 0.38 0.62
C PHE A 310 -10.77 -0.76 1.06
N LEU A 311 -10.34 -1.59 2.01
CA LEU A 311 -11.10 -2.83 2.35
C LEU A 311 -12.50 -2.50 2.86
N THR A 312 -12.61 -1.28 3.38
CA THR A 312 -13.85 -0.70 3.88
C THR A 312 -14.93 -0.54 2.84
N MET A 313 -14.50 -0.35 1.60
CA MET A 313 -15.39 -0.04 0.48
C MET A 313 -16.01 -1.28 -0.20
N LEU A 314 -15.71 -2.47 0.33
CA LEU A 314 -15.90 -3.71 -0.44
C LEU A 314 -16.68 -4.79 0.29
N PRO A 315 -17.77 -4.41 0.97
CA PRO A 315 -18.46 -5.37 1.81
C PRO A 315 -19.23 -6.41 1.04
N ARG A 316 -19.30 -6.24 -0.27
CA ARG A 316 -19.99 -7.20 -1.16
C ARG A 316 -19.00 -8.06 -1.99
N LEU A 317 -17.70 -7.77 -1.89
CA LEU A 317 -16.69 -8.58 -2.58
C LEU A 317 -16.70 -10.05 -2.20
N GLU A 318 -16.63 -10.90 -3.21
CA GLU A 318 -16.61 -12.35 -3.03
C GLU A 318 -15.21 -12.96 -3.17
N ILE A 319 -14.40 -12.38 -4.04
CA ILE A 319 -13.05 -12.90 -4.36
C ILE A 319 -12.03 -11.78 -4.36
N LEU A 320 -10.97 -12.00 -3.59
CA LEU A 320 -9.88 -11.04 -3.52
C LEU A 320 -8.61 -11.82 -3.80
N ASP A 321 -7.90 -11.42 -4.83
CA ASP A 321 -6.63 -12.04 -5.13
C ASP A 321 -5.52 -11.06 -4.94
N LEU A 322 -4.74 -11.31 -3.89
CA LEU A 322 -3.58 -10.51 -3.59
C LEU A 322 -2.27 -11.31 -3.75
N SER A 323 -2.25 -12.21 -4.72
CA SER A 323 -1.13 -13.13 -4.84
C SER A 323 0.10 -12.47 -5.43
N PHE A 324 1.27 -12.99 -5.06
CA PHE A 324 2.53 -12.51 -5.61
C PHE A 324 2.71 -10.97 -5.48
N ASN A 325 2.54 -10.50 -4.26
CA ASN A 325 2.95 -9.14 -3.89
C ASN A 325 4.22 -9.11 -3.06
N TYR A 326 4.98 -10.22 -3.06
CA TYR A 326 6.16 -10.28 -2.24
C TYR A 326 7.14 -9.13 -2.53
N ILE A 327 7.93 -8.81 -1.53
CA ILE A 327 9.13 -7.96 -1.73
C ILE A 327 10.30 -8.91 -1.97
N LYS A 328 10.98 -8.75 -3.10
CA LYS A 328 12.03 -9.69 -3.47
C LYS A 328 13.17 -9.65 -2.45
N GLY A 329 13.71 -10.82 -2.16
CA GLY A 329 14.76 -10.92 -1.17
C GLY A 329 14.22 -10.91 0.25
N SER A 330 12.99 -10.44 0.43
CA SER A 330 12.40 -10.35 1.77
C SER A 330 11.60 -11.61 2.14
N TYR A 331 11.84 -12.11 3.36
CA TYR A 331 11.26 -13.35 3.89
C TYR A 331 10.93 -13.06 5.36
N PRO A 332 9.88 -12.28 5.59
CA PRO A 332 9.58 -11.94 6.99
C PRO A 332 9.02 -13.14 7.75
N GLN A 333 9.09 -13.07 9.06
CA GLN A 333 8.55 -14.09 9.94
C GLN A 333 7.08 -14.36 9.75
N HIS A 334 6.32 -13.27 9.61
CA HIS A 334 4.88 -13.34 9.70
C HIS A 334 4.24 -12.55 8.59
N ILE A 335 3.02 -12.96 8.25
CA ILE A 335 2.16 -12.18 7.40
C ILE A 335 1.41 -11.13 8.22
N ASN A 336 1.29 -9.92 7.67
CA ASN A 336 0.64 -8.78 8.33
C ASN A 336 -0.62 -8.38 7.61
N ILE A 337 -1.75 -8.86 8.13
CA ILE A 337 -3.09 -8.64 7.59
C ILE A 337 -3.78 -7.52 8.38
N SER A 338 -4.27 -6.49 7.71
CA SER A 338 -5.04 -5.46 8.38
C SER A 338 -6.26 -6.02 9.07
N ARG A 339 -6.56 -5.49 10.26
CA ARG A 339 -7.82 -5.76 10.94
C ARG A 339 -9.01 -5.42 10.07
N ASN A 340 -8.86 -4.48 9.14
CA ASN A 340 -9.98 -4.17 8.21
C ASN A 340 -10.40 -5.26 7.24
N PHE A 341 -9.63 -6.34 7.19
CA PHE A 341 -10.14 -7.48 6.45
C PHE A 341 -11.45 -7.93 7.01
N SER A 342 -11.73 -7.58 8.27
CA SER A 342 -13.00 -8.00 8.89
C SER A 342 -14.23 -7.36 8.26
N LYS A 343 -14.03 -6.34 7.44
CA LYS A 343 -15.13 -5.67 6.77
C LYS A 343 -15.56 -6.39 5.52
N LEU A 344 -14.76 -7.33 5.06
CA LEU A 344 -15.07 -7.98 3.78
C LEU A 344 -16.11 -9.02 3.98
N LEU A 345 -17.32 -8.56 4.29
CA LEU A 345 -18.34 -9.46 4.87
C LEU A 345 -18.92 -10.47 3.91
N SER A 346 -18.72 -10.28 2.60
CA SER A 346 -19.20 -11.22 1.61
C SER A 346 -18.07 -12.13 1.07
N LEU A 347 -16.87 -12.01 1.59
CA LEU A 347 -15.73 -12.75 1.06
C LEU A 347 -15.96 -14.25 1.08
N ARG A 348 -15.71 -14.87 -0.08
CA ARG A 348 -15.78 -16.33 -0.23
C ARG A 348 -14.39 -16.97 -0.39
N ALA A 349 -13.49 -16.31 -1.12
CA ALA A 349 -12.14 -16.82 -1.34
C ALA A 349 -11.12 -15.72 -1.25
N LEU A 350 -10.08 -15.98 -0.50
CA LEU A 350 -8.97 -15.08 -0.43
C LEU A 350 -7.74 -15.82 -0.96
N HIS A 351 -7.13 -15.24 -1.97
CA HIS A 351 -5.92 -15.82 -2.53
C HIS A 351 -4.71 -15.00 -2.14
N LEU A 352 -3.78 -15.66 -1.43
CA LEU A 352 -2.58 -15.01 -0.94
C LEU A 352 -1.34 -15.88 -1.21
N ARG A 353 -1.19 -16.33 -2.44
CA ARG A 353 0.03 -16.99 -2.87
C ARG A 353 1.13 -15.96 -2.86
N GLY A 354 2.35 -16.39 -2.68
CA GLY A 354 3.50 -15.56 -3.05
C GLY A 354 3.60 -14.22 -2.30
N TYR A 355 3.18 -14.21 -1.04
CA TYR A 355 3.48 -13.10 -0.15
C TYR A 355 4.88 -13.35 0.40
N VAL A 356 5.11 -14.61 0.77
CA VAL A 356 6.42 -15.16 1.11
C VAL A 356 6.79 -14.81 2.56
N PHE A 357 6.64 -15.78 3.44
CA PHE A 357 6.83 -15.57 4.88
C PHE A 357 7.00 -16.89 5.61
N GLN A 358 7.56 -16.88 6.82
CA GLN A 358 8.10 -18.10 7.44
C GLN A 358 7.10 -18.86 8.27
N GLU A 359 6.12 -18.15 8.82
CA GLU A 359 5.32 -18.69 9.91
C GLU A 359 3.93 -18.07 9.99
N LEU A 360 2.93 -18.92 10.07
CA LEU A 360 1.56 -18.52 10.25
C LEU A 360 1.13 -18.82 11.68
N ARG A 361 0.82 -17.78 12.41
CA ARG A 361 0.39 -17.91 13.79
C ARG A 361 -1.10 -17.62 13.87
N GLU A 362 -1.75 -18.21 14.87
CA GLU A 362 -3.18 -18.01 15.10
C GLU A 362 -3.60 -16.55 15.02
N ASP A 363 -2.88 -15.68 15.68
CA ASP A 363 -3.28 -14.29 15.72
C ASP A 363 -3.23 -13.61 14.36
N ASP A 364 -2.46 -14.17 13.43
CA ASP A 364 -2.16 -13.45 12.19
C ASP A 364 -3.39 -13.42 11.31
N PHE A 365 -4.29 -14.37 11.51
CA PHE A 365 -5.52 -14.43 10.75
C PHE A 365 -6.79 -14.02 11.50
N GLN A 366 -6.63 -13.45 12.69
CA GLN A 366 -7.79 -12.97 13.47
C GLN A 366 -8.82 -12.22 12.61
N PRO A 367 -8.37 -11.24 11.82
CA PRO A 367 -9.25 -10.44 10.99
C PRO A 367 -10.19 -11.22 10.08
N LEU A 368 -9.84 -12.48 9.74
CA LEU A 368 -10.62 -13.29 8.81
C LEU A 368 -11.64 -14.23 9.47
N MET A 369 -11.50 -14.37 10.78
CA MET A 369 -12.11 -15.48 11.51
C MET A 369 -13.62 -15.38 11.69
N GLN A 370 -14.19 -14.18 11.55
CA GLN A 370 -15.64 -14.03 11.67
C GLN A 370 -16.32 -13.77 10.34
N LEU A 371 -15.56 -13.82 9.25
CA LEU A 371 -16.15 -13.66 7.92
C LEU A 371 -17.06 -14.83 7.63
N PRO A 372 -18.36 -14.56 7.40
CA PRO A 372 -19.34 -15.63 7.48
C PRO A 372 -19.30 -16.58 6.30
N ASN A 373 -18.89 -16.12 5.12
CA ASN A 373 -18.96 -16.98 3.93
C ASN A 373 -17.56 -17.39 3.38
N LEU A 374 -16.50 -17.05 4.11
CA LEU A 374 -15.15 -17.34 3.70
C LEU A 374 -14.90 -18.84 3.66
N SER A 375 -14.88 -19.38 2.46
CA SER A 375 -14.89 -20.83 2.26
C SER A 375 -13.48 -21.31 1.90
N THR A 376 -12.73 -20.45 1.23
CA THR A 376 -11.45 -20.79 0.65
C THR A 376 -10.33 -19.86 1.08
N ILE A 377 -9.26 -20.47 1.60
CA ILE A 377 -8.03 -19.74 1.87
C ILE A 377 -6.87 -20.41 1.12
N ASN A 378 -6.22 -19.62 0.27
CA ASN A 378 -5.14 -20.08 -0.58
C ASN A 378 -3.85 -19.45 -0.18
N LEU A 379 -2.96 -20.26 0.40
CA LEU A 379 -1.61 -19.82 0.79
C LEU A 379 -0.52 -20.61 0.06
N GLY A 380 -0.81 -21.00 -1.17
CA GLY A 380 0.16 -21.68 -2.01
C GLY A 380 1.36 -20.82 -2.21
N ILE A 381 2.53 -21.46 -2.26
CA ILE A 381 3.73 -20.80 -2.73
C ILE A 381 4.08 -19.59 -1.88
N ASN A 382 4.27 -19.86 -0.60
CA ASN A 382 4.72 -18.82 0.34
C ASN A 382 6.01 -19.20 1.09
N PHE A 383 6.54 -20.39 0.80
CA PHE A 383 7.68 -20.95 1.48
C PHE A 383 7.47 -20.98 2.98
N ILE A 384 6.26 -21.22 3.42
CA ILE A 384 5.99 -21.18 4.83
C ILE A 384 6.61 -22.42 5.49
N LYS A 385 7.30 -22.19 6.61
CA LYS A 385 8.01 -23.28 7.35
C LYS A 385 7.18 -23.91 8.48
N GLN A 386 6.34 -23.09 9.11
CA GLN A 386 5.48 -23.54 10.20
C GLN A 386 4.13 -22.88 10.16
N ILE A 387 3.13 -23.65 10.56
CA ILE A 387 1.79 -23.18 10.75
C ILE A 387 1.24 -23.72 12.06
N ASP A 388 0.54 -22.86 12.80
CA ASP A 388 -0.28 -23.34 13.92
C ASP A 388 -1.64 -23.79 13.42
N PHE A 389 -1.77 -25.07 13.14
CA PHE A 389 -2.95 -25.58 12.47
C PHE A 389 -4.23 -25.32 13.21
N LYS A 390 -4.14 -25.10 14.52
CA LYS A 390 -5.31 -24.97 15.33
C LYS A 390 -6.08 -23.71 14.95
N LEU A 391 -5.44 -22.75 14.28
CA LEU A 391 -6.12 -21.53 13.93
C LEU A 391 -7.30 -21.70 12.94
N PHE A 392 -7.26 -22.77 12.14
CA PHE A 392 -8.27 -22.98 11.12
C PHE A 392 -9.66 -23.34 11.68
N GLN A 393 -9.68 -24.00 12.82
CA GLN A 393 -10.89 -24.25 13.62
C GLN A 393 -11.65 -22.99 14.00
N ASN A 394 -10.95 -21.91 14.28
CA ASN A 394 -11.60 -20.67 14.70
C ASN A 394 -12.35 -19.95 13.56
N PHE A 395 -12.29 -20.50 12.35
CA PHE A 395 -12.94 -19.86 11.21
C PHE A 395 -14.37 -20.29 11.18
N SER A 396 -15.23 -19.44 10.63
CA SER A 396 -16.63 -19.78 10.57
C SER A 396 -16.85 -21.09 9.83
N ASN A 397 -16.28 -21.20 8.62
CA ASN A 397 -16.87 -22.02 7.55
C ASN A 397 -15.86 -22.44 6.44
N LEU A 398 -14.60 -22.66 6.78
CA LEU A 398 -13.64 -23.08 5.75
C LEU A 398 -13.98 -24.44 5.17
N GLU A 399 -14.03 -24.53 3.85
CA GLU A 399 -14.16 -25.79 3.14
C GLU A 399 -12.86 -26.18 2.41
N ILE A 400 -12.01 -25.20 2.12
CA ILE A 400 -10.82 -25.44 1.32
C ILE A 400 -9.67 -24.72 1.99
N ILE A 401 -8.74 -25.50 2.53
CA ILE A 401 -7.52 -24.97 3.10
C ILE A 401 -6.35 -25.39 2.23
N TYR A 402 -5.84 -24.44 1.46
CA TYR A 402 -4.90 -24.73 0.40
C TYR A 402 -3.53 -24.24 0.76
N LEU A 403 -2.67 -25.21 1.08
CA LEU A 403 -1.34 -24.94 1.61
C LEU A 403 -0.23 -25.69 0.83
N SER A 404 -0.56 -26.08 -0.38
CA SER A 404 0.37 -26.71 -1.33
C SER A 404 1.53 -25.81 -1.63
N GLU A 405 2.71 -26.42 -1.72
CA GLU A 405 3.90 -25.77 -2.21
C GLU A 405 4.36 -24.76 -1.16
N ASN A 406 4.73 -25.31 -0.02
CA ASN A 406 5.37 -24.52 1.03
C ASN A 406 6.57 -25.32 1.60
N ARG A 407 7.01 -25.00 2.82
CA ARG A 407 8.12 -25.69 3.49
C ARG A 407 7.71 -26.30 4.83
N ILE A 408 6.46 -26.75 4.92
CA ILE A 408 6.01 -27.46 6.09
C ILE A 408 6.75 -28.79 6.21
N SER A 409 7.09 -29.16 7.42
CA SER A 409 7.85 -30.38 7.65
C SER A 409 7.44 -30.90 9.00
N PRO A 410 8.00 -32.03 9.44
CA PRO A 410 7.41 -32.70 10.59
C PRO A 410 7.42 -31.84 11.87
N THR A 435 -0.42 -22.65 -30.14
CA THR A 435 0.43 -23.50 -30.97
C THR A 435 1.87 -23.15 -30.63
N ASP A 436 2.50 -22.32 -31.47
CA ASP A 436 3.86 -21.82 -31.20
C ASP A 436 3.85 -20.38 -30.65
N PHE A 437 2.73 -20.01 -30.01
CA PHE A 437 2.75 -19.00 -28.96
C PHE A 437 2.54 -19.61 -27.57
N GLU A 438 3.32 -19.13 -26.61
CA GLU A 438 3.41 -19.73 -25.28
C GLU A 438 2.15 -19.59 -24.42
N PHE A 439 1.40 -18.50 -24.58
CA PHE A 439 0.30 -18.20 -23.68
C PHE A 439 -1.03 -18.34 -24.39
N ASP A 440 -1.94 -19.06 -23.75
CA ASP A 440 -3.29 -19.24 -24.26
C ASP A 440 -4.05 -17.92 -24.20
N PRO A 441 -4.40 -17.36 -25.36
CA PRO A 441 -5.09 -16.08 -25.38
C PRO A 441 -6.48 -16.14 -24.76
N HIS A 442 -7.01 -17.34 -24.56
CA HIS A 442 -8.34 -17.49 -24.01
C HIS A 442 -8.33 -17.79 -22.52
N SER A 443 -7.20 -17.65 -21.87
CA SER A 443 -7.14 -17.99 -20.49
C SER A 443 -6.55 -16.87 -19.62
N ASN A 444 -6.73 -16.93 -18.32
CA ASN A 444 -6.18 -15.93 -17.44
C ASN A 444 -4.67 -15.97 -17.59
N PHE A 445 -4.03 -14.80 -17.63
CA PHE A 445 -2.61 -14.68 -17.82
C PHE A 445 -1.83 -14.75 -16.51
N TYR A 446 -2.46 -14.42 -15.36
CA TYR A 446 -1.73 -14.27 -14.10
C TYR A 446 -1.88 -15.43 -13.15
N HIS A 447 -2.86 -16.31 -13.35
CA HIS A 447 -2.99 -17.52 -12.55
C HIS A 447 -3.71 -18.60 -13.33
N PHE A 448 -3.48 -19.83 -12.90
CA PHE A 448 -4.19 -20.99 -13.46
C PHE A 448 -5.60 -21.03 -12.90
N THR A 449 -6.56 -21.46 -13.69
CA THR A 449 -7.97 -21.44 -13.30
C THR A 449 -8.59 -22.82 -13.08
N ARG A 450 -7.79 -23.88 -13.08
CA ARG A 450 -8.26 -25.15 -12.53
C ARG A 450 -8.65 -25.08 -11.05
N PRO A 451 -9.57 -25.95 -10.61
CA PRO A 451 -9.91 -25.93 -9.17
C PRO A 451 -8.69 -26.23 -8.31
N LEU A 452 -8.59 -25.60 -7.13
CA LEU A 452 -7.49 -25.82 -6.19
C LEU A 452 -7.45 -27.29 -5.75
N ILE A 453 -8.61 -27.87 -5.53
CA ILE A 453 -8.72 -29.28 -5.12
C ILE A 453 -9.47 -30.06 -6.18
N LYS A 454 -9.04 -31.27 -6.49
CA LYS A 454 -9.89 -32.05 -7.41
C LYS A 454 -11.37 -32.12 -6.88
N PRO A 455 -12.34 -31.97 -7.79
CA PRO A 455 -13.73 -31.93 -7.39
C PRO A 455 -14.17 -33.21 -6.71
N GLN A 456 -13.62 -34.33 -7.16
CA GLN A 456 -14.00 -35.61 -6.62
C GLN A 456 -13.60 -35.77 -5.17
N CYS A 457 -12.56 -35.07 -4.74
CA CYS A 457 -12.12 -35.09 -3.36
C CYS A 457 -12.94 -34.07 -2.55
N ALA A 458 -13.04 -32.85 -3.06
CA ALA A 458 -13.73 -31.80 -2.34
C ALA A 458 -15.22 -32.10 -2.11
N ALA A 459 -15.83 -32.89 -3.00
CA ALA A 459 -17.25 -33.28 -2.88
C ALA A 459 -17.50 -33.98 -1.54
N TYR A 460 -16.49 -34.60 -0.93
CA TYR A 460 -16.69 -35.29 0.32
C TYR A 460 -16.79 -34.37 1.53
N GLY A 461 -16.33 -33.14 1.44
CA GLY A 461 -16.25 -32.31 2.66
C GLY A 461 -15.04 -31.41 2.75
N LYS A 462 -14.73 -30.98 3.96
CA LYS A 462 -13.69 -30.03 4.18
C LYS A 462 -12.35 -30.59 3.64
N ALA A 463 -11.56 -29.72 2.98
CA ALA A 463 -10.34 -30.14 2.25
C ALA A 463 -9.18 -29.45 2.83
N LEU A 464 -8.12 -30.23 3.05
CA LEU A 464 -6.84 -29.72 3.45
C LEU A 464 -5.80 -30.23 2.49
N ASP A 465 -5.11 -29.31 1.82
CA ASP A 465 -4.13 -29.67 0.80
C ASP A 465 -2.72 -29.26 1.26
N LEU A 466 -1.93 -30.29 1.60
CA LEU A 466 -0.56 -30.08 2.05
C LEU A 466 0.48 -30.68 1.08
N SER A 467 0.10 -30.75 -0.19
CA SER A 467 0.91 -31.34 -1.20
C SER A 467 2.17 -30.53 -1.38
N LEU A 468 3.22 -31.17 -1.88
CA LEU A 468 4.43 -30.47 -2.25
C LEU A 468 5.03 -29.71 -1.05
N ASN A 469 5.04 -30.34 0.10
CA ASN A 469 5.77 -29.80 1.23
C ASN A 469 6.82 -30.86 1.61
N SER A 470 7.37 -30.76 2.81
CA SER A 470 8.43 -31.65 3.24
C SER A 470 8.08 -32.50 4.47
N ILE A 471 6.86 -33.01 4.50
CA ILE A 471 6.37 -33.75 5.67
C ILE A 471 6.77 -35.18 5.43
N PHE A 472 8.06 -35.46 5.64
CA PHE A 472 8.67 -36.73 5.20
C PHE A 472 8.35 -37.90 6.15
N PHE A 473 7.80 -37.54 7.30
CA PHE A 473 6.95 -38.42 8.11
C PHE A 473 5.90 -37.60 8.86
N ILE A 474 4.77 -38.25 9.14
CA ILE A 474 3.73 -37.71 9.98
C ILE A 474 4.02 -38.10 11.42
N GLY A 475 4.39 -37.13 12.23
CA GLY A 475 4.50 -37.34 13.68
C GLY A 475 3.17 -37.46 14.44
N PRO A 476 3.23 -37.91 15.71
CA PRO A 476 2.03 -38.16 16.56
C PRO A 476 1.03 -37.00 16.67
N ASN A 477 1.52 -35.78 16.58
CA ASN A 477 0.66 -34.61 16.72
C ASN A 477 0.56 -33.72 15.49
N GLN A 478 0.81 -34.30 14.32
CA GLN A 478 0.87 -33.52 13.09
C GLN A 478 -0.45 -32.89 12.80
N PHE A 479 -1.54 -33.64 13.00
CA PHE A 479 -2.86 -33.16 12.61
C PHE A 479 -3.78 -32.73 13.78
N GLU A 480 -3.20 -32.45 14.94
CA GLU A 480 -3.97 -32.01 16.13
C GLU A 480 -4.80 -30.77 15.89
N ASN A 481 -6.03 -30.78 16.41
CA ASN A 481 -6.80 -29.54 16.44
C ASN A 481 -7.09 -29.05 15.03
N LEU A 482 -7.33 -29.98 14.11
CA LEU A 482 -7.77 -29.64 12.77
C LEU A 482 -9.28 -29.75 12.73
N PRO A 483 -9.94 -29.01 11.84
CA PRO A 483 -11.33 -29.30 11.56
C PRO A 483 -11.48 -30.75 11.15
N ASP A 484 -12.72 -31.15 10.91
CA ASP A 484 -13.03 -32.53 10.61
C ASP A 484 -12.81 -32.75 9.11
N ILE A 485 -11.59 -33.11 8.75
CA ILE A 485 -11.18 -33.16 7.34
C ILE A 485 -11.76 -34.36 6.62
N ALA A 486 -12.42 -34.14 5.51
CA ALA A 486 -12.89 -35.24 4.67
C ALA A 486 -11.96 -35.56 3.48
N CYS A 487 -11.19 -34.56 3.06
CA CYS A 487 -10.39 -34.59 1.85
C CYS A 487 -8.99 -34.10 2.19
N LEU A 488 -8.00 -35.01 2.09
CA LEU A 488 -6.67 -34.73 2.54
C LEU A 488 -5.68 -35.04 1.43
N ASN A 489 -4.92 -34.02 1.07
CA ASN A 489 -3.85 -34.18 0.07
C ASN A 489 -2.46 -34.11 0.69
N LEU A 490 -1.73 -35.24 0.67
CA LEU A 490 -0.35 -35.20 1.10
C LEU A 490 0.60 -35.60 -0.03
N SER A 491 0.17 -35.43 -1.27
CA SER A 491 1.01 -35.78 -2.42
C SER A 491 2.34 -35.09 -2.34
N ALA A 492 3.40 -35.78 -2.73
CA ALA A 492 4.71 -35.15 -2.99
C ALA A 492 5.32 -34.50 -1.77
N ASN A 493 5.34 -35.26 -0.66
CA ASN A 493 6.02 -34.82 0.54
C ASN A 493 7.27 -35.64 0.83
N SER A 494 7.58 -36.55 -0.08
CA SER A 494 8.66 -37.51 0.12
C SER A 494 8.51 -38.28 1.42
N ASN A 495 7.27 -38.69 1.72
CA ASN A 495 7.01 -39.36 2.97
C ASN A 495 7.47 -40.81 2.84
N ALA A 496 8.42 -41.15 3.71
CA ALA A 496 9.08 -42.44 3.71
C ALA A 496 8.67 -43.34 4.86
N GLN A 497 7.56 -43.01 5.52
CA GLN A 497 7.26 -43.63 6.79
C GLN A 497 6.51 -44.89 6.68
N VAL A 498 6.59 -45.66 7.78
CA VAL A 498 5.75 -46.83 7.98
C VAL A 498 4.51 -46.38 8.70
N LEU A 499 3.42 -46.29 7.93
CA LEU A 499 2.12 -45.99 8.47
C LEU A 499 1.66 -47.19 9.26
N SER A 500 1.08 -46.94 10.43
CA SER A 500 0.94 -48.00 11.43
C SER A 500 -0.45 -48.04 12.02
N GLY A 501 -1.33 -47.14 11.60
CA GLY A 501 -2.72 -47.17 12.07
C GLY A 501 -3.09 -46.11 13.09
N THR A 502 -2.19 -45.18 13.39
CA THR A 502 -2.48 -44.06 14.28
C THR A 502 -2.19 -42.66 13.74
N GLU A 503 -1.62 -42.59 12.54
CA GLU A 503 -1.09 -41.32 12.07
C GLU A 503 -2.23 -40.35 11.77
N PHE A 504 -3.39 -40.91 11.45
CA PHE A 504 -4.55 -40.11 11.05
C PHE A 504 -5.66 -40.08 12.12
N SER A 505 -5.30 -40.37 13.39
CA SER A 505 -6.28 -40.54 14.45
C SER A 505 -7.00 -39.23 14.76
N ALA A 506 -6.29 -38.10 14.70
CA ALA A 506 -6.92 -36.80 14.90
C ALA A 506 -7.88 -36.34 13.79
N ILE A 507 -7.88 -37.00 12.64
CA ILE A 507 -8.77 -36.66 11.56
C ILE A 507 -9.29 -37.94 10.93
N PRO A 508 -10.10 -38.69 11.71
CA PRO A 508 -10.41 -40.07 11.38
C PRO A 508 -11.49 -40.24 10.32
N HIS A 509 -12.11 -39.15 9.89
CA HIS A 509 -13.17 -39.26 8.90
C HIS A 509 -12.75 -38.87 7.53
N VAL A 510 -11.46 -38.91 7.23
CA VAL A 510 -11.01 -38.71 5.86
C VAL A 510 -11.68 -39.75 4.98
N LYS A 511 -12.23 -39.30 3.87
CA LYS A 511 -12.84 -40.15 2.90
C LYS A 511 -12.09 -40.28 1.58
N TYR A 512 -11.34 -39.23 1.24
CA TYR A 512 -10.51 -39.22 0.03
C TYR A 512 -9.09 -38.81 0.44
N LEU A 513 -8.14 -39.74 0.34
CA LEU A 513 -6.76 -39.49 0.78
C LEU A 513 -5.82 -39.67 -0.40
N ASP A 514 -5.17 -38.57 -0.76
CA ASP A 514 -4.19 -38.55 -1.80
C ASP A 514 -2.79 -38.59 -1.19
N LEU A 515 -2.10 -39.70 -1.44
CA LEU A 515 -0.74 -39.90 -0.93
C LEU A 515 0.19 -40.24 -2.08
N THR A 516 -0.09 -39.73 -3.27
CA THR A 516 0.70 -40.05 -4.43
C THR A 516 2.07 -39.43 -4.29
N ASN A 517 3.02 -39.94 -5.05
CA ASN A 517 4.35 -39.31 -5.19
C ASN A 517 5.03 -39.14 -3.86
N ASN A 518 4.99 -40.18 -3.06
CA ASN A 518 5.74 -40.24 -1.84
C ASN A 518 6.67 -41.44 -1.91
N ARG A 519 7.22 -41.84 -0.77
CA ARG A 519 8.05 -43.02 -0.76
C ARG A 519 7.70 -43.93 0.39
N LEU A 520 6.42 -44.22 0.51
CA LEU A 520 5.94 -44.93 1.68
C LEU A 520 6.55 -46.34 1.86
N ASP A 521 6.87 -46.67 3.11
CA ASP A 521 7.39 -47.98 3.47
C ASP A 521 6.30 -48.87 4.06
N PHE A 522 5.82 -49.81 3.26
CA PHE A 522 4.68 -50.58 3.66
C PHE A 522 5.09 -51.76 4.54
N ASP A 523 5.46 -51.47 5.78
CA ASP A 523 5.87 -52.53 6.70
C ASP A 523 4.88 -52.83 7.83
N ASN A 524 3.64 -52.37 7.74
CA ASN A 524 2.71 -52.59 8.83
C ASN A 524 1.31 -52.79 8.32
N ALA A 525 0.79 -53.99 8.57
CA ALA A 525 -0.49 -54.41 8.01
C ALA A 525 -1.73 -53.62 8.52
N SER A 526 -1.53 -52.75 9.50
CA SER A 526 -2.60 -51.95 10.02
C SER A 526 -2.62 -50.51 9.45
N ALA A 527 -1.68 -50.25 8.56
CA ALA A 527 -1.53 -48.91 7.94
C ALA A 527 -2.88 -48.40 7.51
N LEU A 528 -3.16 -47.16 7.90
CA LEU A 528 -4.36 -46.45 7.47
C LEU A 528 -5.72 -47.01 7.96
N THR A 529 -5.70 -48.04 8.80
CA THR A 529 -6.96 -48.62 9.19
C THR A 529 -7.77 -47.77 10.20
N GLU A 530 -7.16 -46.75 10.80
CA GLU A 530 -7.89 -45.78 11.60
C GLU A 530 -8.89 -44.97 10.77
N LEU A 531 -8.73 -44.99 9.44
CA LEU A 531 -9.68 -44.29 8.58
C LEU A 531 -10.83 -45.20 8.13
N SER A 532 -11.80 -45.41 9.03
CA SER A 532 -12.88 -46.39 8.80
C SER A 532 -13.81 -46.03 7.65
N ASP A 533 -13.99 -44.75 7.42
CA ASP A 533 -14.84 -44.24 6.34
C ASP A 533 -14.15 -44.03 4.99
N LEU A 534 -12.88 -44.40 4.88
CA LEU A 534 -12.10 -44.16 3.65
C LEU A 534 -12.77 -44.76 2.45
N GLU A 535 -13.01 -43.93 1.43
CA GLU A 535 -13.60 -44.39 0.18
C GLU A 535 -12.68 -44.40 -1.02
N VAL A 536 -11.77 -43.41 -1.04
CA VAL A 536 -10.80 -43.29 -2.13
C VAL A 536 -9.40 -43.13 -1.59
N LEU A 537 -8.53 -44.00 -2.08
CA LEU A 537 -7.15 -44.02 -1.64
C LEU A 537 -6.23 -43.99 -2.85
N ASP A 538 -5.41 -42.93 -2.94
CA ASP A 538 -4.45 -42.81 -4.05
C ASP A 538 -3.01 -43.02 -3.57
N LEU A 539 -2.45 -44.14 -3.98
CA LEU A 539 -1.07 -44.49 -3.67
C LEU A 539 -0.15 -44.51 -4.90
N SER A 540 -0.57 -43.85 -5.98
CA SER A 540 0.21 -43.78 -7.18
C SER A 540 1.63 -43.25 -6.87
N TYR A 541 2.62 -43.70 -7.65
CA TYR A 541 4.02 -43.24 -7.55
C TYR A 541 4.63 -43.27 -6.17
N ASN A 542 4.49 -44.41 -5.49
CA ASN A 542 5.28 -44.71 -4.32
C ASN A 542 6.20 -45.90 -4.58
N SER A 543 6.81 -45.94 -5.73
CA SER A 543 7.65 -47.04 -6.07
C SER A 543 8.92 -47.23 -5.20
N HIS A 544 9.36 -46.18 -4.55
CA HIS A 544 10.68 -46.18 -3.86
C HIS A 544 11.05 -47.52 -3.21
N TYR A 545 10.20 -48.02 -2.31
CA TYR A 545 10.50 -49.22 -1.53
C TYR A 545 10.01 -50.50 -2.20
N PHE A 546 9.05 -50.38 -3.11
CA PHE A 546 8.56 -51.51 -3.83
C PHE A 546 9.63 -52.04 -4.75
N ARG A 547 10.50 -51.15 -5.22
CA ARG A 547 11.63 -51.54 -6.12
C ARG A 547 12.66 -52.41 -5.44
N ILE A 548 12.76 -52.33 -4.13
CA ILE A 548 13.81 -53.02 -3.38
C ILE A 548 13.29 -54.42 -2.97
N ALA A 549 13.84 -55.48 -3.55
CA ALA A 549 13.40 -56.86 -3.24
C ALA A 549 13.52 -57.21 -1.79
N GLY A 550 14.52 -56.64 -1.13
CA GLY A 550 14.92 -57.10 0.19
C GLY A 550 14.21 -56.49 1.38
N VAL A 551 13.37 -55.49 1.15
CA VAL A 551 12.57 -54.97 2.27
C VAL A 551 11.15 -55.44 2.11
N THR A 552 10.36 -55.30 3.17
CA THR A 552 9.00 -55.84 3.20
C THR A 552 8.07 -54.91 2.44
N HIS A 553 7.04 -55.50 1.84
CA HIS A 553 5.97 -54.83 1.17
C HIS A 553 4.65 -55.49 1.61
N HIS A 554 3.97 -54.88 2.58
CA HIS A 554 2.70 -55.42 3.15
C HIS A 554 1.51 -54.58 2.71
N LEU A 555 0.66 -55.17 1.88
CA LEU A 555 -0.54 -54.53 1.39
C LEU A 555 -1.84 -55.08 2.06
N GLU A 556 -1.70 -55.81 3.17
CA GLU A 556 -2.83 -56.53 3.77
C GLU A 556 -3.95 -55.58 4.22
N PHE A 557 -3.56 -54.37 4.60
CA PHE A 557 -4.49 -53.37 5.16
C PHE A 557 -5.66 -53.06 4.29
N ILE A 558 -5.51 -53.35 3.01
CA ILE A 558 -6.55 -53.08 2.03
C ILE A 558 -7.87 -53.74 2.43
N GLN A 559 -7.79 -54.90 3.05
CA GLN A 559 -8.98 -55.69 3.32
C GLN A 559 -9.81 -55.13 4.46
N ASN A 560 -9.20 -54.29 5.29
CA ASN A 560 -9.82 -53.81 6.50
C ASN A 560 -10.85 -52.74 6.28
N PHE A 561 -11.02 -52.26 5.04
CA PHE A 561 -11.92 -51.16 4.80
C PHE A 561 -13.30 -51.60 4.42
N THR A 562 -14.26 -51.10 5.18
CA THR A 562 -15.67 -51.41 4.97
C THR A 562 -16.22 -50.75 3.74
N ASN A 563 -15.78 -49.52 3.50
CA ASN A 563 -16.37 -48.65 2.46
C ASN A 563 -15.42 -48.21 1.36
N LEU A 564 -14.27 -48.87 1.22
CA LEU A 564 -13.28 -48.44 0.26
C LEU A 564 -13.79 -48.81 -1.10
N LYS A 565 -13.89 -47.82 -1.97
CA LYS A 565 -14.45 -48.00 -3.33
C LYS A 565 -13.39 -47.94 -4.44
N VAL A 566 -12.48 -46.99 -4.32
CA VAL A 566 -11.47 -46.77 -5.36
C VAL A 566 -10.05 -46.79 -4.80
N LEU A 567 -9.20 -47.63 -5.37
CA LEU A 567 -7.80 -47.72 -4.98
C LEU A 567 -6.88 -47.62 -6.18
N ASN A 568 -5.95 -46.68 -6.09
CA ASN A 568 -4.99 -46.49 -7.15
C ASN A 568 -3.56 -46.83 -6.68
N LEU A 569 -3.02 -47.88 -7.30
CA LEU A 569 -1.71 -48.40 -6.98
C LEU A 569 -0.80 -48.25 -8.21
N SER A 570 -1.13 -47.28 -9.08
CA SER A 570 -0.38 -47.13 -10.34
C SER A 570 1.09 -46.73 -10.12
N HIS A 571 1.93 -47.16 -11.06
CA HIS A 571 3.32 -46.66 -11.15
C HIS A 571 4.05 -46.88 -9.86
N ASN A 572 3.87 -48.06 -9.29
CA ASN A 572 4.60 -48.45 -8.11
C ASN A 572 5.66 -49.49 -8.36
N ASN A 573 5.78 -49.97 -9.60
CA ASN A 573 6.72 -51.05 -9.88
C ASN A 573 6.57 -52.25 -8.94
N ILE A 574 5.36 -52.61 -8.62
CA ILE A 574 5.12 -53.76 -7.74
C ILE A 574 5.48 -55.05 -8.46
N TYR A 575 6.41 -55.78 -7.89
CA TYR A 575 6.79 -57.10 -8.41
C TYR A 575 6.91 -58.18 -7.34
N THR A 576 6.92 -57.76 -6.06
CA THR A 576 7.02 -58.68 -4.93
C THR A 576 6.32 -58.13 -3.69
N LEU A 577 5.59 -59.03 -3.01
CA LEU A 577 4.88 -58.73 -1.75
C LEU A 577 5.28 -59.68 -0.63
N THR A 578 5.13 -59.22 0.60
CA THR A 578 5.52 -60.01 1.77
C THR A 578 4.31 -60.80 2.36
N ASP A 579 4.45 -62.13 2.48
CA ASP A 579 3.57 -63.01 3.30
C ASP A 579 2.26 -63.25 2.58
N LYS A 580 1.49 -62.19 2.33
CA LYS A 580 0.23 -62.31 1.62
C LYS A 580 0.39 -61.79 0.21
N TYR A 581 0.07 -62.66 -0.75
CA TYR A 581 0.25 -62.41 -2.15
C TYR A 581 -0.99 -61.89 -2.82
N ASN A 582 -2.09 -61.83 -2.08
CA ASN A 582 -3.40 -61.53 -2.65
C ASN A 582 -3.97 -60.24 -2.14
N LEU A 583 -4.56 -59.47 -3.04
CA LEU A 583 -5.33 -58.31 -2.61
C LEU A 583 -6.77 -58.73 -2.40
N GLU A 584 -7.32 -58.31 -1.28
CA GLU A 584 -8.67 -58.69 -0.91
C GLU A 584 -9.46 -57.50 -0.40
N SER A 585 -10.70 -57.41 -0.86
CA SER A 585 -11.63 -56.42 -0.32
C SER A 585 -13.04 -56.85 -0.70
N LYS A 586 -13.96 -56.65 0.24
CA LYS A 586 -15.38 -56.93 -0.01
C LYS A 586 -16.07 -55.74 -0.62
N SER A 587 -15.51 -54.56 -0.46
CA SER A 587 -16.06 -53.34 -1.00
C SER A 587 -15.57 -52.75 -2.32
N LEU A 588 -14.29 -52.95 -2.62
CA LEU A 588 -13.60 -52.29 -3.75
C LEU A 588 -14.24 -52.52 -5.11
N VAL A 589 -14.46 -51.41 -5.78
CA VAL A 589 -15.15 -51.36 -7.06
C VAL A 589 -14.13 -51.13 -8.17
N GLU A 590 -13.12 -50.30 -7.89
CA GLU A 590 -12.11 -49.95 -8.91
C GLU A 590 -10.69 -50.12 -8.39
N LEU A 591 -9.89 -50.90 -9.11
CA LEU A 591 -8.46 -51.02 -8.83
C LEU A 591 -7.64 -50.60 -10.06
N VAL A 592 -6.80 -49.58 -9.85
CA VAL A 592 -5.85 -49.13 -10.90
C VAL A 592 -4.52 -49.75 -10.57
N PHE A 593 -4.04 -50.63 -11.44
CA PHE A 593 -2.76 -51.33 -11.19
C PHE A 593 -1.80 -51.17 -12.36
N SER A 594 -1.98 -50.12 -13.12
CA SER A 594 -1.10 -49.80 -14.21
C SER A 594 0.32 -49.48 -13.72
N GLY A 595 1.30 -49.70 -14.57
CA GLY A 595 2.66 -49.26 -14.26
C GLY A 595 3.30 -50.11 -13.17
N ASN A 596 2.90 -51.38 -13.06
CA ASN A 596 3.55 -52.29 -12.14
C ASN A 596 4.16 -53.42 -12.91
N ARG A 597 4.56 -54.48 -12.22
CA ARG A 597 5.19 -55.61 -12.92
C ARG A 597 4.47 -56.95 -12.85
N LEU A 598 3.27 -57.02 -13.43
CA LEU A 598 2.56 -58.28 -13.53
C LEU A 598 3.29 -59.27 -14.42
N ASP A 599 4.16 -58.79 -15.31
CA ASP A 599 5.07 -59.67 -16.05
C ASP A 599 5.96 -60.50 -15.13
N ILE A 600 6.35 -59.94 -14.02
CA ILE A 600 7.10 -60.71 -13.03
C ILE A 600 6.19 -61.47 -12.01
N LEU A 601 5.13 -60.82 -11.56
CA LEU A 601 4.23 -61.43 -10.60
C LEU A 601 3.60 -62.65 -11.21
N TRP A 602 3.36 -62.62 -12.52
CA TRP A 602 2.78 -63.75 -13.22
C TRP A 602 3.76 -64.58 -14.06
N ASN A 603 5.06 -64.49 -13.79
CA ASN A 603 6.07 -65.30 -14.46
C ASN A 603 5.71 -66.80 -14.40
N ASP A 604 6.05 -67.53 -15.45
CA ASP A 604 5.65 -68.96 -15.57
C ASP A 604 6.24 -69.86 -14.49
N ASP A 605 7.30 -69.43 -13.85
CA ASP A 605 7.99 -70.21 -12.86
C ASP A 605 7.50 -69.95 -11.46
N ASP A 606 6.42 -69.18 -11.30
CA ASP A 606 5.98 -68.71 -9.97
C ASP A 606 4.46 -68.74 -9.91
N ASN A 607 3.93 -69.51 -8.97
CA ASN A 607 2.49 -69.62 -8.78
C ASN A 607 1.90 -68.66 -7.77
N ARG A 608 2.75 -68.02 -6.99
CA ARG A 608 2.28 -67.37 -5.78
C ARG A 608 1.19 -66.31 -6.05
N TYR A 609 1.16 -65.73 -7.25
CA TYR A 609 0.38 -64.50 -7.46
C TYR A 609 -0.78 -64.75 -8.39
N ILE A 610 -1.11 -66.02 -8.55
CA ILE A 610 -2.02 -66.46 -9.58
C ILE A 610 -3.46 -66.04 -9.30
N SER A 611 -3.72 -65.68 -8.04
CA SER A 611 -5.05 -65.23 -7.58
C SER A 611 -5.05 -63.82 -7.03
N ILE A 612 -4.05 -63.05 -7.44
CA ILE A 612 -3.76 -61.79 -6.78
C ILE A 612 -5.00 -60.87 -6.68
N PHE A 613 -5.84 -60.86 -7.69
CA PHE A 613 -7.01 -59.96 -7.64
C PHE A 613 -8.35 -60.66 -7.33
N LYS A 614 -8.31 -61.98 -7.19
CA LYS A 614 -9.54 -62.80 -7.07
C LYS A 614 -10.37 -62.45 -5.87
N GLY A 615 -9.69 -62.14 -4.78
CA GLY A 615 -10.35 -61.76 -3.55
C GLY A 615 -10.92 -60.38 -3.57
N LEU A 616 -10.86 -59.69 -4.71
CA LEU A 616 -11.56 -58.42 -4.84
C LEU A 616 -12.97 -58.67 -5.41
N LYS A 617 -13.89 -59.04 -4.51
CA LYS A 617 -15.14 -59.72 -4.91
C LYS A 617 -16.23 -58.76 -5.36
N ASN A 618 -16.09 -57.48 -5.05
CA ASN A 618 -17.00 -56.47 -5.57
C ASN A 618 -16.50 -55.74 -6.79
N LEU A 619 -15.39 -56.19 -7.38
CA LEU A 619 -14.66 -55.36 -8.39
C LEU A 619 -15.34 -55.29 -9.74
N THR A 620 -15.49 -54.06 -10.25
CA THR A 620 -16.04 -53.86 -11.57
C THR A 620 -15.09 -53.22 -12.59
N ARG A 621 -14.11 -52.49 -12.07
CA ARG A 621 -13.11 -51.84 -12.95
C ARG A 621 -11.68 -52.22 -12.55
N LEU A 622 -10.93 -52.74 -13.52
CA LEU A 622 -9.56 -53.14 -13.31
C LEU A 622 -8.70 -52.66 -14.48
N ASP A 623 -7.61 -51.98 -14.15
CA ASP A 623 -6.65 -51.46 -15.13
C ASP A 623 -5.30 -52.15 -14.94
N LEU A 624 -4.94 -53.02 -15.89
CA LEU A 624 -3.65 -53.68 -15.93
C LEU A 624 -2.72 -53.09 -17.01
N SER A 625 -2.99 -51.87 -17.48
CA SER A 625 -2.09 -51.26 -18.47
C SER A 625 -0.67 -51.11 -17.95
N LEU A 626 0.28 -51.12 -18.88
CA LEU A 626 1.67 -50.76 -18.63
C LEU A 626 2.32 -51.68 -17.60
N ASN A 627 2.09 -52.99 -17.77
CA ASN A 627 2.64 -54.01 -16.88
C ASN A 627 3.61 -54.94 -17.62
N ARG A 628 4.00 -54.54 -18.81
CA ARG A 628 4.96 -55.27 -19.66
C ARG A 628 4.58 -56.68 -19.90
N LEU A 629 3.28 -56.94 -19.98
CA LEU A 629 2.80 -58.29 -20.20
C LEU A 629 3.00 -58.78 -21.63
N LYS A 630 3.73 -59.88 -21.79
CA LYS A 630 3.83 -60.56 -23.09
C LYS A 630 2.78 -61.69 -23.20
N HIS A 631 2.42 -62.30 -22.07
CA HIS A 631 1.31 -63.26 -22.02
C HIS A 631 0.70 -63.28 -20.60
N ILE A 632 -0.60 -63.52 -20.51
CA ILE A 632 -1.24 -63.76 -19.21
C ILE A 632 -1.47 -65.29 -19.05
N PRO A 633 -0.92 -65.91 -18.00
CA PRO A 633 -1.32 -67.31 -17.86
C PRO A 633 -2.83 -67.48 -17.76
N ASN A 634 -3.34 -68.48 -18.47
CA ASN A 634 -4.77 -68.77 -18.53
C ASN A 634 -5.39 -68.84 -17.13
N GLU A 635 -4.71 -69.46 -16.19
CA GLU A 635 -5.26 -69.57 -14.82
C GLU A 635 -5.32 -68.20 -14.07
N ALA A 636 -4.40 -67.30 -14.39
CA ALA A 636 -4.39 -65.98 -13.80
C ALA A 636 -5.57 -65.18 -14.28
N PHE A 637 -5.83 -65.26 -15.57
CA PHE A 637 -6.95 -64.58 -16.17
C PHE A 637 -8.29 -65.07 -15.59
N LEU A 638 -8.43 -66.39 -15.44
CA LEU A 638 -9.65 -66.98 -14.89
C LEU A 638 -9.83 -66.59 -13.44
N ASN A 639 -8.75 -66.18 -12.81
CA ASN A 639 -8.81 -65.74 -11.44
C ASN A 639 -9.07 -64.28 -11.26
N LEU A 640 -9.31 -63.57 -12.36
CA LEU A 640 -9.78 -62.18 -12.26
C LEU A 640 -11.23 -62.17 -11.84
N PRO A 641 -11.65 -61.14 -11.12
CA PRO A 641 -13.01 -61.20 -10.56
C PRO A 641 -14.11 -61.32 -11.62
N ALA A 642 -15.02 -62.28 -11.43
CA ALA A 642 -16.17 -62.51 -12.34
C ALA A 642 -17.12 -61.34 -12.38
N SER A 643 -17.14 -60.55 -11.32
CA SER A 643 -17.88 -59.31 -11.28
C SER A 643 -17.46 -58.23 -12.31
N LEU A 644 -16.32 -58.39 -12.99
CA LEU A 644 -15.81 -57.24 -13.74
C LEU A 644 -16.77 -56.78 -14.82
N THR A 645 -16.88 -55.46 -15.00
CA THR A 645 -17.50 -54.91 -16.19
C THR A 645 -16.54 -54.15 -17.10
N GLU A 646 -15.37 -53.76 -16.58
CA GLU A 646 -14.44 -52.95 -17.37
C GLU A 646 -13.01 -53.40 -17.13
N LEU A 647 -12.37 -53.92 -18.19
CA LEU A 647 -11.04 -54.50 -18.11
C LEU A 647 -10.07 -53.84 -19.10
N HIS A 648 -9.01 -53.22 -18.57
CA HIS A 648 -7.99 -52.54 -19.42
C HIS A 648 -6.71 -53.28 -19.27
N ILE A 649 -6.20 -53.75 -20.40
CA ILE A 649 -4.88 -54.36 -20.47
C ILE A 649 -4.12 -53.70 -21.63
N ASN A 650 -4.40 -52.43 -21.91
CA ASN A 650 -3.69 -51.72 -22.97
C ASN A 650 -2.24 -51.42 -22.62
N ASP A 651 -1.47 -51.12 -23.65
CA ASP A 651 -0.04 -50.78 -23.55
C ASP A 651 0.77 -51.80 -22.75
N ASN A 652 0.60 -53.05 -23.13
CA ASN A 652 1.47 -54.14 -22.71
C ASN A 652 2.15 -54.63 -23.97
N MET A 653 2.56 -55.88 -23.99
CA MET A 653 3.14 -56.45 -25.21
C MET A 653 2.49 -57.78 -25.57
N LEU A 654 1.17 -57.86 -25.43
CA LEU A 654 0.46 -59.11 -25.61
C LEU A 654 0.53 -59.56 -27.06
N LYS A 655 1.02 -60.78 -27.24
CA LYS A 655 1.07 -61.42 -28.55
C LYS A 655 -0.19 -62.27 -28.83
N PHE A 656 -0.85 -62.72 -27.77
CA PHE A 656 -1.98 -63.64 -27.89
C PHE A 656 -2.98 -63.31 -26.79
N PHE A 657 -4.25 -63.43 -27.10
CA PHE A 657 -5.31 -63.25 -26.12
C PHE A 657 -6.27 -64.46 -26.28
N ASN A 658 -6.44 -65.19 -25.19
CA ASN A 658 -7.37 -66.31 -25.17
C ASN A 658 -8.83 -65.88 -24.97
N TRP A 659 -9.48 -65.63 -26.08
CA TRP A 659 -10.85 -65.14 -26.07
C TRP A 659 -11.84 -66.10 -25.42
N THR A 660 -11.54 -67.39 -25.49
CA THR A 660 -12.48 -68.37 -24.98
C THR A 660 -12.70 -68.12 -23.51
N LEU A 661 -11.72 -67.52 -22.86
CA LEU A 661 -11.83 -67.29 -21.44
C LEU A 661 -12.80 -66.20 -21.08
N LEU A 662 -13.32 -65.47 -22.07
CA LEU A 662 -14.37 -64.48 -21.75
C LEU A 662 -15.68 -65.09 -21.25
N GLN A 663 -15.82 -66.41 -21.39
CA GLN A 663 -17.00 -67.10 -20.91
C GLN A 663 -17.18 -66.91 -19.45
N GLN A 664 -16.08 -66.69 -18.73
CA GLN A 664 -16.13 -66.59 -17.28
C GLN A 664 -16.45 -65.19 -16.79
N PHE A 665 -16.73 -64.28 -17.73
CA PHE A 665 -16.97 -62.88 -17.37
C PHE A 665 -18.27 -62.37 -17.99
N PRO A 666 -19.40 -62.78 -17.37
CA PRO A 666 -20.74 -62.57 -17.88
C PRO A 666 -21.18 -61.13 -17.79
N ARG A 667 -20.55 -60.37 -16.92
CA ARG A 667 -20.90 -58.96 -16.79
C ARG A 667 -19.98 -58.00 -17.58
N LEU A 668 -19.09 -58.54 -18.41
CA LEU A 668 -18.00 -57.74 -18.97
C LEU A 668 -18.50 -56.93 -20.14
N GLU A 669 -18.39 -55.61 -20.01
CA GLU A 669 -18.86 -54.66 -21.02
C GLU A 669 -17.76 -54.03 -21.88
N LEU A 670 -16.64 -53.72 -21.26
CA LEU A 670 -15.54 -53.01 -21.94
C LEU A 670 -14.29 -53.80 -21.74
N LEU A 671 -13.68 -54.11 -22.87
CA LEU A 671 -12.42 -54.82 -22.91
C LEU A 671 -11.47 -53.99 -23.78
N ASP A 672 -10.36 -53.55 -23.17
CA ASP A 672 -9.41 -52.60 -23.79
C ASP A 672 -8.07 -53.31 -23.94
N LEU A 673 -7.73 -53.66 -25.18
CA LEU A 673 -6.47 -54.32 -25.49
C LEU A 673 -5.61 -53.47 -26.44
N ARG A 674 -5.88 -52.18 -26.49
CA ARG A 674 -5.12 -51.27 -27.37
C ARG A 674 -3.62 -51.34 -27.06
N GLY A 675 -2.75 -51.24 -28.05
CA GLY A 675 -1.33 -51.00 -27.81
C GLY A 675 -0.64 -52.28 -27.34
N ASN A 676 -0.91 -53.36 -28.04
CA ASN A 676 -0.25 -54.61 -27.78
C ASN A 676 0.29 -55.13 -29.09
N LYS A 677 0.52 -56.44 -29.21
CA LYS A 677 1.03 -57.00 -30.43
C LYS A 677 0.15 -58.11 -30.96
N LEU A 678 -1.17 -57.95 -30.86
CA LEU A 678 -2.05 -59.07 -31.14
C LEU A 678 -2.15 -59.29 -32.64
N LEU A 679 -2.15 -60.56 -33.01
CA LEU A 679 -2.16 -60.96 -34.41
C LEU A 679 -3.53 -61.43 -34.87
N PHE A 680 -4.26 -62.15 -34.04
CA PHE A 680 -5.56 -62.59 -34.47
C PHE A 680 -6.68 -62.54 -33.45
N LEU A 681 -7.87 -62.46 -34.01
CA LEU A 681 -9.12 -62.58 -33.30
C LEU A 681 -9.67 -64.01 -33.46
N THR A 682 -10.38 -64.47 -32.45
CA THR A 682 -11.25 -65.63 -32.58
C THR A 682 -12.30 -65.44 -33.66
N ASP A 683 -12.72 -66.53 -34.28
CA ASP A 683 -13.76 -66.45 -35.29
C ASP A 683 -15.14 -66.86 -34.76
N SER A 684 -15.28 -67.05 -33.46
CA SER A 684 -16.59 -67.28 -32.90
C SER A 684 -16.75 -66.58 -31.57
N LEU A 685 -16.60 -65.26 -31.63
CA LEU A 685 -16.54 -64.47 -30.39
C LEU A 685 -17.84 -64.53 -29.64
N SER A 686 -18.97 -64.66 -30.33
CA SER A 686 -20.28 -64.71 -29.64
C SER A 686 -20.44 -65.96 -28.78
N ASP A 687 -19.73 -67.01 -29.14
CA ASP A 687 -19.67 -68.21 -28.28
C ASP A 687 -19.16 -67.89 -26.89
N PHE A 688 -18.40 -66.79 -26.74
CA PHE A 688 -17.61 -66.53 -25.51
C PHE A 688 -18.10 -65.33 -24.67
N THR A 689 -18.88 -64.44 -25.28
CA THR A 689 -19.47 -63.35 -24.53
C THR A 689 -20.86 -62.96 -25.09
N SER A 690 -21.78 -62.58 -24.21
CA SER A 690 -23.04 -61.92 -24.62
C SER A 690 -23.16 -60.52 -24.05
N SER A 691 -22.12 -60.04 -23.37
CA SER A 691 -22.20 -58.78 -22.60
C SER A 691 -21.38 -57.66 -23.23
N LEU A 692 -20.39 -58.02 -24.03
CA LEU A 692 -19.39 -57.09 -24.47
C LEU A 692 -20.03 -55.96 -25.29
N ARG A 693 -19.85 -54.72 -24.84
CA ARG A 693 -20.41 -53.55 -25.51
C ARG A 693 -19.37 -52.73 -26.24
N THR A 694 -18.15 -52.69 -25.70
CA THR A 694 -17.04 -51.97 -26.34
C THR A 694 -15.81 -52.85 -26.39
N LEU A 695 -15.22 -52.93 -27.56
CA LEU A 695 -13.98 -53.68 -27.74
C LEU A 695 -12.92 -52.81 -28.42
N LEU A 696 -11.81 -52.53 -27.73
CA LEU A 696 -10.80 -51.61 -28.28
C LEU A 696 -9.55 -52.38 -28.61
N LEU A 697 -9.22 -52.39 -29.90
CA LEU A 697 -8.12 -53.14 -30.41
C LEU A 697 -7.10 -52.27 -31.17
N SER A 698 -7.22 -50.95 -31.06
CA SER A 698 -6.27 -50.07 -31.77
C SER A 698 -4.81 -50.41 -31.46
N HIS A 699 -3.94 -50.27 -32.44
CA HIS A 699 -2.49 -50.38 -32.27
C HIS A 699 -2.12 -51.82 -31.89
N ASN A 700 -2.60 -52.75 -32.71
CA ASN A 700 -2.16 -54.12 -32.69
C ASN A 700 -1.79 -54.52 -34.10
N ARG A 701 -1.67 -55.82 -34.35
CA ARG A 701 -1.07 -56.30 -35.60
C ARG A 701 -2.03 -57.24 -36.31
N ILE A 702 -3.30 -56.94 -36.14
CA ILE A 702 -4.36 -57.68 -36.74
C ILE A 702 -4.36 -57.39 -38.24
N SER A 703 -4.28 -58.44 -39.06
CA SER A 703 -4.36 -58.29 -40.54
C SER A 703 -5.61 -58.95 -41.19
N HIS A 704 -6.32 -59.78 -40.44
CA HIS A 704 -7.53 -60.39 -40.97
C HIS A 704 -8.65 -60.37 -39.97
N LEU A 705 -9.82 -59.96 -40.42
CA LEU A 705 -11.04 -60.22 -39.67
C LEU A 705 -11.55 -61.62 -40.03
N PRO A 706 -12.01 -62.36 -39.02
CA PRO A 706 -12.72 -63.59 -39.30
C PRO A 706 -14.13 -63.34 -39.83
N SER A 707 -14.68 -64.33 -40.55
CA SER A 707 -16.05 -64.27 -41.08
C SER A 707 -17.06 -63.77 -40.05
N GLY A 708 -17.93 -62.85 -40.48
CA GLY A 708 -19.03 -62.34 -39.67
C GLY A 708 -18.70 -61.41 -38.52
N PHE A 709 -17.46 -60.93 -38.44
CA PHE A 709 -16.93 -60.42 -37.17
C PHE A 709 -17.64 -59.15 -36.75
N LEU A 710 -17.97 -58.31 -37.73
CA LEU A 710 -18.59 -57.03 -37.44
C LEU A 710 -19.92 -57.21 -36.70
N SER A 711 -20.64 -58.28 -37.05
CA SER A 711 -21.98 -58.55 -36.49
C SER A 711 -22.05 -59.80 -35.60
N GLU A 712 -20.90 -60.43 -35.37
CA GLU A 712 -20.76 -61.56 -34.45
C GLU A 712 -21.53 -61.38 -33.15
N VAL A 713 -21.37 -60.24 -32.51
CA VAL A 713 -21.74 -60.08 -31.12
C VAL A 713 -22.78 -58.98 -31.03
N SER A 714 -23.93 -59.30 -30.44
CA SER A 714 -25.12 -58.43 -30.55
C SER A 714 -25.04 -57.25 -29.62
N SER A 715 -24.40 -57.48 -28.49
CA SER A 715 -24.20 -56.46 -27.50
C SER A 715 -23.16 -55.41 -27.94
N LEU A 716 -22.33 -55.74 -28.91
CA LEU A 716 -21.22 -54.88 -29.29
C LEU A 716 -21.63 -53.57 -30.02
N LYS A 717 -21.40 -52.44 -29.37
CA LYS A 717 -21.76 -51.13 -29.93
C LYS A 717 -20.57 -50.41 -30.57
N HIS A 718 -19.37 -50.63 -30.04
CA HIS A 718 -18.20 -49.81 -30.38
C HIS A 718 -17.00 -50.72 -30.55
N LEU A 719 -16.58 -50.90 -31.80
CA LEU A 719 -15.46 -51.76 -32.14
C LEU A 719 -14.37 -50.85 -32.67
N ASP A 720 -13.19 -50.92 -32.07
CA ASP A 720 -12.08 -50.06 -32.47
C ASP A 720 -10.96 -50.89 -33.08
N LEU A 721 -10.83 -50.81 -34.39
CA LEU A 721 -9.79 -51.52 -35.08
C LEU A 721 -8.86 -50.54 -35.79
N SER A 722 -8.76 -49.31 -35.29
CA SER A 722 -7.79 -48.35 -35.90
C SER A 722 -6.36 -48.83 -35.74
N SER A 723 -5.47 -48.33 -36.59
CA SER A 723 -4.06 -48.61 -36.50
C SER A 723 -3.77 -50.10 -36.31
N ASN A 724 -4.37 -50.92 -37.14
CA ASN A 724 -3.92 -52.30 -37.25
C ASN A 724 -3.34 -52.54 -38.65
N LEU A 725 -3.31 -53.79 -39.10
CA LEU A 725 -2.64 -54.11 -40.36
C LEU A 725 -3.61 -54.66 -41.42
N LEU A 726 -4.84 -54.17 -41.42
CA LEU A 726 -5.88 -54.65 -42.36
C LEU A 726 -5.72 -54.06 -43.74
N LYS A 727 -5.77 -54.91 -44.76
CA LYS A 727 -5.73 -54.42 -46.13
C LYS A 727 -7.11 -54.32 -46.75
N THR A 728 -8.04 -55.17 -46.36
CA THR A 728 -9.44 -55.01 -46.76
C THR A 728 -10.30 -55.56 -45.66
N ILE A 729 -11.59 -55.43 -45.87
CA ILE A 729 -12.56 -56.20 -45.16
C ILE A 729 -13.36 -56.94 -46.21
N ASN A 730 -13.29 -58.26 -46.21
CA ASN A 730 -13.96 -59.12 -47.20
C ASN A 730 -15.42 -59.31 -46.92
N LYS A 731 -16.16 -59.66 -47.95
CA LYS A 731 -17.59 -59.96 -47.80
C LYS A 731 -17.83 -60.95 -46.65
N SER A 732 -16.89 -61.89 -46.49
CA SER A 732 -16.97 -62.90 -45.43
C SER A 732 -17.11 -62.28 -44.02
N ALA A 733 -16.29 -61.28 -43.73
CA ALA A 733 -16.40 -60.51 -42.50
C ALA A 733 -17.76 -59.79 -42.38
N LEU A 734 -18.47 -59.65 -43.50
CA LEU A 734 -19.70 -58.86 -43.58
C LEU A 734 -21.00 -59.66 -43.50
N GLU A 735 -20.92 -60.99 -43.63
CA GLU A 735 -22.16 -61.78 -43.67
C GLU A 735 -22.71 -62.02 -42.26
N THR A 736 -23.92 -61.53 -42.03
CA THR A 736 -24.67 -61.80 -40.80
C THR A 736 -26.05 -62.34 -41.17
N LYS A 737 -26.69 -63.04 -40.25
CA LYS A 737 -28.13 -63.29 -40.34
C LYS A 737 -28.87 -62.35 -39.38
N THR A 738 -28.13 -61.76 -38.45
CA THR A 738 -28.70 -60.91 -37.42
C THR A 738 -28.43 -59.43 -37.68
N THR A 739 -29.31 -58.58 -37.17
CA THR A 739 -29.14 -57.13 -37.25
C THR A 739 -27.97 -56.67 -36.36
N THR A 740 -27.00 -56.00 -36.96
CA THR A 740 -25.84 -55.45 -36.23
C THR A 740 -26.31 -54.34 -35.29
N LYS A 741 -25.87 -54.35 -34.03
CA LYS A 741 -26.15 -53.22 -33.14
C LYS A 741 -24.97 -52.25 -33.06
N LEU A 742 -23.96 -52.50 -33.88
CA LEU A 742 -22.77 -51.66 -33.95
C LEU A 742 -23.10 -50.20 -34.28
N SER A 743 -22.55 -49.29 -33.50
CA SER A 743 -22.83 -47.85 -33.60
C SER A 743 -21.59 -47.06 -33.99
N MET A 744 -20.44 -47.63 -33.70
CA MET A 744 -19.19 -47.02 -34.06
C MET A 744 -18.15 -48.07 -34.39
N LEU A 745 -17.54 -47.90 -35.55
CA LEU A 745 -16.49 -48.76 -36.02
C LEU A 745 -15.31 -47.89 -36.39
N GLU A 746 -14.17 -48.06 -35.73
CA GLU A 746 -12.99 -47.24 -36.06
C GLU A 746 -11.99 -47.98 -36.92
N LEU A 747 -11.50 -47.33 -37.97
CA LEU A 747 -10.66 -48.03 -38.95
C LEU A 747 -9.49 -47.20 -39.48
N HIS A 748 -9.33 -45.98 -38.99
CA HIS A 748 -8.30 -45.11 -39.50
C HIS A 748 -6.98 -45.72 -39.18
N GLY A 749 -5.99 -45.51 -40.05
CA GLY A 749 -4.66 -45.99 -39.86
C GLY A 749 -4.41 -47.44 -40.23
N ASN A 750 -5.29 -48.05 -41.01
CA ASN A 750 -5.01 -49.34 -41.60
C ASN A 750 -4.55 -49.19 -43.03
N PRO A 751 -3.64 -50.06 -43.47
CA PRO A 751 -3.05 -49.92 -44.79
C PRO A 751 -3.96 -50.47 -45.89
N PHE A 752 -5.05 -49.78 -46.19
CA PHE A 752 -6.08 -50.37 -47.02
C PHE A 752 -5.57 -50.49 -48.44
N GLU A 753 -6.05 -51.56 -49.09
CA GLU A 753 -5.77 -51.87 -50.48
C GLU A 753 -6.95 -51.35 -51.27
N CYS A 754 -6.72 -50.31 -52.04
CA CYS A 754 -7.80 -49.62 -52.70
C CYS A 754 -7.92 -50.04 -54.18
N THR A 755 -8.51 -51.22 -54.35
CA THR A 755 -8.81 -51.78 -55.64
C THR A 755 -10.24 -52.30 -55.53
N CYS A 756 -10.68 -53.06 -56.52
CA CYS A 756 -12.06 -53.50 -56.58
C CYS A 756 -12.48 -54.31 -55.37
N ASP A 757 -11.49 -54.89 -54.71
CA ASP A 757 -11.72 -55.78 -53.58
C ASP A 757 -12.24 -55.04 -52.35
N ILE A 758 -12.38 -53.72 -52.44
CA ILE A 758 -12.83 -52.90 -51.33
C ILE A 758 -14.30 -52.56 -51.51
N GLY A 759 -14.82 -52.79 -52.72
CA GLY A 759 -16.19 -52.44 -53.08
C GLY A 759 -17.24 -53.04 -52.18
N ASP A 760 -17.06 -54.29 -51.78
CA ASP A 760 -18.03 -54.90 -50.87
C ASP A 760 -18.08 -54.13 -49.57
N PHE A 761 -16.91 -53.81 -49.01
CA PHE A 761 -16.93 -53.10 -47.73
C PHE A 761 -17.53 -51.70 -47.89
N ARG A 762 -17.25 -51.01 -49.00
CA ARG A 762 -17.85 -49.69 -49.25
C ARG A 762 -19.38 -49.74 -49.39
N ARG A 763 -19.91 -50.82 -49.97
CA ARG A 763 -21.36 -50.91 -50.09
C ARG A 763 -21.97 -51.21 -48.74
N TRP A 764 -21.27 -52.04 -47.99
CA TRP A 764 -21.66 -52.31 -46.62
C TRP A 764 -21.77 -50.99 -45.85
N MET A 765 -20.71 -50.18 -45.96
CA MET A 765 -20.74 -48.81 -45.44
C MET A 765 -21.98 -48.05 -45.93
N ASP A 766 -22.21 -48.04 -47.24
CA ASP A 766 -23.37 -47.33 -47.80
C ASP A 766 -24.67 -47.88 -47.24
N GLU A 767 -24.65 -49.18 -46.93
CA GLU A 767 -25.84 -49.88 -46.45
C GLU A 767 -25.99 -49.85 -44.94
N HIS A 768 -24.97 -49.38 -44.20
CA HIS A 768 -25.15 -49.21 -42.76
C HIS A 768 -24.69 -47.84 -42.25
N LEU A 769 -25.48 -46.80 -42.54
CA LEU A 769 -25.14 -45.45 -42.13
C LEU A 769 -25.25 -45.23 -40.62
N ASN A 770 -25.99 -46.08 -39.92
CA ASN A 770 -26.07 -45.98 -38.46
C ASN A 770 -24.75 -46.38 -37.82
N VAL A 771 -23.90 -47.07 -38.57
CA VAL A 771 -22.56 -47.37 -38.11
C VAL A 771 -21.64 -46.20 -38.43
N LYS A 772 -21.32 -45.43 -37.39
CA LYS A 772 -20.51 -44.25 -37.57
C LYS A 772 -19.06 -44.65 -37.69
N ILE A 773 -18.41 -44.18 -38.73
CA ILE A 773 -16.98 -44.35 -38.91
C ILE A 773 -16.29 -42.98 -38.91
N PRO A 774 -15.65 -42.63 -37.81
CA PRO A 774 -15.01 -41.31 -37.73
C PRO A 774 -13.71 -41.20 -38.52
N ARG A 775 -13.36 -39.98 -38.88
CA ARG A 775 -12.04 -39.67 -39.42
C ARG A 775 -11.83 -40.40 -40.75
N LEU A 776 -12.85 -40.34 -41.59
CA LEU A 776 -12.75 -40.91 -42.91
C LEU A 776 -11.51 -40.43 -43.67
N VAL A 777 -11.13 -39.18 -43.47
CA VAL A 777 -9.92 -38.61 -44.07
C VAL A 777 -8.67 -39.35 -43.67
N ASP A 778 -8.72 -40.04 -42.54
CA ASP A 778 -7.61 -40.84 -42.07
C ASP A 778 -7.80 -42.35 -42.32
N VAL A 779 -8.92 -42.71 -42.92
CA VAL A 779 -9.09 -44.10 -43.41
C VAL A 779 -8.55 -44.18 -44.83
N ILE A 780 -7.29 -44.53 -44.95
CA ILE A 780 -6.50 -44.15 -46.10
C ILE A 780 -6.00 -45.38 -46.85
N CYS A 781 -5.99 -45.28 -48.19
CA CYS A 781 -5.32 -46.27 -49.06
C CYS A 781 -3.81 -46.19 -48.90
N ALA A 782 -3.18 -47.33 -48.65
CA ALA A 782 -1.73 -47.42 -48.82
C ALA A 782 -1.39 -47.73 -50.29
N SER A 783 -2.34 -48.26 -51.04
CA SER A 783 -2.08 -48.83 -52.35
C SER A 783 -3.38 -48.89 -53.14
N PRO A 784 -3.30 -48.83 -54.46
CA PRO A 784 -2.04 -48.64 -55.20
C PRO A 784 -1.57 -47.17 -55.23
N GLY A 785 -0.47 -46.94 -55.96
CA GLY A 785 0.05 -45.61 -56.28
C GLY A 785 -0.96 -44.50 -56.56
N ASP A 786 -1.84 -44.69 -57.52
CA ASP A 786 -2.77 -43.61 -57.85
C ASP A 786 -3.76 -43.33 -56.70
N GLN A 787 -3.84 -44.24 -55.72
CA GLN A 787 -4.82 -44.11 -54.63
C GLN A 787 -4.19 -43.72 -53.30
N ARG A 788 -2.87 -43.84 -53.22
CA ARG A 788 -2.12 -43.74 -51.97
C ARG A 788 -2.28 -42.40 -51.31
N GLY A 789 -2.95 -42.37 -50.16
CA GLY A 789 -3.06 -41.15 -49.37
C GLY A 789 -4.48 -40.63 -49.38
N LYS A 790 -5.27 -41.13 -50.33
CA LYS A 790 -6.69 -40.78 -50.46
C LYS A 790 -7.49 -41.59 -49.47
N SER A 791 -8.60 -41.04 -49.00
CA SER A 791 -9.57 -41.79 -48.24
C SER A 791 -10.17 -42.94 -49.08
N ILE A 792 -10.31 -44.12 -48.48
CA ILE A 792 -10.95 -45.25 -49.16
C ILE A 792 -12.31 -44.86 -49.70
N VAL A 793 -12.89 -43.79 -49.18
CA VAL A 793 -14.20 -43.34 -49.62
C VAL A 793 -14.15 -42.58 -50.96
N SER A 794 -13.04 -41.94 -51.24
CA SER A 794 -12.99 -41.14 -52.41
C SER A 794 -12.43 -41.89 -53.60
N LEU A 795 -13.10 -42.98 -53.97
CA LEU A 795 -12.71 -43.81 -55.09
C LEU A 795 -13.90 -44.28 -55.89
N GLU A 796 -13.71 -44.52 -57.18
CA GLU A 796 -14.82 -44.98 -58.03
C GLU A 796 -14.64 -46.44 -58.38
N ARG B 10 30.84 -58.76 -49.78
CA ARG B 10 29.99 -58.21 -48.68
C ARG B 10 29.19 -59.33 -48.04
N SER B 11 29.57 -59.70 -46.83
CA SER B 11 28.92 -60.82 -46.14
C SER B 11 27.44 -60.62 -45.92
N TYR B 12 26.71 -61.73 -45.97
CA TYR B 12 25.29 -61.76 -45.70
C TYR B 12 24.92 -63.22 -45.36
N PRO B 13 24.20 -63.46 -44.27
CA PRO B 13 23.41 -62.46 -43.58
C PRO B 13 24.12 -61.89 -42.36
N CYS B 14 25.23 -62.50 -41.98
CA CYS B 14 26.01 -62.05 -40.83
C CYS B 14 26.88 -60.85 -41.19
N ASP B 15 27.35 -60.15 -40.15
CA ASP B 15 28.51 -59.26 -40.27
C ASP B 15 29.74 -60.01 -39.74
N GLU B 16 30.81 -60.02 -40.54
CA GLU B 16 32.03 -60.74 -40.22
C GLU B 16 33.15 -59.75 -39.94
N LYS B 17 34.07 -60.12 -39.05
CA LYS B 17 35.15 -59.20 -38.62
C LYS B 17 36.41 -59.95 -38.13
N VAL B 23 38.65 -64.42 -37.00
CA VAL B 23 37.43 -64.23 -37.79
C VAL B 23 36.13 -64.58 -37.05
N ILE B 24 35.26 -63.58 -36.92
CA ILE B 24 34.05 -63.66 -36.12
C ILE B 24 32.86 -63.28 -37.00
N ALA B 25 31.84 -64.13 -37.03
CA ALA B 25 30.59 -63.81 -37.70
C ALA B 25 29.50 -63.52 -36.67
N GLU B 26 29.12 -62.26 -36.58
CA GLU B 26 28.06 -61.85 -35.69
C GLU B 26 26.75 -61.96 -36.41
N CYS B 27 25.93 -62.95 -36.03
CA CYS B 27 24.77 -63.29 -36.82
C CYS B 27 23.52 -63.33 -35.94
N SER B 28 23.62 -62.72 -34.76
CA SER B 28 22.54 -62.82 -33.77
C SER B 28 21.35 -61.98 -34.11
N ASN B 29 20.20 -62.35 -33.56
CA ASN B 29 19.00 -61.54 -33.65
C ASN B 29 18.66 -61.01 -35.04
N ARG B 30 18.50 -61.91 -35.99
CA ARG B 30 18.23 -61.54 -37.40
C ARG B 30 17.08 -62.29 -38.03
N ARG B 31 16.20 -62.84 -37.20
CA ARG B 31 15.00 -63.55 -37.68
C ARG B 31 15.30 -64.77 -38.57
N LEU B 32 16.49 -65.33 -38.44
CA LEU B 32 16.92 -66.44 -39.28
C LEU B 32 16.13 -67.71 -38.91
N GLN B 33 15.60 -68.40 -39.91
CA GLN B 33 14.82 -69.60 -39.64
C GLN B 33 15.61 -70.87 -39.83
N GLU B 34 16.80 -70.75 -40.38
CA GLU B 34 17.72 -71.87 -40.41
C GLU B 34 19.16 -71.38 -40.34
N VAL B 35 20.09 -72.26 -40.00
CA VAL B 35 21.49 -71.91 -40.15
C VAL B 35 21.74 -71.53 -41.62
N PRO B 36 22.27 -70.31 -41.84
CA PRO B 36 22.45 -69.81 -43.21
C PRO B 36 23.60 -70.51 -43.92
N GLN B 37 23.49 -70.67 -45.23
CA GLN B 37 24.49 -71.43 -45.95
C GLN B 37 25.60 -70.54 -46.50
N THR B 38 25.48 -69.24 -46.25
CA THR B 38 26.32 -68.25 -46.94
C THR B 38 27.20 -67.58 -45.93
N VAL B 39 27.71 -68.37 -44.99
CA VAL B 39 28.63 -67.87 -44.02
C VAL B 39 30.05 -68.02 -44.55
N GLY B 40 30.90 -67.03 -44.30
CA GLY B 40 32.29 -67.11 -44.73
C GLY B 40 32.93 -68.42 -44.30
N LYS B 41 33.44 -69.17 -45.27
CA LYS B 41 34.00 -70.51 -44.99
C LYS B 41 35.18 -70.50 -43.99
N TYR B 42 35.73 -69.31 -43.76
CA TYR B 42 36.91 -69.10 -42.90
C TYR B 42 36.57 -68.66 -41.45
N VAL B 43 35.28 -68.55 -41.14
CA VAL B 43 34.82 -68.08 -39.83
C VAL B 43 35.28 -69.04 -38.73
N THR B 44 35.86 -68.50 -37.67
CA THR B 44 36.17 -69.28 -36.47
C THR B 44 35.13 -69.19 -35.34
N GLU B 45 34.34 -68.11 -35.30
CA GLU B 45 33.39 -67.91 -34.21
C GLU B 45 32.05 -67.43 -34.74
N LEU B 46 31.03 -68.25 -34.58
CA LEU B 46 29.73 -67.94 -35.16
C LEU B 46 28.66 -67.78 -34.06
N ASP B 47 28.08 -66.57 -34.02
CA ASP B 47 27.04 -66.20 -33.06
C ASP B 47 25.71 -66.15 -33.79
N LEU B 48 24.87 -67.13 -33.51
CA LEU B 48 23.59 -67.28 -34.13
C LEU B 48 22.48 -67.09 -33.10
N SER B 49 22.82 -66.55 -31.94
CA SER B 49 21.86 -66.44 -30.85
C SER B 49 20.65 -65.58 -31.22
N ASP B 50 19.50 -65.91 -30.62
CA ASP B 50 18.29 -65.10 -30.70
C ASP B 50 17.65 -65.12 -32.06
N ASN B 51 17.94 -66.16 -32.85
CA ASN B 51 17.27 -66.27 -34.15
C ASN B 51 16.06 -67.19 -34.02
N PHE B 52 15.42 -67.55 -35.13
CA PHE B 52 14.23 -68.40 -35.08
C PHE B 52 14.49 -69.85 -35.53
N ILE B 53 15.69 -70.35 -35.27
CA ILE B 53 16.11 -71.67 -35.77
C ILE B 53 15.48 -72.81 -34.97
N THR B 54 14.92 -73.79 -35.67
CA THR B 54 14.26 -74.94 -35.02
C THR B 54 14.95 -76.29 -35.16
N HIS B 55 15.77 -76.44 -36.19
CA HIS B 55 16.52 -77.69 -36.40
C HIS B 55 17.99 -77.42 -36.63
N ILE B 56 18.84 -78.22 -35.98
CA ILE B 56 20.24 -78.40 -36.39
C ILE B 56 20.48 -79.85 -36.83
N THR B 57 21.23 -80.01 -37.93
CA THR B 57 21.62 -81.33 -38.49
C THR B 57 23.12 -81.32 -38.80
N ASN B 58 23.69 -82.48 -39.12
CA ASN B 58 25.09 -82.50 -39.52
C ASN B 58 25.32 -81.86 -40.90
N GLU B 59 24.23 -81.50 -41.58
CA GLU B 59 24.27 -80.62 -42.76
C GLU B 59 24.38 -79.11 -42.42
N SER B 60 23.98 -78.72 -41.22
CA SER B 60 23.87 -77.28 -40.88
C SER B 60 25.18 -76.49 -41.08
N PHE B 61 26.31 -77.07 -40.66
CA PHE B 61 27.57 -76.34 -40.57
C PHE B 61 28.63 -76.86 -41.54
N GLN B 62 28.23 -77.68 -42.51
CA GLN B 62 29.17 -78.43 -43.33
C GLN B 62 30.28 -77.54 -43.87
N GLY B 63 29.90 -76.38 -44.39
CA GLY B 63 30.87 -75.45 -44.94
C GLY B 63 32.08 -75.29 -44.05
N LEU B 64 31.85 -75.29 -42.74
CA LEU B 64 32.70 -74.55 -41.82
C LEU B 64 33.42 -75.48 -40.86
N GLN B 65 34.73 -75.59 -41.03
CA GLN B 65 35.50 -76.58 -40.28
C GLN B 65 36.52 -75.95 -39.38
N ASN B 66 36.87 -74.70 -39.62
CA ASN B 66 37.65 -73.94 -38.65
C ASN B 66 36.78 -73.18 -37.66
N LEU B 67 35.53 -73.63 -37.49
CA LEU B 67 34.68 -73.13 -36.41
C LEU B 67 35.21 -73.64 -35.09
N THR B 68 35.57 -72.68 -34.25
CA THR B 68 36.05 -72.95 -32.91
C THR B 68 34.94 -72.73 -31.88
N LYS B 69 33.89 -71.99 -32.26
CA LYS B 69 32.89 -71.55 -31.32
C LYS B 69 31.54 -71.31 -31.97
N ILE B 70 30.50 -71.94 -31.45
CA ILE B 70 29.13 -71.66 -31.88
C ILE B 70 28.23 -71.22 -30.70
N ASN B 71 27.47 -70.16 -30.96
CA ASN B 71 26.44 -69.71 -30.05
C ASN B 71 25.08 -69.91 -30.69
N LEU B 72 24.27 -70.77 -30.09
CA LEU B 72 22.91 -70.93 -30.53
C LEU B 72 21.92 -70.56 -29.45
N ASN B 73 22.37 -69.79 -28.46
CA ASN B 73 21.48 -69.39 -27.36
C ASN B 73 20.14 -68.81 -27.86
N HIS B 74 19.08 -69.12 -27.11
CA HIS B 74 17.75 -68.56 -27.35
C HIS B 74 17.17 -68.84 -28.74
N ASN B 75 17.48 -69.97 -29.36
CA ASN B 75 16.69 -70.38 -30.52
C ASN B 75 15.74 -71.46 -30.09
N PRO B 76 14.54 -71.55 -30.71
CA PRO B 76 14.03 -70.50 -31.58
C PRO B 76 13.33 -69.46 -30.70
N ASN B 77 13.33 -68.21 -31.13
CA ASN B 77 13.10 -67.10 -30.22
C ASN B 77 11.72 -66.44 -30.39
N VAL B 78 10.69 -66.98 -29.73
CA VAL B 78 9.57 -66.15 -29.17
C VAL B 78 8.26 -66.89 -29.31
N ASN B 90 8.04 -75.25 -28.98
CA ASN B 90 8.96 -75.89 -29.93
C ASN B 90 10.39 -75.59 -29.53
N GLY B 91 11.14 -76.63 -29.16
CA GLY B 91 12.53 -76.44 -28.78
C GLY B 91 13.42 -76.25 -30.01
N LEU B 92 14.72 -76.24 -29.80
CA LEU B 92 15.63 -76.47 -30.89
C LEU B 92 15.85 -78.00 -31.02
N ASN B 93 15.35 -78.56 -32.13
CA ASN B 93 15.61 -79.95 -32.52
C ASN B 93 17.04 -80.20 -33.04
N ILE B 94 17.82 -80.97 -32.29
CA ILE B 94 19.21 -81.22 -32.64
C ILE B 94 19.47 -82.73 -32.82
N THR B 95 19.81 -83.15 -34.03
CA THR B 95 20.05 -84.57 -34.31
C THR B 95 21.34 -85.05 -33.64
N ASP B 96 21.43 -86.35 -33.40
CA ASP B 96 22.64 -86.95 -32.84
C ASP B 96 23.81 -86.78 -33.81
N GLY B 97 24.97 -86.42 -33.28
CA GLY B 97 26.14 -86.22 -34.13
C GLY B 97 26.02 -85.06 -35.09
N ALA B 98 25.01 -84.20 -34.89
CA ALA B 98 24.86 -83.03 -35.75
C ALA B 98 26.14 -82.22 -35.84
N PHE B 99 26.89 -82.19 -34.75
CA PHE B 99 28.07 -81.35 -34.61
C PHE B 99 29.37 -82.13 -34.80
N LEU B 100 29.24 -83.41 -35.11
CA LEU B 100 30.34 -84.37 -34.96
C LEU B 100 31.50 -84.10 -35.93
N ASN B 101 31.21 -83.64 -37.14
CA ASN B 101 32.24 -83.31 -38.12
C ASN B 101 32.81 -81.91 -37.91
N LEU B 102 32.84 -81.44 -36.66
CA LEU B 102 33.47 -80.16 -36.38
C LEU B 102 34.66 -80.35 -35.48
N LYS B 103 35.83 -80.43 -36.09
CA LYS B 103 37.00 -81.01 -35.47
C LYS B 103 37.71 -80.01 -34.58
N ASN B 104 37.51 -78.71 -34.85
CA ASN B 104 38.08 -77.67 -34.00
C ASN B 104 37.12 -77.01 -33.00
N LEU B 105 35.85 -77.41 -32.99
CA LEU B 105 34.86 -76.80 -32.09
C LEU B 105 35.26 -76.96 -30.60
N ARG B 106 35.54 -75.84 -29.94
CA ARG B 106 35.96 -75.83 -28.53
C ARG B 106 34.77 -75.53 -27.58
N GLU B 107 33.90 -74.64 -28.04
CA GLU B 107 32.96 -73.94 -27.19
C GLU B 107 31.61 -73.95 -27.87
N LEU B 108 30.61 -74.54 -27.21
CA LEU B 108 29.26 -74.64 -27.74
C LEU B 108 28.23 -74.11 -26.75
N LEU B 109 27.48 -73.10 -27.16
CA LEU B 109 26.48 -72.48 -26.29
C LEU B 109 25.06 -72.82 -26.75
N LEU B 110 24.33 -73.51 -25.88
CA LEU B 110 23.02 -73.98 -26.21
C LEU B 110 22.10 -73.64 -25.02
N GLU B 111 22.16 -72.38 -24.61
CA GLU B 111 21.30 -71.88 -23.53
C GLU B 111 19.90 -71.63 -24.03
N ASP B 112 18.93 -71.92 -23.17
CA ASP B 112 17.58 -71.42 -23.35
C ASP B 112 16.95 -71.95 -24.65
N ASN B 113 17.10 -73.25 -24.90
CA ASN B 113 16.64 -73.86 -26.16
C ASN B 113 15.54 -74.90 -25.94
N GLN B 114 15.02 -74.99 -24.71
CA GLN B 114 14.03 -76.01 -24.32
C GLN B 114 14.47 -77.46 -24.62
N LEU B 115 15.76 -77.73 -24.48
CA LEU B 115 16.27 -79.02 -24.79
C LEU B 115 15.82 -80.03 -23.74
N PRO B 116 15.27 -81.17 -24.20
CA PRO B 116 14.78 -82.22 -23.30
C PRO B 116 15.87 -83.18 -22.86
N GLN B 117 17.01 -83.13 -23.56
CA GLN B 117 18.11 -84.04 -23.27
C GLN B 117 19.42 -83.36 -23.59
N ILE B 118 20.51 -83.75 -22.94
CA ILE B 118 21.80 -83.42 -23.50
C ILE B 118 21.88 -84.06 -24.87
N PRO B 119 22.30 -83.30 -25.89
CA PRO B 119 22.28 -83.88 -27.24
C PRO B 119 23.34 -84.96 -27.43
N SER B 120 22.99 -85.98 -28.21
CA SER B 120 23.89 -87.10 -28.49
C SER B 120 24.90 -86.76 -29.59
N GLY B 121 26.14 -87.23 -29.44
CA GLY B 121 27.13 -87.09 -30.51
C GLY B 121 27.91 -85.79 -30.48
N LEU B 122 28.19 -85.30 -29.28
CA LEU B 122 28.96 -84.09 -29.16
C LEU B 122 30.43 -84.38 -29.44
N PRO B 123 31.09 -83.49 -30.20
CA PRO B 123 32.48 -83.70 -30.57
C PRO B 123 33.37 -83.61 -29.36
N GLU B 124 34.47 -84.34 -29.43
CA GLU B 124 35.26 -84.63 -28.26
C GLU B 124 36.29 -83.53 -28.11
N SER B 125 36.33 -82.64 -29.07
CA SER B 125 37.13 -81.42 -28.96
C SER B 125 36.62 -80.40 -27.90
N LEU B 126 35.32 -80.43 -27.60
CA LEU B 126 34.71 -79.43 -26.70
C LEU B 126 35.47 -79.22 -25.40
N THR B 127 35.87 -77.97 -25.13
CA THR B 127 36.38 -77.57 -23.82
C THR B 127 35.35 -76.76 -23.02
N GLU B 128 34.30 -76.31 -23.69
CA GLU B 128 33.27 -75.53 -23.03
C GLU B 128 31.88 -75.83 -23.60
N LEU B 129 30.98 -76.24 -22.71
CA LEU B 129 29.60 -76.56 -23.07
C LEU B 129 28.62 -75.84 -22.11
N SER B 130 27.66 -75.07 -22.65
CA SER B 130 26.63 -74.42 -21.82
C SER B 130 25.26 -74.90 -22.21
N LEU B 131 24.57 -75.51 -21.25
CA LEU B 131 23.21 -76.00 -21.44
C LEU B 131 22.26 -75.35 -20.39
N ILE B 132 22.69 -74.20 -19.89
CA ILE B 132 21.89 -73.41 -18.97
C ILE B 132 20.50 -73.21 -19.50
N GLN B 133 19.52 -73.28 -18.60
CA GLN B 133 18.13 -72.91 -18.96
C GLN B 133 17.50 -73.78 -20.04
N ASN B 134 17.56 -75.10 -19.85
CA ASN B 134 16.85 -76.03 -20.72
C ASN B 134 15.87 -76.90 -19.93
N ASN B 135 15.42 -78.00 -20.51
CA ASN B 135 14.57 -78.93 -19.76
C ASN B 135 15.24 -80.30 -19.58
N ILE B 136 16.46 -80.29 -19.04
CA ILE B 136 17.29 -81.49 -18.87
C ILE B 136 17.39 -81.95 -17.42
N TYR B 137 16.90 -83.16 -17.17
CA TYR B 137 16.75 -83.70 -15.81
C TYR B 137 17.56 -84.98 -15.64
N ASN B 138 18.28 -85.34 -16.70
CA ASN B 138 18.99 -86.59 -16.80
C ASN B 138 20.41 -86.28 -17.22
N ILE B 139 21.39 -86.45 -16.34
CA ILE B 139 22.77 -86.23 -16.75
C ILE B 139 23.51 -87.57 -16.89
N THR B 140 23.79 -87.97 -18.12
CA THR B 140 24.18 -89.35 -18.44
C THR B 140 25.56 -89.46 -19.08
N LYS B 141 26.24 -90.58 -18.82
CA LYS B 141 27.52 -90.90 -19.47
C LYS B 141 27.42 -90.75 -20.98
N GLU B 142 26.29 -91.14 -21.54
CA GLU B 142 26.11 -91.08 -22.97
C GLU B 142 26.22 -89.65 -23.56
N GLY B 143 25.78 -88.64 -22.81
CA GLY B 143 25.90 -87.25 -23.27
C GLY B 143 27.28 -86.66 -23.03
N ILE B 144 27.93 -87.10 -21.96
CA ILE B 144 28.95 -86.28 -21.33
C ILE B 144 30.29 -87.01 -21.17
N SER B 145 30.25 -88.31 -20.90
CA SER B 145 31.45 -89.00 -20.42
C SER B 145 32.52 -89.10 -21.50
N ARG B 146 32.08 -88.97 -22.75
CA ARG B 146 32.92 -88.95 -23.93
C ARG B 146 33.66 -87.62 -24.16
N LEU B 147 33.21 -86.55 -23.49
CA LEU B 147 33.77 -85.21 -23.73
C LEU B 147 34.95 -84.93 -22.80
N ILE B 148 36.12 -85.41 -23.22
CA ILE B 148 37.27 -85.63 -22.33
C ILE B 148 38.11 -84.37 -22.14
N ASN B 149 37.94 -83.40 -23.04
CA ASN B 149 38.66 -82.16 -22.91
C ASN B 149 37.89 -81.02 -22.20
N LEU B 150 36.66 -81.29 -21.74
CA LEU B 150 35.82 -80.26 -21.11
C LEU B 150 36.53 -79.60 -19.97
N LYS B 151 36.69 -78.29 -20.07
CA LYS B 151 37.14 -77.44 -18.96
C LYS B 151 35.94 -76.96 -18.14
N ASN B 152 34.95 -76.42 -18.85
CA ASN B 152 33.83 -75.73 -18.26
C ASN B 152 32.54 -76.37 -18.70
N LEU B 153 31.72 -76.77 -17.74
CA LEU B 153 30.44 -77.39 -18.04
C LEU B 153 29.32 -76.69 -17.21
N TYR B 154 28.32 -76.18 -17.92
CA TYR B 154 27.28 -75.35 -17.34
C TYR B 154 25.97 -76.08 -17.49
N LEU B 155 25.39 -76.51 -16.37
CA LEU B 155 24.10 -77.16 -16.39
C LEU B 155 22.98 -76.49 -15.59
N ALA B 156 23.15 -75.20 -15.26
CA ALA B 156 22.31 -74.55 -14.24
C ALA B 156 20.93 -74.25 -14.79
N TRP B 157 19.98 -74.05 -13.88
CA TRP B 157 18.65 -73.51 -14.23
C TRP B 157 17.91 -74.40 -15.21
N ASN B 158 17.89 -75.71 -14.93
CA ASN B 158 16.97 -76.62 -15.64
C ASN B 158 15.71 -77.04 -14.86
N CYS B 159 15.78 -77.02 -13.53
CA CYS B 159 14.62 -77.29 -12.69
C CYS B 159 14.65 -76.50 -11.37
N TYR B 160 13.72 -75.57 -11.23
CA TYR B 160 13.82 -74.62 -10.15
C TYR B 160 12.46 -73.95 -9.93
N PHE B 161 12.27 -73.33 -8.77
CA PHE B 161 11.05 -72.59 -8.47
C PHE B 161 9.83 -73.46 -8.74
N ASN B 162 8.74 -72.89 -9.27
CA ASN B 162 7.56 -73.70 -9.58
C ASN B 162 7.53 -74.14 -11.01
N LYS B 163 8.67 -74.16 -11.69
CA LYS B 163 8.73 -74.80 -13.01
C LYS B 163 8.26 -76.26 -12.93
N VAL B 164 7.55 -76.70 -13.96
CA VAL B 164 7.17 -78.11 -14.08
C VAL B 164 8.32 -78.92 -14.64
N CYS B 165 8.95 -79.71 -13.79
CA CYS B 165 10.24 -80.31 -14.10
C CYS B 165 10.48 -81.51 -13.19
N GLU B 166 11.46 -82.34 -13.54
CA GLU B 166 11.76 -83.56 -12.78
C GLU B 166 13.03 -83.39 -11.95
N LYS B 167 13.07 -84.06 -10.80
CA LYS B 167 14.30 -84.14 -10.00
C LYS B 167 15.45 -84.59 -10.88
N THR B 168 16.66 -84.19 -10.54
CA THR B 168 17.72 -84.31 -11.51
C THR B 168 18.48 -85.61 -11.26
N ASN B 169 18.42 -86.48 -12.25
CA ASN B 169 19.10 -87.75 -12.19
C ASN B 169 20.53 -87.60 -12.69
N ILE B 170 21.50 -87.79 -11.79
CA ILE B 170 22.93 -87.71 -12.15
C ILE B 170 23.56 -89.11 -12.22
N GLU B 171 23.79 -89.60 -13.42
CA GLU B 171 24.35 -90.94 -13.58
C GLU B 171 25.68 -91.15 -12.83
N ASP B 172 25.67 -92.14 -11.94
CA ASP B 172 26.80 -92.40 -11.06
C ASP B 172 28.08 -92.35 -11.87
N GLY B 173 29.06 -91.60 -11.35
CA GLY B 173 30.35 -91.41 -12.02
C GLY B 173 30.26 -90.85 -13.42
N VAL B 174 29.29 -89.98 -13.67
CA VAL B 174 29.19 -89.35 -15.00
C VAL B 174 30.32 -88.34 -15.28
N PHE B 175 30.93 -87.78 -14.24
CA PHE B 175 31.99 -86.77 -14.40
C PHE B 175 33.38 -87.31 -14.13
N GLU B 176 33.45 -88.57 -13.70
CA GLU B 176 34.71 -89.24 -13.35
C GLU B 176 35.72 -89.13 -14.48
N THR B 177 35.24 -89.23 -15.73
CA THR B 177 36.13 -89.26 -16.90
C THR B 177 36.63 -87.88 -17.35
N LEU B 178 35.91 -86.82 -16.99
CA LEU B 178 36.25 -85.44 -17.35
C LEU B 178 37.44 -84.94 -16.52
N THR B 179 38.63 -85.38 -16.87
CA THR B 179 39.76 -85.21 -15.98
C THR B 179 40.47 -83.92 -16.25
N ASN B 180 40.02 -83.16 -17.25
CA ASN B 180 40.44 -81.76 -17.37
C ASN B 180 39.41 -80.75 -16.76
N LEU B 181 38.28 -81.24 -16.26
CA LEU B 181 37.19 -80.32 -15.90
C LEU B 181 37.57 -79.41 -14.73
N GLU B 182 37.42 -78.10 -14.94
CA GLU B 182 37.79 -77.10 -13.93
C GLU B 182 36.58 -76.39 -13.30
N LEU B 183 35.49 -76.27 -14.05
CA LEU B 183 34.30 -75.58 -13.58
C LEU B 183 33.09 -76.44 -13.87
N LEU B 184 32.31 -76.73 -12.83
CA LEU B 184 31.04 -77.46 -13.01
C LEU B 184 29.92 -76.69 -12.29
N SER B 185 28.89 -76.32 -13.03
CA SER B 185 27.78 -75.57 -12.43
C SER B 185 26.49 -76.35 -12.60
N LEU B 186 25.92 -76.71 -11.46
CA LEU B 186 24.67 -77.47 -11.43
C LEU B 186 23.54 -76.73 -10.69
N SER B 187 23.75 -75.42 -10.50
CA SER B 187 22.88 -74.61 -9.63
C SER B 187 21.46 -74.56 -10.18
N PHE B 188 20.49 -74.40 -9.28
CA PHE B 188 19.08 -74.28 -9.72
C PHE B 188 18.63 -75.54 -10.49
N ASN B 189 18.90 -76.68 -9.86
CA ASN B 189 18.30 -77.93 -10.21
C ASN B 189 18.04 -78.68 -8.91
N SER B 190 17.08 -79.57 -8.90
CA SER B 190 16.89 -80.40 -7.71
C SER B 190 17.85 -81.59 -7.72
N LEU B 191 18.84 -81.58 -6.85
CA LEU B 191 19.84 -82.63 -6.79
C LEU B 191 19.78 -83.47 -5.51
N SER B 192 19.54 -82.82 -4.38
CA SER B 192 19.41 -83.46 -3.05
C SER B 192 20.72 -83.89 -2.45
N HIS B 193 21.65 -84.36 -3.26
CA HIS B 193 22.98 -84.74 -2.79
C HIS B 193 24.09 -84.19 -3.67
N VAL B 194 25.23 -83.89 -3.07
CA VAL B 194 26.41 -83.57 -3.88
C VAL B 194 26.65 -84.84 -4.70
N PRO B 195 26.85 -84.71 -6.00
CA PRO B 195 27.20 -85.93 -6.74
C PRO B 195 28.63 -86.44 -6.42
N PRO B 196 28.78 -87.76 -6.18
CA PRO B 196 30.12 -88.27 -5.91
C PRO B 196 30.92 -88.47 -7.18
N LYS B 197 32.20 -88.75 -7.02
CA LYS B 197 33.08 -89.07 -8.14
C LYS B 197 33.17 -87.90 -9.11
N LEU B 198 33.64 -86.79 -8.56
CA LEU B 198 33.97 -85.63 -9.35
C LEU B 198 35.48 -85.65 -9.57
N PRO B 199 35.92 -85.18 -10.71
CA PRO B 199 37.35 -85.08 -10.95
C PRO B 199 38.06 -84.12 -10.00
N SER B 200 39.28 -84.48 -9.62
CA SER B 200 40.06 -83.65 -8.72
C SER B 200 40.76 -82.54 -9.49
N SER B 201 40.51 -82.48 -10.80
CA SER B 201 40.84 -81.30 -11.59
C SER B 201 39.91 -80.08 -11.34
N LEU B 202 38.81 -80.24 -10.61
CA LEU B 202 37.88 -79.11 -10.36
C LEU B 202 38.49 -77.95 -9.60
N ARG B 203 38.21 -76.76 -10.12
CA ARG B 203 38.53 -75.52 -9.41
C ARG B 203 37.29 -74.83 -8.80
N LYS B 204 36.19 -74.88 -9.53
CA LYS B 204 34.98 -74.17 -9.18
C LYS B 204 33.80 -75.10 -9.24
N LEU B 205 33.13 -75.27 -8.12
CA LEU B 205 31.93 -76.12 -8.04
C LEU B 205 30.76 -75.28 -7.57
N PHE B 206 29.76 -75.13 -8.44
CA PHE B 206 28.59 -74.30 -8.16
C PHE B 206 27.38 -75.20 -7.86
N LEU B 207 26.93 -75.24 -6.60
CA LEU B 207 25.76 -76.05 -6.28
C LEU B 207 24.68 -75.25 -5.53
N SER B 208 24.39 -74.06 -6.03
CA SER B 208 23.41 -73.16 -5.38
C SER B 208 22.02 -73.63 -5.63
N ASN B 209 21.15 -73.49 -4.63
CA ASN B 209 19.73 -73.78 -4.87
C ASN B 209 19.53 -75.19 -5.46
N THR B 210 20.15 -76.19 -4.84
CA THR B 210 20.06 -77.56 -5.33
C THR B 210 19.32 -78.49 -4.37
N GLN B 211 18.74 -77.92 -3.32
CA GLN B 211 17.99 -78.69 -2.34
C GLN B 211 18.87 -79.72 -1.66
N ILE B 212 20.12 -79.36 -1.38
CA ILE B 212 21.04 -80.22 -0.66
C ILE B 212 21.16 -79.86 0.82
N LYS B 213 20.59 -80.67 1.71
CA LYS B 213 20.43 -80.22 3.09
C LYS B 213 21.63 -80.63 3.91
N TYR B 214 22.41 -81.56 3.39
CA TYR B 214 23.48 -82.15 4.17
C TYR B 214 24.78 -82.18 3.42
N ILE B 215 25.84 -81.70 4.07
CA ILE B 215 27.16 -81.76 3.50
C ILE B 215 28.07 -82.66 4.34
N SER B 216 28.35 -83.84 3.80
CA SER B 216 29.04 -84.89 4.54
C SER B 216 30.55 -84.75 4.38
N GLU B 217 31.28 -85.47 5.23
CA GLU B 217 32.74 -85.43 5.22
C GLU B 217 33.32 -85.95 3.90
N GLU B 218 32.53 -86.73 3.18
CA GLU B 218 32.95 -87.37 1.92
C GLU B 218 32.70 -86.54 0.67
N ASP B 219 31.88 -85.50 0.77
CA ASP B 219 31.29 -84.91 -0.42
C ASP B 219 32.32 -84.21 -1.32
N PHE B 220 33.37 -83.70 -0.73
CA PHE B 220 34.37 -82.99 -1.53
C PHE B 220 35.72 -83.73 -1.48
N LYS B 221 35.61 -85.05 -1.48
CA LYS B 221 36.72 -85.97 -1.27
C LYS B 221 37.94 -85.62 -2.11
N GLY B 222 37.87 -85.84 -3.41
CA GLY B 222 39.04 -85.70 -4.28
C GLY B 222 39.51 -84.28 -4.52
N LEU B 223 38.75 -83.30 -4.06
CA LEU B 223 38.76 -81.98 -4.68
C LEU B 223 39.78 -81.05 -4.04
N ILE B 224 41.03 -81.50 -3.96
CA ILE B 224 42.06 -80.74 -3.27
C ILE B 224 42.48 -79.47 -4.01
N ASN B 225 42.12 -79.33 -5.29
CA ASN B 225 42.42 -78.08 -5.99
C ASN B 225 41.28 -77.05 -6.08
N LEU B 226 40.18 -77.29 -5.38
CA LEU B 226 39.02 -76.37 -5.48
C LEU B 226 39.41 -75.02 -4.96
N THR B 227 39.08 -73.99 -5.72
CA THR B 227 39.27 -72.60 -5.26
C THR B 227 37.91 -71.85 -5.01
N LEU B 228 36.83 -72.33 -5.64
CA LEU B 228 35.49 -71.83 -5.35
C LEU B 228 34.47 -72.92 -5.03
N LEU B 229 33.64 -72.65 -4.02
CA LEU B 229 32.49 -73.50 -3.67
C LEU B 229 31.25 -72.64 -3.38
N ASP B 230 30.19 -72.88 -4.15
CA ASP B 230 28.90 -72.21 -4.00
C ASP B 230 27.83 -73.20 -3.47
N LEU B 231 27.49 -73.06 -2.20
CA LEU B 231 26.48 -73.91 -1.56
C LEU B 231 25.27 -73.03 -1.19
N SER B 232 25.17 -71.87 -1.82
CA SER B 232 24.12 -70.91 -1.49
C SER B 232 22.73 -71.48 -1.77
N GLY B 233 21.75 -71.05 -0.98
CA GLY B 233 20.35 -71.31 -1.32
C GLY B 233 19.90 -72.72 -0.98
N ASN B 234 20.70 -73.45 -0.21
CA ASN B 234 20.33 -74.81 0.24
C ASN B 234 19.95 -74.69 1.69
N CYS B 235 18.69 -75.06 2.02
CA CYS B 235 18.04 -74.58 3.25
C CYS B 235 17.92 -73.04 3.27
N PRO B 236 17.23 -72.50 2.28
CA PRO B 236 17.13 -71.06 2.17
C PRO B 236 16.45 -70.34 3.33
N ARG B 237 16.76 -69.06 3.51
CA ARG B 237 15.98 -68.17 4.35
C ARG B 237 14.88 -67.65 3.47
N CYS B 238 13.62 -68.04 3.73
CA CYS B 238 12.53 -67.74 2.83
C CYS B 238 11.67 -66.53 3.19
N PHE B 239 11.89 -65.91 4.34
CA PHE B 239 11.06 -64.75 4.68
C PHE B 239 11.27 -63.66 3.61
N ASN B 240 10.18 -63.22 2.99
CA ASN B 240 10.18 -62.14 2.01
C ASN B 240 10.96 -62.45 0.75
N ALA B 241 11.00 -63.72 0.39
CA ALA B 241 11.66 -64.14 -0.82
C ALA B 241 11.01 -63.57 -2.06
N PRO B 242 11.83 -63.12 -3.04
CA PRO B 242 11.34 -62.68 -4.34
C PRO B 242 11.28 -63.83 -5.32
N PHE B 243 11.15 -65.05 -4.80
CA PHE B 243 10.96 -66.20 -5.63
C PHE B 243 10.28 -67.27 -4.76
N PRO B 244 9.69 -68.29 -5.40
CA PRO B 244 9.13 -69.45 -4.71
C PRO B 244 10.20 -70.20 -3.94
N CYS B 245 10.06 -70.22 -2.62
CA CYS B 245 11.13 -70.62 -1.74
C CYS B 245 10.54 -71.66 -0.80
N VAL B 246 11.24 -72.79 -0.66
CA VAL B 246 10.88 -73.90 0.21
C VAL B 246 11.97 -74.08 1.26
N PRO B 247 11.69 -73.71 2.52
CA PRO B 247 12.69 -73.90 3.58
C PRO B 247 12.94 -75.40 3.94
N CYS B 248 14.07 -75.71 4.54
CA CYS B 248 14.28 -77.03 5.12
C CYS B 248 13.31 -77.18 6.31
N ASP B 249 13.06 -78.41 6.73
CA ASP B 249 12.07 -78.68 7.79
C ASP B 249 12.29 -77.85 9.02
N GLY B 250 11.26 -77.12 9.40
CA GLY B 250 11.35 -76.16 10.50
C GLY B 250 12.32 -75.02 10.25
N GLY B 251 12.54 -74.68 8.98
CA GLY B 251 13.63 -73.75 8.59
C GLY B 251 15.00 -74.00 9.21
N ALA B 252 15.34 -75.27 9.45
CA ALA B 252 16.68 -75.66 9.88
C ALA B 252 17.77 -75.10 8.96
N SER B 253 18.98 -74.93 9.52
CA SER B 253 20.15 -74.52 8.74
C SER B 253 20.62 -75.68 7.89
N ILE B 254 21.41 -75.39 6.87
CA ILE B 254 22.09 -76.44 6.12
C ILE B 254 22.95 -77.21 7.11
N ASN B 255 23.14 -78.49 6.86
CA ASN B 255 23.91 -79.30 7.82
C ASN B 255 25.26 -79.68 7.25
N ILE B 256 26.30 -79.08 7.80
CA ILE B 256 27.63 -79.20 7.24
C ILE B 256 28.46 -79.96 8.25
N ASP B 257 29.04 -81.05 7.82
CA ASP B 257 29.87 -81.82 8.74
C ASP B 257 31.11 -81.09 9.21
N ARG B 258 31.41 -81.24 10.47
CA ARG B 258 32.63 -80.70 11.05
C ARG B 258 33.86 -80.75 10.15
N PHE B 259 34.01 -81.82 9.38
CA PHE B 259 35.24 -82.10 8.66
C PHE B 259 35.00 -82.01 7.15
N ALA B 260 33.86 -81.49 6.77
CA ALA B 260 33.52 -81.38 5.37
C ALA B 260 34.49 -80.51 4.49
N PHE B 261 35.21 -79.57 5.13
CA PHE B 261 36.10 -78.65 4.37
C PHE B 261 37.58 -78.91 4.66
N GLN B 262 37.80 -79.85 5.57
CA GLN B 262 39.09 -80.45 5.90
C GLN B 262 40.20 -80.36 4.84
N ASN B 263 39.92 -80.84 3.62
CA ASN B 263 40.92 -80.97 2.57
C ASN B 263 40.69 -79.99 1.40
N LEU B 264 40.04 -78.86 1.72
CA LEU B 264 39.74 -77.80 0.75
C LEU B 264 40.70 -76.66 1.05
N THR B 265 41.97 -76.97 0.86
CA THR B 265 43.08 -76.17 1.35
C THR B 265 43.32 -74.95 0.45
N GLN B 266 42.91 -75.07 -0.81
CA GLN B 266 43.10 -73.99 -1.79
C GLN B 266 41.88 -73.03 -1.86
N LEU B 267 40.83 -73.26 -1.07
CA LEU B 267 39.61 -72.47 -1.26
C LEU B 267 39.91 -71.00 -1.18
N ARG B 268 39.45 -70.26 -2.20
CA ARG B 268 39.50 -68.78 -2.18
C ARG B 268 38.11 -68.15 -2.02
N TYR B 269 37.08 -68.83 -2.50
CA TYR B 269 35.73 -68.26 -2.59
C TYR B 269 34.71 -69.28 -2.04
N LEU B 270 33.97 -68.87 -1.01
CA LEU B 270 32.94 -69.72 -0.41
C LEU B 270 31.66 -68.94 -0.28
N ASN B 271 30.62 -69.42 -0.97
CA ASN B 271 29.31 -68.83 -0.93
C ASN B 271 28.29 -69.69 -0.15
N LEU B 272 27.95 -69.28 1.07
CA LEU B 272 26.98 -69.96 1.92
C LEU B 272 25.78 -69.02 2.23
N SER B 273 25.50 -68.13 1.27
CA SER B 273 24.36 -67.24 1.41
C SER B 273 23.03 -68.04 1.50
N SER B 274 22.09 -67.59 2.31
CA SER B 274 20.78 -68.24 2.33
C SER B 274 20.93 -69.77 2.51
N THR B 275 21.61 -70.15 3.58
CA THR B 275 21.60 -71.54 4.01
C THR B 275 21.03 -71.64 5.44
N SER B 276 20.42 -70.54 5.89
CA SER B 276 19.75 -70.43 7.18
C SER B 276 20.66 -70.73 8.32
N LEU B 277 21.95 -70.42 8.15
CA LEU B 277 22.89 -70.50 9.25
C LEU B 277 22.57 -69.62 10.46
N ARG B 278 22.68 -70.19 11.66
CA ARG B 278 22.71 -69.37 12.87
C ARG B 278 24.02 -69.50 13.60
N LYS B 279 24.77 -70.56 13.29
CA LYS B 279 25.95 -70.89 14.06
C LYS B 279 26.99 -71.21 13.00
N ILE B 280 28.17 -70.60 13.11
CA ILE B 280 29.25 -70.89 12.19
C ILE B 280 30.33 -71.59 13.01
N ASN B 281 30.76 -72.75 12.54
CA ASN B 281 31.85 -73.47 13.22
C ASN B 281 33.22 -72.94 12.74
N ALA B 282 33.92 -72.23 13.61
CA ALA B 282 35.21 -71.68 13.30
C ALA B 282 36.10 -72.70 12.65
N ALA B 283 36.00 -73.93 13.11
CA ALA B 283 36.88 -74.99 12.62
C ALA B 283 36.61 -75.33 11.16
N TRP B 284 35.55 -74.80 10.59
CA TRP B 284 35.33 -75.02 9.17
C TRP B 284 36.41 -74.31 8.34
N PHE B 285 37.05 -73.29 8.90
CA PHE B 285 37.95 -72.43 8.14
C PHE B 285 39.45 -72.74 8.43
N LYS B 286 39.64 -73.77 9.25
CA LYS B 286 40.90 -74.05 9.89
C LYS B 286 42.01 -74.25 8.86
N ASN B 287 41.69 -75.00 7.82
CA ASN B 287 42.66 -75.44 6.82
C ASN B 287 42.49 -74.71 5.48
N MET B 288 41.99 -73.48 5.56
CA MET B 288 41.54 -72.70 4.42
C MET B 288 42.16 -71.32 4.59
N PRO B 289 43.44 -71.25 4.94
CA PRO B 289 43.92 -69.94 5.34
C PRO B 289 44.15 -68.95 4.15
N HIS B 290 43.84 -69.38 2.93
CA HIS B 290 43.83 -68.47 1.77
C HIS B 290 42.43 -67.97 1.33
N LEU B 291 41.40 -68.23 2.16
CA LEU B 291 40.05 -67.78 1.81
C LEU B 291 40.05 -66.25 1.70
N LYS B 292 39.54 -65.79 0.57
CA LYS B 292 39.55 -64.37 0.19
C LYS B 292 38.14 -63.76 0.26
N VAL B 293 37.14 -64.52 -0.20
CA VAL B 293 35.75 -64.04 -0.35
C VAL B 293 34.77 -64.99 0.34
N LEU B 294 34.02 -64.45 1.30
CA LEU B 294 33.09 -65.21 2.12
C LEU B 294 31.75 -64.50 2.08
N ASP B 295 30.78 -65.16 1.47
CA ASP B 295 29.43 -64.65 1.31
C ASP B 295 28.46 -65.36 2.28
N LEU B 296 27.92 -64.60 3.22
CA LEU B 296 27.02 -65.15 4.24
C LEU B 296 25.73 -64.33 4.30
N GLU B 297 25.25 -63.88 3.15
CA GLU B 297 24.06 -63.04 3.10
C GLU B 297 22.86 -63.90 3.38
N PHE B 298 21.77 -63.27 3.82
CA PHE B 298 20.48 -63.96 3.91
C PHE B 298 20.58 -65.22 4.81
N ASN B 299 21.26 -65.05 5.93
CA ASN B 299 21.23 -66.05 7.03
C ASN B 299 20.60 -65.47 8.29
N TYR B 300 20.94 -66.03 9.46
CA TYR B 300 20.44 -65.54 10.69
C TYR B 300 21.60 -65.33 11.63
N LEU B 301 22.48 -64.42 11.24
CA LEU B 301 23.80 -64.38 11.82
C LEU B 301 24.00 -63.21 12.72
N VAL B 302 22.91 -62.63 13.22
CA VAL B 302 23.05 -61.50 14.15
C VAL B 302 23.86 -61.85 15.41
N GLY B 303 23.60 -63.01 15.98
CA GLY B 303 24.37 -63.47 17.13
C GLY B 303 25.84 -63.77 16.81
N GLU B 304 26.08 -64.44 15.70
CA GLU B 304 27.46 -64.66 15.24
C GLU B 304 28.21 -63.38 14.94
N ILE B 305 27.52 -62.36 14.43
CA ILE B 305 28.20 -61.12 14.10
C ILE B 305 28.67 -60.45 15.40
N ALA B 306 27.84 -60.59 16.42
CA ALA B 306 28.13 -60.06 17.76
C ALA B 306 29.25 -60.86 18.50
N SER B 307 29.39 -62.13 18.20
CA SER B 307 30.25 -62.96 19.05
C SER B 307 31.33 -63.58 18.17
N GLY B 308 30.91 -64.49 17.30
CA GLY B 308 31.69 -64.86 16.12
C GLY B 308 33.14 -65.32 16.32
N ALA B 309 33.32 -66.54 16.80
CA ALA B 309 34.68 -67.11 16.89
C ALA B 309 35.32 -67.26 15.50
N PHE B 310 34.52 -67.62 14.49
CA PHE B 310 34.98 -67.80 13.10
C PHE B 310 35.72 -66.61 12.50
N LEU B 311 35.49 -65.42 13.04
CA LEU B 311 36.06 -64.19 12.49
C LEU B 311 37.55 -64.14 12.76
N THR B 312 37.98 -65.09 13.58
CA THR B 312 39.33 -65.20 14.09
C THR B 312 40.14 -66.16 13.20
N MET B 313 39.45 -66.88 12.34
CA MET B 313 40.06 -67.81 11.42
C MET B 313 40.19 -67.32 9.98
N LEU B 314 40.20 -66.01 9.76
CA LEU B 314 40.14 -65.50 8.39
C LEU B 314 41.24 -64.49 8.10
N PRO B 315 42.50 -64.91 8.27
CA PRO B 315 43.60 -63.96 8.20
C PRO B 315 43.78 -63.30 6.83
N ARG B 316 43.39 -63.98 5.76
CA ARG B 316 43.55 -63.46 4.43
C ARG B 316 42.24 -63.02 3.73
N LEU B 317 41.14 -62.92 4.48
CA LEU B 317 39.86 -62.63 3.84
C LEU B 317 39.83 -61.17 3.41
N GLU B 318 39.43 -60.95 2.16
CA GLU B 318 39.36 -59.59 1.61
C GLU B 318 37.94 -59.01 1.51
N ILE B 319 36.98 -59.89 1.22
CA ILE B 319 35.58 -59.52 1.09
C ILE B 319 34.71 -60.37 2.03
N LEU B 320 34.06 -59.70 2.98
CA LEU B 320 33.05 -60.32 3.82
C LEU B 320 31.65 -59.70 3.58
N ASP B 321 30.70 -60.53 3.12
CA ASP B 321 29.32 -60.08 2.93
C ASP B 321 28.34 -60.74 3.91
N LEU B 322 27.91 -59.95 4.90
CA LEU B 322 26.99 -60.40 5.94
C LEU B 322 25.59 -59.67 5.76
N SER B 323 25.24 -59.33 4.53
CA SER B 323 24.02 -58.57 4.26
C SER B 323 22.73 -59.37 4.50
N PHE B 324 21.67 -58.65 4.85
CA PHE B 324 20.35 -59.25 5.01
C PHE B 324 20.34 -60.46 5.96
N ASN B 325 20.88 -60.23 7.12
CA ASN B 325 20.76 -61.14 8.23
C ASN B 325 19.76 -60.63 9.28
N TYR B 326 19.02 -59.57 8.95
CA TYR B 326 18.10 -59.00 9.94
C TYR B 326 17.16 -60.04 10.56
N ILE B 327 16.73 -59.78 11.79
CA ILE B 327 15.61 -60.51 12.39
C ILE B 327 14.32 -59.72 12.13
N LYS B 328 13.34 -60.35 11.51
CA LYS B 328 12.18 -59.60 11.09
C LYS B 328 11.42 -59.02 12.28
N GLY B 329 10.85 -57.83 12.04
CA GLY B 329 10.15 -57.06 13.06
C GLY B 329 11.07 -56.40 14.07
N SER B 330 12.35 -56.80 14.08
CA SER B 330 13.31 -56.25 15.00
C SER B 330 14.04 -55.04 14.43
N TYR B 331 14.12 -53.99 15.24
CA TYR B 331 14.72 -52.76 14.83
C TYR B 331 15.48 -52.22 16.00
N PRO B 332 16.59 -52.89 16.35
CA PRO B 332 17.37 -52.49 17.53
C PRO B 332 17.98 -51.15 17.35
N GLN B 333 18.35 -50.56 18.48
CA GLN B 333 19.03 -49.31 18.49
C GLN B 333 20.32 -49.32 17.71
N HIS B 334 21.13 -50.36 17.90
CA HIS B 334 22.55 -50.30 17.56
C HIS B 334 22.97 -51.57 16.88
N ILE B 335 24.02 -51.49 16.06
CA ILE B 335 24.61 -52.69 15.49
C ILE B 335 25.65 -53.26 16.44
N ASN B 336 25.68 -54.58 16.59
CA ASN B 336 26.59 -55.21 17.56
C ASN B 336 27.66 -56.06 16.87
N ILE B 337 28.85 -55.53 16.84
CA ILE B 337 29.96 -56.00 16.01
C ILE B 337 31.01 -56.62 16.94
N SER B 338 31.25 -57.91 16.82
CA SER B 338 32.24 -58.59 17.66
C SER B 338 33.60 -57.93 17.59
N ARG B 339 34.28 -57.85 18.73
CA ARG B 339 35.69 -57.45 18.78
C ARG B 339 36.54 -58.22 17.79
N ASN B 340 36.18 -59.46 17.52
CA ASN B 340 36.98 -60.30 16.65
C ASN B 340 37.05 -59.87 15.21
N PHE B 341 36.23 -58.90 14.81
CA PHE B 341 36.38 -58.32 13.47
C PHE B 341 37.80 -57.76 13.33
N SER B 342 38.40 -57.33 14.44
CA SER B 342 39.75 -56.74 14.40
C SER B 342 40.85 -57.70 13.93
N LYS B 343 40.52 -58.99 13.81
CA LYS B 343 41.47 -59.99 13.33
C LYS B 343 41.34 -60.18 11.84
N LEU B 344 40.45 -59.43 11.20
CA LEU B 344 40.28 -59.54 9.74
C LEU B 344 41.30 -58.67 9.01
N LEU B 345 42.57 -58.96 9.21
CA LEU B 345 43.62 -58.00 8.87
C LEU B 345 43.71 -57.71 7.38
N SER B 346 43.24 -58.61 6.50
CA SER B 346 43.29 -58.40 5.05
C SER B 346 41.99 -57.80 4.41
N LEU B 347 40.98 -57.56 5.23
CA LEU B 347 39.67 -57.11 4.76
C LEU B 347 39.81 -55.87 3.94
N ARG B 348 39.19 -55.87 2.78
CA ARG B 348 39.12 -54.71 1.90
C ARG B 348 37.72 -54.12 1.78
N ALA B 349 36.70 -54.97 1.84
CA ALA B 349 35.28 -54.56 1.76
C ALA B 349 34.42 -55.37 2.71
N LEU B 350 33.59 -54.65 3.47
CA LEU B 350 32.62 -55.25 4.34
C LEU B 350 31.21 -54.82 3.93
N HIS B 351 30.38 -55.78 3.58
CA HIS B 351 29.02 -55.51 3.25
C HIS B 351 28.06 -55.90 4.40
N LEU B 352 27.38 -54.90 4.90
CA LEU B 352 26.40 -55.07 5.96
C LEU B 352 25.09 -54.36 5.58
N ARG B 353 24.54 -54.67 4.43
CA ARG B 353 23.18 -54.23 4.14
C ARG B 353 22.21 -54.98 5.03
N GLY B 354 21.08 -54.35 5.35
CA GLY B 354 19.91 -55.11 5.76
C GLY B 354 20.19 -55.90 7.03
N TYR B 355 20.95 -55.29 7.94
CA TYR B 355 21.02 -55.70 9.35
C TYR B 355 19.84 -55.07 10.10
N VAL B 356 19.59 -53.80 9.76
CA VAL B 356 18.39 -53.04 10.10
C VAL B 356 18.45 -52.54 11.53
N PHE B 357 18.85 -51.29 11.72
CA PHE B 357 19.06 -50.77 13.05
C PHE B 357 18.96 -49.27 13.02
N GLN B 358 18.79 -48.67 14.18
CA GLN B 358 18.34 -47.28 14.21
C GLN B 358 19.45 -46.27 14.19
N GLU B 359 20.58 -46.63 14.78
CA GLU B 359 21.62 -45.64 15.04
C GLU B 359 23.04 -46.22 15.00
N LEU B 360 23.95 -45.46 14.41
CA LEU B 360 25.36 -45.90 14.35
C LEU B 360 26.22 -44.95 15.19
N ARG B 361 26.77 -45.47 16.28
CA ARG B 361 27.59 -44.63 17.16
C ARG B 361 29.05 -44.93 16.89
N GLU B 362 29.87 -43.94 17.19
CA GLU B 362 31.29 -44.04 17.04
C GLU B 362 31.90 -45.33 17.57
N ASP B 363 31.51 -45.71 18.78
CA ASP B 363 32.14 -46.86 19.43
C ASP B 363 31.72 -48.20 18.82
N ASP B 364 30.59 -48.21 18.12
CA ASP B 364 30.04 -49.45 17.59
C ASP B 364 30.94 -50.03 16.49
N PHE B 365 31.79 -49.20 15.88
CA PHE B 365 32.70 -49.69 14.84
C PHE B 365 34.20 -49.81 15.26
N GLN B 366 34.47 -49.58 16.54
CA GLN B 366 35.80 -49.80 17.16
C GLN B 366 36.64 -50.94 16.56
N PRO B 367 36.08 -52.14 16.49
CA PRO B 367 36.84 -53.28 15.95
C PRO B 367 37.30 -53.16 14.50
N LEU B 368 36.80 -52.17 13.75
CA LEU B 368 37.14 -52.04 12.32
C LEU B 368 38.26 -51.02 12.10
N MET B 369 38.48 -50.21 13.11
CA MET B 369 39.20 -48.95 12.93
C MET B 369 40.71 -49.13 12.71
N GLN B 370 41.24 -50.30 13.00
CA GLN B 370 42.66 -50.53 12.75
C GLN B 370 42.97 -51.50 11.62
N LEU B 371 41.93 -51.93 10.89
CA LEU B 371 42.15 -52.77 9.73
C LEU B 371 42.78 -51.92 8.63
N PRO B 372 44.01 -52.28 8.20
CA PRO B 372 44.77 -51.33 7.40
C PRO B 372 44.32 -51.23 5.95
N ASN B 373 43.73 -52.26 5.39
CA ASN B 373 43.27 -52.21 3.99
C ASN B 373 41.75 -52.08 3.78
N LEU B 374 40.98 -51.78 4.82
CA LEU B 374 39.52 -51.77 4.66
C LEU B 374 39.13 -50.51 3.90
N SER B 375 38.89 -50.63 2.62
CA SER B 375 38.60 -49.42 1.86
C SER B 375 37.07 -49.17 1.69
N THR B 376 36.24 -50.23 1.75
CA THR B 376 34.82 -50.12 1.46
C THR B 376 33.94 -50.58 2.62
N ILE B 377 33.09 -49.68 3.11
CA ILE B 377 32.03 -50.09 4.06
C ILE B 377 30.65 -49.79 3.48
N ASN B 378 29.84 -50.83 3.37
CA ASN B 378 28.53 -50.75 2.74
C ASN B 378 27.45 -50.97 3.78
N LEU B 379 26.78 -49.88 4.18
CA LEU B 379 25.61 -49.94 5.11
C LEU B 379 24.26 -49.53 4.46
N GLY B 380 24.10 -49.86 3.19
CA GLY B 380 22.86 -49.61 2.48
C GLY B 380 21.73 -50.40 3.06
N ILE B 381 20.53 -49.80 3.02
CA ILE B 381 19.28 -50.50 3.36
C ILE B 381 19.26 -51.04 4.81
N ASN B 382 19.50 -50.17 5.76
CA ASN B 382 19.47 -50.53 7.19
C ASN B 382 18.45 -49.67 7.96
N PHE B 383 17.78 -48.75 7.28
CA PHE B 383 16.78 -47.89 7.88
C PHE B 383 17.37 -47.10 9.02
N ILE B 384 18.67 -46.82 8.89
CA ILE B 384 19.38 -46.12 9.90
C ILE B 384 18.93 -44.66 9.98
N LYS B 385 18.67 -44.19 11.19
CA LYS B 385 18.08 -42.88 11.37
C LYS B 385 19.10 -41.85 11.68
N GLN B 386 20.19 -42.28 12.29
CA GLN B 386 21.22 -41.39 12.76
C GLN B 386 22.57 -42.05 12.75
N ILE B 387 23.55 -41.24 12.38
CA ILE B 387 24.94 -41.66 12.32
C ILE B 387 25.82 -40.60 12.92
N ASP B 388 26.81 -41.04 13.69
CA ASP B 388 27.88 -40.12 14.13
C ASP B 388 29.04 -40.10 13.13
N PHE B 389 29.00 -39.15 12.22
CA PHE B 389 29.92 -39.16 11.09
C PHE B 389 31.38 -39.12 11.46
N LYS B 390 31.70 -38.70 12.67
CA LYS B 390 33.07 -38.48 13.02
C LYS B 390 33.80 -39.81 13.13
N LEU B 391 33.07 -40.89 13.41
CA LEU B 391 33.71 -42.20 13.46
C LEU B 391 34.46 -42.56 12.18
N PHE B 392 33.96 -42.13 11.02
CA PHE B 392 34.67 -42.53 9.82
C PHE B 392 36.09 -41.96 9.78
N GLN B 393 36.29 -40.78 10.34
CA GLN B 393 37.62 -40.15 10.43
C GLN B 393 38.68 -41.06 11.00
N ASN B 394 38.31 -41.91 11.95
CA ASN B 394 39.30 -42.67 12.69
C ASN B 394 39.64 -44.04 12.10
N PHE B 395 39.05 -44.36 10.96
CA PHE B 395 39.41 -45.54 10.20
C PHE B 395 40.75 -45.32 9.54
N SER B 396 41.37 -46.42 9.12
CA SER B 396 42.72 -46.35 8.57
C SER B 396 42.69 -45.70 7.22
N ASN B 397 41.83 -46.21 6.33
CA ASN B 397 41.98 -46.04 4.89
C ASN B 397 40.65 -46.17 4.09
N LEU B 398 39.59 -45.60 4.62
CA LEU B 398 38.28 -45.65 3.96
C LEU B 398 38.30 -44.85 2.67
N GLU B 399 37.90 -45.47 1.57
CA GLU B 399 37.72 -44.76 0.29
C GLU B 399 36.23 -44.71 -0.17
N ILE B 400 35.41 -45.62 0.36
CA ILE B 400 33.98 -45.73 -0.05
C ILE B 400 33.12 -45.92 1.18
N ILE B 401 32.40 -44.87 1.54
CA ILE B 401 31.46 -44.89 2.64
C ILE B 401 30.07 -44.91 2.03
N TYR B 402 29.45 -46.08 1.99
CA TYR B 402 28.22 -46.26 1.28
C TYR B 402 27.03 -46.33 2.21
N LEU B 403 26.25 -45.25 2.25
CA LEU B 403 25.08 -45.14 3.16
C LEU B 403 23.74 -44.89 2.45
N SER B 404 23.65 -45.30 1.19
CA SER B 404 22.47 -45.09 0.36
C SER B 404 21.31 -45.89 0.92
N GLU B 405 20.11 -45.33 0.85
CA GLU B 405 18.88 -46.01 1.23
C GLU B 405 18.87 -46.30 2.73
N ASN B 406 18.81 -45.24 3.52
CA ASN B 406 18.59 -45.32 4.96
C ASN B 406 17.53 -44.24 5.35
N ARG B 407 17.54 -43.76 6.59
CA ARG B 407 16.61 -42.74 7.05
C ARG B 407 17.34 -41.56 7.66
N ILE B 408 18.53 -41.29 7.14
CA ILE B 408 19.29 -40.10 7.55
C ILE B 408 18.46 -38.85 7.17
N SER B 409 18.47 -37.85 8.05
CA SER B 409 17.65 -36.67 7.87
C SER B 409 18.36 -35.55 8.60
N PRO B 410 17.89 -34.31 8.48
CA PRO B 410 18.77 -33.20 8.89
C PRO B 410 19.09 -33.13 10.39
N ASP B 436 12.34 -64.81 -21.13
CA ASP B 436 11.44 -64.21 -20.14
C ASP B 436 11.45 -64.97 -18.81
N PHE B 437 12.59 -65.54 -18.47
CA PHE B 437 12.90 -65.86 -17.08
C PHE B 437 13.46 -64.59 -16.38
N GLU B 438 13.06 -64.38 -15.13
CA GLU B 438 13.28 -63.12 -14.40
C GLU B 438 14.72 -62.90 -13.92
N PHE B 439 15.44 -63.98 -13.65
CA PHE B 439 16.77 -63.87 -13.07
C PHE B 439 17.82 -64.25 -14.09
N ASP B 440 18.76 -63.32 -14.30
CA ASP B 440 19.88 -63.54 -15.19
C ASP B 440 20.75 -64.73 -14.70
N PRO B 441 20.84 -65.81 -15.51
CA PRO B 441 21.62 -66.95 -15.06
C PRO B 441 23.11 -66.69 -14.95
N HIS B 442 23.58 -65.56 -15.45
CA HIS B 442 25.01 -65.30 -15.37
C HIS B 442 25.38 -64.27 -14.35
N SER B 443 24.46 -63.95 -13.45
CA SER B 443 24.71 -62.94 -12.47
C SER B 443 24.62 -63.53 -11.09
N ASN B 444 25.14 -62.81 -10.11
CA ASN B 444 24.92 -63.14 -8.73
C ASN B 444 23.44 -63.05 -8.42
N PHE B 445 22.96 -64.01 -7.64
CA PHE B 445 21.56 -64.11 -7.35
C PHE B 445 21.21 -63.31 -6.11
N TYR B 446 22.15 -63.08 -5.21
CA TYR B 446 21.81 -62.47 -3.92
C TYR B 446 22.11 -60.98 -3.82
N HIS B 447 22.91 -60.47 -4.74
CA HIS B 447 23.22 -59.04 -4.72
C HIS B 447 23.65 -58.61 -6.07
N PHE B 448 23.44 -57.33 -6.37
CA PHE B 448 23.92 -56.69 -7.59
C PHE B 448 25.43 -56.53 -7.53
N THR B 449 26.06 -56.59 -8.69
CA THR B 449 27.52 -56.53 -8.73
C THR B 449 28.03 -55.26 -9.42
N ARG B 450 27.18 -54.29 -9.70
CA ARG B 450 27.68 -53.02 -10.22
C ARG B 450 28.45 -52.29 -9.14
N PRO B 451 29.35 -51.37 -9.55
CA PRO B 451 30.11 -50.67 -8.51
C PRO B 451 29.17 -49.92 -7.60
N LEU B 452 29.53 -49.84 -6.33
CA LEU B 452 28.74 -49.10 -5.37
C LEU B 452 28.66 -47.62 -5.80
N ILE B 453 29.80 -47.04 -6.20
CA ILE B 453 29.90 -45.65 -6.65
C ILE B 453 30.26 -45.58 -8.15
N LYS B 454 29.69 -44.64 -8.89
CA LYS B 454 30.06 -44.54 -10.30
C LYS B 454 31.56 -44.35 -10.34
N PRO B 455 32.25 -45.15 -11.19
CA PRO B 455 33.72 -45.06 -11.29
C PRO B 455 34.22 -43.64 -11.56
N GLN B 456 33.46 -42.84 -12.31
CA GLN B 456 33.91 -41.49 -12.70
C GLN B 456 33.90 -40.57 -11.46
N CYS B 457 33.08 -40.89 -10.47
CA CYS B 457 33.06 -40.13 -9.22
C CYS B 457 34.16 -40.64 -8.25
N ALA B 458 34.22 -41.95 -8.06
CA ALA B 458 35.18 -42.54 -7.16
C ALA B 458 36.63 -42.26 -7.60
N ALA B 459 36.87 -42.07 -8.89
CA ALA B 459 38.24 -41.83 -9.39
C ALA B 459 38.81 -40.54 -8.73
N TYR B 460 37.96 -39.61 -8.31
CA TYR B 460 38.44 -38.40 -7.69
C TYR B 460 38.97 -38.57 -6.28
N GLY B 461 38.62 -39.66 -5.63
CA GLY B 461 39.08 -39.86 -4.25
C GLY B 461 37.98 -40.43 -3.35
N LYS B 462 38.11 -40.15 -2.06
CA LYS B 462 37.19 -40.59 -1.01
C LYS B 462 35.72 -40.22 -1.32
N ALA B 463 34.86 -41.23 -1.22
CA ALA B 463 33.49 -41.13 -1.70
C ALA B 463 32.50 -41.41 -0.57
N LEU B 464 31.50 -40.54 -0.46
CA LEU B 464 30.46 -40.66 0.55
C LEU B 464 29.15 -40.68 -0.18
N ASP B 465 28.41 -41.78 -0.05
CA ASP B 465 27.14 -41.87 -0.73
C ASP B 465 26.01 -41.80 0.27
N LEU B 466 25.25 -40.70 0.21
CA LEU B 466 24.08 -40.53 1.05
C LEU B 466 22.77 -40.51 0.28
N SER B 467 22.73 -41.11 -0.89
CA SER B 467 21.56 -41.03 -1.75
C SER B 467 20.40 -41.76 -1.08
N LEU B 468 19.18 -41.42 -1.49
CA LEU B 468 17.99 -42.13 -1.08
C LEU B 468 17.84 -42.12 0.45
N ASN B 469 18.13 -40.97 1.05
CA ASN B 469 17.76 -40.68 2.42
C ASN B 469 16.76 -39.54 2.42
N SER B 470 16.63 -38.89 3.58
CA SER B 470 15.67 -37.81 3.77
C SER B 470 16.33 -36.54 4.25
N ILE B 471 17.46 -36.21 3.66
CA ILE B 471 18.15 -35.01 4.04
C ILE B 471 17.53 -33.83 3.26
N PHE B 472 16.34 -33.42 3.67
CA PHE B 472 15.59 -32.51 2.84
C PHE B 472 16.12 -31.09 2.92
N PHE B 473 17.04 -30.86 3.85
CA PHE B 473 17.92 -29.73 3.79
C PHE B 473 19.20 -30.09 4.51
N ILE B 474 20.28 -29.43 4.13
CA ILE B 474 21.55 -29.62 4.73
C ILE B 474 21.74 -28.54 5.81
N GLY B 475 21.73 -28.95 7.07
CA GLY B 475 21.95 -28.02 8.16
C GLY B 475 23.41 -27.65 8.28
N PRO B 476 23.71 -26.71 9.18
CA PRO B 476 25.03 -26.09 9.22
C PRO B 476 26.18 -27.02 9.66
N ASN B 477 25.87 -28.08 10.38
CA ASN B 477 26.90 -29.02 10.84
C ASN B 477 26.73 -30.40 10.25
N GLN B 478 25.91 -30.51 9.23
CA GLN B 478 25.61 -31.81 8.64
C GLN B 478 26.86 -32.61 8.29
N PHE B 479 27.90 -31.96 7.74
CA PHE B 479 29.08 -32.69 7.27
C PHE B 479 30.34 -32.50 8.14
N GLU B 480 30.16 -32.06 9.38
CA GLU B 480 31.30 -31.86 10.27
C GLU B 480 32.02 -33.19 10.61
N ASN B 481 33.32 -33.09 10.81
CA ASN B 481 34.16 -34.26 11.12
C ASN B 481 34.16 -35.35 10.06
N LEU B 482 33.97 -35.01 8.80
CA LEU B 482 34.08 -36.03 7.78
C LEU B 482 35.53 -36.00 7.35
N PRO B 483 36.00 -37.08 6.75
CA PRO B 483 37.22 -36.99 6.01
C PRO B 483 37.09 -36.03 4.84
N ASP B 484 38.18 -35.91 4.08
CA ASP B 484 38.29 -34.99 2.95
C ASP B 484 37.56 -35.61 1.75
N ILE B 485 36.26 -35.43 1.70
CA ILE B 485 35.46 -36.11 0.71
C ILE B 485 35.67 -35.47 -0.65
N ALA B 486 35.89 -36.30 -1.68
CA ALA B 486 36.05 -35.81 -3.04
C ALA B 486 34.87 -36.12 -3.94
N CYS B 487 34.11 -37.15 -3.59
CA CYS B 487 32.99 -37.62 -4.37
C CYS B 487 31.81 -37.72 -3.47
N LEU B 488 30.76 -36.93 -3.75
CA LEU B 488 29.63 -36.86 -2.82
C LEU B 488 28.33 -37.11 -3.56
N ASN B 489 27.55 -38.05 -3.02
CA ASN B 489 26.24 -38.37 -3.59
C ASN B 489 25.15 -38.01 -2.63
N LEU B 490 24.34 -37.03 -3.04
CA LEU B 490 23.15 -36.65 -2.31
C LEU B 490 21.90 -36.80 -3.13
N SER B 491 21.97 -37.68 -4.12
CA SER B 491 20.80 -37.92 -4.98
C SER B 491 19.56 -38.37 -4.21
N ALA B 492 18.38 -37.90 -4.61
CA ALA B 492 17.11 -38.44 -4.13
C ALA B 492 16.96 -38.34 -2.60
N ASN B 493 17.21 -37.15 -2.11
CA ASN B 493 16.95 -36.77 -0.73
C ASN B 493 15.76 -35.83 -0.59
N SER B 494 15.09 -35.56 -1.70
CA SER B 494 14.07 -34.46 -1.75
C SER B 494 14.54 -33.18 -1.04
N ASN B 495 15.78 -32.80 -1.32
CA ASN B 495 16.32 -31.56 -0.81
C ASN B 495 15.69 -30.36 -1.49
N ALA B 496 15.03 -29.52 -0.68
CA ALA B 496 14.21 -28.42 -1.14
C ALA B 496 14.90 -27.10 -0.84
N GLN B 497 16.19 -27.16 -0.47
CA GLN B 497 16.80 -25.96 0.09
C GLN B 497 17.37 -24.95 -0.89
N VAL B 498 17.51 -23.72 -0.41
CA VAL B 498 18.25 -22.69 -1.11
C VAL B 498 19.72 -22.83 -0.72
N LEU B 499 20.52 -23.39 -1.61
CA LEU B 499 21.98 -23.44 -1.34
C LEU B 499 22.58 -22.03 -1.44
N SER B 500 23.50 -21.72 -0.55
CA SER B 500 23.89 -20.34 -0.32
C SER B 500 25.40 -20.10 -0.24
N GLY B 501 26.20 -21.16 -0.42
CA GLY B 501 27.65 -21.07 -0.45
C GLY B 501 28.34 -21.49 0.84
N THR B 502 27.59 -22.03 1.81
CA THR B 502 28.19 -22.46 3.08
C THR B 502 27.88 -23.92 3.46
N GLU B 503 27.01 -24.59 2.72
CA GLU B 503 26.52 -25.88 3.15
C GLU B 503 27.58 -26.97 3.09
N PHE B 504 28.58 -26.78 2.24
CA PHE B 504 29.65 -27.76 2.03
C PHE B 504 31.01 -27.24 2.54
N SER B 505 30.99 -26.23 3.40
CA SER B 505 32.24 -25.66 3.93
C SER B 505 33.12 -26.69 4.65
N ALA B 506 32.53 -27.65 5.35
CA ALA B 506 33.30 -28.69 6.03
C ALA B 506 33.93 -29.74 5.12
N ILE B 507 33.45 -29.85 3.89
CA ILE B 507 34.04 -30.74 2.91
C ILE B 507 34.22 -29.99 1.58
N PRO B 508 35.08 -28.95 1.60
CA PRO B 508 35.22 -28.00 0.49
C PRO B 508 36.02 -28.51 -0.72
N HIS B 509 36.54 -29.73 -0.68
CA HIS B 509 37.28 -30.25 -1.81
C HIS B 509 36.52 -31.26 -2.66
N VAL B 510 35.19 -31.22 -2.58
CA VAL B 510 34.38 -32.08 -3.42
C VAL B 510 34.61 -31.72 -4.90
N LYS B 511 34.87 -32.73 -5.70
CA LYS B 511 35.13 -32.55 -7.11
C LYS B 511 34.00 -33.05 -7.99
N TYR B 512 33.28 -34.04 -7.49
CA TYR B 512 32.14 -34.60 -8.23
C TYR B 512 30.97 -34.65 -7.25
N LEU B 513 29.95 -33.82 -7.52
CA LEU B 513 28.79 -33.63 -6.65
C LEU B 513 27.54 -34.05 -7.37
N ASP B 514 26.94 -35.14 -6.91
CA ASP B 514 25.68 -35.64 -7.45
C ASP B 514 24.52 -35.16 -6.58
N LEU B 515 23.76 -34.24 -7.14
CA LEU B 515 22.52 -33.73 -6.51
C LEU B 515 21.26 -34.00 -7.34
N THR B 516 21.27 -35.08 -8.12
CA THR B 516 20.17 -35.42 -8.97
C THR B 516 18.92 -35.80 -8.14
N ASN B 517 17.74 -35.66 -8.70
CA ASN B 517 16.49 -36.15 -8.09
C ASN B 517 16.21 -35.51 -6.72
N ASN B 518 16.41 -34.20 -6.67
CA ASN B 518 16.05 -33.42 -5.53
C ASN B 518 15.06 -32.37 -5.97
N ARG B 519 14.82 -31.38 -5.13
CA ARG B 519 13.92 -30.32 -5.50
C ARG B 519 14.51 -28.96 -5.11
N LEU B 520 15.74 -28.71 -5.55
CA LEU B 520 16.51 -27.57 -5.07
C LEU B 520 15.88 -26.24 -5.49
N ASP B 521 15.89 -25.28 -4.59
CA ASP B 521 15.37 -23.95 -4.82
C ASP B 521 16.52 -22.99 -5.05
N PHE B 522 16.72 -22.62 -6.30
CA PHE B 522 17.84 -21.81 -6.73
C PHE B 522 17.56 -20.32 -6.56
N ASP B 523 17.65 -19.86 -5.31
CA ASP B 523 17.36 -18.47 -4.99
C ASP B 523 18.58 -17.76 -4.48
N ASN B 524 19.78 -18.26 -4.75
CA ASN B 524 20.99 -17.60 -4.28
C ASN B 524 22.14 -17.79 -5.24
N ALA B 525 22.68 -16.66 -5.70
CA ALA B 525 23.73 -16.65 -6.73
C ALA B 525 25.05 -17.23 -6.25
N SER B 526 25.20 -17.39 -4.93
CA SER B 526 26.39 -17.96 -4.34
C SER B 526 26.33 -19.48 -4.08
N ALA B 527 25.20 -20.10 -4.39
CA ALA B 527 25.06 -21.53 -4.24
C ALA B 527 26.32 -22.25 -4.68
N LEU B 528 26.79 -23.18 -3.84
CA LEU B 528 27.86 -24.13 -4.20
C LEU B 528 29.24 -23.52 -4.43
N THR B 529 29.38 -22.21 -4.22
CA THR B 529 30.59 -21.56 -4.66
C THR B 529 31.71 -21.81 -3.67
N GLU B 530 31.39 -22.30 -2.50
CA GLU B 530 32.42 -22.78 -1.59
C GLU B 530 33.20 -24.00 -2.14
N LEU B 531 32.66 -24.68 -3.15
CA LEU B 531 33.37 -25.83 -3.73
C LEU B 531 34.28 -25.42 -4.89
N SER B 532 35.46 -24.90 -4.55
CA SER B 532 36.31 -24.21 -5.52
C SER B 532 36.88 -25.16 -6.52
N ASP B 533 37.09 -26.41 -6.08
CA ASP B 533 37.67 -27.41 -6.92
C ASP B 533 36.66 -28.20 -7.71
N LEU B 534 35.38 -27.84 -7.63
CA LEU B 534 34.34 -28.70 -8.24
C LEU B 534 34.59 -28.86 -9.73
N GLU B 535 34.51 -30.10 -10.24
CA GLU B 535 34.70 -30.40 -11.65
C GLU B 535 33.47 -30.96 -12.33
N VAL B 536 32.66 -31.69 -11.56
CA VAL B 536 31.47 -32.33 -12.12
C VAL B 536 30.30 -32.05 -11.23
N LEU B 537 29.27 -31.46 -11.80
CA LEU B 537 28.05 -31.18 -11.03
C LEU B 537 26.82 -31.73 -11.75
N ASP B 538 26.11 -32.64 -11.09
CA ASP B 538 24.93 -33.26 -11.66
C ASP B 538 23.71 -32.73 -10.94
N LEU B 539 22.92 -31.93 -11.65
CA LEU B 539 21.67 -31.36 -11.10
C LEU B 539 20.44 -31.91 -11.83
N SER B 540 20.60 -33.03 -12.48
CA SER B 540 19.48 -33.63 -13.21
C SER B 540 18.28 -33.85 -12.27
N TYR B 541 17.11 -33.79 -12.87
CA TYR B 541 15.84 -34.09 -12.18
C TYR B 541 15.61 -33.26 -10.90
N ASN B 542 15.78 -31.95 -11.04
CA ASN B 542 15.39 -30.98 -10.00
C ASN B 542 14.32 -30.01 -10.50
N SER B 543 13.38 -30.56 -11.24
CA SER B 543 12.28 -29.81 -11.87
C SER B 543 11.43 -28.97 -10.92
N HIS B 544 11.29 -29.44 -9.69
CA HIS B 544 10.20 -29.00 -8.78
C HIS B 544 9.97 -27.47 -8.80
N TYR B 545 11.00 -26.69 -8.51
CA TYR B 545 10.86 -25.24 -8.54
C TYR B 545 10.98 -24.61 -9.95
N PHE B 546 11.71 -25.22 -10.85
CA PHE B 546 11.84 -24.65 -12.19
C PHE B 546 10.47 -24.60 -12.87
N ARG B 547 9.57 -25.52 -12.52
CA ARG B 547 8.24 -25.49 -13.14
C ARG B 547 7.42 -24.30 -12.77
N ILE B 548 7.73 -23.71 -11.65
CA ILE B 548 6.91 -22.65 -11.13
C ILE B 548 7.42 -21.28 -11.59
N ALA B 549 6.62 -20.58 -12.38
CA ALA B 549 7.00 -19.32 -12.97
C ALA B 549 7.28 -18.25 -11.94
N GLY B 550 6.50 -18.26 -10.87
CA GLY B 550 6.41 -17.17 -9.92
C GLY B 550 7.49 -17.12 -8.89
N VAL B 551 8.28 -18.18 -8.77
CA VAL B 551 9.46 -18.17 -7.88
C VAL B 551 10.76 -17.96 -8.69
N THR B 552 11.82 -17.57 -7.99
CA THR B 552 13.07 -17.20 -8.65
C THR B 552 13.82 -18.43 -9.05
N HIS B 553 14.59 -18.32 -10.14
CA HIS B 553 15.47 -19.38 -10.60
C HIS B 553 16.78 -18.76 -11.00
N HIS B 554 17.76 -18.83 -10.11
CA HIS B 554 19.05 -18.14 -10.33
C HIS B 554 20.16 -19.14 -10.61
N LEU B 555 20.67 -19.13 -11.85
CA LEU B 555 21.78 -20.00 -12.20
C LEU B 555 23.15 -19.29 -12.39
N GLU B 556 23.33 -18.15 -11.74
CA GLU B 556 24.54 -17.33 -11.90
C GLU B 556 25.77 -17.97 -11.31
N PHE B 557 25.59 -18.89 -10.38
CA PHE B 557 26.73 -19.48 -9.68
C PHE B 557 27.62 -20.26 -10.61
N ILE B 558 27.05 -20.77 -11.70
CA ILE B 558 27.86 -21.53 -12.69
C ILE B 558 29.17 -20.86 -13.12
N GLN B 559 29.12 -19.56 -13.36
CA GLN B 559 30.33 -18.82 -13.73
C GLN B 559 31.45 -18.82 -12.66
N ASN B 560 31.14 -19.07 -11.40
CA ASN B 560 32.15 -18.92 -10.36
C ASN B 560 33.14 -20.05 -10.21
N PHE B 561 33.03 -21.10 -11.00
CA PHE B 561 33.93 -22.24 -10.84
C PHE B 561 35.05 -22.17 -11.88
N THR B 562 36.28 -22.14 -11.40
CA THR B 562 37.55 -22.17 -12.19
C THR B 562 37.70 -23.46 -12.98
N ASN B 563 37.26 -24.58 -12.38
CA ASN B 563 37.61 -25.93 -12.89
C ASN B 563 36.43 -26.82 -13.25
N LEU B 564 35.26 -26.22 -13.39
CA LEU B 564 34.07 -27.00 -13.64
C LEU B 564 34.17 -27.45 -15.09
N LYS B 565 34.09 -28.77 -15.30
CA LYS B 565 34.23 -29.35 -16.60
C LYS B 565 32.91 -29.80 -17.20
N VAL B 566 32.05 -30.36 -16.35
CA VAL B 566 30.85 -31.05 -16.78
C VAL B 566 29.66 -30.62 -15.90
N LEU B 567 28.59 -30.19 -16.56
CA LEU B 567 27.36 -29.78 -15.90
C LEU B 567 26.18 -30.41 -16.57
N ASN B 568 25.37 -31.12 -15.77
CA ASN B 568 24.20 -31.79 -16.25
C ASN B 568 22.99 -31.13 -15.63
N LEU B 569 22.24 -30.39 -16.44
CA LEU B 569 20.99 -29.75 -16.06
C LEU B 569 19.77 -30.49 -16.63
N SER B 570 19.91 -31.77 -16.94
CA SER B 570 18.87 -32.48 -17.64
C SER B 570 17.58 -32.57 -16.82
N HIS B 571 16.47 -32.64 -17.55
CA HIS B 571 15.15 -32.98 -17.02
C HIS B 571 14.79 -32.08 -15.86
N ASN B 572 15.12 -30.83 -16.06
CA ASN B 572 14.73 -29.79 -15.15
C ASN B 572 13.57 -28.96 -15.59
N ASN B 573 13.03 -29.18 -16.78
CA ASN B 573 11.96 -28.33 -17.27
C ASN B 573 12.24 -26.84 -17.19
N ILE B 574 13.48 -26.48 -17.42
CA ILE B 574 13.84 -25.07 -17.38
C ILE B 574 13.19 -24.31 -18.52
N TYR B 575 12.40 -23.30 -18.15
CA TYR B 575 11.76 -22.43 -19.12
C TYR B 575 11.83 -20.93 -18.79
N THR B 576 12.24 -20.58 -17.58
CA THR B 576 12.32 -19.21 -17.15
C THR B 576 13.41 -19.08 -16.10
N LEU B 577 14.26 -18.05 -16.24
CA LEU B 577 15.29 -17.69 -15.28
C LEU B 577 15.17 -16.23 -14.85
N THR B 578 15.77 -15.94 -13.68
CA THR B 578 15.63 -14.69 -12.97
C THR B 578 16.87 -13.81 -13.19
N ASP B 579 16.62 -12.64 -13.77
CA ASP B 579 17.59 -11.53 -13.95
C ASP B 579 18.64 -11.80 -14.99
N LYS B 580 19.43 -12.85 -14.79
CA LYS B 580 20.42 -13.22 -15.77
C LYS B 580 19.97 -14.40 -16.61
N TYR B 581 19.96 -14.20 -17.93
CA TYR B 581 19.31 -15.10 -18.80
C TYR B 581 20.30 -16.07 -19.42
N ASN B 582 21.59 -15.89 -19.10
CA ASN B 582 22.67 -16.53 -19.86
C ASN B 582 23.51 -17.37 -18.93
N LEU B 583 23.93 -18.53 -19.44
CA LEU B 583 24.83 -19.40 -18.73
C LEU B 583 26.25 -19.03 -19.15
N GLU B 584 27.12 -18.83 -18.17
CA GLU B 584 28.49 -18.38 -18.44
C GLU B 584 29.51 -19.18 -17.66
N SER B 585 30.54 -19.62 -18.37
CA SER B 585 31.70 -20.30 -17.76
C SER B 585 32.89 -20.28 -18.70
N LYS B 586 34.02 -19.88 -18.16
CA LYS B 586 35.27 -19.96 -18.89
C LYS B 586 35.84 -21.36 -18.96
N SER B 587 35.40 -22.28 -18.08
CA SER B 587 35.99 -23.64 -18.03
C SER B 587 35.17 -24.73 -18.67
N LEU B 588 33.84 -24.60 -18.61
CA LEU B 588 32.94 -25.72 -18.88
C LEU B 588 33.17 -26.29 -20.27
N VAL B 589 33.31 -27.63 -20.28
CA VAL B 589 33.52 -28.39 -21.47
C VAL B 589 32.22 -29.07 -21.96
N GLU B 590 31.40 -29.61 -21.06
CA GLU B 590 30.16 -30.31 -21.47
C GLU B 590 28.95 -29.80 -20.65
N LEU B 591 27.91 -29.42 -21.37
CA LEU B 591 26.62 -29.08 -20.81
C LEU B 591 25.57 -30.04 -21.37
N VAL B 592 24.88 -30.76 -20.46
CA VAL B 592 23.69 -31.55 -20.79
C VAL B 592 22.46 -30.72 -20.47
N PHE B 593 21.70 -30.33 -21.47
CA PHE B 593 20.51 -29.48 -21.26
C PHE B 593 19.24 -30.16 -21.75
N SER B 594 19.29 -31.49 -21.88
CA SER B 594 18.16 -32.25 -22.34
C SER B 594 17.02 -32.18 -21.35
N GLY B 595 15.80 -32.32 -21.86
CA GLY B 595 14.61 -32.42 -21.01
C GLY B 595 14.23 -31.11 -20.39
N ASN B 596 14.54 -30.00 -21.08
CA ASN B 596 14.15 -28.70 -20.63
C ASN B 596 13.22 -28.10 -21.67
N ARG B 597 12.95 -26.80 -21.62
CA ARG B 597 11.99 -26.15 -22.52
C ARG B 597 12.59 -25.01 -23.37
N LEU B 598 13.53 -25.37 -24.22
CA LEU B 598 14.07 -24.42 -25.17
C LEU B 598 13.03 -24.04 -26.18
N ASP B 599 12.00 -24.86 -26.34
CA ASP B 599 10.91 -24.42 -27.19
C ASP B 599 10.32 -23.12 -26.62
N ILE B 600 10.27 -23.00 -25.29
CA ILE B 600 9.77 -21.77 -24.66
C ILE B 600 10.86 -20.72 -24.58
N LEU B 601 12.04 -21.09 -24.12
CA LEU B 601 13.12 -20.09 -23.95
C LEU B 601 13.48 -19.35 -25.25
N TRP B 602 13.37 -20.05 -26.35
CA TRP B 602 13.61 -19.51 -27.67
C TRP B 602 12.36 -19.26 -28.49
N ASN B 603 11.22 -19.06 -27.83
CA ASN B 603 9.99 -18.66 -28.50
C ASN B 603 10.21 -17.41 -29.36
N ASP B 604 9.61 -17.36 -30.54
CA ASP B 604 9.82 -16.23 -31.48
C ASP B 604 9.51 -14.87 -30.88
N ASP B 605 8.59 -14.84 -29.92
CA ASP B 605 8.16 -13.59 -29.33
C ASP B 605 9.06 -13.09 -28.19
N ASP B 606 10.16 -13.77 -27.90
CA ASP B 606 11.00 -13.41 -26.74
C ASP B 606 12.48 -13.47 -27.12
N ASN B 607 13.19 -12.37 -26.97
CA ASN B 607 14.63 -12.33 -27.32
C ASN B 607 15.55 -12.62 -26.15
N ARG B 608 15.03 -12.74 -24.95
CA ARG B 608 15.91 -12.69 -23.78
C ARG B 608 16.93 -13.83 -23.69
N TYR B 609 16.65 -14.97 -24.31
CA TYR B 609 17.53 -16.14 -24.11
C TYR B 609 18.28 -16.54 -25.37
N ILE B 610 18.34 -15.61 -26.33
CA ILE B 610 18.96 -15.85 -27.62
C ILE B 610 20.47 -16.13 -27.51
N SER B 611 21.09 -15.73 -26.41
CA SER B 611 22.53 -15.94 -26.15
C SER B 611 22.77 -16.85 -24.95
N ILE B 612 21.79 -17.68 -24.59
CA ILE B 612 21.86 -18.51 -23.40
C ILE B 612 23.16 -19.30 -23.18
N PHE B 613 23.72 -19.87 -24.23
CA PHE B 613 24.91 -20.76 -24.10
C PHE B 613 26.19 -20.12 -24.64
N LYS B 614 26.07 -18.92 -25.22
CA LYS B 614 27.24 -18.28 -25.88
C LYS B 614 28.38 -18.03 -24.90
N GLY B 615 28.08 -17.69 -23.67
CA GLY B 615 29.09 -17.45 -22.70
C GLY B 615 29.73 -18.70 -22.12
N LEU B 616 29.41 -19.87 -22.69
CA LEU B 616 30.14 -21.12 -22.38
C LEU B 616 31.31 -21.28 -23.37
N LYS B 617 32.34 -20.48 -23.10
CA LYS B 617 33.38 -20.15 -24.05
C LYS B 617 34.31 -21.31 -24.31
N ASN B 618 34.37 -22.28 -23.40
CA ASN B 618 35.24 -23.44 -23.53
C ASN B 618 34.51 -24.70 -23.99
N LEU B 619 33.25 -24.58 -24.41
CA LEU B 619 32.34 -25.73 -24.49
C LEU B 619 32.61 -26.51 -25.75
N THR B 620 32.75 -27.84 -25.63
CA THR B 620 32.84 -28.69 -26.80
C THR B 620 31.68 -29.66 -27.06
N ARG B 621 30.95 -30.01 -26.00
CA ARG B 621 29.82 -30.94 -26.11
C ARG B 621 28.55 -30.30 -25.48
N LEU B 622 27.50 -30.24 -26.27
CA LEU B 622 26.23 -29.62 -25.87
C LEU B 622 25.11 -30.54 -26.27
N ASP B 623 24.26 -30.90 -25.31
CA ASP B 623 23.12 -31.79 -25.54
C ASP B 623 21.83 -31.02 -25.33
N LEU B 624 21.07 -30.85 -26.43
CA LEU B 624 19.81 -30.11 -26.45
C LEU B 624 18.64 -31.03 -26.81
N SER B 625 18.86 -32.31 -26.66
CA SER B 625 17.80 -33.25 -26.93
C SER B 625 16.58 -33.05 -25.99
N LEU B 626 15.40 -33.50 -26.42
CA LEU B 626 14.21 -33.58 -25.57
C LEU B 626 13.85 -32.19 -25.02
N ASN B 627 13.88 -31.18 -25.89
CA ASN B 627 13.52 -29.80 -25.56
C ASN B 627 12.32 -29.29 -26.33
N ARG B 628 11.61 -30.25 -26.91
CA ARG B 628 10.38 -30.02 -27.65
C ARG B 628 10.50 -29.04 -28.80
N LEU B 629 11.70 -28.91 -29.35
CA LEU B 629 11.97 -27.91 -30.40
C LEU B 629 11.30 -28.21 -31.70
N LYS B 630 10.54 -27.25 -32.19
CA LYS B 630 9.99 -27.33 -33.53
C LYS B 630 10.81 -26.56 -34.56
N HIS B 631 11.44 -25.49 -34.12
CA HIS B 631 12.40 -24.71 -34.90
C HIS B 631 13.29 -23.96 -33.93
N ILE B 632 14.52 -23.75 -34.33
CA ILE B 632 15.49 -22.98 -33.60
C ILE B 632 15.70 -21.68 -34.36
N PRO B 633 15.59 -20.54 -33.69
CA PRO B 633 15.81 -19.30 -34.43
C PRO B 633 17.24 -19.22 -34.90
N ASN B 634 17.44 -18.72 -36.14
CA ASN B 634 18.77 -18.68 -36.72
C ASN B 634 19.76 -18.00 -35.82
N GLU B 635 19.38 -16.87 -35.25
CA GLU B 635 20.28 -16.16 -34.36
C GLU B 635 20.61 -16.99 -33.13
N ALA B 636 19.63 -17.73 -32.61
CA ALA B 636 19.92 -18.57 -31.47
C ALA B 636 20.97 -19.60 -31.86
N PHE B 637 20.82 -20.24 -33.02
CA PHE B 637 21.78 -21.24 -33.46
C PHE B 637 23.17 -20.65 -33.60
N LEU B 638 23.24 -19.48 -34.22
CA LEU B 638 24.54 -18.82 -34.44
C LEU B 638 25.20 -18.43 -33.16
N ASN B 639 24.41 -18.31 -32.09
CA ASN B 639 24.98 -17.94 -30.78
C ASN B 639 25.41 -19.10 -29.91
N LEU B 640 25.26 -20.33 -30.39
CA LEU B 640 25.92 -21.45 -29.76
C LEU B 640 27.43 -21.31 -29.85
N PRO B 641 28.16 -21.74 -28.83
CA PRO B 641 29.62 -21.56 -28.82
C PRO B 641 30.33 -22.14 -30.05
N ALA B 642 31.24 -21.33 -30.60
CA ALA B 642 31.89 -21.67 -31.86
C ALA B 642 32.93 -22.75 -31.60
N SER B 643 33.29 -22.94 -30.34
CA SER B 643 34.12 -24.07 -29.91
C SER B 643 33.55 -25.46 -29.94
N LEU B 644 32.25 -25.62 -30.21
CA LEU B 644 31.66 -26.96 -30.16
C LEU B 644 32.29 -27.96 -31.11
N THR B 645 32.53 -29.18 -30.60
CA THR B 645 32.85 -30.31 -31.42
C THR B 645 31.72 -31.33 -31.53
N GLU B 646 30.74 -31.23 -30.65
CA GLU B 646 29.72 -32.25 -30.59
C GLU B 646 28.37 -31.64 -30.20
N LEU B 647 27.37 -31.75 -31.07
CA LEU B 647 26.10 -31.11 -30.89
C LEU B 647 24.97 -32.12 -31.09
N HIS B 648 24.19 -32.33 -30.05
CA HIS B 648 23.07 -33.26 -30.11
C HIS B 648 21.81 -32.41 -30.05
N ILE B 649 20.87 -32.66 -30.95
CA ILE B 649 19.55 -32.02 -30.90
C ILE B 649 18.53 -33.09 -31.26
N ASN B 650 18.87 -34.32 -30.90
CA ASN B 650 17.98 -35.44 -31.13
C ASN B 650 16.71 -35.41 -30.27
N ASP B 651 15.71 -36.12 -30.76
CA ASP B 651 14.40 -36.26 -30.12
C ASP B 651 13.81 -34.92 -29.76
N ASN B 652 13.79 -34.00 -30.73
CA ASN B 652 12.93 -32.83 -30.68
C ASN B 652 11.86 -33.00 -31.75
N MET B 653 11.37 -31.92 -32.35
CA MET B 653 10.34 -32.07 -33.38
C MET B 653 10.67 -31.19 -34.59
N LEU B 654 11.96 -31.10 -34.93
CA LEU B 654 12.46 -30.19 -35.97
C LEU B 654 12.01 -30.62 -37.37
N LYS B 655 11.38 -29.70 -38.09
CA LYS B 655 10.99 -29.95 -39.48
C LYS B 655 11.99 -29.39 -40.46
N PHE B 656 12.72 -28.38 -40.00
CA PHE B 656 13.72 -27.69 -40.79
C PHE B 656 15.00 -27.50 -40.00
N PHE B 657 16.11 -27.61 -40.70
CA PHE B 657 17.42 -27.30 -40.14
C PHE B 657 18.14 -26.33 -41.09
N ASN B 658 18.63 -25.22 -40.58
CA ASN B 658 19.39 -24.33 -41.42
C ASN B 658 20.86 -24.73 -41.55
N TRP B 659 21.13 -25.50 -42.60
CA TRP B 659 22.42 -26.14 -42.76
C TRP B 659 23.51 -25.15 -43.04
N THR B 660 23.18 -24.01 -43.63
CA THR B 660 24.19 -23.00 -43.91
C THR B 660 24.87 -22.53 -42.67
N LEU B 661 24.16 -22.62 -41.55
CA LEU B 661 24.72 -22.09 -40.31
C LEU B 661 25.91 -22.92 -39.78
N LEU B 662 26.11 -24.12 -40.31
CA LEU B 662 27.29 -24.91 -39.90
C LEU B 662 28.65 -24.26 -40.28
N GLN B 663 28.61 -23.25 -41.14
CA GLN B 663 29.82 -22.50 -41.49
C GLN B 663 30.39 -21.76 -40.34
N GLN B 664 29.60 -21.47 -39.31
CA GLN B 664 30.20 -20.83 -38.14
C GLN B 664 30.66 -21.82 -37.07
N PHE B 665 30.73 -23.11 -37.39
CA PHE B 665 31.18 -24.08 -36.38
C PHE B 665 32.33 -24.93 -36.89
N PRO B 666 33.53 -24.32 -36.89
CA PRO B 666 34.64 -24.88 -37.67
C PRO B 666 35.29 -26.11 -37.02
N ARG B 667 34.92 -26.41 -35.78
CA ARG B 667 35.41 -27.64 -35.14
C ARG B 667 34.34 -28.71 -35.05
N LEU B 668 33.15 -28.40 -35.54
CA LEU B 668 32.08 -29.33 -35.33
C LEU B 668 32.39 -30.67 -36.00
N GLU B 669 32.52 -31.71 -35.17
CA GLU B 669 32.79 -33.07 -35.70
C GLU B 669 31.57 -34.00 -35.71
N LEU B 670 30.63 -33.78 -34.80
CA LEU B 670 29.48 -34.67 -34.67
C LEU B 670 28.20 -33.88 -34.49
N LEU B 671 27.22 -34.17 -35.32
CA LEU B 671 25.94 -33.49 -35.26
C LEU B 671 24.89 -34.56 -35.27
N ASP B 672 24.05 -34.55 -34.23
CA ASP B 672 23.06 -35.60 -34.01
C ASP B 672 21.67 -35.00 -34.07
N LEU B 673 20.94 -35.32 -35.11
CA LEU B 673 19.61 -34.80 -35.32
C LEU B 673 18.60 -35.92 -35.39
N ARG B 674 18.95 -37.08 -34.83
CA ARG B 674 18.04 -38.21 -34.78
C ARG B 674 16.69 -37.87 -34.15
N GLY B 675 15.65 -38.49 -34.64
CA GLY B 675 14.33 -38.49 -33.99
C GLY B 675 13.71 -37.12 -34.02
N ASN B 676 13.73 -36.49 -35.20
CA ASN B 676 13.00 -35.25 -35.45
C ASN B 676 12.05 -35.49 -36.60
N LYS B 677 11.61 -34.44 -37.30
CA LYS B 677 10.66 -34.58 -38.40
C LYS B 677 11.23 -33.93 -39.69
N LEU B 678 12.54 -34.00 -39.86
CA LEU B 678 13.23 -33.35 -40.95
C LEU B 678 12.82 -33.99 -42.23
N LEU B 679 12.50 -33.12 -43.18
CA LEU B 679 11.79 -33.52 -44.38
C LEU B 679 12.72 -33.55 -45.58
N PHE B 680 13.80 -32.77 -45.58
CA PHE B 680 14.78 -32.89 -46.64
C PHE B 680 16.16 -32.50 -46.19
N LEU B 681 17.13 -32.85 -47.00
CA LEU B 681 18.53 -32.53 -46.75
C LEU B 681 18.96 -31.39 -47.66
N THR B 682 19.94 -30.63 -47.23
CA THR B 682 20.56 -29.69 -48.13
C THR B 682 21.32 -30.44 -49.23
N ASP B 683 21.32 -29.86 -50.44
CA ASP B 683 22.19 -30.34 -51.50
C ASP B 683 23.57 -29.71 -51.44
N SER B 684 23.81 -28.84 -50.47
CA SER B 684 25.02 -28.02 -50.45
C SER B 684 25.91 -28.25 -49.20
N LEU B 685 26.02 -29.47 -48.70
CA LEU B 685 26.66 -29.70 -47.35
C LEU B 685 28.16 -29.41 -47.33
N SER B 686 28.84 -29.93 -48.34
CA SER B 686 30.22 -29.56 -48.65
C SER B 686 30.46 -28.06 -48.55
N ASP B 687 29.46 -27.27 -48.90
CA ASP B 687 29.64 -25.82 -48.84
C ASP B 687 29.71 -25.28 -47.42
N PHE B 688 29.16 -26.01 -46.46
CA PHE B 688 28.96 -25.42 -45.12
C PHE B 688 29.85 -26.01 -44.04
N THR B 689 30.46 -27.17 -44.30
CA THR B 689 31.40 -27.73 -43.35
C THR B 689 32.55 -28.45 -44.03
N SER B 690 33.75 -28.24 -43.49
CA SER B 690 34.86 -29.13 -43.72
C SER B 690 35.31 -29.94 -42.48
N SER B 691 34.51 -29.96 -41.41
CA SER B 691 34.92 -30.66 -40.14
C SER B 691 34.05 -31.86 -39.76
N LEU B 692 32.85 -31.93 -40.30
CA LEU B 692 31.88 -32.86 -39.83
C LEU B 692 32.30 -34.28 -40.16
N ARG B 693 32.44 -35.12 -39.14
CA ARG B 693 32.81 -36.52 -39.36
C ARG B 693 31.62 -37.44 -39.17
N THR B 694 30.70 -37.09 -38.27
CA THR B 694 29.52 -37.93 -38.02
C THR B 694 28.25 -37.11 -38.08
N LEU B 695 27.28 -37.61 -38.84
CA LEU B 695 26.01 -36.96 -39.03
C LEU B 695 24.93 -38.00 -38.83
N LEU B 696 24.19 -37.86 -37.74
CA LEU B 696 23.16 -38.83 -37.38
C LEU B 696 21.80 -38.26 -37.71
N LEU B 697 21.09 -38.91 -38.64
CA LEU B 697 19.80 -38.43 -39.13
C LEU B 697 18.71 -39.47 -39.01
N SER B 698 18.99 -40.52 -38.26
CA SER B 698 18.04 -41.60 -38.16
C SER B 698 16.72 -41.05 -37.62
N HIS B 699 15.61 -41.75 -37.91
CA HIS B 699 14.24 -41.40 -37.54
C HIS B 699 13.92 -39.97 -37.84
N ASN B 700 13.79 -39.72 -39.13
CA ASN B 700 13.37 -38.44 -39.65
C ASN B 700 12.52 -38.76 -40.83
N ARG B 701 12.24 -37.78 -41.68
CA ARG B 701 11.30 -38.01 -42.74
C ARG B 701 11.91 -37.72 -44.08
N ILE B 702 13.21 -37.96 -44.21
CA ILE B 702 13.94 -37.63 -45.41
C ILE B 702 13.62 -38.62 -46.53
N SER B 703 13.35 -38.06 -47.71
CA SER B 703 12.83 -38.78 -48.88
C SER B 703 13.87 -38.94 -50.00
N HIS B 704 14.88 -38.08 -50.03
CA HIS B 704 15.75 -37.99 -51.18
C HIS B 704 17.15 -37.64 -50.70
N LEU B 705 18.12 -38.44 -51.11
CA LEU B 705 19.49 -38.04 -50.94
C LEU B 705 19.86 -37.10 -52.08
N PRO B 706 20.27 -35.88 -51.75
CA PRO B 706 20.50 -34.95 -52.84
C PRO B 706 21.72 -35.35 -53.68
N SER B 707 21.92 -34.64 -54.78
CA SER B 707 22.97 -34.97 -55.72
C SER B 707 24.35 -34.93 -55.08
N GLY B 708 25.15 -35.95 -55.36
CA GLY B 708 26.53 -35.98 -54.92
C GLY B 708 26.69 -35.70 -53.44
N PHE B 709 25.68 -36.06 -52.65
CA PHE B 709 25.76 -35.89 -51.20
C PHE B 709 26.87 -36.80 -50.69
N LEU B 710 26.63 -38.12 -50.81
CA LEU B 710 27.57 -39.17 -50.38
C LEU B 710 28.98 -38.89 -50.83
N SER B 711 29.17 -38.90 -52.16
CA SER B 711 30.49 -38.76 -52.78
C SER B 711 31.08 -37.40 -52.49
N GLU B 712 30.36 -36.58 -51.73
CA GLU B 712 30.87 -35.27 -51.44
C GLU B 712 31.14 -34.99 -49.96
N VAL B 713 31.92 -33.92 -49.79
CA VAL B 713 33.12 -33.95 -48.98
C VAL B 713 32.71 -34.28 -47.55
N SER B 714 33.57 -34.94 -46.78
CA SER B 714 34.90 -35.39 -47.18
C SER B 714 35.59 -35.85 -45.91
N SER B 715 35.57 -34.96 -44.91
CA SER B 715 35.80 -35.34 -43.52
C SER B 715 34.71 -36.28 -43.04
N LEU B 716 33.62 -36.42 -43.81
CA LEU B 716 32.49 -37.24 -43.38
C LEU B 716 32.73 -38.76 -43.40
N LYS B 717 32.91 -39.34 -42.21
CA LYS B 717 33.19 -40.77 -42.05
C LYS B 717 31.95 -41.62 -41.85
N HIS B 718 30.95 -41.09 -41.13
CA HIS B 718 29.79 -41.87 -40.66
C HIS B 718 28.49 -41.07 -40.90
N LEU B 719 27.63 -41.62 -41.73
CA LEU B 719 26.34 -41.03 -42.07
C LEU B 719 25.27 -42.02 -41.70
N ASP B 720 24.28 -41.60 -40.91
CA ASP B 720 23.23 -42.47 -40.49
C ASP B 720 21.89 -42.00 -41.00
N LEU B 721 21.36 -42.73 -41.96
CA LEU B 721 20.09 -42.42 -42.56
C LEU B 721 19.09 -43.50 -42.29
N SER B 722 19.35 -44.35 -41.31
CA SER B 722 18.41 -45.41 -40.99
C SER B 722 17.06 -44.82 -40.65
N SER B 723 16.02 -45.65 -40.74
CA SER B 723 14.61 -45.26 -40.50
C SER B 723 14.27 -43.86 -40.97
N ASN B 724 14.48 -43.64 -42.27
CA ASN B 724 13.91 -42.51 -42.94
C ASN B 724 12.90 -42.96 -43.98
N LEU B 725 12.69 -42.17 -45.02
CA LEU B 725 11.65 -42.47 -46.00
C LEU B 725 12.22 -42.60 -47.44
N LEU B 726 13.42 -43.13 -47.56
CA LEU B 726 14.06 -43.29 -48.87
C LEU B 726 13.54 -44.55 -49.58
N LYS B 727 13.07 -44.38 -50.81
CA LYS B 727 12.59 -45.46 -51.65
C LYS B 727 13.70 -45.89 -52.58
N THR B 728 14.58 -44.96 -52.94
CA THR B 728 15.80 -45.26 -53.67
C THR B 728 16.93 -44.38 -53.17
N ILE B 729 18.13 -44.72 -53.62
CA ILE B 729 19.21 -43.76 -53.76
C ILE B 729 19.62 -43.73 -55.24
N ASN B 730 19.52 -42.54 -55.85
CA ASN B 730 19.91 -42.35 -57.24
C ASN B 730 21.43 -42.34 -57.41
N LYS B 731 21.85 -42.52 -58.65
CA LYS B 731 23.24 -42.44 -59.06
C LYS B 731 23.87 -41.10 -58.68
N THR B 740 36.09 -38.91 -50.20
CA THR B 740 35.13 -39.80 -49.53
C THR B 740 35.83 -40.72 -48.55
N LYS B 741 36.15 -40.16 -47.37
CA LYS B 741 36.53 -40.96 -46.20
C LYS B 741 35.33 -41.72 -45.61
N LEU B 742 34.20 -41.73 -46.30
CA LEU B 742 33.01 -42.39 -45.82
C LEU B 742 33.27 -43.86 -45.49
N SER B 743 32.97 -44.22 -44.27
CA SER B 743 33.41 -45.47 -43.69
C SER B 743 32.21 -46.27 -43.20
N MET B 744 31.09 -45.59 -42.98
CA MET B 744 29.90 -46.26 -42.50
C MET B 744 28.64 -45.54 -42.92
N LEU B 745 27.69 -46.33 -43.40
CA LEU B 745 26.47 -45.82 -43.97
C LEU B 745 25.35 -46.70 -43.50
N GLU B 746 24.44 -46.13 -42.72
CA GLU B 746 23.33 -46.89 -42.18
C GLU B 746 22.07 -46.54 -42.91
N LEU B 747 21.34 -47.57 -43.32
CA LEU B 747 20.13 -47.41 -44.14
C LEU B 747 18.98 -48.32 -43.75
N HIS B 748 19.15 -49.13 -42.71
CA HIS B 748 18.06 -50.02 -42.30
C HIS B 748 16.81 -49.25 -41.98
N GLY B 749 15.68 -49.87 -42.27
CA GLY B 749 14.40 -49.28 -41.97
C GLY B 749 13.91 -48.24 -42.95
N ASN B 750 14.56 -48.09 -44.09
CA ASN B 750 13.91 -47.31 -45.16
C ASN B 750 13.03 -48.20 -46.04
N PRO B 751 11.96 -47.61 -46.62
CA PRO B 751 11.01 -48.34 -47.44
C PRO B 751 11.49 -48.41 -48.89
N PHE B 752 12.61 -49.07 -49.10
CA PHE B 752 13.19 -49.15 -50.45
C PHE B 752 12.27 -49.76 -51.47
N GLU B 753 12.24 -49.14 -52.64
CA GLU B 753 11.58 -49.66 -53.83
C GLU B 753 12.56 -50.59 -54.54
N CYS B 754 12.22 -51.88 -54.59
CA CYS B 754 13.17 -52.86 -55.08
C CYS B 754 12.87 -53.29 -56.51
N THR B 755 12.61 -52.30 -57.36
CA THR B 755 12.63 -52.52 -58.79
C THR B 755 14.07 -52.38 -59.28
N CYS B 756 14.20 -52.27 -60.60
CA CYS B 756 15.48 -52.20 -61.27
C CYS B 756 16.12 -50.83 -61.03
N ASP B 757 15.30 -49.86 -60.69
CA ASP B 757 15.80 -48.53 -60.34
C ASP B 757 16.84 -48.64 -59.23
N ILE B 758 16.85 -49.78 -58.54
CA ILE B 758 17.66 -49.99 -57.35
C ILE B 758 19.03 -50.61 -57.64
N GLY B 759 19.31 -50.91 -58.91
CA GLY B 759 20.49 -51.70 -59.25
C GLY B 759 21.73 -50.88 -59.17
N ASP B 760 21.57 -49.60 -59.51
CA ASP B 760 22.67 -48.66 -59.39
C ASP B 760 23.18 -48.65 -57.97
N PHE B 761 22.27 -48.59 -57.00
CA PHE B 761 22.76 -48.49 -55.63
C PHE B 761 23.52 -49.76 -55.27
N ARG B 762 22.98 -50.91 -55.63
CA ARG B 762 23.62 -52.21 -55.39
C ARG B 762 24.99 -52.30 -56.02
N ARG B 763 25.06 -51.88 -57.28
CA ARG B 763 26.34 -51.68 -57.98
C ARG B 763 27.30 -50.88 -57.09
N TRP B 764 26.85 -49.70 -56.70
CA TRP B 764 27.66 -48.79 -55.91
C TRP B 764 28.14 -49.50 -54.64
N MET B 765 27.27 -50.30 -54.04
CA MET B 765 27.63 -51.08 -52.86
C MET B 765 28.79 -52.02 -53.15
N ASP B 766 28.72 -52.66 -54.30
CA ASP B 766 29.72 -53.64 -54.71
C ASP B 766 31.06 -52.96 -54.96
N GLU B 767 31.02 -51.73 -55.46
CA GLU B 767 32.25 -51.02 -55.79
C GLU B 767 32.91 -50.29 -54.61
N HIS B 768 32.23 -50.18 -53.47
CA HIS B 768 32.78 -49.42 -52.36
C HIS B 768 32.77 -50.23 -51.08
N LEU B 769 33.34 -51.43 -51.09
CA LEU B 769 33.18 -52.37 -49.98
C LEU B 769 33.82 -51.87 -48.67
N ASN B 770 34.51 -50.73 -48.73
CA ASN B 770 35.06 -50.06 -47.54
C ASN B 770 34.04 -49.17 -46.78
N VAL B 771 32.86 -49.00 -47.35
CA VAL B 771 31.75 -48.36 -46.64
C VAL B 771 30.91 -49.47 -46.05
N LYS B 772 31.03 -49.64 -44.74
CA LYS B 772 30.28 -50.67 -44.06
C LYS B 772 28.82 -50.24 -44.09
N ILE B 773 27.94 -51.21 -44.29
CA ILE B 773 26.53 -50.96 -44.19
C ILE B 773 25.95 -51.98 -43.26
N PRO B 774 25.75 -51.59 -42.00
CA PRO B 774 25.36 -52.60 -41.01
C PRO B 774 23.94 -53.13 -41.20
N ARG B 775 23.71 -54.32 -40.68
CA ARG B 775 22.36 -54.87 -40.57
C ARG B 775 21.69 -54.93 -41.93
N LEU B 776 22.39 -55.42 -42.93
CA LEU B 776 21.82 -55.59 -44.27
C LEU B 776 20.52 -56.40 -44.26
N VAL B 777 20.39 -57.30 -43.28
CA VAL B 777 19.15 -58.06 -43.12
C VAL B 777 18.00 -57.15 -42.78
N ASP B 778 18.30 -55.94 -42.33
CA ASP B 778 17.26 -55.01 -41.96
C ASP B 778 17.15 -53.86 -42.96
N VAL B 779 18.02 -53.86 -43.97
CA VAL B 779 17.83 -52.99 -45.11
C VAL B 779 16.89 -53.68 -46.09
N ILE B 780 15.59 -53.41 -45.95
CA ILE B 780 14.52 -54.21 -46.53
C ILE B 780 13.77 -53.47 -47.64
N CYS B 781 13.40 -54.20 -48.69
CA CYS B 781 12.41 -53.76 -49.67
C CYS B 781 11.02 -53.68 -49.07
N ALA B 782 10.34 -52.54 -49.27
CA ALA B 782 8.93 -52.40 -48.90
C ALA B 782 8.04 -52.64 -50.12
N SER B 783 8.66 -52.71 -51.29
CA SER B 783 7.95 -52.91 -52.52
C SER B 783 8.96 -53.43 -53.52
N PRO B 784 8.51 -54.13 -54.55
CA PRO B 784 7.10 -54.46 -54.73
C PRO B 784 6.63 -55.62 -53.86
N GLY B 785 5.34 -55.95 -53.98
CA GLY B 785 4.71 -56.96 -53.15
C GLY B 785 5.47 -58.26 -53.13
N ASP B 786 6.14 -58.57 -54.23
CA ASP B 786 6.98 -59.77 -54.30
C ASP B 786 8.20 -59.68 -53.39
N GLN B 787 8.82 -58.50 -53.38
CA GLN B 787 10.11 -58.31 -52.69
C GLN B 787 9.92 -57.95 -51.22
N ARG B 788 8.77 -57.36 -50.91
CA ARG B 788 8.45 -56.99 -49.54
C ARG B 788 9.06 -57.95 -48.51
N GLY B 789 9.88 -57.41 -47.60
CA GLY B 789 10.43 -58.19 -46.50
C GLY B 789 11.82 -58.71 -46.78
N LYS B 790 12.23 -58.66 -48.03
CA LYS B 790 13.55 -59.12 -48.42
C LYS B 790 14.55 -58.00 -48.23
N SER B 791 15.74 -58.34 -47.74
CA SER B 791 16.86 -57.44 -47.87
C SER B 791 17.07 -57.06 -49.31
N ILE B 792 17.69 -55.91 -49.51
CA ILE B 792 17.85 -55.36 -50.84
C ILE B 792 18.97 -56.08 -51.58
N VAL B 793 19.70 -56.95 -50.90
CA VAL B 793 20.75 -57.70 -51.57
C VAL B 793 20.27 -58.89 -52.43
N SER B 794 19.03 -59.36 -52.25
CA SER B 794 18.41 -60.27 -53.22
C SER B 794 17.79 -59.53 -54.42
N LEU B 795 18.19 -59.93 -55.64
CA LEU B 795 17.63 -59.37 -56.90
C LEU B 795 17.99 -60.18 -58.18
N GLU B 796 17.82 -59.57 -59.36
CA GLU B 796 18.43 -60.05 -60.61
C GLU B 796 19.80 -60.66 -60.33
N ARG C 10 -50.12 44.00 8.53
CA ARG C 10 -48.73 43.99 9.08
C ARG C 10 -48.72 44.14 10.60
N SER C 11 -48.62 43.01 11.30
CA SER C 11 -48.57 43.01 12.77
C SER C 11 -47.51 43.99 13.27
N TYR C 12 -47.71 44.48 14.48
CA TYR C 12 -46.82 45.46 15.07
C TYR C 12 -47.30 45.60 16.51
N PRO C 13 -46.39 45.58 17.48
CA PRO C 13 -44.96 45.69 17.24
C PRO C 13 -44.28 44.33 17.10
N CYS C 14 -45.05 43.24 17.20
CA CYS C 14 -44.47 41.90 17.16
C CYS C 14 -44.19 41.54 15.71
N ASP C 15 -43.23 40.63 15.50
CA ASP C 15 -43.13 39.87 14.24
C ASP C 15 -43.91 38.56 14.41
N GLU C 16 -45.09 38.47 13.82
CA GLU C 16 -45.97 37.31 14.02
C GLU C 16 -45.83 36.29 12.90
N LYS C 17 -46.16 35.03 13.18
CA LYS C 17 -45.92 33.94 12.23
C LYS C 17 -46.48 32.60 12.67
N VAL C 23 -49.45 29.52 16.35
CA VAL C 23 -49.20 30.81 15.71
C VAL C 23 -48.74 31.89 16.71
N ILE C 24 -47.59 32.46 16.43
CA ILE C 24 -46.65 32.88 17.47
C ILE C 24 -46.27 34.34 17.27
N ALA C 25 -45.91 35.01 18.36
CA ALA C 25 -45.45 36.39 18.31
C ALA C 25 -44.08 36.55 18.96
N GLU C 26 -43.06 36.69 18.15
CA GLU C 26 -41.76 37.07 18.69
C GLU C 26 -41.76 38.58 18.88
N CYS C 27 -41.87 38.99 20.15
CA CYS C 27 -42.04 40.40 20.48
C CYS C 27 -40.96 40.89 21.45
N SER C 28 -39.84 40.18 21.54
CA SER C 28 -38.86 40.45 22.58
C SER C 28 -37.90 41.57 22.21
N ASN C 29 -37.29 42.18 23.21
CA ASN C 29 -36.14 43.04 22.97
C ASN C 29 -36.53 44.25 22.13
N ARG C 30 -37.74 44.76 22.35
CA ARG C 30 -38.30 45.79 21.50
C ARG C 30 -38.49 47.12 22.24
N ARG C 31 -37.85 47.28 23.39
CA ARG C 31 -37.93 48.51 24.19
C ARG C 31 -39.38 48.88 24.55
N LEU C 32 -40.23 47.86 24.65
CA LEU C 32 -41.62 48.02 25.05
C LEU C 32 -41.73 48.23 26.55
N GLN C 33 -42.29 49.38 26.93
CA GLN C 33 -42.47 49.72 28.32
C GLN C 33 -43.75 49.10 28.88
N GLU C 34 -44.68 48.77 28.00
CA GLU C 34 -45.97 48.23 28.40
C GLU C 34 -46.21 46.99 27.55
N VAL C 35 -47.01 46.05 28.03
CA VAL C 35 -47.53 45.01 27.14
C VAL C 35 -48.36 45.69 26.06
N PRO C 36 -48.06 45.41 24.79
CA PRO C 36 -48.83 46.07 23.77
C PRO C 36 -50.17 45.38 23.58
N GLN C 37 -51.17 46.15 23.19
CA GLN C 37 -52.50 45.62 22.99
C GLN C 37 -52.70 45.21 21.54
N THR C 38 -51.87 45.73 20.63
CA THR C 38 -51.97 45.37 19.20
C THR C 38 -51.38 43.99 18.89
N VAL C 39 -51.78 42.97 19.65
CA VAL C 39 -51.43 41.58 19.34
C VAL C 39 -52.62 40.89 18.71
N GLY C 40 -52.40 40.16 17.62
CA GLY C 40 -53.47 39.39 16.99
C GLY C 40 -54.05 38.36 17.94
N LYS C 41 -55.38 38.22 17.93
CA LYS C 41 -56.07 37.26 18.82
C LYS C 41 -55.88 35.83 18.33
N TYR C 42 -55.64 35.67 17.03
CA TYR C 42 -55.25 34.37 16.50
C TYR C 42 -53.98 33.82 17.17
N VAL C 43 -53.28 34.67 17.94
CA VAL C 43 -51.99 34.31 18.55
C VAL C 43 -52.16 33.40 19.77
N THR C 44 -51.21 32.49 19.95
CA THR C 44 -51.28 31.50 21.03
C THR C 44 -49.98 31.34 21.82
N GLU C 45 -48.88 31.91 21.34
CA GLU C 45 -47.64 31.93 22.11
C GLU C 45 -46.97 33.28 21.99
N LEU C 46 -46.76 33.93 23.12
CA LEU C 46 -46.37 35.33 23.13
C LEU C 46 -45.05 35.59 23.87
N ASP C 47 -44.03 36.04 23.13
CA ASP C 47 -42.68 36.20 23.63
C ASP C 47 -42.33 37.65 23.90
N LEU C 48 -42.46 38.04 25.16
CA LEU C 48 -42.26 39.43 25.58
C LEU C 48 -40.94 39.63 26.34
N SER C 49 -40.14 38.59 26.43
CA SER C 49 -38.88 38.63 27.15
C SER C 49 -38.05 39.83 26.73
N ASP C 50 -37.26 40.36 27.66
CA ASP C 50 -36.22 41.35 27.37
C ASP C 50 -36.74 42.74 27.04
N ASN C 51 -37.94 43.06 27.52
CA ASN C 51 -38.50 44.39 27.30
C ASN C 51 -38.36 45.27 28.57
N PHE C 52 -38.92 46.47 28.54
CA PHE C 52 -38.80 47.34 29.71
C PHE C 52 -40.09 47.39 30.52
N ILE C 53 -40.82 46.27 30.56
CA ILE C 53 -42.16 46.24 31.14
C ILE C 53 -42.07 46.25 32.68
N THR C 54 -42.80 47.17 33.32
CA THR C 54 -42.78 47.26 34.80
C THR C 54 -44.02 46.75 35.46
N HIS C 55 -45.14 46.70 34.74
CA HIS C 55 -46.41 46.29 35.37
C HIS C 55 -47.13 45.22 34.56
N ILE C 56 -47.64 44.21 35.26
CA ILE C 56 -48.64 43.32 34.67
C ILE C 56 -49.88 43.31 35.57
N THR C 57 -51.06 43.26 34.94
CA THR C 57 -52.36 43.24 35.62
C THR C 57 -53.32 42.31 34.88
N ASN C 58 -54.55 42.21 35.36
CA ASN C 58 -55.53 41.34 34.67
C ASN C 58 -56.12 41.91 33.38
N GLU C 59 -55.70 43.11 32.97
CA GLU C 59 -56.07 43.70 31.67
C GLU C 59 -54.93 43.68 30.65
N SER C 60 -53.74 43.28 31.09
CA SER C 60 -52.58 43.28 30.21
C SER C 60 -52.78 42.33 29.05
N PHE C 61 -53.60 41.29 29.24
CA PHE C 61 -53.80 40.27 28.20
C PHE C 61 -55.27 40.02 27.89
N GLN C 62 -56.08 41.08 27.97
CA GLN C 62 -57.54 40.99 27.77
C GLN C 62 -57.97 40.12 26.57
N GLY C 63 -57.74 40.61 25.35
CA GLY C 63 -58.38 40.02 24.17
C GLY C 63 -57.54 38.95 23.51
N LEU C 64 -57.11 37.96 24.30
CA LEU C 64 -56.17 36.95 23.84
C LEU C 64 -56.48 35.59 24.46
N GLN C 65 -57.75 35.20 24.33
CA GLN C 65 -58.27 34.03 25.05
C GLN C 65 -57.58 32.71 24.67
N ASN C 66 -56.95 32.64 23.52
CA ASN C 66 -56.31 31.38 23.07
C ASN C 66 -54.80 31.30 23.34
N LEU C 67 -54.31 32.16 24.23
CA LEU C 67 -52.90 32.13 24.66
C LEU C 67 -52.55 30.88 25.48
N THR C 68 -51.45 30.26 25.10
CA THR C 68 -51.02 29.02 25.71
C THR C 68 -49.63 29.17 26.37
N LYS C 69 -48.86 30.17 25.94
CA LYS C 69 -47.51 30.36 26.44
C LYS C 69 -47.17 31.84 26.49
N ILE C 70 -46.60 32.27 27.62
CA ILE C 70 -46.14 33.64 27.76
C ILE C 70 -44.74 33.69 28.35
N ASN C 71 -43.89 34.53 27.75
CA ASN C 71 -42.52 34.64 28.15
C ASN C 71 -42.25 36.09 28.52
N LEU C 72 -42.08 36.31 29.81
CA LEU C 72 -41.81 37.65 30.31
C LEU C 72 -40.40 37.81 30.86
N ASN C 73 -39.55 36.81 30.63
CA ASN C 73 -38.21 36.80 31.21
C ASN C 73 -37.50 38.12 31.05
N HIS C 74 -36.77 38.53 32.08
CA HIS C 74 -35.89 39.71 32.01
C HIS C 74 -36.63 41.02 31.72
N ASN C 75 -37.82 41.19 32.31
CA ASN C 75 -38.47 42.51 32.38
C ASN C 75 -38.44 43.02 33.80
N PRO C 76 -37.96 44.24 34.03
CA PRO C 76 -37.62 45.18 32.95
C PRO C 76 -36.12 45.27 32.72
N ASN C 77 -35.67 44.85 31.54
CA ASN C 77 -34.25 44.75 31.27
C ASN C 77 -33.51 46.09 31.47
N VAL C 78 -32.67 46.13 32.51
CA VAL C 78 -31.78 47.26 32.79
C VAL C 78 -32.60 48.41 33.35
N GLY C 91 -38.17 46.12 39.68
CA GLY C 91 -38.66 44.78 39.35
C GLY C 91 -39.94 44.78 38.53
N LEU C 92 -40.45 43.58 38.25
CA LEU C 92 -41.74 43.41 37.57
C LEU C 92 -42.92 43.25 38.53
N ASN C 93 -43.80 44.26 38.56
CA ASN C 93 -44.99 44.26 39.41
C ASN C 93 -46.14 43.50 38.77
N ILE C 94 -46.44 42.34 39.35
CA ILE C 94 -47.55 41.53 38.91
C ILE C 94 -48.65 41.55 39.98
N THR C 95 -49.87 41.88 39.58
CA THR C 95 -50.99 41.94 40.51
C THR C 95 -51.60 40.56 40.66
N ASP C 96 -52.16 40.29 41.83
CA ASP C 96 -52.81 39.02 42.13
C ASP C 96 -53.85 38.74 41.07
N GLY C 97 -53.89 37.51 40.58
CA GLY C 97 -54.84 37.12 39.54
C GLY C 97 -54.61 37.66 38.13
N ALA C 98 -53.57 38.44 37.92
CA ALA C 98 -53.42 39.17 36.66
C ALA C 98 -53.57 38.26 35.44
N PHE C 99 -53.14 37.00 35.58
CA PHE C 99 -53.11 36.05 34.46
C PHE C 99 -54.32 35.13 34.43
N LEU C 100 -55.21 35.25 35.40
CA LEU C 100 -56.14 34.19 35.76
C LEU C 100 -57.18 33.88 34.68
N ASN C 101 -57.57 34.90 33.94
CA ASN C 101 -58.58 34.76 32.90
C ASN C 101 -57.97 34.32 31.57
N LEU C 102 -56.66 34.08 31.57
CA LEU C 102 -56.06 33.26 30.52
C LEU C 102 -56.21 31.81 30.91
N LYS C 103 -57.11 31.10 30.23
CA LYS C 103 -57.58 29.79 30.68
C LYS C 103 -56.98 28.65 29.86
N ASN C 104 -56.31 28.99 28.77
CA ASN C 104 -55.53 28.02 28.00
C ASN C 104 -54.04 28.17 28.29
N LEU C 105 -53.70 29.01 29.25
CA LEU C 105 -52.30 29.28 29.59
C LEU C 105 -51.62 28.09 30.26
N ARG C 106 -50.56 27.57 29.63
CA ARG C 106 -49.95 26.29 30.03
C ARG C 106 -48.49 26.43 30.40
N GLU C 107 -47.80 27.31 29.69
CA GLU C 107 -46.45 27.66 30.01
C GLU C 107 -46.36 29.15 30.32
N LEU C 108 -45.81 29.45 31.48
CA LEU C 108 -45.52 30.81 31.85
C LEU C 108 -44.07 30.91 32.31
N LEU C 109 -43.31 31.78 31.66
CA LEU C 109 -41.92 31.97 31.97
C LEU C 109 -41.74 33.35 32.58
N LEU C 110 -41.20 33.39 33.79
CA LEU C 110 -41.07 34.63 34.56
C LEU C 110 -39.70 34.72 35.24
N GLU C 111 -38.65 34.53 34.44
CA GLU C 111 -37.27 34.51 34.95
C GLU C 111 -36.69 35.89 35.09
N ASP C 112 -35.77 36.06 36.04
CA ASP C 112 -34.99 37.28 36.12
C ASP C 112 -35.87 38.54 36.12
N ASN C 113 -36.92 38.48 36.93
CA ASN C 113 -37.88 39.58 37.04
C ASN C 113 -37.87 40.24 38.41
N GLN C 114 -36.87 39.92 39.22
CA GLN C 114 -36.73 40.47 40.56
C GLN C 114 -38.02 40.35 41.35
N LEU C 115 -38.71 39.23 41.20
CA LEU C 115 -39.92 39.00 41.95
C LEU C 115 -39.58 38.69 43.39
N PRO C 116 -40.40 39.19 44.33
CA PRO C 116 -40.18 38.97 45.75
C PRO C 116 -40.98 37.81 46.30
N GLN C 117 -41.92 37.31 45.49
CA GLN C 117 -42.83 36.25 45.88
C GLN C 117 -43.33 35.50 44.65
N ILE C 118 -43.75 34.25 44.83
CA ILE C 118 -44.57 33.60 43.83
C ILE C 118 -45.80 34.46 43.64
N PRO C 119 -46.09 34.88 42.39
CA PRO C 119 -47.20 35.81 42.21
C PRO C 119 -48.52 35.12 42.50
N SER C 120 -49.47 35.86 43.08
CA SER C 120 -50.72 35.30 43.60
C SER C 120 -51.78 35.14 42.52
N GLY C 121 -52.48 34.02 42.54
CA GLY C 121 -53.69 33.88 41.75
C GLY C 121 -53.36 33.47 40.32
N LEU C 122 -52.40 32.57 40.19
CA LEU C 122 -52.10 31.99 38.88
C LEU C 122 -53.13 30.92 38.51
N PRO C 123 -53.28 30.63 37.20
CA PRO C 123 -54.28 29.71 36.71
C PRO C 123 -53.90 28.24 36.77
N GLU C 124 -54.92 27.40 36.84
CA GLU C 124 -54.75 25.97 37.06
C GLU C 124 -54.44 25.28 35.75
N SER C 125 -54.58 26.00 34.66
CA SER C 125 -54.19 25.51 33.34
C SER C 125 -52.66 25.29 33.23
N LEU C 126 -51.90 25.90 34.13
CA LEU C 126 -50.43 25.90 34.03
C LEU C 126 -49.83 24.51 34.17
N THR C 127 -48.92 24.20 33.25
CA THR C 127 -48.19 22.95 33.23
C THR C 127 -46.68 23.19 33.41
N GLU C 128 -46.22 24.36 32.98
CA GLU C 128 -44.85 24.76 33.18
C GLU C 128 -44.84 26.17 33.72
N LEU C 129 -44.15 26.32 34.85
CA LEU C 129 -43.90 27.63 35.42
C LEU C 129 -42.41 27.79 35.72
N SER C 130 -41.83 28.89 35.28
CA SER C 130 -40.44 29.12 35.55
C SER C 130 -40.25 30.41 36.26
N LEU C 131 -39.57 30.31 37.40
CA LEU C 131 -39.39 31.44 38.30
C LEU C 131 -37.92 31.56 38.68
N ILE C 132 -37.08 31.12 37.76
CA ILE C 132 -35.64 31.19 37.94
C ILE C 132 -35.13 32.62 38.07
N GLN C 133 -34.15 32.78 38.93
CA GLN C 133 -33.48 34.06 39.11
C GLN C 133 -34.45 35.16 39.52
N ASN C 134 -35.20 34.89 40.57
CA ASN C 134 -35.96 35.93 41.22
C ASN C 134 -35.51 36.12 42.67
N ASN C 135 -36.24 36.92 43.43
CA ASN C 135 -35.91 37.13 44.83
C ASN C 135 -36.85 36.38 45.74
N ILE C 136 -37.18 35.14 45.37
CA ILE C 136 -38.18 34.36 46.06
C ILE C 136 -37.57 33.40 47.07
N TYR C 137 -37.86 33.67 48.34
CA TYR C 137 -37.31 32.92 49.45
C TYR C 137 -38.35 32.11 50.20
N ASN C 138 -39.58 32.11 49.68
CA ASN C 138 -40.73 31.55 50.37
C ASN C 138 -41.68 30.84 49.40
N ILE C 139 -41.69 29.51 49.45
CA ILE C 139 -42.51 28.65 48.60
C ILE C 139 -43.73 28.12 49.35
N THR C 140 -44.91 28.65 48.99
CA THR C 140 -46.10 28.57 49.84
C THR C 140 -47.21 27.83 49.12
N LYS C 141 -48.13 27.26 49.88
CA LYS C 141 -49.31 26.60 49.31
C LYS C 141 -50.22 27.62 48.64
N GLU C 142 -50.35 28.77 49.27
CA GLU C 142 -51.06 29.90 48.69
C GLU C 142 -50.68 30.08 47.21
N GLY C 143 -49.38 30.06 46.91
CA GLY C 143 -48.89 30.26 45.55
C GLY C 143 -49.06 29.08 44.58
N ILE C 144 -48.97 27.86 45.10
CA ILE C 144 -48.54 26.71 44.31
C ILE C 144 -49.51 25.52 44.34
N SER C 145 -50.09 25.24 45.51
CA SER C 145 -50.74 23.93 45.72
C SER C 145 -52.03 23.69 44.90
N ARG C 146 -52.64 24.78 44.43
CA ARG C 146 -53.80 24.69 43.55
C ARG C 146 -53.41 24.33 42.12
N LEU C 147 -52.14 24.56 41.75
CA LEU C 147 -51.67 24.38 40.38
C LEU C 147 -51.42 22.90 40.09
N ILE C 148 -52.50 22.14 39.98
CA ILE C 148 -52.47 20.68 40.06
C ILE C 148 -52.01 20.08 38.73
N ASN C 149 -52.06 20.87 37.67
CA ASN C 149 -51.58 20.41 36.37
C ASN C 149 -50.10 20.73 36.09
N LEU C 150 -49.39 21.31 37.05
CA LEU C 150 -47.94 21.51 36.89
C LEU C 150 -47.23 20.22 36.50
N LYS C 151 -46.46 20.30 35.44
CA LYS C 151 -45.56 19.23 35.04
C LYS C 151 -44.14 19.60 35.43
N ASN C 152 -43.74 20.82 35.11
CA ASN C 152 -42.39 21.29 35.31
C ASN C 152 -42.39 22.58 36.12
N LEU C 153 -41.71 22.55 37.26
CA LEU C 153 -41.58 23.73 38.09
C LEU C 153 -40.11 24.08 38.28
N TYR C 154 -39.75 25.28 37.86
CA TYR C 154 -38.39 25.75 37.95
C TYR C 154 -38.32 26.88 38.96
N LEU C 155 -37.56 26.64 40.04
CA LEU C 155 -37.38 27.63 41.09
C LEU C 155 -35.91 27.96 41.42
N ALA C 156 -34.98 27.55 40.57
CA ALA C 156 -33.55 27.59 40.91
C ALA C 156 -33.01 29.01 40.88
N TRP C 157 -31.87 29.18 41.54
CA TRP C 157 -31.12 30.44 41.51
C TRP C 157 -31.91 31.62 42.06
N ASN C 158 -32.56 31.43 43.20
CA ASN C 158 -33.18 32.55 43.92
C ASN C 158 -32.37 33.00 45.13
N CYS C 159 -31.64 32.07 45.76
CA CYS C 159 -30.70 32.47 46.81
C CYS C 159 -29.41 31.67 46.76
N TYR C 160 -28.30 32.36 46.46
CA TYR C 160 -27.04 31.67 46.16
C TYR C 160 -25.87 32.62 46.36
N PHE C 161 -24.68 32.03 46.52
CA PHE C 161 -23.41 32.77 46.57
C PHE C 161 -23.45 33.88 47.64
N ASN C 162 -22.87 35.05 47.33
CA ASN C 162 -22.93 36.21 48.19
C ASN C 162 -24.09 37.14 47.89
N LYS C 163 -25.16 36.59 47.33
CA LYS C 163 -26.39 37.35 47.15
C LYS C 163 -26.95 37.60 48.54
N VAL C 164 -27.46 38.81 48.76
CA VAL C 164 -28.21 39.14 49.96
C VAL C 164 -29.59 38.49 49.83
N CYS C 165 -29.82 37.43 50.59
CA CYS C 165 -31.07 36.66 50.51
C CYS C 165 -31.32 35.86 51.78
N GLU C 166 -32.52 35.29 51.87
CA GLU C 166 -32.92 34.49 53.02
C GLU C 166 -32.86 33.01 52.71
N LYS C 167 -32.59 32.20 53.72
CA LYS C 167 -32.77 30.76 53.60
C LYS C 167 -34.15 30.52 53.06
N THR C 168 -34.33 29.42 52.35
CA THR C 168 -35.51 29.26 51.51
C THR C 168 -36.52 28.51 52.32
N ASN C 169 -37.73 29.05 52.42
CA ASN C 169 -38.77 28.39 53.16
C ASN C 169 -39.72 27.54 52.31
N ILE C 170 -39.74 26.24 52.59
CA ILE C 170 -40.58 25.32 51.84
C ILE C 170 -41.70 24.82 52.72
N GLU C 171 -42.80 25.57 52.67
CA GLU C 171 -43.99 25.23 53.41
C GLU C 171 -44.25 23.73 53.36
N ASP C 172 -44.40 23.11 54.51
CA ASP C 172 -44.55 21.66 54.56
C ASP C 172 -45.66 21.20 53.61
N GLY C 173 -45.37 20.18 52.81
CA GLY C 173 -46.36 19.59 51.90
C GLY C 173 -46.75 20.47 50.72
N VAL C 174 -46.11 21.63 50.54
CA VAL C 174 -46.45 22.52 49.44
C VAL C 174 -46.33 21.89 48.04
N PHE C 175 -45.76 20.68 47.93
CA PHE C 175 -45.63 19.99 46.62
C PHE C 175 -46.57 18.82 46.48
N GLU C 176 -47.16 18.41 47.59
CA GLU C 176 -47.82 17.11 47.69
C GLU C 176 -49.07 16.97 46.81
N THR C 177 -49.79 18.06 46.59
CA THR C 177 -50.99 18.05 45.74
C THR C 177 -50.63 18.05 44.26
N LEU C 178 -49.36 18.27 43.95
CA LEU C 178 -48.89 18.41 42.57
C LEU C 178 -48.59 17.05 41.94
N THR C 179 -49.58 16.18 41.89
CA THR C 179 -49.32 14.77 41.64
C THR C 179 -49.07 14.45 40.17
N ASN C 180 -49.06 15.48 39.31
CA ASN C 180 -48.59 15.36 37.94
C ASN C 180 -47.16 15.87 37.74
N LEU C 181 -46.59 16.50 38.77
CA LEU C 181 -45.28 17.11 38.65
C LEU C 181 -44.23 16.11 38.17
N GLU C 182 -43.47 16.49 37.16
CA GLU C 182 -42.44 15.62 36.62
C GLU C 182 -41.02 16.16 36.83
N LEU C 183 -40.87 17.48 36.80
CA LEU C 183 -39.60 18.07 37.03
C LEU C 183 -39.76 19.12 38.10
N LEU C 184 -39.00 18.94 39.16
CA LEU C 184 -38.83 19.97 40.17
C LEU C 184 -37.36 20.42 40.25
N SER C 185 -37.13 21.72 40.08
CA SER C 185 -35.80 22.25 40.22
C SER C 185 -35.72 23.33 41.29
N LEU C 186 -34.86 23.10 42.26
CA LEU C 186 -34.68 24.01 43.37
C LEU C 186 -33.24 24.37 43.58
N SER C 187 -32.43 24.17 42.55
CA SER C 187 -30.99 24.28 42.69
C SER C 187 -30.59 25.71 42.98
N PHE C 188 -29.43 25.87 43.58
CA PHE C 188 -28.91 27.20 43.84
C PHE C 188 -29.89 28.02 44.71
N ASN C 189 -30.34 27.35 45.76
CA ASN C 189 -31.10 27.95 46.84
C ASN C 189 -30.64 27.32 48.14
N SER C 190 -30.77 28.03 49.26
CA SER C 190 -30.44 27.45 50.56
C SER C 190 -31.62 26.66 51.15
N LEU C 191 -31.57 25.32 51.04
CA LEU C 191 -32.62 24.42 51.58
C LEU C 191 -32.25 23.65 52.85
N SER C 192 -31.00 23.21 52.95
CA SER C 192 -30.52 22.40 54.10
C SER C 192 -30.98 20.96 54.16
N HIS C 193 -32.22 20.70 53.75
CA HIS C 193 -32.74 19.33 53.76
C HIS C 193 -33.50 19.08 52.47
N VAL C 194 -33.54 17.82 52.05
CA VAL C 194 -34.50 17.42 51.03
C VAL C 194 -35.91 17.74 51.52
N PRO C 195 -36.72 18.43 50.72
CA PRO C 195 -38.05 18.70 51.23
C PRO C 195 -38.84 17.42 51.24
N PRO C 196 -39.55 17.16 52.35
CA PRO C 196 -40.43 16.02 52.40
C PRO C 196 -41.74 16.28 51.66
N LYS C 197 -42.49 15.22 51.44
CA LYS C 197 -43.81 15.28 50.84
C LYS C 197 -43.69 15.71 49.40
N LEU C 198 -42.90 14.91 48.67
CA LEU C 198 -42.73 15.07 47.23
C LEU C 198 -43.58 14.05 46.50
N PRO C 199 -44.21 14.46 45.39
CA PRO C 199 -45.13 13.58 44.68
C PRO C 199 -44.39 12.51 43.92
N SER C 200 -44.85 11.28 44.01
CA SER C 200 -44.16 10.17 43.37
C SER C 200 -44.32 10.18 41.83
N SER C 201 -44.92 11.24 41.28
CA SER C 201 -44.87 11.51 39.83
C SER C 201 -43.49 12.05 39.32
N LEU C 202 -42.62 12.50 40.22
CA LEU C 202 -41.37 13.13 39.83
C LEU C 202 -40.47 12.22 39.00
N ARG C 203 -39.98 12.76 37.89
CA ARG C 203 -38.99 12.07 37.06
C ARG C 203 -37.60 12.70 37.23
N LYS C 204 -37.55 14.02 37.31
CA LYS C 204 -36.29 14.74 37.44
C LYS C 204 -36.34 15.67 38.63
N LEU C 205 -35.35 15.52 39.51
CA LEU C 205 -35.27 16.31 40.72
C LEU C 205 -33.90 16.97 40.84
N PHE C 206 -33.88 18.30 40.74
CA PHE C 206 -32.65 19.03 40.74
C PHE C 206 -32.48 19.77 42.08
N LEU C 207 -31.48 19.33 42.83
CA LEU C 207 -31.15 19.94 44.10
C LEU C 207 -29.67 20.32 44.19
N SER C 208 -29.17 20.97 43.15
CA SER C 208 -27.79 21.32 43.13
C SER C 208 -27.56 22.50 44.04
N ASN C 209 -26.43 22.48 44.73
CA ASN C 209 -26.00 23.65 45.47
C ASN C 209 -27.12 24.15 46.35
N THR C 210 -27.69 23.23 47.13
CA THR C 210 -28.80 23.58 48.02
C THR C 210 -28.42 23.46 49.49
N GLN C 211 -27.11 23.40 49.76
CA GLN C 211 -26.59 23.19 51.10
C GLN C 211 -27.23 22.04 51.84
N ILE C 212 -27.34 20.90 51.18
CA ILE C 212 -27.76 19.67 51.85
C ILE C 212 -26.48 18.90 52.21
N LYS C 213 -26.41 18.34 53.42
CA LYS C 213 -25.21 17.63 53.88
C LYS C 213 -25.52 16.18 54.02
N TYR C 214 -26.79 15.89 54.21
CA TYR C 214 -27.20 14.57 54.62
C TYR C 214 -28.35 14.10 53.76
N ILE C 215 -28.26 12.88 53.27
CA ILE C 215 -29.35 12.25 52.54
C ILE C 215 -29.71 10.97 53.28
N SER C 216 -30.97 10.90 53.69
CA SER C 216 -31.47 9.79 54.49
C SER C 216 -32.23 8.82 53.61
N GLU C 217 -32.49 7.65 54.16
CA GLU C 217 -33.24 6.62 53.48
C GLU C 217 -34.69 7.10 53.24
N GLU C 218 -35.11 8.14 53.94
CA GLU C 218 -36.47 8.67 53.82
C GLU C 218 -36.62 9.63 52.67
N ASP C 219 -35.58 10.39 52.36
CA ASP C 219 -35.68 11.54 51.46
C ASP C 219 -36.29 11.23 50.11
N PHE C 220 -35.89 10.11 49.50
CA PHE C 220 -36.31 9.74 48.13
C PHE C 220 -37.01 8.37 48.09
N LYS C 221 -37.50 7.92 49.25
CA LYS C 221 -38.13 6.61 49.38
C LYS C 221 -39.31 6.44 48.41
N GLY C 222 -40.12 7.48 48.25
CA GLY C 222 -41.39 7.36 47.50
C GLY C 222 -41.27 7.43 45.99
N LEU C 223 -40.06 7.72 45.50
CA LEU C 223 -39.88 8.30 44.17
C LEU C 223 -39.51 7.28 43.09
N ILE C 224 -40.42 6.33 42.84
CA ILE C 224 -40.07 5.10 42.13
C ILE C 224 -39.97 5.29 40.63
N ASN C 225 -40.37 6.46 40.15
CA ASN C 225 -40.23 6.76 38.74
C ASN C 225 -39.19 7.84 38.45
N LEU C 226 -38.36 8.17 39.46
CA LEU C 226 -37.26 9.10 39.26
C LEU C 226 -36.25 8.57 38.22
N THR C 227 -35.92 9.41 37.25
CA THR C 227 -34.88 9.06 36.29
C THR C 227 -33.67 9.95 36.44
N LEU C 228 -33.85 11.16 36.96
CA LEU C 228 -32.72 12.02 37.19
C LEU C 228 -32.73 12.51 38.64
N LEU C 229 -31.55 12.42 39.25
CA LEU C 229 -31.25 13.04 40.53
C LEU C 229 -29.94 13.83 40.48
N ASP C 230 -30.05 15.12 40.72
CA ASP C 230 -28.91 16.01 40.73
C ASP C 230 -28.69 16.50 42.16
N LEU C 231 -27.67 15.96 42.84
CA LEU C 231 -27.24 16.45 44.16
C LEU C 231 -25.90 17.17 44.13
N SER C 232 -25.52 17.68 42.97
CA SER C 232 -24.19 18.27 42.83
C SER C 232 -24.04 19.45 43.76
N GLY C 233 -22.81 19.69 44.20
CA GLY C 233 -22.44 20.92 44.86
C GLY C 233 -22.88 21.02 46.33
N ASN C 234 -23.23 19.89 46.90
CA ASN C 234 -23.65 19.83 48.29
C ASN C 234 -22.51 19.19 49.02
N CYS C 235 -21.91 19.95 49.95
CA CYS C 235 -20.55 19.72 50.41
C CYS C 235 -19.50 19.94 49.31
N PRO C 236 -19.38 21.18 48.82
CA PRO C 236 -18.58 21.43 47.64
C PRO C 236 -17.08 21.29 47.87
N ARG C 237 -16.39 20.89 46.79
CA ARG C 237 -14.93 20.97 46.71
C ARG C 237 -14.59 22.37 46.32
N CYS C 238 -13.96 23.11 47.22
CA CYS C 238 -13.90 24.56 47.09
C CYS C 238 -12.57 25.08 46.56
N PHE C 239 -11.57 24.23 46.49
CA PHE C 239 -10.27 24.70 46.05
C PHE C 239 -10.34 25.26 44.63
N ASN C 240 -9.81 26.46 44.45
CA ASN C 240 -9.78 27.11 43.12
C ASN C 240 -11.17 27.32 42.51
N ALA C 241 -12.20 27.36 43.35
CA ALA C 241 -13.55 27.60 42.91
C ALA C 241 -13.74 28.90 42.12
N PRO C 242 -14.50 28.83 41.01
CA PRO C 242 -14.79 30.02 40.19
C PRO C 242 -16.00 30.79 40.70
N PHE C 243 -16.29 30.67 42.00
CA PHE C 243 -17.52 31.21 42.56
C PHE C 243 -17.39 31.19 44.11
N PRO C 244 -18.23 31.98 44.82
CA PRO C 244 -18.17 31.94 46.31
C PRO C 244 -18.53 30.55 46.82
N CYS C 245 -17.60 29.90 47.51
CA CYS C 245 -17.73 28.49 47.81
C CYS C 245 -17.58 28.26 49.33
N VAL C 246 -18.52 27.51 49.89
CA VAL C 246 -18.59 27.25 51.32
C VAL C 246 -18.57 25.75 51.56
N PRO C 247 -17.44 25.19 51.95
CA PRO C 247 -17.37 23.75 52.27
C PRO C 247 -18.28 23.30 53.43
N CYS C 248 -18.56 22.00 53.49
CA CYS C 248 -19.12 21.38 54.68
C CYS C 248 -18.01 21.37 55.73
N ASP C 249 -18.37 21.36 57.02
CA ASP C 249 -17.39 21.50 58.10
C ASP C 249 -16.26 20.52 57.93
N GLY C 250 -15.04 21.05 57.96
CA GLY C 250 -13.82 20.26 57.73
C GLY C 250 -13.70 19.77 56.30
N GLY C 251 -14.24 20.52 55.34
CA GLY C 251 -14.40 20.04 53.96
C GLY C 251 -14.87 18.60 53.85
N ALA C 252 -15.79 18.21 54.73
CA ALA C 252 -16.31 16.85 54.75
C ALA C 252 -17.17 16.54 53.52
N SER C 253 -17.41 15.25 53.35
CA SER C 253 -18.23 14.73 52.30
C SER C 253 -19.70 14.98 52.60
N ILE C 254 -20.50 15.18 51.56
CA ILE C 254 -21.90 14.86 51.65
C ILE C 254 -22.05 13.46 52.26
N ASN C 255 -23.11 13.26 53.03
CA ASN C 255 -23.31 12.00 53.70
C ASN C 255 -24.58 11.35 53.17
N ILE C 256 -24.40 10.23 52.50
CA ILE C 256 -25.50 9.61 51.79
C ILE C 256 -25.70 8.22 52.34
N ASP C 257 -26.81 8.06 53.04
CA ASP C 257 -27.13 6.81 53.67
C ASP C 257 -27.00 5.68 52.67
N ARG C 258 -26.56 4.53 53.17
CA ARG C 258 -26.45 3.35 52.35
C ARG C 258 -27.73 3.03 51.57
N PHE C 259 -28.88 3.30 52.17
CA PHE C 259 -30.15 2.87 51.56
C PHE C 259 -30.90 4.01 50.88
N ALA C 260 -30.21 5.11 50.60
CA ALA C 260 -30.89 6.34 50.19
C ALA C 260 -31.42 6.29 48.75
N PHE C 261 -30.93 5.34 47.94
CA PHE C 261 -31.29 5.25 46.51
C PHE C 261 -31.98 3.93 46.23
N GLN C 262 -32.36 3.28 47.33
CA GLN C 262 -32.86 1.92 47.33
C GLN C 262 -34.09 1.71 46.46
N ASN C 263 -34.97 2.71 46.39
CA ASN C 263 -36.19 2.58 45.56
C ASN C 263 -36.07 3.30 44.19
N LEU C 264 -34.86 3.78 43.86
CA LEU C 264 -34.66 4.67 42.72
C LEU C 264 -34.36 3.86 41.46
N THR C 265 -35.30 3.00 41.11
CA THR C 265 -35.00 1.81 40.35
C THR C 265 -34.93 2.17 38.84
N GLN C 266 -35.52 3.30 38.48
CA GLN C 266 -35.52 3.81 37.11
C GLN C 266 -34.46 4.89 36.87
N LEU C 267 -33.59 5.14 37.85
CA LEU C 267 -32.66 6.26 37.74
C LEU C 267 -31.75 6.05 36.52
N ARG C 268 -31.71 7.06 35.64
CA ARG C 268 -30.77 7.02 34.51
C ARG C 268 -29.61 8.01 34.74
N TYR C 269 -29.87 9.10 35.43
CA TYR C 269 -28.92 10.21 35.57
C TYR C 269 -28.68 10.53 37.04
N LEU C 270 -27.42 10.40 37.44
CA LEU C 270 -26.98 10.77 38.77
C LEU C 270 -25.80 11.72 38.75
N ASN C 271 -26.03 12.93 39.23
CA ASN C 271 -25.01 13.92 39.32
C ASN C 271 -24.55 14.13 40.77
N LEU C 272 -23.34 13.70 41.06
CA LEU C 272 -22.74 13.89 42.39
C LEU C 272 -21.45 14.72 42.32
N SER C 273 -21.38 15.63 41.34
CA SER C 273 -20.19 16.48 41.17
C SER C 273 -20.05 17.44 42.36
N SER C 274 -18.81 17.69 42.81
CA SER C 274 -18.56 18.64 43.92
C SER C 274 -19.38 18.32 45.19
N THR C 275 -19.32 17.07 45.64
CA THR C 275 -19.86 16.68 46.95
C THR C 275 -18.78 16.09 47.87
N SER C 276 -17.52 16.44 47.61
CA SER C 276 -16.38 16.11 48.42
C SER C 276 -16.26 14.64 48.73
N LEU C 277 -16.80 13.83 47.84
CA LEU C 277 -16.70 12.40 47.99
C LEU C 277 -15.25 11.93 47.94
N ARG C 278 -14.90 11.03 48.85
CA ARG C 278 -13.60 10.34 48.83
C ARG C 278 -13.83 8.86 48.70
N LYS C 279 -15.07 8.47 48.96
CA LYS C 279 -15.48 7.07 49.06
C LYS C 279 -16.78 6.95 48.29
N ILE C 280 -16.91 5.90 47.48
CA ILE C 280 -18.16 5.64 46.79
C ILE C 280 -18.74 4.31 47.28
N ASN C 281 -20.00 4.34 47.70
CA ASN C 281 -20.62 3.18 48.27
C ASN C 281 -21.27 2.36 47.16
N ALA C 282 -20.67 1.20 46.87
CA ALA C 282 -21.13 0.34 45.80
C ALA C 282 -22.64 0.03 45.93
N ALA C 283 -23.11 -0.09 47.15
CA ALA C 283 -24.47 -0.51 47.41
C ALA C 283 -25.50 0.57 47.09
N TRP C 284 -25.05 1.81 46.92
CA TRP C 284 -25.91 2.88 46.35
C TRP C 284 -26.53 2.45 45.02
N PHE C 285 -25.82 1.56 44.30
CA PHE C 285 -26.11 1.25 42.91
C PHE C 285 -26.77 -0.14 42.74
N LYS C 286 -27.00 -0.85 43.85
CA LYS C 286 -27.43 -2.24 43.77
C LYS C 286 -28.81 -2.41 43.10
N ASN C 287 -29.71 -1.46 43.31
CA ASN C 287 -31.04 -1.48 42.71
C ASN C 287 -31.22 -0.47 41.56
N MET C 288 -30.14 -0.18 40.83
CA MET C 288 -30.13 0.92 39.86
C MET C 288 -29.67 0.41 38.50
N PRO C 289 -30.37 -0.58 37.94
CA PRO C 289 -29.75 -1.34 36.87
C PRO C 289 -29.73 -0.63 35.51
N HIS C 290 -30.43 0.50 35.37
CA HIS C 290 -30.42 1.28 34.12
C HIS C 290 -29.59 2.55 34.20
N LEU C 291 -28.84 2.75 35.27
CA LEU C 291 -28.06 3.96 35.38
C LEU C 291 -27.13 4.12 34.14
N LYS C 292 -27.22 5.29 33.49
CA LYS C 292 -26.57 5.54 32.20
C LYS C 292 -25.44 6.58 32.29
N VAL C 293 -25.67 7.60 33.11
CA VAL C 293 -24.77 8.76 33.20
C VAL C 293 -24.40 9.00 34.67
N LEU C 294 -23.12 8.87 34.99
CA LEU C 294 -22.70 9.09 36.38
C LEU C 294 -21.69 10.19 36.45
N ASP C 295 -22.08 11.31 37.03
CA ASP C 295 -21.25 12.48 37.04
C ASP C 295 -20.57 12.63 38.40
N LEU C 296 -19.25 12.54 38.43
CA LEU C 296 -18.50 12.61 39.68
C LEU C 296 -17.34 13.60 39.61
N GLU C 297 -17.56 14.73 38.94
CA GLU C 297 -16.47 15.69 38.75
C GLU C 297 -16.25 16.45 40.04
N PHE C 298 -15.04 17.00 40.20
CA PHE C 298 -14.73 17.87 41.32
C PHE C 298 -14.99 17.19 42.66
N ASN C 299 -14.52 15.95 42.79
CA ASN C 299 -14.49 15.25 44.09
C ASN C 299 -13.05 14.88 44.45
N TYR C 300 -12.83 13.85 45.28
CA TYR C 300 -11.49 13.47 45.69
C TYR C 300 -11.30 12.00 45.48
N LEU C 301 -11.51 11.56 44.24
CA LEU C 301 -11.67 10.13 43.96
C LEU C 301 -10.45 9.46 43.37
N VAL C 302 -9.27 10.05 43.56
CA VAL C 302 -8.06 9.45 43.01
C VAL C 302 -7.91 8.02 43.53
N GLY C 303 -8.25 7.80 44.80
CA GLY C 303 -8.12 6.45 45.38
C GLY C 303 -9.19 5.54 44.85
N GLU C 304 -10.44 6.03 44.78
CA GLU C 304 -11.51 5.22 44.21
C GLU C 304 -11.29 4.95 42.73
N ILE C 305 -10.64 5.87 42.02
CA ILE C 305 -10.40 5.62 40.60
C ILE C 305 -9.44 4.43 40.46
N ALA C 306 -8.54 4.33 41.43
CA ALA C 306 -7.53 3.26 41.45
C ALA C 306 -8.05 1.92 42.04
N SER C 307 -9.12 1.94 42.82
CA SER C 307 -9.67 0.66 43.37
C SER C 307 -11.12 0.39 42.97
N GLY C 308 -12.04 1.27 43.37
CA GLY C 308 -13.33 1.40 42.69
C GLY C 308 -14.24 0.19 42.64
N ALA C 309 -14.57 -0.36 43.80
CA ALA C 309 -15.55 -1.43 43.88
C ALA C 309 -16.85 -1.03 43.15
N PHE C 310 -17.25 0.23 43.23
CA PHE C 310 -18.52 0.60 42.61
C PHE C 310 -18.59 0.30 41.10
N LEU C 311 -17.44 0.27 40.43
CA LEU C 311 -17.44 0.15 38.97
C LEU C 311 -18.07 -1.16 38.57
N THR C 312 -17.96 -2.12 39.49
CA THR C 312 -18.64 -3.43 39.42
C THR C 312 -20.17 -3.34 39.24
N MET C 313 -20.77 -2.26 39.71
CA MET C 313 -22.23 -2.13 39.78
C MET C 313 -22.82 -1.33 38.61
N LEU C 314 -22.04 -1.10 37.55
CA LEU C 314 -22.47 -0.16 36.52
C LEU C 314 -22.41 -0.72 35.10
N PRO C 315 -23.03 -1.89 34.86
CA PRO C 315 -22.84 -2.57 33.58
C PRO C 315 -23.62 -1.94 32.46
N ARG C 316 -24.58 -1.07 32.78
CA ARG C 316 -25.29 -0.33 31.74
C ARG C 316 -24.80 1.14 31.59
N LEU C 317 -23.73 1.49 32.29
CA LEU C 317 -23.27 2.89 32.29
C LEU C 317 -22.64 3.28 30.94
N GLU C 318 -23.08 4.42 30.38
CA GLU C 318 -22.61 4.88 29.04
C GLU C 318 -21.65 6.04 29.17
N ILE C 319 -21.86 6.85 30.20
CA ILE C 319 -21.05 8.02 30.44
C ILE C 319 -20.56 8.08 31.89
N LEU C 320 -19.25 8.07 32.04
CA LEU C 320 -18.61 8.27 33.35
C LEU C 320 -17.75 9.53 33.37
N ASP C 321 -18.11 10.53 34.18
CA ASP C 321 -17.31 11.75 34.28
C ASP C 321 -16.61 11.84 35.62
N LEU C 322 -15.30 11.66 35.57
CA LEU C 322 -14.43 11.69 36.72
C LEU C 322 -13.40 12.83 36.64
N SER C 323 -13.81 13.96 36.07
CA SER C 323 -12.91 15.08 35.81
C SER C 323 -12.65 15.87 37.07
N PHE C 324 -11.54 16.61 37.07
CA PHE C 324 -11.15 17.51 38.14
C PHE C 324 -11.27 16.91 39.56
N ASN C 325 -10.72 15.71 39.67
CA ASN C 325 -10.48 15.07 40.94
C ASN C 325 -9.02 15.14 41.41
N TYR C 326 -8.23 16.06 40.86
CA TYR C 326 -6.81 16.15 41.17
C TYR C 326 -6.55 16.48 42.65
N ILE C 327 -5.47 15.91 43.17
CA ILE C 327 -4.91 16.28 44.48
C ILE C 327 -3.99 17.49 44.28
N LYS C 328 -4.29 18.60 44.95
CA LYS C 328 -3.63 19.84 44.60
C LYS C 328 -2.14 19.76 44.89
N GLY C 329 -1.35 20.37 44.01
CA GLY C 329 0.10 20.26 44.07
C GLY C 329 0.67 18.87 43.83
N SER C 330 -0.16 17.83 43.70
CA SER C 330 0.35 16.51 43.30
C SER C 330 0.34 16.32 41.76
N TYR C 331 1.51 15.97 41.22
CA TYR C 331 1.75 15.82 39.79
C TYR C 331 2.34 14.45 39.56
N PRO C 332 1.55 13.40 39.80
CA PRO C 332 2.14 12.09 39.75
C PRO C 332 2.58 11.73 38.35
N GLN C 333 3.47 10.76 38.27
CA GLN C 333 4.05 10.38 37.01
C GLN C 333 2.99 9.78 36.13
N HIS C 334 2.11 9.00 36.74
CA HIS C 334 1.17 8.15 35.99
C HIS C 334 -0.21 8.24 36.56
N ILE C 335 -1.19 7.86 35.74
CA ILE C 335 -2.57 7.75 36.19
C ILE C 335 -2.83 6.30 36.59
N ASN C 336 -3.61 6.12 37.64
CA ASN C 336 -3.87 4.80 38.16
C ASN C 336 -5.34 4.43 38.05
N ILE C 337 -5.61 3.51 37.13
CA ILE C 337 -6.96 3.16 36.70
C ILE C 337 -7.24 1.74 37.20
N SER C 338 -8.30 1.56 38.00
CA SER C 338 -8.63 0.24 38.54
C SER C 338 -8.92 -0.74 37.42
N ARG C 339 -8.47 -1.98 37.61
CA ARG C 339 -8.85 -3.09 36.70
C ARG C 339 -10.36 -3.23 36.54
N ASN C 340 -11.10 -2.78 37.54
CA ASN C 340 -12.55 -2.83 37.49
C ASN C 340 -13.18 -1.89 36.46
N PHE C 341 -12.39 -1.02 35.82
CA PHE C 341 -12.92 -0.26 34.67
C PHE C 341 -13.33 -1.22 33.55
N SER C 342 -12.70 -2.39 33.49
CA SER C 342 -13.03 -3.37 32.44
C SER C 342 -14.42 -3.95 32.55
N LYS C 343 -15.12 -3.70 33.65
CA LYS C 343 -16.51 -4.12 33.73
C LYS C 343 -17.55 -3.12 33.23
N LEU C 344 -17.11 -2.02 32.65
CA LEU C 344 -18.05 -0.99 32.19
C LEU C 344 -18.41 -1.24 30.73
N LEU C 345 -19.09 -2.35 30.49
CA LEU C 345 -19.19 -2.91 29.12
C LEU C 345 -20.08 -2.06 28.24
N SER C 346 -20.91 -1.19 28.83
CA SER C 346 -21.70 -0.27 28.03
C SER C 346 -21.07 1.10 27.91
N LEU C 347 -19.89 1.29 28.46
CA LEU C 347 -19.32 2.64 28.54
C LEU C 347 -18.95 3.15 27.13
N ARG C 348 -19.40 4.36 26.82
CA ARG C 348 -19.22 4.99 25.52
C ARG C 348 -18.25 6.18 25.63
N ALA C 349 -18.30 6.88 26.77
CA ALA C 349 -17.44 8.02 26.98
C ALA C 349 -16.92 8.03 28.40
N LEU C 350 -15.63 8.30 28.52
CA LEU C 350 -14.96 8.43 29.79
C LEU C 350 -14.25 9.76 29.85
N HIS C 351 -14.69 10.62 30.75
CA HIS C 351 -14.09 11.91 30.92
C HIS C 351 -13.18 11.92 32.14
N LEU C 352 -11.92 12.24 31.88
CA LEU C 352 -10.88 12.30 32.87
C LEU C 352 -10.04 13.53 32.68
N ARG C 353 -10.68 14.70 32.58
CA ARG C 353 -9.94 15.92 32.61
C ARG C 353 -9.39 16.07 34.04
N GLY C 354 -8.30 16.82 34.18
CA GLY C 354 -7.94 17.41 35.45
C GLY C 354 -7.68 16.41 36.57
N TYR C 355 -7.19 15.24 36.24
CA TYR C 355 -6.58 14.33 37.19
C TYR C 355 -5.17 14.82 37.47
N VAL C 356 -4.44 15.12 36.39
CA VAL C 356 -3.15 15.89 36.41
C VAL C 356 -1.95 14.95 36.61
N PHE C 357 -1.34 14.52 35.51
CA PHE C 357 -0.28 13.54 35.55
C PHE C 357 0.65 13.70 34.37
N GLN C 358 1.83 13.10 34.44
CA GLN C 358 2.93 13.50 33.57
C GLN C 358 3.01 12.67 32.33
N GLU C 359 2.67 11.40 32.45
CA GLU C 359 2.94 10.47 31.37
C GLU C 359 1.84 9.44 31.26
N LEU C 360 1.42 9.13 30.04
CA LEU C 360 0.47 8.07 29.81
C LEU C 360 1.18 6.93 29.11
N ARG C 361 1.35 5.80 29.82
CA ARG C 361 1.97 4.61 29.23
C ARG C 361 0.89 3.62 28.81
N GLU C 362 1.25 2.70 27.93
CA GLU C 362 0.31 1.71 27.44
C GLU C 362 -0.23 0.87 28.60
N ASP C 363 0.65 0.56 29.52
CA ASP C 363 0.31 -0.25 30.69
C ASP C 363 -0.85 0.39 31.47
N ASP C 364 -0.90 1.70 31.46
CA ASP C 364 -1.77 2.43 32.38
C ASP C 364 -3.25 2.36 32.01
N PHE C 365 -3.56 2.06 30.73
CA PHE C 365 -4.94 2.00 30.21
C PHE C 365 -5.35 0.59 29.73
N GLN C 366 -4.60 -0.43 30.10
CA GLN C 366 -5.04 -1.83 29.98
C GLN C 366 -6.52 -2.11 30.31
N PRO C 367 -6.99 -1.65 31.47
CA PRO C 367 -8.36 -1.96 31.85
C PRO C 367 -9.40 -1.52 30.80
N LEU C 368 -9.05 -0.48 30.03
CA LEU C 368 -10.00 0.11 29.09
C LEU C 368 -9.98 -0.58 27.74
N MET C 369 -8.99 -1.44 27.49
CA MET C 369 -8.64 -1.78 26.12
C MET C 369 -9.51 -2.82 25.45
N GLN C 370 -10.32 -3.53 26.24
CA GLN C 370 -11.25 -4.48 25.68
C GLN C 370 -12.71 -4.05 25.79
N LEU C 371 -12.96 -2.81 26.20
CA LEU C 371 -14.31 -2.30 26.25
C LEU C 371 -14.87 -2.10 24.84
N PRO C 372 -15.87 -2.92 24.45
CA PRO C 372 -16.38 -2.90 23.07
C PRO C 372 -17.08 -1.58 22.67
N ASN C 373 -17.65 -0.85 23.64
CA ASN C 373 -18.49 0.32 23.35
C ASN C 373 -17.78 1.68 23.53
N LEU C 374 -16.57 1.66 24.06
CA LEU C 374 -15.88 2.89 24.42
C LEU C 374 -15.46 3.67 23.16
N SER C 375 -16.10 4.82 22.98
CA SER C 375 -16.07 5.60 21.76
C SER C 375 -15.21 6.84 21.95
N THR C 376 -15.29 7.42 23.14
CA THR C 376 -14.64 8.68 23.46
C THR C 376 -13.80 8.63 24.75
N ILE C 377 -12.57 9.09 24.64
CA ILE C 377 -11.72 9.26 25.79
C ILE C 377 -11.25 10.69 25.87
N ASN C 378 -11.53 11.33 27.00
CA ASN C 378 -11.21 12.74 27.21
C ASN C 378 -10.17 12.90 28.29
N LEU C 379 -8.97 13.29 27.89
CA LEU C 379 -7.85 13.57 28.78
C LEU C 379 -7.39 15.02 28.68
N GLY C 380 -8.33 15.92 28.44
CA GLY C 380 -8.00 17.35 28.35
C GLY C 380 -7.62 17.87 29.73
N ILE C 381 -6.72 18.85 29.76
CA ILE C 381 -6.35 19.58 30.94
C ILE C 381 -5.76 18.69 32.04
N ASN C 382 -4.73 17.94 31.66
CA ASN C 382 -4.02 17.06 32.59
C ASN C 382 -2.54 17.40 32.73
N PHE C 383 -2.10 18.45 32.04
CA PHE C 383 -0.67 18.70 31.91
C PHE C 383 0.23 17.52 31.54
N ILE C 384 -0.25 16.59 30.69
CA ILE C 384 0.51 15.38 30.31
C ILE C 384 1.64 15.80 29.42
N LYS C 385 2.86 15.34 29.72
CA LYS C 385 4.04 15.75 28.98
C LYS C 385 4.40 14.76 27.93
N GLN C 386 4.09 13.50 28.19
CA GLN C 386 4.37 12.41 27.22
C GLN C 386 3.27 11.36 27.11
N ILE C 387 3.10 10.84 25.90
CA ILE C 387 2.13 9.81 25.61
C ILE C 387 2.70 8.76 24.71
N ASP C 388 2.46 7.51 25.08
CA ASP C 388 2.77 6.37 24.23
C ASP C 388 1.57 6.14 23.29
N PHE C 389 1.63 6.75 22.11
CA PHE C 389 0.48 6.79 21.22
C PHE C 389 0.04 5.43 20.70
N LYS C 390 0.96 4.46 20.71
CA LYS C 390 0.63 3.14 20.19
C LYS C 390 -0.52 2.52 20.93
N LEU C 391 -0.75 2.96 22.17
CA LEU C 391 -1.78 2.35 23.00
C LEU C 391 -3.22 2.50 22.48
N PHE C 392 -3.48 3.57 21.75
CA PHE C 392 -4.82 3.77 21.18
C PHE C 392 -5.19 2.81 20.05
N GLN C 393 -4.21 2.20 19.43
CA GLN C 393 -4.45 1.16 18.44
C GLN C 393 -5.15 -0.03 19.06
N ASN C 394 -4.88 -0.29 20.34
CA ASN C 394 -5.30 -1.53 20.98
C ASN C 394 -6.76 -1.47 21.47
N PHE C 395 -7.48 -0.41 21.09
CA PHE C 395 -8.92 -0.30 21.32
C PHE C 395 -9.64 -0.78 20.07
N SER C 396 -10.92 -0.42 19.94
CA SER C 396 -11.91 -1.27 19.29
C SER C 396 -13.07 -0.46 18.62
N ASN C 397 -13.70 0.44 19.37
CA ASN C 397 -14.69 1.36 18.80
C ASN C 397 -14.29 2.83 19.09
N LEU C 398 -13.02 3.08 19.42
CA LEU C 398 -12.50 4.44 19.71
C LEU C 398 -12.61 5.38 18.51
N GLU C 399 -13.42 6.41 18.66
CA GLU C 399 -13.62 7.36 17.56
C GLU C 399 -13.10 8.76 17.93
N ILE C 400 -12.93 9.03 19.21
CA ILE C 400 -12.53 10.35 19.64
C ILE C 400 -11.48 10.26 20.71
N ILE C 401 -10.28 10.74 20.37
CA ILE C 401 -9.15 10.78 21.29
C ILE C 401 -8.83 12.24 21.55
N TYR C 402 -9.25 12.70 22.71
CA TYR C 402 -9.22 14.11 23.06
C TYR C 402 -8.10 14.38 24.04
N LEU C 403 -7.05 15.04 23.54
CA LEU C 403 -5.84 15.35 24.32
C LEU C 403 -5.53 16.83 24.29
N SER C 404 -6.56 17.63 24.03
CA SER C 404 -6.40 19.05 24.01
C SER C 404 -5.91 19.54 25.37
N GLU C 405 -5.03 20.55 25.34
CA GLU C 405 -4.63 21.30 26.51
C GLU C 405 -3.80 20.44 27.51
N ASN C 406 -2.62 20.07 27.06
CA ASN C 406 -1.70 19.26 27.85
C ASN C 406 -0.37 19.85 27.58
N ARG C 407 0.71 19.10 27.80
CA ARG C 407 2.06 19.61 27.62
C ARG C 407 2.85 18.73 26.66
N ILE C 408 2.15 18.15 25.69
CA ILE C 408 2.79 17.34 24.68
C ILE C 408 3.71 18.18 23.81
N SER C 409 4.82 17.60 23.42
CA SER C 409 5.86 18.36 22.74
C SER C 409 6.60 17.40 21.85
N PRO C 410 7.51 17.91 21.03
CA PRO C 410 8.10 17.08 20.00
C PRO C 410 8.79 15.83 20.57
N ASP C 436 -26.44 40.21 33.72
CA ASP C 436 -25.41 40.54 34.72
C ASP C 436 -25.06 39.42 35.72
N PHE C 437 -25.59 38.21 35.53
CA PHE C 437 -25.14 37.02 36.29
C PHE C 437 -24.31 36.02 35.47
N GLU C 438 -23.30 35.46 36.11
CA GLU C 438 -22.16 34.90 35.40
C GLU C 438 -22.48 33.57 34.77
N PHE C 439 -23.29 32.79 35.46
CA PHE C 439 -23.54 31.43 35.05
C PHE C 439 -24.93 31.34 34.46
N ASP C 440 -25.01 30.68 33.32
CA ASP C 440 -26.26 30.48 32.66
C ASP C 440 -27.02 29.42 33.44
N PRO C 441 -28.24 29.74 33.92
CA PRO C 441 -28.99 28.81 34.76
C PRO C 441 -29.54 27.63 34.00
N HIS C 442 -29.44 27.69 32.67
CA HIS C 442 -29.96 26.64 31.81
C HIS C 442 -28.87 25.75 31.27
N SER C 443 -27.66 25.91 31.79
CA SER C 443 -26.52 25.11 31.39
C SER C 443 -25.98 24.27 32.53
N ASN C 444 -25.17 23.27 32.18
CA ASN C 444 -24.43 22.50 33.17
C ASN C 444 -23.45 23.43 33.87
N PHE C 445 -23.31 23.24 35.17
CA PHE C 445 -22.47 24.14 35.97
C PHE C 445 -21.02 23.64 36.01
N TYR C 446 -20.81 22.35 35.80
CA TYR C 446 -19.49 21.80 36.04
C TYR C 446 -18.65 21.51 34.78
N HIS C 447 -19.29 21.38 33.62
CA HIS C 447 -18.52 21.35 32.38
C HIS C 447 -19.31 21.95 31.24
N PHE C 448 -18.62 22.38 30.20
CA PHE C 448 -19.27 22.83 28.97
C PHE C 448 -19.77 21.58 28.31
N THR C 449 -20.79 21.75 27.49
CA THR C 449 -21.47 20.65 26.83
C THR C 449 -21.51 20.80 25.32
N ARG C 450 -20.65 21.64 24.77
CA ARG C 450 -20.36 21.57 23.35
C ARG C 450 -19.59 20.27 23.00
N PRO C 451 -19.73 19.79 21.76
CA PRO C 451 -18.96 18.63 21.29
C PRO C 451 -17.46 18.83 21.49
N LEU C 452 -16.74 17.80 21.93
CA LEU C 452 -15.28 17.87 22.06
C LEU C 452 -14.62 18.16 20.71
N ILE C 453 -15.17 17.61 19.65
CA ILE C 453 -14.65 17.80 18.30
C ILE C 453 -15.74 18.36 17.41
N LYS C 454 -15.38 19.28 16.51
CA LYS C 454 -16.38 19.84 15.61
C LYS C 454 -16.95 18.67 14.80
N PRO C 455 -18.28 18.60 14.74
CA PRO C 455 -18.99 17.51 14.04
C PRO C 455 -18.54 17.44 12.60
N GLN C 456 -18.22 18.56 11.98
CA GLN C 456 -17.79 18.54 10.59
C GLN C 456 -16.46 17.80 10.42
N CYS C 457 -15.65 17.74 11.46
CA CYS C 457 -14.38 17.04 11.38
C CYS C 457 -14.58 15.58 11.82
N ALA C 458 -15.27 15.38 12.94
CA ALA C 458 -15.56 14.05 13.46
C ALA C 458 -16.30 13.17 12.46
N ALA C 459 -17.17 13.75 11.66
CA ALA C 459 -17.97 12.97 10.74
C ALA C 459 -17.09 12.24 9.74
N TYR C 460 -15.84 12.65 9.56
CA TYR C 460 -14.98 11.92 8.64
C TYR C 460 -14.47 10.58 9.16
N GLY C 461 -14.52 10.33 10.47
CA GLY C 461 -13.84 9.12 11.02
C GLY C 461 -13.13 9.39 12.35
N LYS C 462 -12.22 8.47 12.74
CA LYS C 462 -11.40 8.65 13.93
C LYS C 462 -10.77 10.03 14.03
N ALA C 463 -10.91 10.61 15.21
CA ALA C 463 -10.53 11.97 15.44
C ALA C 463 -9.50 12.01 16.57
N LEU C 464 -8.44 12.79 16.35
CA LEU C 464 -7.43 13.00 17.34
C LEU C 464 -7.24 14.50 17.50
N ASP C 465 -7.36 14.94 18.74
CA ASP C 465 -7.29 16.37 19.05
C ASP C 465 -6.09 16.60 19.95
N LEU C 466 -5.08 17.27 19.38
CA LEU C 466 -3.86 17.61 20.06
C LEU C 466 -3.74 19.11 20.20
N SER C 467 -4.84 19.82 20.21
CA SER C 467 -4.73 21.27 20.22
C SER C 467 -4.22 21.71 21.55
N LEU C 468 -3.70 22.93 21.58
CA LEU C 468 -3.29 23.60 22.82
C LEU C 468 -2.22 22.79 23.57
N ASN C 469 -1.28 22.27 22.78
CA ASN C 469 -0.09 21.68 23.33
C ASN C 469 1.12 22.49 22.84
N SER C 470 2.31 21.89 22.91
CA SER C 470 3.55 22.55 22.51
C SER C 470 4.33 21.77 21.47
N ILE C 471 3.59 21.22 20.52
CA ILE C 471 4.20 20.53 19.36
C ILE C 471 4.62 21.57 18.33
N PHE C 472 5.75 22.20 18.62
CA PHE C 472 6.21 23.37 17.86
C PHE C 472 6.93 22.95 16.59
N PHE C 473 7.25 21.67 16.51
CA PHE C 473 7.49 21.06 15.24
C PHE C 473 7.09 19.59 15.37
N ILE C 474 6.71 19.03 14.25
CA ILE C 474 6.29 17.64 14.18
C ILE C 474 7.51 16.88 13.68
N GLY C 475 8.06 16.02 14.54
CA GLY C 475 9.22 15.21 14.15
C GLY C 475 8.87 13.99 13.31
N PRO C 476 9.90 13.31 12.77
CA PRO C 476 9.63 12.24 11.81
C PRO C 476 8.89 11.04 12.39
N ASN C 477 8.81 10.90 13.71
CA ASN C 477 8.03 9.81 14.33
C ASN C 477 6.88 10.22 15.22
N GLN C 478 6.45 11.47 15.10
CA GLN C 478 5.42 12.01 15.99
C GLN C 478 4.15 11.16 16.01
N PHE C 479 3.76 10.64 14.84
CA PHE C 479 2.45 10.04 14.70
C PHE C 479 2.51 8.52 14.51
N GLU C 480 3.70 7.97 14.74
CA GLU C 480 3.96 6.54 14.50
C GLU C 480 3.01 5.68 15.37
N ASN C 481 2.38 4.67 14.79
CA ASN C 481 1.56 3.73 15.55
C ASN C 481 0.22 4.27 16.03
N LEU C 482 -0.32 5.23 15.30
CA LEU C 482 -1.63 5.74 15.64
C LEU C 482 -2.60 4.92 14.83
N PRO C 483 -3.86 4.85 15.27
CA PRO C 483 -4.82 4.34 14.32
C PRO C 483 -4.94 5.19 13.07
N ASP C 484 -5.85 4.82 12.18
CA ASP C 484 -6.07 5.58 10.96
C ASP C 484 -6.88 6.84 11.21
N ILE C 485 -6.21 7.97 11.37
CA ILE C 485 -6.89 9.20 11.76
C ILE C 485 -7.46 9.86 10.53
N ALA C 486 -8.75 10.17 10.58
CA ALA C 486 -9.41 11.00 9.57
C ALA C 486 -9.53 12.52 9.94
N CYS C 487 -9.53 12.82 11.22
CA CYS C 487 -9.83 14.19 11.70
C CYS C 487 -8.73 14.51 12.67
N LEU C 488 -7.90 15.50 12.34
CA LEU C 488 -6.81 15.82 13.22
C LEU C 488 -6.81 17.30 13.52
N ASN C 489 -6.62 17.60 14.81
CA ASN C 489 -6.50 18.93 15.30
C ASN C 489 -5.16 19.20 15.94
N LEU C 490 -4.37 20.06 15.30
CA LEU C 490 -3.09 20.53 15.82
C LEU C 490 -3.11 22.04 16.04
N SER C 491 -4.28 22.57 16.26
CA SER C 491 -4.42 24.00 16.54
C SER C 491 -3.61 24.42 17.78
N ALA C 492 -3.03 25.62 17.70
CA ALA C 492 -2.51 26.32 18.85
C ALA C 492 -1.39 25.52 19.53
N ASN C 493 -0.50 24.98 18.72
CA ASN C 493 0.71 24.35 19.19
C ASN C 493 1.94 25.18 18.93
N SER C 494 1.73 26.44 18.54
CA SER C 494 2.80 27.29 18.02
C SER C 494 3.81 26.56 17.12
N ASN C 495 3.28 25.82 16.16
CA ASN C 495 4.11 25.12 15.21
C ASN C 495 4.72 26.06 14.19
N ALA C 496 6.06 26.09 14.14
CA ALA C 496 6.80 27.01 13.30
C ALA C 496 7.51 26.29 12.18
N GLN C 497 7.15 25.06 11.91
CA GLN C 497 7.99 24.27 11.03
C GLN C 497 7.71 24.51 9.57
N VAL C 498 8.66 24.08 8.75
CA VAL C 498 8.50 24.02 7.30
C VAL C 498 7.95 22.63 6.99
N LEU C 499 6.65 22.56 6.73
CA LEU C 499 6.09 21.27 6.31
C LEU C 499 6.60 20.95 4.95
N SER C 500 6.93 19.67 4.74
CA SER C 500 7.71 19.27 3.60
C SER C 500 7.15 18.08 2.85
N GLY C 501 6.03 17.55 3.28
CA GLY C 501 5.38 16.50 2.53
C GLY C 501 5.68 15.12 3.11
N THR C 502 6.28 15.05 4.29
CA THR C 502 6.48 13.77 4.97
C THR C 502 5.97 13.72 6.40
N GLU C 503 5.59 14.86 6.99
CA GLU C 503 5.24 14.90 8.42
C GLU C 503 4.04 14.04 8.80
N PHE C 504 3.12 13.87 7.87
CA PHE C 504 1.88 13.13 8.08
C PHE C 504 1.87 11.73 7.42
N SER C 505 3.03 11.24 6.99
CA SER C 505 3.13 9.90 6.32
C SER C 505 2.54 8.72 7.10
N ALA C 506 2.60 8.76 8.40
CA ALA C 506 2.04 7.72 9.26
C ALA C 506 0.52 7.74 9.36
N ILE C 507 -0.12 8.84 9.01
CA ILE C 507 -1.56 8.95 9.10
C ILE C 507 -2.02 9.63 7.83
N PRO C 508 -1.85 8.95 6.68
CA PRO C 508 -1.95 9.59 5.37
C PRO C 508 -3.36 9.81 4.90
N HIS C 509 -4.35 9.34 5.65
CA HIS C 509 -5.75 9.51 5.23
C HIS C 509 -6.51 10.59 6.07
N VAL C 510 -5.79 11.54 6.65
CA VAL C 510 -6.49 12.71 7.19
C VAL C 510 -7.31 13.44 6.11
N LYS C 511 -8.60 13.63 6.40
CA LYS C 511 -9.50 14.34 5.51
C LYS C 511 -9.84 15.77 5.97
N TYR C 512 -9.78 15.98 7.28
CA TYR C 512 -9.98 17.28 7.92
C TYR C 512 -8.80 17.59 8.82
N LEU C 513 -8.06 18.62 8.47
CA LEU C 513 -6.86 19.03 9.21
C LEU C 513 -6.98 20.48 9.68
N ASP C 514 -6.99 20.62 11.00
CA ASP C 514 -6.99 21.92 11.68
C ASP C 514 -5.60 22.27 12.15
N LEU C 515 -4.98 23.23 11.46
CA LEU C 515 -3.69 23.75 11.78
C LEU C 515 -3.78 25.21 12.21
N THR C 516 -4.95 25.62 12.70
CA THR C 516 -5.15 27.07 12.96
C THR C 516 -4.27 27.54 14.10
N ASN C 517 -4.00 28.85 14.19
CA ASN C 517 -3.30 29.38 15.36
C ASN C 517 -1.95 28.72 15.60
N ASN C 518 -1.13 28.64 14.57
CA ASN C 518 0.20 28.20 14.64
C ASN C 518 1.06 29.24 13.98
N ARG C 519 2.32 28.93 13.74
CA ARG C 519 3.18 29.86 13.02
C ARG C 519 3.98 29.19 11.93
N LEU C 520 3.26 28.59 11.03
CA LEU C 520 3.86 27.75 10.04
C LEU C 520 4.64 28.57 9.05
N ASP C 521 5.74 27.98 8.60
CA ASP C 521 6.65 28.58 7.69
C ASP C 521 6.56 27.89 6.36
N PHE C 522 5.91 28.56 5.44
CA PHE C 522 5.60 27.98 4.17
C PHE C 522 6.75 28.12 3.20
N ASP C 523 7.76 27.26 3.40
CA ASP C 523 8.95 27.34 2.57
C ASP C 523 9.20 26.09 1.72
N ASN C 524 8.21 25.22 1.61
CA ASN C 524 8.37 24.04 0.77
C ASN C 524 7.07 23.77 0.00
N ALA C 525 7.15 23.75 -1.31
CA ALA C 525 5.95 23.56 -2.17
C ALA C 525 5.27 22.17 -2.08
N SER C 526 5.91 21.22 -1.41
CA SER C 526 5.34 19.88 -1.21
C SER C 526 4.69 19.71 0.17
N ALA C 527 4.60 20.80 0.92
CA ALA C 527 3.85 20.79 2.18
C ALA C 527 2.50 20.10 2.05
N LEU C 528 2.29 19.13 2.94
CA LEU C 528 1.00 18.45 3.15
C LEU C 528 0.55 17.57 1.98
N THR C 529 1.36 17.48 0.93
CA THR C 529 0.97 16.75 -0.27
C THR C 529 0.84 15.23 -0.02
N GLU C 530 1.38 14.75 1.09
CA GLU C 530 1.25 13.34 1.45
C GLU C 530 -0.20 13.05 1.82
N LEU C 531 -0.97 14.07 2.15
CA LEU C 531 -2.38 13.89 2.53
C LEU C 531 -3.30 13.93 1.34
N SER C 532 -3.33 12.87 0.54
CA SER C 532 -3.88 13.01 -0.80
C SER C 532 -5.40 12.94 -0.78
N ASP C 533 -5.98 12.55 0.34
CA ASP C 533 -7.41 12.59 0.49
C ASP C 533 -7.92 13.84 1.24
N LEU C 534 -7.04 14.77 1.60
CA LEU C 534 -7.47 15.99 2.35
C LEU C 534 -8.61 16.71 1.63
N GLU C 535 -9.67 16.95 2.39
CA GLU C 535 -10.86 17.70 1.94
C GLU C 535 -11.07 19.08 2.58
N VAL C 536 -10.72 19.18 3.87
CA VAL C 536 -10.81 20.45 4.61
C VAL C 536 -9.46 20.75 5.28
N LEU C 537 -8.95 21.95 5.02
CA LEU C 537 -7.71 22.39 5.60
C LEU C 537 -7.97 23.77 6.19
N ASP C 538 -7.79 23.87 7.50
CA ASP C 538 -7.86 25.14 8.19
C ASP C 538 -6.47 25.68 8.60
N LEU C 539 -6.05 26.74 7.94
CA LEU C 539 -4.78 27.42 8.23
C LEU C 539 -4.95 28.83 8.78
N SER C 540 -6.12 29.11 9.30
CA SER C 540 -6.48 30.42 9.91
C SER C 540 -5.48 30.79 11.01
N TYR C 541 -5.11 32.06 11.10
CA TYR C 541 -4.28 32.53 12.20
C TYR C 541 -2.89 31.92 12.22
N ASN C 542 -2.27 31.91 11.05
CA ASN C 542 -0.87 31.61 10.93
C ASN C 542 -0.11 32.80 10.35
N SER C 543 -0.45 34.01 10.83
CA SER C 543 0.13 35.26 10.36
C SER C 543 1.63 35.32 10.41
N HIS C 544 2.18 34.62 11.40
CA HIS C 544 3.52 34.89 11.92
C HIS C 544 4.56 35.16 10.84
N TYR C 545 4.70 34.24 9.88
CA TYR C 545 5.70 34.43 8.85
C TYR C 545 5.17 35.23 7.68
N PHE C 546 3.87 35.20 7.47
CA PHE C 546 3.31 35.96 6.33
C PHE C 546 3.54 37.46 6.51
N ARG C 547 3.63 37.90 7.76
CA ARG C 547 3.90 39.30 8.06
C ARG C 547 5.23 39.76 7.57
N ILE C 548 6.18 38.83 7.45
CA ILE C 548 7.54 39.20 7.23
C ILE C 548 7.87 39.17 5.74
N ALA C 549 8.18 40.33 5.17
CA ALA C 549 8.35 40.44 3.71
C ALA C 549 9.53 39.61 3.17
N GLY C 550 10.58 39.48 3.97
CA GLY C 550 11.83 38.95 3.51
C GLY C 550 12.05 37.45 3.62
N VAL C 551 11.13 36.75 4.24
CA VAL C 551 11.08 35.30 4.14
C VAL C 551 10.12 34.77 3.07
N THR C 552 10.33 33.53 2.64
CA THR C 552 9.50 33.00 1.59
C THR C 552 8.13 32.61 2.10
N HIS C 553 7.14 32.66 1.21
CA HIS C 553 5.76 32.23 1.47
C HIS C 553 5.26 31.49 0.24
N HIS C 554 5.34 30.15 0.32
CA HIS C 554 5.04 29.29 -0.86
C HIS C 554 3.70 28.58 -0.68
N LEU C 555 2.70 28.98 -1.44
CA LEU C 555 1.38 28.36 -1.32
C LEU C 555 0.99 27.43 -2.51
N GLU C 556 2.00 26.99 -3.26
CA GLU C 556 1.82 26.18 -4.46
C GLU C 556 1.19 24.82 -4.13
N PHE C 557 1.46 24.35 -2.94
CA PHE C 557 1.03 23.03 -2.53
C PHE C 557 -0.46 22.82 -2.68
N ILE C 558 -1.21 23.91 -2.68
CA ILE C 558 -2.66 23.84 -2.78
C ILE C 558 -3.17 23.15 -4.06
N GLN C 559 -2.49 23.34 -5.18
CA GLN C 559 -2.89 22.70 -6.41
C GLN C 559 -2.76 21.17 -6.41
N ASN C 560 -2.01 20.58 -5.50
CA ASN C 560 -1.69 19.15 -5.60
C ASN C 560 -2.81 18.23 -5.13
N PHE C 561 -3.74 18.74 -4.32
CA PHE C 561 -4.83 17.98 -3.82
C PHE C 561 -5.92 17.79 -4.87
N THR C 562 -6.37 16.56 -5.05
CA THR C 562 -7.38 16.21 -6.06
C THR C 562 -8.78 16.18 -5.47
N ASN C 563 -8.90 16.32 -4.16
CA ASN C 563 -10.22 16.39 -3.53
C ASN C 563 -10.37 17.40 -2.39
N LEU C 564 -9.53 18.45 -2.41
CA LEU C 564 -9.63 19.51 -1.40
C LEU C 564 -10.83 20.37 -1.72
N LYS C 565 -11.76 20.46 -0.78
CA LYS C 565 -12.97 21.23 -0.94
C LYS C 565 -13.03 22.59 -0.26
N VAL C 566 -12.54 22.64 0.97
CA VAL C 566 -12.66 23.84 1.81
C VAL C 566 -11.28 24.22 2.37
N LEU C 567 -10.84 25.43 2.02
CA LEU C 567 -9.59 25.92 2.45
C LEU C 567 -9.83 27.26 3.19
N ASN C 568 -9.29 27.39 4.39
CA ASN C 568 -9.44 28.61 5.17
C ASN C 568 -8.08 29.23 5.43
N LEU C 569 -7.81 30.31 4.68
CA LEU C 569 -6.60 31.12 4.84
C LEU C 569 -6.86 32.43 5.61
N SER C 570 -7.90 32.44 6.43
CA SER C 570 -8.24 33.67 7.17
C SER C 570 -7.19 34.15 8.18
N HIS C 571 -7.12 35.47 8.36
CA HIS C 571 -6.34 36.13 9.41
C HIS C 571 -4.90 35.69 9.33
N ASN C 572 -4.35 35.70 8.12
CA ASN C 572 -2.97 35.36 7.90
C ASN C 572 -2.20 36.58 7.49
N ASN C 573 -2.90 37.68 7.32
CA ASN C 573 -2.22 38.90 6.90
C ASN C 573 -1.42 38.76 5.65
N ILE C 574 -1.90 37.90 4.76
CA ILE C 574 -1.23 37.65 3.52
C ILE C 574 -1.16 38.87 2.60
N TYR C 575 0.05 39.29 2.25
CA TYR C 575 0.24 40.40 1.31
C TYR C 575 1.31 40.17 0.28
N THR C 576 2.05 39.07 0.42
CA THR C 576 3.14 38.82 -0.49
C THR C 576 3.40 37.31 -0.51
N LEU C 577 3.57 36.80 -1.73
CA LEU C 577 3.90 35.39 -1.98
C LEU C 577 5.12 35.29 -2.88
N THR C 578 5.77 34.12 -2.84
CA THR C 578 7.04 33.84 -3.49
C THR C 578 6.82 33.02 -4.79
N ASP C 579 7.32 33.55 -5.91
CA ASP C 579 7.47 32.82 -7.22
C ASP C 579 6.13 32.64 -7.85
N LYS C 580 5.24 31.92 -7.19
CA LYS C 580 3.90 31.75 -7.72
C LYS C 580 2.88 32.67 -7.06
N TYR C 581 2.21 33.50 -7.85
CA TYR C 581 1.33 34.52 -7.31
C TYR C 581 -0.12 34.13 -7.30
N ASN C 582 -0.45 32.98 -7.89
CA ASN C 582 -1.83 32.54 -8.05
C ASN C 582 -2.17 31.29 -7.30
N LEU C 583 -3.37 31.22 -6.75
CA LEU C 583 -3.85 29.99 -6.17
C LEU C 583 -4.59 29.18 -7.22
N GLU C 584 -4.31 27.89 -7.27
CA GLU C 584 -4.89 26.97 -8.27
C GLU C 584 -5.39 25.69 -7.66
N SER C 585 -6.58 25.28 -8.10
CA SER C 585 -7.16 24.04 -7.67
C SER C 585 -8.30 23.65 -8.59
N LYS C 586 -8.28 22.39 -9.05
CA LYS C 586 -9.40 21.88 -9.86
C LYS C 586 -10.55 21.44 -8.95
N SER C 587 -10.24 21.32 -7.67
CA SER C 587 -11.15 20.76 -6.68
C SER C 587 -11.90 21.81 -5.86
N LEU C 588 -11.17 22.83 -5.38
CA LEU C 588 -11.70 23.69 -4.30
C LEU C 588 -13.04 24.32 -4.59
N VAL C 589 -13.93 24.22 -3.62
CA VAL C 589 -15.29 24.74 -3.70
C VAL C 589 -15.48 26.01 -2.82
N GLU C 590 -14.74 26.08 -1.72
CA GLU C 590 -14.81 27.22 -0.76
C GLU C 590 -13.41 27.69 -0.35
N LEU C 591 -13.13 28.98 -0.57
CA LEU C 591 -11.94 29.64 -0.06
C LEU C 591 -12.33 30.79 0.88
N VAL C 592 -11.84 30.74 2.12
CA VAL C 592 -12.00 31.84 3.04
C VAL C 592 -10.71 32.62 3.03
N PHE C 593 -10.76 33.84 2.51
CA PHE C 593 -9.54 34.68 2.47
C PHE C 593 -9.73 35.94 3.35
N SER C 594 -10.64 35.88 4.30
CA SER C 594 -10.84 37.04 5.21
C SER C 594 -9.59 37.38 6.07
N GLY C 595 -9.38 38.67 6.34
CA GLY C 595 -8.33 39.12 7.26
C GLY C 595 -6.96 39.04 6.65
N ASN C 596 -6.90 39.23 5.35
CA ASN C 596 -5.62 39.32 4.67
C ASN C 596 -5.52 40.73 4.08
N ARG C 597 -4.55 40.95 3.21
CA ARG C 597 -4.29 42.27 2.64
C ARG C 597 -4.40 42.32 1.12
N LEU C 598 -5.58 41.98 0.60
CA LEU C 598 -5.86 42.24 -0.84
C LEU C 598 -5.69 43.73 -1.24
N ASP C 599 -5.79 44.64 -0.29
CA ASP C 599 -5.54 46.06 -0.57
C ASP C 599 -4.14 46.23 -1.06
N ILE C 600 -3.20 45.47 -0.52
CA ILE C 600 -1.85 45.49 -1.01
C ILE C 600 -1.67 44.57 -2.23
N LEU C 601 -2.19 43.36 -2.18
CA LEU C 601 -2.00 42.41 -3.29
C LEU C 601 -2.49 43.04 -4.60
N TRP C 602 -3.61 43.71 -4.54
CA TRP C 602 -4.26 44.30 -5.69
C TRP C 602 -4.03 45.79 -5.78
N ASN C 603 -2.92 46.24 -5.22
CA ASN C 603 -2.54 47.62 -5.32
C ASN C 603 -2.40 48.02 -6.80
N ASP C 604 -2.94 49.19 -7.13
CA ASP C 604 -2.85 49.75 -8.50
C ASP C 604 -1.47 49.81 -9.16
N ASP C 605 -0.39 49.80 -8.38
CA ASP C 605 0.93 49.81 -8.93
C ASP C 605 1.50 48.43 -9.23
N ASP C 606 0.74 47.37 -8.92
CA ASP C 606 1.28 46.02 -9.00
C ASP C 606 0.26 45.13 -9.74
N ASN C 607 0.73 44.45 -10.79
CA ASN C 607 -0.09 43.50 -11.59
C ASN C 607 -0.02 42.02 -11.25
N ARG C 608 0.90 41.64 -10.36
CA ARG C 608 1.22 40.23 -10.20
C ARG C 608 0.10 39.38 -9.62
N TYR C 609 -0.85 39.93 -8.86
CA TYR C 609 -1.89 39.16 -8.14
C TYR C 609 -3.29 39.37 -8.74
N ILE C 610 -3.29 39.93 -9.94
CA ILE C 610 -4.52 40.26 -10.66
C ILE C 610 -5.36 39.04 -11.02
N SER C 611 -4.74 37.87 -11.07
CA SER C 611 -5.44 36.62 -11.29
C SER C 611 -5.36 35.64 -10.14
N ILE C 612 -5.24 36.15 -8.92
CA ILE C 612 -4.90 35.31 -7.77
C ILE C 612 -5.85 34.15 -7.49
N PHE C 613 -7.12 34.35 -7.73
CA PHE C 613 -8.15 33.32 -7.48
C PHE C 613 -8.72 32.65 -8.76
N LYS C 614 -8.19 33.02 -9.93
CA LYS C 614 -8.84 32.62 -11.17
C LYS C 614 -8.67 31.13 -11.43
N GLY C 615 -7.53 30.57 -11.03
CA GLY C 615 -7.27 29.14 -11.23
C GLY C 615 -7.99 28.26 -10.20
N LEU C 616 -8.87 28.84 -9.40
CA LEU C 616 -9.78 28.06 -8.56
C LEU C 616 -11.06 27.75 -9.34
N LYS C 617 -10.93 26.80 -10.23
CA LYS C 617 -11.88 26.61 -11.32
C LYS C 617 -13.23 26.12 -10.86
N ASN C 618 -13.28 25.45 -9.71
CA ASN C 618 -14.51 24.86 -9.18
C ASN C 618 -15.11 25.71 -8.06
N LEU C 619 -14.55 26.89 -7.83
CA LEU C 619 -14.93 27.67 -6.65
C LEU C 619 -16.37 28.12 -6.71
N THR C 620 -17.13 27.90 -5.63
CA THR C 620 -18.49 28.46 -5.52
C THR C 620 -18.67 29.45 -4.39
N ARG C 621 -17.82 29.39 -3.39
CA ARG C 621 -17.98 30.30 -2.24
C ARG C 621 -16.65 30.98 -1.95
N LEU C 622 -16.65 32.31 -1.98
CA LEU C 622 -15.43 33.09 -1.76
C LEU C 622 -15.67 34.18 -0.72
N ASP C 623 -14.83 34.18 0.31
CA ASP C 623 -14.93 35.19 1.37
C ASP C 623 -13.74 36.12 1.34
N LEU C 624 -14.03 37.37 1.01
CA LEU C 624 -12.99 38.40 0.91
C LEU C 624 -13.19 39.48 1.96
N SER C 625 -13.90 39.16 3.04
CA SER C 625 -14.11 40.19 4.07
C SER C 625 -12.81 40.62 4.79
N LEU C 626 -12.83 41.79 5.43
CA LEU C 626 -11.70 42.20 6.29
C LEU C 626 -10.37 42.21 5.58
N ASN C 627 -10.36 42.76 4.36
CA ASN C 627 -9.13 42.92 3.57
C ASN C 627 -8.76 44.37 3.31
N ARG C 628 -9.40 45.30 4.00
CA ARG C 628 -9.03 46.68 3.94
C ARG C 628 -9.22 47.30 2.57
N LEU C 629 -10.11 46.73 1.75
CA LEU C 629 -10.27 47.18 0.38
C LEU C 629 -11.09 48.47 0.29
N LYS C 630 -10.51 49.47 -0.33
CA LYS C 630 -11.22 50.68 -0.72
C LYS C 630 -11.75 50.59 -2.15
N HIS C 631 -11.00 49.97 -3.03
CA HIS C 631 -11.43 49.76 -4.41
C HIS C 631 -10.85 48.43 -4.85
N ILE C 632 -11.60 47.71 -5.67
CA ILE C 632 -11.12 46.52 -6.39
C ILE C 632 -10.90 46.88 -7.84
N PRO C 633 -9.72 46.61 -8.40
CA PRO C 633 -9.59 46.87 -9.82
C PRO C 633 -10.56 46.02 -10.65
N ASN C 634 -11.06 46.59 -11.73
CA ASN C 634 -12.06 45.92 -12.57
C ASN C 634 -11.50 44.60 -13.09
N GLU C 635 -10.25 44.58 -13.52
CA GLU C 635 -9.68 43.37 -14.09
C GLU C 635 -9.55 42.26 -13.02
N ALA C 636 -9.38 42.67 -11.78
CA ALA C 636 -9.19 41.72 -10.73
C ALA C 636 -10.54 41.14 -10.41
N PHE C 637 -11.55 41.99 -10.41
CA PHE C 637 -12.89 41.50 -10.17
C PHE C 637 -13.35 40.53 -11.26
N LEU C 638 -12.96 40.80 -12.50
CA LEU C 638 -13.38 39.99 -13.64
C LEU C 638 -12.63 38.69 -13.61
N ASN C 639 -11.55 38.64 -12.84
CA ASN C 639 -10.76 37.43 -12.79
C ASN C 639 -11.15 36.52 -11.64
N LEU C 640 -12.20 36.87 -10.92
CA LEU C 640 -12.72 36.00 -9.89
C LEU C 640 -13.41 34.90 -10.63
N PRO C 641 -13.47 33.68 -10.02
CA PRO C 641 -13.94 32.55 -10.80
C PRO C 641 -15.42 32.66 -11.18
N ALA C 642 -15.72 32.39 -12.45
CA ALA C 642 -17.08 32.52 -12.98
C ALA C 642 -18.06 31.51 -12.40
N SER C 643 -17.55 30.47 -11.73
CA SER C 643 -18.40 29.50 -11.06
C SER C 643 -19.04 30.04 -9.79
N LEU C 644 -18.60 31.19 -9.31
CA LEU C 644 -19.06 31.63 -7.98
C LEU C 644 -20.54 31.68 -7.86
N THR C 645 -21.06 31.12 -6.77
CA THR C 645 -22.45 31.32 -6.41
C THR C 645 -22.61 32.24 -5.22
N GLU C 646 -21.54 32.48 -4.48
CA GLU C 646 -21.64 33.20 -3.20
C GLU C 646 -20.37 33.98 -2.93
N LEU C 647 -20.49 35.30 -2.86
CA LEU C 647 -19.33 36.19 -2.74
C LEU C 647 -19.54 37.18 -1.61
N HIS C 648 -18.59 37.16 -0.67
CA HIS C 648 -18.55 38.06 0.47
C HIS C 648 -17.42 39.06 0.34
N ILE C 649 -17.77 40.36 0.42
CA ILE C 649 -16.78 41.41 0.41
C ILE C 649 -17.12 42.42 1.51
N ASN C 650 -17.67 41.87 2.56
CA ASN C 650 -18.09 42.65 3.67
C ASN C 650 -16.95 43.11 4.55
N ASP C 651 -17.23 44.15 5.33
CA ASP C 651 -16.23 44.74 6.23
C ASP C 651 -14.94 45.02 5.54
N ASN C 652 -15.05 45.71 4.43
CA ASN C 652 -13.91 46.38 3.87
C ASN C 652 -14.23 47.91 3.92
N MET C 653 -13.69 48.71 3.00
CA MET C 653 -13.94 50.15 3.00
C MET C 653 -14.33 50.60 1.61
N LEU C 654 -15.09 49.78 0.90
CA LEU C 654 -15.40 50.09 -0.49
C LEU C 654 -16.28 51.34 -0.60
N LYS C 655 -15.86 52.25 -1.47
CA LYS C 655 -16.62 53.44 -1.78
C LYS C 655 -17.54 53.23 -3.02
N PHE C 656 -17.01 52.53 -4.04
CA PHE C 656 -17.79 52.15 -5.23
C PHE C 656 -17.72 50.64 -5.57
N PHE C 657 -18.73 50.19 -6.30
CA PHE C 657 -18.84 48.82 -6.76
C PHE C 657 -19.32 48.80 -8.21
N ASN C 658 -18.56 48.16 -9.08
CA ASN C 658 -18.88 48.12 -10.49
C ASN C 658 -19.91 47.06 -10.79
N TRP C 659 -21.17 47.46 -10.76
CA TRP C 659 -22.26 46.50 -10.89
C TRP C 659 -22.30 45.79 -12.23
N THR C 660 -21.75 46.45 -13.25
CA THR C 660 -21.82 45.97 -14.61
C THR C 660 -21.02 44.68 -14.72
N LEU C 661 -19.94 44.57 -13.96
CA LEU C 661 -19.13 43.33 -13.88
C LEU C 661 -19.86 42.07 -13.42
N LEU C 662 -21.05 42.24 -12.83
CA LEU C 662 -21.86 41.08 -12.43
C LEU C 662 -22.38 40.26 -13.60
N GLN C 663 -22.25 40.84 -14.80
CA GLN C 663 -22.69 40.17 -16.01
C GLN C 663 -21.81 39.00 -16.32
N GLN C 664 -20.62 38.93 -15.72
CA GLN C 664 -19.75 37.78 -15.93
C GLN C 664 -19.84 36.71 -14.82
N PHE C 665 -20.81 36.83 -13.92
CA PHE C 665 -20.98 35.84 -12.88
C PHE C 665 -22.39 35.29 -12.95
N PRO C 666 -22.63 34.38 -13.91
CA PRO C 666 -23.99 34.02 -14.27
C PRO C 666 -24.63 33.09 -13.26
N ARG C 667 -23.88 32.64 -12.27
CA ARG C 667 -24.46 31.76 -11.28
C ARG C 667 -24.53 32.43 -9.91
N LEU C 668 -24.09 33.67 -9.83
CA LEU C 668 -24.04 34.38 -8.57
C LEU C 668 -25.40 34.51 -7.94
N GLU C 669 -25.56 33.96 -6.74
CA GLU C 669 -26.80 34.00 -6.00
C GLU C 669 -26.74 34.92 -4.80
N LEU C 670 -25.61 34.94 -4.10
CA LEU C 670 -25.49 35.74 -2.90
C LEU C 670 -24.36 36.72 -3.02
N LEU C 671 -24.67 38.00 -2.85
CA LEU C 671 -23.65 39.03 -2.84
C LEU C 671 -23.76 39.82 -1.56
N ASP C 672 -22.68 39.82 -0.80
CA ASP C 672 -22.65 40.38 0.55
C ASP C 672 -21.67 41.55 0.53
N LEU C 673 -22.22 42.77 0.53
CA LEU C 673 -21.35 43.96 0.64
C LEU C 673 -21.57 44.77 1.91
N ARG C 674 -21.96 44.12 3.00
CA ARG C 674 -22.17 44.83 4.28
C ARG C 674 -20.92 45.47 4.83
N GLY C 675 -21.12 46.55 5.59
CA GLY C 675 -20.04 47.20 6.31
C GLY C 675 -18.97 47.73 5.40
N ASN C 676 -19.41 48.43 4.37
CA ASN C 676 -18.52 49.14 3.50
C ASN C 676 -18.91 50.65 3.48
N LYS C 677 -18.47 51.40 2.49
CA LYS C 677 -18.76 52.83 2.43
C LYS C 677 -19.43 53.21 1.12
N LEU C 678 -20.32 52.34 0.65
CA LEU C 678 -20.97 52.51 -0.65
C LEU C 678 -21.98 53.66 -0.60
N LEU C 679 -21.88 54.56 -1.57
CA LEU C 679 -22.69 55.80 -1.65
C LEU C 679 -24.00 55.72 -2.47
N PHE C 680 -24.02 54.91 -3.52
CA PHE C 680 -25.21 54.81 -4.33
C PHE C 680 -25.27 53.47 -5.01
N LEU C 681 -26.45 53.17 -5.52
CA LEU C 681 -26.69 51.98 -6.31
C LEU C 681 -26.78 52.31 -7.81
N THR C 682 -26.62 51.30 -8.65
CA THR C 682 -26.86 51.43 -10.09
C THR C 682 -28.32 51.24 -10.36
N ASP C 683 -28.87 51.98 -11.32
CA ASP C 683 -30.26 51.79 -11.73
C ASP C 683 -30.53 50.38 -12.30
N SER C 684 -29.88 50.02 -13.41
CA SER C 684 -30.31 48.86 -14.22
C SER C 684 -29.73 47.49 -13.81
N LEU C 685 -30.00 47.05 -12.59
CA LEU C 685 -29.38 45.85 -12.04
C LEU C 685 -29.80 44.59 -12.78
N SER C 686 -31.04 44.59 -13.27
CA SER C 686 -31.56 43.51 -14.11
C SER C 686 -30.77 43.37 -15.39
N ASP C 687 -30.08 44.43 -15.82
CA ASP C 687 -29.16 44.27 -16.97
C ASP C 687 -27.91 43.51 -16.57
N PHE C 688 -27.60 43.49 -15.28
CA PHE C 688 -26.33 43.00 -14.80
C PHE C 688 -26.37 41.57 -14.25
N THR C 689 -27.55 41.13 -13.83
CA THR C 689 -27.69 39.83 -13.26
C THR C 689 -29.11 39.32 -13.36
N SER C 690 -29.27 38.04 -13.66
CA SER C 690 -30.53 37.35 -13.55
C SER C 690 -30.46 36.17 -12.58
N SER C 691 -29.42 36.11 -11.77
CA SER C 691 -29.27 34.98 -10.82
C SER C 691 -29.32 35.43 -9.37
N LEU C 692 -28.98 36.70 -9.09
CA LEU C 692 -28.86 37.16 -7.70
C LEU C 692 -30.16 36.93 -6.93
N ARG C 693 -30.04 36.26 -5.78
CA ARG C 693 -31.16 36.02 -4.90
C ARG C 693 -31.08 36.83 -3.64
N THR C 694 -29.87 37.07 -3.16
CA THR C 694 -29.69 37.72 -1.88
C THR C 694 -28.66 38.80 -2.02
N LEU C 695 -29.02 40.01 -1.63
CA LEU C 695 -28.12 41.15 -1.75
C LEU C 695 -28.09 41.93 -0.44
N LEU C 696 -26.93 41.90 0.21
CA LEU C 696 -26.75 42.41 1.57
C LEU C 696 -25.96 43.70 1.53
N LEU C 697 -26.61 44.81 1.91
CA LEU C 697 -25.99 46.12 1.84
C LEU C 697 -26.10 46.90 3.16
N SER C 698 -26.51 46.23 4.21
CA SER C 698 -26.45 46.77 5.54
C SER C 698 -25.17 47.55 5.76
N HIS C 699 -25.27 48.64 6.51
CA HIS C 699 -24.08 49.39 6.93
C HIS C 699 -23.26 49.88 5.80
N ASN C 700 -23.89 50.67 4.93
CA ASN C 700 -23.17 51.46 3.96
C ASN C 700 -23.74 52.88 3.98
N ARG C 701 -23.39 53.71 3.01
CA ARG C 701 -23.80 55.10 3.04
C ARG C 701 -24.77 55.43 1.91
N ILE C 702 -25.77 54.60 1.72
CA ILE C 702 -26.62 54.73 0.57
C ILE C 702 -27.79 55.65 0.93
N SER C 703 -27.98 56.70 0.10
CA SER C 703 -28.95 57.80 0.28
C SER C 703 -30.27 57.59 -0.48
N HIS C 704 -30.18 57.10 -1.73
CA HIS C 704 -31.35 57.01 -2.63
C HIS C 704 -31.44 55.60 -3.22
N LEU C 705 -32.64 55.05 -3.26
CA LEU C 705 -32.93 53.88 -4.07
C LEU C 705 -33.30 54.32 -5.48
N PRO C 706 -32.49 53.96 -6.49
CA PRO C 706 -32.78 54.52 -7.81
C PRO C 706 -34.01 53.90 -8.49
N SER C 707 -34.58 54.62 -9.47
CA SER C 707 -35.83 54.22 -10.12
C SER C 707 -35.80 52.82 -10.74
N GLY C 708 -36.69 51.97 -10.28
CA GLY C 708 -36.79 50.65 -10.88
C GLY C 708 -35.54 49.80 -10.67
N PHE C 709 -34.71 50.22 -9.73
CA PHE C 709 -34.01 49.25 -8.90
C PHE C 709 -35.11 48.37 -8.32
N LEU C 710 -35.98 48.99 -7.52
CA LEU C 710 -36.78 48.29 -6.52
C LEU C 710 -37.13 46.88 -7.01
N SER C 711 -38.06 46.78 -7.95
CA SER C 711 -38.70 45.50 -8.32
C SER C 711 -38.25 44.99 -9.71
N GLU C 712 -37.08 45.44 -10.16
CA GLU C 712 -36.64 45.19 -11.54
C GLU C 712 -36.00 43.81 -11.70
N VAL C 713 -35.26 43.36 -10.68
CA VAL C 713 -34.67 42.02 -10.68
C VAL C 713 -35.64 40.99 -10.10
N SER C 714 -36.00 40.03 -10.95
CA SER C 714 -37.00 39.03 -10.61
C SER C 714 -36.42 37.87 -9.81
N SER C 715 -35.10 37.66 -9.90
CA SER C 715 -34.45 36.65 -9.08
C SER C 715 -34.39 37.03 -7.59
N LEU C 716 -34.38 38.31 -7.26
CA LEU C 716 -34.08 38.75 -5.87
C LEU C 716 -35.15 38.41 -4.86
N LYS C 717 -34.78 37.55 -3.91
CA LYS C 717 -35.61 37.21 -2.78
C LYS C 717 -35.37 38.18 -1.63
N HIS C 718 -34.12 38.51 -1.37
CA HIS C 718 -33.75 39.08 -0.09
C HIS C 718 -32.90 40.30 -0.31
N LEU C 719 -33.37 41.44 0.16
CA LEU C 719 -32.65 42.68 0.02
C LEU C 719 -32.45 43.35 1.38
N ASP C 720 -31.21 43.64 1.76
CA ASP C 720 -30.93 44.22 3.09
C ASP C 720 -30.36 45.61 2.93
N LEU C 721 -31.18 46.60 3.24
CA LEU C 721 -30.74 47.97 3.16
C LEU C 721 -30.65 48.59 4.54
N SER C 722 -30.66 47.75 5.57
CA SER C 722 -30.52 48.22 6.94
C SER C 722 -29.28 49.09 7.13
N SER C 723 -29.36 50.02 8.06
CA SER C 723 -28.18 50.80 8.46
C SER C 723 -27.50 51.52 7.29
N ASN C 724 -28.29 52.16 6.44
CA ASN C 724 -27.75 53.07 5.46
C ASN C 724 -28.33 54.43 5.77
N LEU C 725 -28.57 55.23 4.75
CA LEU C 725 -28.73 56.66 4.95
C LEU C 725 -29.94 57.12 4.16
N LEU C 726 -30.95 56.27 4.10
CA LEU C 726 -32.17 56.57 3.38
C LEU C 726 -33.09 57.50 4.21
N LYS C 727 -33.48 58.62 3.61
CA LYS C 727 -34.60 59.41 4.16
C LYS C 727 -35.96 58.95 3.62
N THR C 728 -36.02 58.48 2.36
CA THR C 728 -37.28 57.89 1.83
C THR C 728 -37.08 56.77 0.78
N ILE C 729 -38.13 55.98 0.54
CA ILE C 729 -38.23 55.14 -0.66
C ILE C 729 -39.30 55.71 -1.60
N ASN C 730 -39.01 55.86 -2.89
CA ASN C 730 -39.94 56.53 -3.84
C ASN C 730 -40.86 55.61 -4.65
N THR C 738 -42.94 43.90 -14.30
CA THR C 738 -42.21 42.63 -14.20
C THR C 738 -42.64 41.78 -12.99
N THR C 739 -42.33 40.49 -13.05
CA THR C 739 -42.46 39.57 -11.91
C THR C 739 -41.37 39.85 -10.84
N THR C 740 -41.72 39.66 -9.57
CA THR C 740 -40.81 39.99 -8.43
C THR C 740 -40.76 38.90 -7.35
N LYS C 741 -39.60 38.31 -7.13
CA LYS C 741 -39.47 37.26 -6.14
C LYS C 741 -39.20 37.80 -4.71
N LEU C 742 -39.34 39.10 -4.52
CA LEU C 742 -38.86 39.75 -3.30
C LEU C 742 -39.75 39.38 -2.14
N SER C 743 -39.13 38.90 -1.06
CA SER C 743 -39.89 38.41 0.07
C SER C 743 -39.32 38.82 1.42
N MET C 744 -38.12 39.40 1.41
CA MET C 744 -37.59 40.02 2.60
C MET C 744 -36.90 41.31 2.26
N LEU C 745 -37.27 42.36 2.96
CA LEU C 745 -36.68 43.65 2.76
C LEU C 745 -36.38 44.21 4.13
N GLU C 746 -35.15 44.71 4.32
CA GLU C 746 -34.67 45.06 5.64
C GLU C 746 -34.31 46.51 5.58
N LEU C 747 -34.82 47.28 6.52
CA LEU C 747 -34.72 48.72 6.41
C LEU C 747 -34.39 49.44 7.71
N HIS C 748 -34.25 48.69 8.80
CA HIS C 748 -34.06 49.32 10.10
C HIS C 748 -32.76 50.12 10.15
N GLY C 749 -32.75 51.15 10.99
CA GLY C 749 -31.59 52.01 11.14
C GLY C 749 -31.31 53.03 10.05
N ASN C 750 -32.26 53.28 9.15
CA ASN C 750 -32.13 54.45 8.25
C ASN C 750 -32.80 55.70 8.84
N PRO C 751 -32.28 56.89 8.48
CA PRO C 751 -32.82 58.17 8.99
C PRO C 751 -34.01 58.66 8.19
N PHE C 752 -35.16 58.02 8.36
CA PHE C 752 -36.35 58.35 7.58
C PHE C 752 -36.92 59.73 7.98
N GLU C 753 -37.14 60.57 6.96
CA GLU C 753 -38.03 61.75 7.10
C GLU C 753 -39.45 61.25 7.07
N CYS C 754 -40.18 61.35 8.18
CA CYS C 754 -41.59 60.97 8.17
C CYS C 754 -42.50 62.18 7.93
N THR C 755 -42.23 62.91 6.85
CA THR C 755 -43.17 63.89 6.30
C THR C 755 -44.10 63.15 5.35
N CYS C 756 -44.97 63.88 4.67
CA CYS C 756 -45.79 63.29 3.61
C CYS C 756 -44.94 62.71 2.46
N ASP C 757 -43.68 63.15 2.37
CA ASP C 757 -42.71 62.56 1.44
C ASP C 757 -42.53 61.04 1.60
N ILE C 758 -43.22 60.45 2.57
CA ILE C 758 -42.95 59.09 2.97
C ILE C 758 -44.07 58.14 2.56
N GLY C 759 -45.22 58.70 2.16
CA GLY C 759 -46.47 57.93 2.16
C GLY C 759 -46.63 56.96 1.00
N ASP C 760 -45.90 57.18 -0.09
CA ASP C 760 -45.83 56.16 -1.13
C ASP C 760 -45.31 54.85 -0.55
N PHE C 761 -44.19 54.91 0.16
CA PHE C 761 -43.66 53.68 0.72
C PHE C 761 -44.66 53.01 1.66
N ARG C 762 -45.27 53.80 2.55
CA ARG C 762 -46.23 53.26 3.48
C ARG C 762 -47.30 52.51 2.73
N ARG C 763 -47.73 53.08 1.60
CA ARG C 763 -48.79 52.49 0.80
C ARG C 763 -48.28 51.23 0.09
N TRP C 764 -47.03 51.29 -0.36
CA TRP C 764 -46.33 50.14 -0.93
C TRP C 764 -46.34 48.93 0.01
N MET C 765 -45.95 49.18 1.25
CA MET C 765 -45.91 48.15 2.26
C MET C 765 -47.25 47.48 2.37
N ASP C 766 -48.31 48.27 2.39
CA ASP C 766 -49.61 47.73 2.76
C ASP C 766 -50.15 46.84 1.65
N GLU C 767 -49.70 47.09 0.43
CA GLU C 767 -50.10 46.25 -0.70
C GLU C 767 -49.27 44.98 -0.89
N HIS C 768 -48.07 44.94 -0.29
CA HIS C 768 -47.20 43.76 -0.43
C HIS C 768 -46.87 43.11 0.89
N LEU C 769 -47.78 42.27 1.37
CA LEU C 769 -47.68 41.70 2.72
C LEU C 769 -46.95 40.37 2.72
N ASN C 770 -46.80 39.80 1.54
CA ASN C 770 -45.89 38.68 1.30
C ASN C 770 -44.41 39.09 1.44
N VAL C 771 -44.15 40.39 1.50
CA VAL C 771 -42.81 40.91 1.73
C VAL C 771 -42.62 41.27 3.21
N LYS C 772 -42.01 40.35 3.95
CA LYS C 772 -41.68 40.60 5.34
C LYS C 772 -40.65 41.73 5.49
N ILE C 773 -40.92 42.65 6.42
CA ILE C 773 -39.96 43.66 6.83
C ILE C 773 -39.79 43.53 8.33
N PRO C 774 -38.68 42.89 8.78
CA PRO C 774 -38.50 42.53 10.18
C PRO C 774 -38.27 43.75 11.00
N ARG C 775 -38.49 43.65 12.32
CA ARG C 775 -38.01 44.67 13.26
C ARG C 775 -38.53 46.09 13.02
N LEU C 776 -39.83 46.21 12.80
CA LEU C 776 -40.43 47.47 12.33
C LEU C 776 -40.28 48.55 13.43
N VAL C 777 -40.32 48.10 14.67
CA VAL C 777 -39.91 48.91 15.83
C VAL C 777 -38.63 49.72 15.61
N ASP C 778 -37.70 49.21 14.78
CA ASP C 778 -36.41 49.90 14.54
C ASP C 778 -36.36 50.61 13.18
N VAL C 779 -37.44 50.47 12.42
CA VAL C 779 -37.64 51.31 11.23
C VAL C 779 -38.29 52.63 11.68
N ILE C 780 -37.50 53.68 11.76
CA ILE C 780 -37.71 54.76 12.72
C ILE C 780 -37.56 56.11 12.00
N CYS C 781 -38.43 57.06 12.33
CA CYS C 781 -38.26 58.42 11.84
C CYS C 781 -37.09 59.03 12.54
N ALA C 782 -36.16 59.60 11.79
CA ALA C 782 -35.14 60.47 12.38
C ALA C 782 -35.59 61.94 12.28
N SER C 783 -36.77 62.17 11.73
CA SER C 783 -37.24 63.53 11.43
C SER C 783 -38.64 63.52 10.82
N PRO C 784 -39.34 64.66 10.86
CA PRO C 784 -38.92 65.81 11.68
C PRO C 784 -39.21 65.61 13.17
N GLY C 785 -38.83 66.60 13.98
CA GLY C 785 -38.58 66.44 15.42
C GLY C 785 -39.66 65.72 16.21
N ASP C 786 -40.92 66.00 15.90
CA ASP C 786 -42.02 65.42 16.66
C ASP C 786 -42.30 63.97 16.23
N GLN C 787 -41.78 63.59 15.05
CA GLN C 787 -41.94 62.24 14.54
C GLN C 787 -40.88 61.30 15.11
N ARG C 788 -39.76 61.87 15.54
CA ARG C 788 -38.58 61.11 15.89
C ARG C 788 -38.88 59.95 16.83
N GLY C 789 -38.14 58.87 16.70
CA GLY C 789 -38.35 57.69 17.53
C GLY C 789 -39.62 56.90 17.24
N LYS C 790 -40.54 57.48 16.49
CA LYS C 790 -41.68 56.70 16.03
C LYS C 790 -41.28 55.78 14.89
N SER C 791 -41.74 54.54 14.97
CA SER C 791 -41.78 53.68 13.81
C SER C 791 -42.38 54.49 12.67
N ILE C 792 -41.93 54.27 11.45
CA ILE C 792 -42.60 54.89 10.30
C ILE C 792 -44.05 54.39 10.24
N VAL C 793 -44.26 53.12 10.56
CA VAL C 793 -45.59 52.52 10.63
C VAL C 793 -46.64 53.32 11.46
N SER C 794 -46.21 54.36 12.17
CA SER C 794 -47.14 55.28 12.85
C SER C 794 -47.60 56.38 11.89
N LEU C 795 -48.89 56.37 11.54
CA LEU C 795 -49.43 57.25 10.48
C LEU C 795 -49.07 58.73 10.64
N GLU C 796 -49.28 59.49 9.56
CA GLU C 796 -49.15 60.94 9.60
C GLU C 796 -50.18 61.54 10.55
N ARG D 10 -11.08 83.60 17.67
CA ARG D 10 -10.99 82.15 17.30
C ARG D 10 -10.83 82.00 15.80
N SER D 11 -9.69 81.45 15.37
CA SER D 11 -9.47 81.20 13.96
C SER D 11 -10.44 80.15 13.43
N TYR D 12 -10.61 80.13 12.11
CA TYR D 12 -11.48 79.15 11.49
C TYR D 12 -11.30 79.22 9.97
N PRO D 13 -11.08 78.09 9.29
CA PRO D 13 -11.25 76.75 9.86
C PRO D 13 -9.97 76.16 10.42
N CYS D 14 -8.88 76.92 10.39
CA CYS D 14 -7.59 76.39 10.81
C CYS D 14 -7.42 76.53 12.32
N ASP D 15 -6.47 75.80 12.88
CA ASP D 15 -6.01 75.99 14.24
C ASP D 15 -4.66 76.72 14.24
N GLU D 16 -4.68 78.00 14.60
CA GLU D 16 -3.54 78.88 14.42
C GLU D 16 -2.86 79.10 15.78
N LYS D 17 -1.56 78.86 15.86
CA LYS D 17 -0.82 78.96 17.12
C LYS D 17 0.66 79.27 16.80
N VAL D 23 3.62 82.30 12.99
CA VAL D 23 2.59 81.39 13.50
C VAL D 23 2.12 80.43 12.42
N ILE D 24 1.43 79.40 12.86
CA ILE D 24 1.19 78.22 12.04
C ILE D 24 -0.29 77.94 11.94
N ALA D 25 -0.78 77.82 10.72
CA ALA D 25 -2.13 77.37 10.50
C ALA D 25 -2.13 75.85 10.29
N GLU D 26 -2.64 75.11 11.27
CA GLU D 26 -2.93 73.69 11.09
C GLU D 26 -4.30 73.53 10.45
N CYS D 27 -4.33 73.13 9.20
CA CYS D 27 -5.56 73.18 8.43
C CYS D 27 -5.81 71.94 7.59
N SER D 28 -5.23 70.82 8.02
CA SER D 28 -5.28 69.61 7.22
C SER D 28 -6.54 68.80 7.52
N ASN D 29 -6.87 67.84 6.66
CA ASN D 29 -7.77 66.78 7.04
C ASN D 29 -9.08 67.33 7.59
N ARG D 30 -9.62 68.31 6.88
CA ARG D 30 -10.70 69.14 7.39
C ARG D 30 -11.82 69.28 6.40
N ARG D 31 -11.79 68.45 5.35
CA ARG D 31 -12.78 68.46 4.26
C ARG D 31 -12.81 69.75 3.44
N LEU D 32 -11.91 70.68 3.74
CA LEU D 32 -11.85 71.93 2.98
C LEU D 32 -11.96 71.67 1.49
N GLN D 33 -12.92 72.33 0.88
CA GLN D 33 -13.15 72.23 -0.56
C GLN D 33 -12.31 73.21 -1.36
N GLU D 34 -11.67 74.14 -0.66
CA GLU D 34 -10.58 74.94 -1.23
C GLU D 34 -9.97 75.86 -0.20
N VAL D 35 -8.98 76.63 -0.61
CA VAL D 35 -8.23 77.43 0.36
C VAL D 35 -9.23 78.30 1.12
N PRO D 36 -9.26 78.18 2.44
CA PRO D 36 -10.10 79.10 3.19
C PRO D 36 -9.53 80.51 3.11
N GLN D 37 -10.39 81.50 2.88
CA GLN D 37 -9.94 82.88 2.82
C GLN D 37 -9.84 83.47 4.23
N THR D 38 -10.47 82.79 5.20
CA THR D 38 -10.45 83.25 6.60
C THR D 38 -9.18 82.87 7.35
N VAL D 39 -8.07 82.70 6.64
CA VAL D 39 -6.80 82.38 7.28
C VAL D 39 -6.21 83.64 7.89
N GLY D 40 -5.99 83.63 9.21
CA GLY D 40 -5.31 84.75 9.90
C GLY D 40 -4.05 85.21 9.18
N LYS D 41 -3.88 86.51 9.01
CA LYS D 41 -2.91 87.04 8.03
C LYS D 41 -1.47 87.09 8.54
N TYR D 42 -1.25 86.91 9.83
CA TYR D 42 0.13 86.75 10.30
C TYR D 42 0.59 85.27 10.45
N VAL D 43 -0.20 84.36 9.88
CA VAL D 43 0.21 82.97 9.60
C VAL D 43 1.41 82.95 8.66
N THR D 44 2.50 82.33 9.11
CA THR D 44 3.66 82.03 8.25
C THR D 44 3.62 80.61 7.61
N GLU D 45 3.05 79.64 8.32
CA GLU D 45 3.10 78.23 7.89
C GLU D 45 1.72 77.60 7.82
N LEU D 46 1.28 77.26 6.62
CA LEU D 46 -0.11 76.90 6.38
C LEU D 46 -0.22 75.46 5.85
N ASP D 47 -0.78 74.56 6.64
CA ASP D 47 -0.90 73.15 6.28
C ASP D 47 -2.31 72.87 5.83
N LEU D 48 -2.47 72.73 4.52
CA LEU D 48 -3.76 72.39 3.93
C LEU D 48 -3.85 70.95 3.45
N SER D 49 -2.97 70.06 3.92
CA SER D 49 -2.82 68.75 3.27
C SER D 49 -4.05 67.92 3.57
N ASP D 50 -4.37 66.96 2.72
CA ASP D 50 -5.46 66.01 3.00
C ASP D 50 -6.87 66.62 3.08
N ASN D 51 -7.16 67.57 2.19
CA ASN D 51 -8.52 68.13 2.05
C ASN D 51 -9.05 67.84 0.65
N PHE D 52 -10.16 68.47 0.27
CA PHE D 52 -10.74 68.26 -1.04
C PHE D 52 -10.48 69.47 -1.93
N ILE D 53 -9.23 69.88 -2.04
CA ILE D 53 -8.88 71.04 -2.86
C ILE D 53 -8.42 70.65 -4.28
N THR D 54 -8.99 71.31 -5.28
CA THR D 54 -8.93 70.85 -6.65
C THR D 54 -8.42 71.91 -7.61
N HIS D 55 -8.38 73.17 -7.15
CA HIS D 55 -7.86 74.29 -7.93
C HIS D 55 -7.03 75.26 -7.05
N ILE D 56 -5.88 75.67 -7.57
CA ILE D 56 -5.16 76.83 -7.02
C ILE D 56 -4.99 77.89 -8.11
N THR D 57 -5.21 79.15 -7.75
CA THR D 57 -4.93 80.29 -8.62
C THR D 57 -4.18 81.37 -7.83
N ASN D 58 -3.74 82.42 -8.52
CA ASN D 58 -3.26 83.65 -7.88
C ASN D 58 -4.20 84.25 -6.84
N GLU D 59 -5.46 83.87 -6.89
CA GLU D 59 -6.46 84.34 -5.93
C GLU D 59 -6.40 83.57 -4.61
N SER D 60 -6.00 82.30 -4.68
CA SER D 60 -6.12 81.37 -3.55
C SER D 60 -5.43 81.87 -2.27
N PHE D 61 -4.24 82.45 -2.44
CA PHE D 61 -3.46 82.96 -1.30
C PHE D 61 -3.30 84.48 -1.39
N GLN D 62 -4.17 85.11 -2.19
CA GLN D 62 -4.09 86.53 -2.49
C GLN D 62 -3.79 87.36 -1.25
N GLY D 63 -4.47 87.05 -0.15
CA GLY D 63 -4.40 87.91 1.03
C GLY D 63 -3.34 87.46 2.01
N LEU D 64 -2.25 86.87 1.51
CA LEU D 64 -1.29 86.18 2.37
C LEU D 64 0.13 86.32 1.85
N GLN D 65 0.83 87.35 2.32
CA GLN D 65 2.17 87.65 1.85
C GLN D 65 3.25 87.16 2.83
N ASN D 66 2.84 86.79 4.04
CA ASN D 66 3.78 86.40 5.08
C ASN D 66 4.05 84.88 5.10
N LEU D 67 3.61 84.18 4.06
CA LEU D 67 3.69 82.72 4.03
C LEU D 67 5.05 82.27 3.57
N THR D 68 5.77 81.61 4.48
CA THR D 68 7.02 80.94 4.15
C THR D 68 6.80 79.48 3.73
N LYS D 69 5.76 78.85 4.26
CA LYS D 69 5.51 77.43 4.04
C LYS D 69 4.04 77.10 3.74
N ILE D 70 3.85 76.35 2.65
CA ILE D 70 2.54 75.82 2.26
C ILE D 70 2.62 74.28 2.01
N ASN D 71 1.77 73.53 2.68
CA ASN D 71 1.62 72.10 2.39
C ASN D 71 0.27 71.85 1.78
N LEU D 72 0.28 71.41 0.54
CA LEU D 72 -0.95 71.01 -0.11
C LEU D 72 -0.94 69.51 -0.42
N ASN D 73 -0.13 68.76 0.31
CA ASN D 73 -0.02 67.32 0.06
C ASN D 73 -1.39 66.65 0.01
N HIS D 74 -1.55 65.67 -0.88
CA HIS D 74 -2.77 64.86 -0.95
C HIS D 74 -4.05 65.73 -1.06
N ASN D 75 -4.17 66.50 -2.15
CA ASN D 75 -5.42 67.16 -2.51
C ASN D 75 -5.68 66.86 -3.98
N PRO D 76 -6.91 66.56 -4.36
CA PRO D 76 -8.04 66.38 -3.47
C PRO D 76 -8.01 64.99 -2.88
N ASN D 77 -8.44 64.87 -1.64
CA ASN D 77 -8.24 63.64 -0.91
C ASN D 77 -9.38 62.64 -1.16
N VAL D 78 -9.85 62.60 -2.41
CA VAL D 78 -10.33 61.37 -3.05
C VAL D 78 -11.05 61.74 -4.34
N GLY D 91 -6.52 65.41 -10.60
CA GLY D 91 -6.30 65.97 -9.26
C GLY D 91 -6.09 67.46 -9.29
N LEU D 92 -5.08 67.94 -8.58
CA LEU D 92 -4.98 69.35 -8.25
C LEU D 92 -4.68 70.22 -9.48
N ASN D 93 -5.54 71.19 -9.72
CA ASN D 93 -5.37 72.09 -10.84
C ASN D 93 -4.69 73.38 -10.37
N ILE D 94 -3.44 73.58 -10.83
CA ILE D 94 -2.63 74.73 -10.46
C ILE D 94 -2.36 75.62 -11.67
N THR D 95 -2.87 76.84 -11.64
CA THR D 95 -2.67 77.79 -12.74
C THR D 95 -1.21 78.22 -12.85
N ASP D 96 -0.74 78.48 -14.07
CA ASP D 96 0.60 79.05 -14.26
C ASP D 96 0.70 80.30 -13.43
N GLY D 97 1.77 80.39 -12.65
CA GLY D 97 2.03 81.57 -11.83
C GLY D 97 1.21 81.65 -10.58
N ALA D 98 0.46 80.60 -10.28
CA ALA D 98 -0.40 80.63 -9.10
C ALA D 98 0.28 81.21 -7.85
N PHE D 99 1.53 80.84 -7.59
CA PHE D 99 2.20 81.18 -6.33
C PHE D 99 3.14 82.39 -6.48
N LEU D 100 3.28 82.88 -7.70
CA LEU D 100 4.30 83.90 -8.02
C LEU D 100 4.26 85.15 -7.16
N ASN D 101 3.09 85.52 -6.66
CA ASN D 101 2.95 86.65 -5.73
C ASN D 101 3.57 86.45 -4.35
N LEU D 102 3.85 85.21 -3.99
CA LEU D 102 4.33 84.91 -2.65
C LEU D 102 5.84 85.04 -2.62
N LYS D 103 6.30 86.14 -2.01
CA LYS D 103 7.66 86.62 -2.17
C LYS D 103 8.59 86.00 -1.18
N ASN D 104 8.07 85.67 0.00
CA ASN D 104 8.83 84.94 1.02
C ASN D 104 8.56 83.43 1.08
N LEU D 105 7.86 82.86 0.11
CA LEU D 105 7.58 81.41 0.19
C LEU D 105 8.87 80.58 0.01
N ARG D 106 9.26 79.86 1.05
CA ARG D 106 10.45 79.00 0.99
C ARG D 106 10.12 77.53 0.71
N GLU D 107 9.17 76.99 1.46
CA GLU D 107 8.87 75.56 1.44
C GLU D 107 7.48 75.28 0.85
N LEU D 108 7.44 74.56 -0.26
CA LEU D 108 6.19 74.19 -0.93
C LEU D 108 6.09 72.65 -1.12
N LEU D 109 5.07 72.05 -0.52
CA LEU D 109 4.88 70.62 -0.57
C LEU D 109 3.67 70.31 -1.44
N LEU D 110 3.94 69.76 -2.62
CA LEU D 110 2.91 69.37 -3.56
C LEU D 110 2.92 67.83 -3.79
N GLU D 111 2.88 67.04 -2.73
CA GLU D 111 2.98 65.58 -2.89
C GLU D 111 1.63 64.97 -3.21
N ASP D 112 1.61 63.93 -4.04
CA ASP D 112 0.44 63.05 -4.13
C ASP D 112 -0.76 63.87 -4.62
N ASN D 113 -0.52 64.62 -5.68
CA ASN D 113 -1.50 65.55 -6.19
C ASN D 113 -1.86 65.24 -7.62
N GLN D 114 -1.19 64.27 -8.22
CA GLN D 114 -1.47 63.86 -9.60
C GLN D 114 -1.08 64.95 -10.57
N LEU D 115 0.02 65.63 -10.30
CA LEU D 115 0.46 66.69 -11.19
C LEU D 115 1.05 66.10 -12.44
N PRO D 116 0.61 66.59 -13.61
CA PRO D 116 1.14 66.08 -14.88
C PRO D 116 2.45 66.73 -15.27
N GLN D 117 2.77 67.86 -14.66
CA GLN D 117 3.96 68.65 -15.01
C GLN D 117 4.41 69.35 -13.77
N ILE D 118 5.66 69.79 -13.75
CA ILE D 118 6.03 70.72 -12.69
C ILE D 118 5.23 72.00 -12.88
N PRO D 119 4.56 72.48 -11.84
CA PRO D 119 3.79 73.72 -11.98
C PRO D 119 4.63 74.88 -12.52
N SER D 120 4.03 75.71 -13.38
CA SER D 120 4.77 76.74 -14.11
C SER D 120 4.78 78.01 -13.32
N GLY D 121 5.87 78.75 -13.43
CA GLY D 121 6.00 80.05 -12.78
C GLY D 121 5.95 79.98 -11.28
N LEU D 122 6.83 79.16 -10.71
CA LEU D 122 6.95 79.09 -9.27
C LEU D 122 7.88 80.17 -8.79
N PRO D 123 7.72 80.57 -7.52
CA PRO D 123 8.47 81.70 -6.98
C PRO D 123 9.96 81.41 -6.73
N GLU D 124 10.79 82.43 -6.97
CA GLU D 124 12.22 82.28 -6.89
C GLU D 124 12.71 82.12 -5.47
N SER D 125 11.88 82.51 -4.51
CA SER D 125 12.21 82.37 -3.10
C SER D 125 12.22 80.90 -2.58
N LEU D 126 11.79 79.94 -3.40
CA LEU D 126 11.71 78.56 -2.92
C LEU D 126 13.10 78.00 -2.61
N THR D 127 13.27 77.51 -1.37
CA THR D 127 14.40 76.71 -0.97
C THR D 127 14.10 75.19 -0.85
N GLU D 128 12.86 74.83 -0.60
CA GLU D 128 12.43 73.42 -0.56
C GLU D 128 11.19 73.24 -1.42
N LEU D 129 11.27 72.42 -2.45
CA LEU D 129 10.13 72.00 -3.26
C LEU D 129 9.99 70.44 -3.32
N SER D 130 8.88 69.89 -2.84
CA SER D 130 8.64 68.45 -3.01
C SER D 130 7.48 68.15 -3.96
N LEU D 131 7.78 67.35 -4.96
CA LEU D 131 6.80 66.93 -5.96
C LEU D 131 6.71 65.39 -6.02
N ILE D 132 6.98 64.75 -4.88
CA ILE D 132 6.90 63.29 -4.73
C ILE D 132 5.50 62.75 -5.00
N GLN D 133 5.44 61.60 -5.67
CA GLN D 133 4.19 60.88 -5.98
C GLN D 133 3.25 61.74 -6.81
N ASN D 134 3.76 62.19 -7.95
CA ASN D 134 2.95 62.79 -9.01
C ASN D 134 3.11 62.04 -10.31
N ASN D 135 2.72 62.65 -11.42
CA ASN D 135 2.87 62.03 -12.72
C ASN D 135 3.80 62.84 -13.61
N ILE D 136 4.85 63.36 -12.99
CA ILE D 136 5.78 64.25 -13.68
C ILE D 136 6.88 63.44 -14.33
N TYR D 137 6.88 63.41 -15.67
CA TYR D 137 7.84 62.62 -16.46
C TYR D 137 8.82 63.49 -17.24
N ASN D 138 8.74 64.80 -17.00
CA ASN D 138 9.52 65.78 -17.74
C ASN D 138 10.03 66.84 -16.79
N ILE D 139 11.36 66.90 -16.64
CA ILE D 139 12.02 67.83 -15.73
C ILE D 139 12.74 68.82 -16.63
N THR D 140 12.26 70.05 -16.65
CA THR D 140 12.65 71.02 -17.69
C THR D 140 13.22 72.26 -17.05
N LYS D 141 14.07 72.94 -17.80
CA LYS D 141 14.51 74.29 -17.44
C LYS D 141 13.35 75.27 -17.24
N GLU D 142 12.33 75.14 -18.06
CA GLU D 142 11.15 75.98 -17.88
C GLU D 142 10.64 75.86 -16.45
N GLY D 143 10.49 74.63 -15.99
CA GLY D 143 9.96 74.38 -14.65
C GLY D 143 10.89 74.80 -13.51
N ILE D 144 12.18 74.54 -13.68
CA ILE D 144 13.10 74.52 -12.54
C ILE D 144 14.26 75.54 -12.59
N SER D 145 14.79 75.82 -13.78
CA SER D 145 16.11 76.42 -13.88
C SER D 145 16.20 77.77 -13.20
N ARG D 146 15.05 78.40 -13.00
CA ARG D 146 15.00 79.74 -12.44
C ARG D 146 14.83 79.71 -10.93
N LEU D 147 14.72 78.51 -10.34
CA LEU D 147 14.51 78.43 -8.90
C LEU D 147 15.85 78.36 -8.21
N ILE D 148 16.50 79.52 -8.20
CA ILE D 148 17.93 79.60 -8.04
C ILE D 148 18.30 79.38 -6.58
N ASN D 149 17.33 79.55 -5.70
CA ASN D 149 17.57 79.37 -4.27
C ASN D 149 17.27 77.95 -3.76
N LEU D 150 16.97 77.00 -4.64
CA LEU D 150 16.53 75.66 -4.20
C LEU D 150 17.66 74.97 -3.44
N LYS D 151 17.44 74.63 -2.18
CA LYS D 151 18.36 73.77 -1.43
C LYS D 151 18.01 72.27 -1.54
N ASN D 152 16.71 71.97 -1.40
CA ASN D 152 16.20 70.55 -1.44
C ASN D 152 15.12 70.35 -2.50
N LEU D 153 15.40 69.50 -3.48
CA LEU D 153 14.40 69.19 -4.51
C LEU D 153 14.05 67.67 -4.47
N TYR D 154 12.77 67.38 -4.23
CA TYR D 154 12.31 66.00 -4.17
C TYR D 154 11.42 65.69 -5.34
N LEU D 155 11.84 64.76 -6.20
CA LEU D 155 11.02 64.39 -7.34
C LEU D 155 10.78 62.87 -7.40
N ALA D 156 10.85 62.20 -6.26
CA ALA D 156 10.89 60.73 -6.24
C ALA D 156 9.51 60.12 -6.49
N TRP D 157 9.48 58.85 -6.91
CA TRP D 157 8.22 58.11 -7.01
C TRP D 157 7.20 58.76 -7.95
N ASN D 158 7.65 59.19 -9.11
CA ASN D 158 6.78 59.58 -10.18
C ASN D 158 6.57 58.47 -11.23
N CYS D 159 7.51 57.53 -11.33
CA CYS D 159 7.32 56.45 -12.27
C CYS D 159 8.01 55.18 -11.85
N TYR D 160 7.23 54.19 -11.42
CA TYR D 160 7.79 53.04 -10.75
C TYR D 160 6.86 51.81 -10.86
N PHE D 161 7.41 50.66 -10.48
CA PHE D 161 6.67 49.40 -10.51
C PHE D 161 5.87 49.25 -11.81
N ASN D 162 4.59 48.90 -11.70
CA ASN D 162 3.72 48.66 -12.86
C ASN D 162 2.80 49.86 -13.07
N LYS D 163 3.17 51.04 -12.56
CA LYS D 163 2.45 52.27 -12.90
C LYS D 163 2.52 52.52 -14.41
N VAL D 164 1.44 53.02 -14.99
CA VAL D 164 1.51 53.48 -16.40
C VAL D 164 2.13 54.87 -16.37
N CYS D 165 3.29 55.02 -17.00
CA CYS D 165 4.09 56.23 -16.88
C CYS D 165 5.20 56.17 -17.92
N GLU D 166 5.85 57.31 -18.15
CA GLU D 166 6.94 57.39 -19.15
C GLU D 166 8.28 57.37 -18.47
N LYS D 167 9.27 56.87 -19.19
CA LYS D 167 10.67 57.14 -18.92
C LYS D 167 10.87 58.60 -18.58
N THR D 168 11.73 58.89 -17.61
CA THR D 168 11.85 60.25 -17.13
C THR D 168 12.82 60.99 -18.04
N ASN D 169 12.39 62.13 -18.55
CA ASN D 169 13.27 62.96 -19.40
C ASN D 169 13.83 64.11 -18.58
N ILE D 170 15.14 64.17 -18.46
CA ILE D 170 15.78 65.25 -17.73
C ILE D 170 16.44 66.13 -18.76
N GLU D 171 15.92 67.34 -18.93
CA GLU D 171 16.51 68.26 -19.89
C GLU D 171 17.96 68.48 -19.47
N ASP D 172 18.90 68.29 -20.40
CA ASP D 172 20.32 68.57 -20.16
C ASP D 172 20.49 69.92 -19.46
N GLY D 173 21.17 69.88 -18.32
CA GLY D 173 21.62 71.08 -17.67
C GLY D 173 20.58 71.63 -16.74
N VAL D 174 19.45 70.93 -16.63
CA VAL D 174 18.34 71.47 -15.87
C VAL D 174 18.72 71.81 -14.42
N PHE D 175 19.66 71.07 -13.81
CA PHE D 175 20.04 71.32 -12.42
C PHE D 175 21.23 72.29 -12.26
N GLU D 176 21.91 72.53 -13.38
CA GLU D 176 23.15 73.32 -13.44
C GLU D 176 23.06 74.72 -12.84
N THR D 177 21.93 75.41 -13.03
CA THR D 177 21.77 76.74 -12.44
C THR D 177 21.35 76.67 -10.98
N LEU D 178 21.17 75.48 -10.45
CA LEU D 178 20.76 75.34 -9.06
C LEU D 178 22.00 75.24 -8.15
N THR D 179 22.77 76.32 -8.09
CA THR D 179 24.13 76.28 -7.52
C THR D 179 24.12 76.26 -5.98
N ASN D 180 22.97 76.43 -5.34
CA ASN D 180 22.81 76.14 -3.90
C ASN D 180 22.15 74.79 -3.56
N LEU D 181 21.85 73.98 -4.56
CA LEU D 181 21.11 72.73 -4.32
C LEU D 181 21.97 71.75 -3.52
N GLU D 182 21.48 71.34 -2.36
CA GLU D 182 22.19 70.41 -1.51
C GLU D 182 21.69 68.96 -1.58
N LEU D 183 20.39 68.79 -1.82
CA LEU D 183 19.74 67.52 -1.79
C LEU D 183 18.92 67.38 -3.05
N LEU D 184 19.25 66.37 -3.84
CA LEU D 184 18.47 66.01 -5.02
C LEU D 184 18.01 64.53 -4.94
N SER D 185 16.69 64.32 -4.95
CA SER D 185 16.11 62.97 -4.90
C SER D 185 15.30 62.66 -6.17
N LEU D 186 15.77 61.70 -6.95
CA LEU D 186 15.11 61.28 -8.17
C LEU D 186 14.73 59.81 -8.12
N SER D 187 14.75 59.26 -6.93
CA SER D 187 14.51 57.78 -6.75
C SER D 187 13.14 57.35 -7.26
N PHE D 188 13.07 56.12 -7.76
CA PHE D 188 11.79 55.56 -8.17
C PHE D 188 11.19 56.32 -9.36
N ASN D 189 12.02 56.47 -10.37
CA ASN D 189 11.64 57.05 -11.63
C ASN D 189 12.50 56.27 -12.59
N SER D 190 12.15 56.20 -13.85
CA SER D 190 13.01 55.52 -14.81
C SER D 190 13.96 56.49 -15.49
N LEU D 191 15.25 56.43 -15.15
CA LEU D 191 16.23 57.41 -15.60
C LEU D 191 17.24 56.83 -16.56
N SER D 192 17.71 55.62 -16.26
CA SER D 192 18.73 54.95 -17.06
C SER D 192 20.17 55.43 -16.90
N HIS D 193 20.38 56.72 -16.62
CA HIS D 193 21.75 57.24 -16.45
C HIS D 193 21.73 58.25 -15.34
N VAL D 194 22.88 58.47 -14.69
CA VAL D 194 23.03 59.61 -13.81
C VAL D 194 22.93 60.87 -14.67
N PRO D 195 22.17 61.87 -14.22
CA PRO D 195 22.06 63.08 -15.02
C PRO D 195 23.36 63.88 -15.03
N PRO D 196 23.80 64.33 -16.22
CA PRO D 196 24.98 65.18 -16.29
C PRO D 196 24.77 66.54 -15.63
N LYS D 197 25.87 67.27 -15.47
CA LYS D 197 25.79 68.69 -15.14
C LYS D 197 25.02 68.90 -13.85
N LEU D 198 25.45 68.23 -12.79
CA LEU D 198 24.93 68.51 -11.45
C LEU D 198 25.72 69.60 -10.77
N PRO D 199 25.07 70.37 -9.90
CA PRO D 199 25.71 71.43 -9.15
C PRO D 199 26.65 70.93 -8.06
N SER D 200 27.83 71.55 -8.00
CA SER D 200 28.88 71.11 -7.10
C SER D 200 28.53 71.37 -5.63
N SER D 201 27.45 72.10 -5.38
CA SER D 201 26.95 72.26 -4.03
C SER D 201 26.28 70.96 -3.47
N LEU D 202 26.02 69.99 -4.30
CA LEU D 202 25.23 68.82 -3.86
C LEU D 202 25.91 68.08 -2.71
N ARG D 203 25.13 67.79 -1.68
CA ARG D 203 25.57 66.97 -0.55
C ARG D 203 24.95 65.53 -0.61
N LYS D 204 23.67 65.47 -0.96
CA LYS D 204 22.90 64.21 -0.95
C LYS D 204 22.22 63.94 -2.27
N LEU D 205 22.56 62.79 -2.84
CA LEU D 205 22.04 62.41 -4.16
C LEU D 205 21.36 61.03 -4.11
N PHE D 206 20.04 61.02 -4.31
CA PHE D 206 19.22 59.83 -4.12
C PHE D 206 18.74 59.38 -5.51
N LEU D 207 19.33 58.29 -5.98
CA LEU D 207 18.97 57.65 -7.25
C LEU D 207 18.56 56.15 -7.06
N SER D 208 17.73 55.86 -6.06
CA SER D 208 17.29 54.49 -5.81
C SER D 208 16.30 54.08 -6.85
N ASN D 209 16.38 52.82 -7.27
CA ASN D 209 15.41 52.26 -8.20
C ASN D 209 15.18 53.17 -9.40
N THR D 210 16.24 53.45 -10.13
CA THR D 210 16.16 54.34 -11.28
C THR D 210 16.62 53.67 -12.59
N GLN D 211 16.77 52.35 -12.57
CA GLN D 211 17.29 51.59 -13.73
C GLN D 211 18.63 52.05 -14.31
N ILE D 212 19.55 52.45 -13.44
CA ILE D 212 20.94 52.71 -13.83
C ILE D 212 21.85 51.49 -13.63
N LYS D 213 22.32 50.91 -14.73
CA LYS D 213 23.11 49.68 -14.71
C LYS D 213 24.61 49.94 -14.60
N TYR D 214 25.05 51.14 -14.94
CA TYR D 214 26.49 51.44 -15.12
C TYR D 214 26.82 52.74 -14.46
N ILE D 215 27.95 52.77 -13.75
CA ILE D 215 28.36 53.94 -12.97
C ILE D 215 29.87 54.13 -13.17
N SER D 216 30.25 55.38 -13.49
CA SER D 216 31.65 55.74 -13.65
C SER D 216 31.99 57.14 -13.14
N GLU D 217 33.27 57.47 -13.20
CA GLU D 217 33.84 58.72 -12.66
C GLU D 217 33.12 59.93 -13.23
N GLU D 218 32.81 59.89 -14.52
CA GLU D 218 32.22 61.06 -15.18
C GLU D 218 30.88 61.41 -14.57
N ASP D 219 30.22 60.43 -13.95
CA ASP D 219 28.86 60.64 -13.46
C ASP D 219 28.84 61.58 -12.26
N PHE D 220 29.96 61.70 -11.55
CA PHE D 220 30.02 62.48 -10.31
C PHE D 220 30.96 63.69 -10.42
N LYS D 221 30.96 64.29 -11.60
CA LYS D 221 32.12 65.04 -12.08
C LYS D 221 32.74 65.89 -10.95
N GLY D 222 32.14 67.05 -10.69
CA GLY D 222 32.62 67.97 -9.64
C GLY D 222 31.89 67.88 -8.31
N LEU D 223 31.43 66.70 -7.92
CA LEU D 223 30.63 66.55 -6.68
C LEU D 223 31.47 66.37 -5.41
N ILE D 224 32.26 67.41 -5.10
CA ILE D 224 33.28 67.36 -4.07
C ILE D 224 32.66 67.44 -2.69
N ASN D 225 31.44 67.95 -2.60
CA ASN D 225 30.76 68.13 -1.34
C ASN D 225 29.87 66.91 -0.98
N LEU D 226 29.83 65.92 -1.86
CA LEU D 226 28.80 64.89 -1.71
C LEU D 226 29.11 64.05 -0.47
N THR D 227 28.15 64.01 0.44
CA THR D 227 28.21 63.15 1.59
C THR D 227 27.29 61.90 1.58
N LEU D 228 26.22 61.90 0.79
CA LEU D 228 25.38 60.72 0.59
C LEU D 228 25.14 60.36 -0.87
N LEU D 229 25.38 59.10 -1.21
CA LEU D 229 25.03 58.56 -2.51
C LEU D 229 24.18 57.30 -2.34
N ASP D 230 22.91 57.36 -2.79
CA ASP D 230 21.99 56.22 -2.80
C ASP D 230 21.80 55.68 -4.21
N LEU D 231 22.44 54.55 -4.49
CA LEU D 231 22.25 53.83 -5.75
C LEU D 231 21.54 52.47 -5.57
N SER D 232 20.86 52.30 -4.44
CA SER D 232 20.12 51.06 -4.16
C SER D 232 19.08 50.69 -5.26
N GLY D 233 18.89 49.39 -5.45
CA GLY D 233 17.77 48.93 -6.29
C GLY D 233 17.95 49.12 -7.79
N ASN D 234 19.19 49.39 -8.23
CA ASN D 234 19.58 49.39 -9.65
C ASN D 234 20.32 48.11 -9.97
N CYS D 235 19.78 47.33 -10.90
CA CYS D 235 19.99 45.88 -10.93
C CYS D 235 19.64 45.16 -9.64
N PRO D 236 18.37 45.14 -9.32
CA PRO D 236 17.81 44.61 -8.08
C PRO D 236 17.93 43.08 -7.93
N ARG D 237 18.06 42.66 -6.69
CA ARG D 237 17.86 41.27 -6.32
C ARG D 237 16.35 41.04 -6.29
N CYS D 238 15.81 40.24 -7.20
CA CYS D 238 14.34 40.15 -7.31
C CYS D 238 13.72 38.94 -6.66
N PHE D 239 14.50 37.94 -6.27
CA PHE D 239 13.89 36.79 -5.59
C PHE D 239 13.06 37.21 -4.37
N ASN D 240 11.79 36.80 -4.34
CA ASN D 240 10.86 37.04 -3.22
C ASN D 240 10.60 38.54 -2.96
N ALA D 241 10.73 39.36 -4.00
CA ALA D 241 10.48 40.79 -3.87
C ALA D 241 9.03 41.07 -3.52
N PRO D 242 8.80 41.99 -2.57
CA PRO D 242 7.46 42.42 -2.23
C PRO D 242 6.97 43.58 -3.11
N PHE D 243 7.48 43.66 -4.33
CA PHE D 243 7.02 44.67 -5.29
C PHE D 243 7.44 44.11 -6.65
N PRO D 244 6.83 44.60 -7.73
CA PRO D 244 7.19 44.09 -9.06
C PRO D 244 8.61 44.50 -9.39
N CYS D 245 9.41 43.55 -9.82
CA CYS D 245 10.85 43.73 -9.79
C CYS D 245 11.36 43.22 -11.12
N VAL D 246 12.24 44.01 -11.75
CA VAL D 246 12.83 43.63 -13.02
C VAL D 246 14.34 43.57 -12.85
N PRO D 247 14.91 42.37 -12.95
CA PRO D 247 16.39 42.36 -12.81
C PRO D 247 17.13 42.89 -14.03
N CYS D 248 18.40 43.21 -13.85
CA CYS D 248 19.27 43.40 -14.99
C CYS D 248 19.40 42.09 -15.75
N ASP D 249 19.58 42.20 -17.07
CA ASP D 249 19.68 41.02 -17.90
C ASP D 249 20.60 40.00 -17.25
N GLY D 250 20.12 38.79 -17.12
CA GLY D 250 20.89 37.71 -16.50
C GLY D 250 20.89 37.78 -14.99
N GLY D 251 20.10 38.69 -14.41
CA GLY D 251 20.33 39.09 -13.01
C GLY D 251 21.75 39.55 -12.67
N ALA D 252 22.43 40.19 -13.61
CA ALA D 252 23.79 40.71 -13.41
C ALA D 252 23.79 41.79 -12.33
N SER D 253 24.97 42.13 -11.81
CA SER D 253 25.07 43.22 -10.85
C SER D 253 25.16 44.61 -11.50
N ILE D 254 24.79 45.64 -10.77
CA ILE D 254 25.22 46.96 -11.13
C ILE D 254 26.70 46.90 -11.47
N ASN D 255 27.09 47.69 -12.46
CA ASN D 255 28.48 47.75 -12.86
C ASN D 255 29.09 49.10 -12.48
N ILE D 256 29.94 49.09 -11.47
CA ILE D 256 30.53 50.33 -10.96
C ILE D 256 32.00 50.28 -11.29
N ASP D 257 32.46 51.21 -12.10
CA ASP D 257 33.86 51.27 -12.44
C ASP D 257 34.71 51.31 -11.16
N ARG D 258 35.85 50.65 -11.21
CA ARG D 258 36.78 50.65 -10.07
C ARG D 258 37.11 52.07 -9.60
N PHE D 259 37.08 53.04 -10.51
CA PHE D 259 37.42 54.44 -10.17
C PHE D 259 36.23 55.38 -10.07
N ALA D 260 35.02 54.83 -10.04
CA ALA D 260 33.79 55.65 -10.07
C ALA D 260 33.68 56.61 -8.89
N PHE D 261 34.23 56.24 -7.74
CA PHE D 261 34.10 57.07 -6.55
C PHE D 261 35.35 57.82 -6.18
N GLN D 262 36.30 57.89 -7.09
CA GLN D 262 37.61 58.41 -6.73
C GLN D 262 37.66 59.87 -6.23
N ASN D 263 36.69 60.68 -6.59
CA ASN D 263 36.69 62.09 -6.21
C ASN D 263 35.69 62.34 -5.14
N LEU D 264 34.98 61.31 -4.71
CA LEU D 264 33.95 61.47 -3.68
C LEU D 264 34.55 61.39 -2.27
N THR D 265 35.47 62.31 -1.96
CA THR D 265 36.27 62.21 -0.76
C THR D 265 35.46 62.50 0.51
N GLN D 266 34.32 63.16 0.37
CA GLN D 266 33.47 63.49 1.49
C GLN D 266 32.35 62.47 1.79
N LEU D 267 32.27 61.35 1.06
CA LEU D 267 31.13 60.46 1.23
C LEU D 267 31.09 59.88 2.63
N ARG D 268 29.92 60.02 3.27
CA ARG D 268 29.65 59.44 4.58
C ARG D 268 28.63 58.28 4.52
N TYR D 269 27.71 58.34 3.58
CA TYR D 269 26.63 57.34 3.44
C TYR D 269 26.58 56.79 2.04
N LEU D 270 26.66 55.45 1.93
CA LEU D 270 26.62 54.77 0.64
C LEU D 270 25.65 53.61 0.69
N ASN D 271 24.57 53.74 -0.07
CA ASN D 271 23.55 52.72 -0.12
C ASN D 271 23.61 51.98 -1.44
N LEU D 272 24.12 50.75 -1.39
CA LEU D 272 24.10 49.87 -2.54
C LEU D 272 23.22 48.63 -2.29
N SER D 273 22.13 48.82 -1.59
CA SER D 273 21.25 47.70 -1.32
C SER D 273 20.57 47.28 -2.61
N SER D 274 20.41 45.96 -2.78
CA SER D 274 19.71 45.42 -3.93
C SER D 274 20.25 45.95 -5.25
N THR D 275 21.53 45.76 -5.45
CA THR D 275 22.18 46.06 -6.70
C THR D 275 22.86 44.83 -7.24
N SER D 276 22.52 43.66 -6.65
CA SER D 276 22.96 42.35 -7.12
C SER D 276 24.43 42.13 -7.13
N LEU D 277 25.10 42.75 -6.17
CA LEU D 277 26.53 42.65 -6.04
C LEU D 277 26.98 41.28 -5.55
N ARG D 278 27.96 40.75 -6.24
CA ARG D 278 28.65 39.54 -5.84
C ARG D 278 30.03 39.84 -5.34
N LYS D 279 30.57 41.01 -5.73
CA LYS D 279 31.90 41.44 -5.32
C LYS D 279 31.85 42.93 -4.94
N ILE D 280 32.54 43.30 -3.86
CA ILE D 280 32.74 44.69 -3.51
C ILE D 280 34.17 45.08 -3.87
N ASN D 281 34.36 46.06 -4.75
CA ASN D 281 35.73 46.42 -5.14
C ASN D 281 36.36 47.29 -4.10
N ALA D 282 37.42 46.77 -3.46
CA ALA D 282 38.19 47.52 -2.45
C ALA D 282 38.61 48.91 -2.93
N ALA D 283 38.89 49.04 -4.23
CA ALA D 283 39.36 50.31 -4.79
C ALA D 283 38.29 51.40 -4.74
N TRP D 284 37.01 51.03 -4.62
CA TRP D 284 35.97 52.04 -4.50
C TRP D 284 36.18 52.98 -3.31
N PHE D 285 36.95 52.52 -2.33
CA PHE D 285 37.01 53.17 -1.02
C PHE D 285 38.36 53.83 -0.78
N LYS D 286 39.21 53.80 -1.78
CA LYS D 286 40.60 54.20 -1.65
C LYS D 286 40.67 55.67 -1.19
N ASN D 287 39.74 56.48 -1.67
CA ASN D 287 39.73 57.90 -1.39
C ASN D 287 38.51 58.30 -0.63
N MET D 288 38.00 57.38 0.18
CA MET D 288 36.75 57.62 0.87
C MET D 288 36.93 57.46 2.38
N PRO D 289 37.73 58.33 3.00
CA PRO D 289 38.14 58.13 4.40
C PRO D 289 37.05 58.40 5.45
N HIS D 290 35.95 59.07 5.08
CA HIS D 290 34.95 59.42 6.06
C HIS D 290 33.71 58.52 6.01
N LEU D 291 33.75 57.47 5.21
CA LEU D 291 32.57 56.59 5.14
C LEU D 291 32.18 56.09 6.51
N LYS D 292 30.92 56.36 6.84
CA LYS D 292 30.33 56.10 8.13
C LYS D 292 29.26 54.97 8.05
N VAL D 293 28.49 54.94 6.97
CA VAL D 293 27.34 54.04 6.80
C VAL D 293 27.37 53.38 5.42
N LEU D 294 27.47 52.04 5.41
CA LEU D 294 27.52 51.24 4.16
C LEU D 294 26.38 50.22 4.21
N ASP D 295 25.40 50.43 3.36
CA ASP D 295 24.23 49.59 3.29
C ASP D 295 24.37 48.68 2.10
N LEU D 296 24.44 47.37 2.39
CA LEU D 296 24.61 46.36 1.35
C LEU D 296 23.57 45.26 1.42
N GLU D 297 22.42 45.61 1.95
CA GLU D 297 21.34 44.65 2.07
C GLU D 297 20.92 44.10 0.73
N PHE D 298 20.27 42.93 0.73
CA PHE D 298 19.71 42.33 -0.52
C PHE D 298 20.69 42.30 -1.69
N ASN D 299 21.91 41.83 -1.44
CA ASN D 299 22.82 41.48 -2.51
C ASN D 299 23.13 39.97 -2.50
N TYR D 300 24.24 39.55 -3.09
CA TYR D 300 24.66 38.15 -3.03
C TYR D 300 26.07 38.07 -2.47
N LEU D 301 26.24 38.52 -1.24
CA LEU D 301 27.58 38.74 -0.71
C LEU D 301 28.01 37.72 0.31
N VAL D 302 27.38 36.56 0.35
CA VAL D 302 27.84 35.52 1.26
C VAL D 302 29.36 35.25 1.11
N GLY D 303 29.83 35.06 -0.11
CA GLY D 303 31.27 34.84 -0.34
C GLY D 303 32.16 36.01 0.07
N GLU D 304 31.74 37.24 -0.25
CA GLU D 304 32.45 38.46 0.21
C GLU D 304 32.47 38.61 1.72
N ILE D 305 31.40 38.23 2.38
CA ILE D 305 31.38 38.28 3.84
C ILE D 305 32.45 37.36 4.41
N ALA D 306 32.73 36.28 3.68
CA ALA D 306 33.72 35.29 4.12
C ALA D 306 35.13 35.75 3.82
N SER D 307 35.32 36.54 2.77
CA SER D 307 36.66 36.92 2.35
C SER D 307 36.97 38.39 2.62
N GLY D 308 36.24 39.31 1.99
CA GLY D 308 36.08 40.68 2.52
C GLY D 308 37.30 41.59 2.46
N ALA D 309 37.93 41.66 1.32
CA ALA D 309 39.12 42.50 1.13
C ALA D 309 38.74 43.97 1.36
N PHE D 310 37.54 44.37 0.93
CA PHE D 310 37.09 45.74 1.10
C PHE D 310 37.04 46.18 2.58
N LEU D 311 36.87 45.24 3.49
CA LEU D 311 36.70 45.60 4.90
C LEU D 311 37.94 46.32 5.44
N THR D 312 39.07 46.02 4.83
CA THR D 312 40.34 46.70 5.07
C THR D 312 40.35 48.21 4.82
N MET D 313 39.45 48.71 3.97
CA MET D 313 39.44 50.13 3.57
C MET D 313 38.56 51.01 4.44
N LEU D 314 37.91 50.43 5.43
CA LEU D 314 36.78 51.08 6.11
C LEU D 314 36.92 51.21 7.63
N PRO D 315 38.08 51.67 8.11
CA PRO D 315 38.43 51.77 9.52
C PRO D 315 37.60 52.77 10.37
N ARG D 316 36.86 53.64 9.69
CA ARG D 316 36.05 54.69 10.29
C ARG D 316 34.55 54.40 10.19
N LEU D 317 34.22 53.33 9.48
CA LEU D 317 32.83 52.91 9.35
C LEU D 317 32.21 52.63 10.68
N GLU D 318 30.98 53.09 10.82
CA GLU D 318 30.19 52.89 12.04
C GLU D 318 29.02 51.93 11.90
N ILE D 319 28.34 51.96 10.76
CA ILE D 319 27.16 51.12 10.52
C ILE D 319 27.41 50.28 9.27
N LEU D 320 27.28 48.97 9.40
CA LEU D 320 27.39 48.03 8.27
C LEU D 320 26.17 47.13 8.23
N ASP D 321 25.41 47.24 7.14
CA ASP D 321 24.21 46.48 6.98
C ASP D 321 24.38 45.52 5.83
N LEU D 322 24.47 44.24 6.19
CA LEU D 322 24.67 43.14 5.21
C LEU D 322 23.51 42.16 5.22
N SER D 323 22.35 42.65 5.61
CA SER D 323 21.17 41.83 5.76
C SER D 323 20.62 41.30 4.41
N PHE D 324 19.94 40.16 4.50
CA PHE D 324 19.25 39.56 3.37
C PHE D 324 20.14 39.31 2.17
N ASN D 325 21.29 38.74 2.43
CA ASN D 325 22.19 38.26 1.41
C ASN D 325 22.17 36.73 1.27
N TYR D 326 21.21 36.07 1.90
CA TYR D 326 21.09 34.60 1.83
C TYR D 326 21.12 34.02 0.42
N ILE D 327 21.63 32.81 0.30
CA ILE D 327 21.49 32.03 -0.93
C ILE D 327 20.19 31.23 -0.84
N LYS D 328 19.27 31.40 -1.78
CA LYS D 328 17.96 30.83 -1.58
C LYS D 328 18.02 29.31 -1.49
N GLY D 329 17.23 28.74 -0.61
CA GLY D 329 17.22 27.30 -0.41
C GLY D 329 18.44 26.79 0.31
N SER D 330 19.39 27.67 0.63
CA SER D 330 20.64 27.26 1.30
C SER D 330 20.56 27.61 2.76
N TYR D 331 20.87 26.63 3.60
CA TYR D 331 20.65 26.72 5.02
C TYR D 331 21.88 26.12 5.67
N PRO D 332 23.02 26.83 5.61
CA PRO D 332 24.27 26.24 6.07
C PRO D 332 24.35 26.14 7.57
N GLN D 333 25.25 25.30 8.04
CA GLN D 333 25.39 25.05 9.47
C GLN D 333 25.76 26.29 10.21
N HIS D 334 26.71 27.00 9.65
CA HIS D 334 27.39 28.11 10.31
C HIS D 334 27.46 29.38 9.45
N ILE D 335 27.60 30.51 10.11
CA ILE D 335 27.96 31.75 9.44
C ILE D 335 29.48 31.89 9.36
N ASN D 336 29.92 32.34 8.20
CA ASN D 336 31.32 32.46 7.90
C ASN D 336 31.73 33.96 7.74
N ILE D 337 32.37 34.47 8.79
CA ILE D 337 32.73 35.88 8.93
C ILE D 337 34.24 36.02 8.67
N SER D 338 34.62 36.84 7.70
CA SER D 338 36.03 37.08 7.45
C SER D 338 36.77 37.64 8.66
N ARG D 339 38.02 37.20 8.79
CA ARG D 339 38.97 37.80 9.71
C ARG D 339 39.10 39.31 9.51
N ASN D 340 38.86 39.74 8.29
CA ASN D 340 38.98 41.12 7.97
C ASN D 340 37.97 42.01 8.64
N PHE D 341 36.95 41.43 9.27
CA PHE D 341 36.01 42.24 10.06
C PHE D 341 36.73 42.89 11.25
N SER D 342 37.83 42.29 11.71
CA SER D 342 38.61 42.85 12.80
C SER D 342 39.19 44.22 12.48
N LYS D 343 39.22 44.62 11.22
CA LYS D 343 39.75 45.91 10.83
C LYS D 343 38.73 47.06 10.84
N LEU D 344 37.50 46.73 11.20
CA LEU D 344 36.43 47.73 11.29
C LEU D 344 36.42 48.37 12.65
N LEU D 345 37.48 49.09 12.93
CA LEU D 345 37.77 49.56 14.29
C LEU D 345 36.83 50.61 14.84
N SER D 346 36.06 51.25 13.99
CA SER D 346 35.01 52.17 14.47
C SER D 346 33.58 51.64 14.46
N LEU D 347 33.40 50.39 14.04
CA LEU D 347 32.04 49.88 13.86
C LEU D 347 31.30 49.98 15.15
N ARG D 348 30.05 50.43 15.07
CA ARG D 348 29.15 50.47 16.18
C ARG D 348 27.98 49.48 16.09
N ALA D 349 27.48 49.25 14.86
CA ALA D 349 26.36 48.36 14.63
C ALA D 349 26.60 47.51 13.40
N LEU D 350 26.34 46.22 13.56
CA LEU D 350 26.48 45.25 12.49
C LEU D 350 25.12 44.55 12.30
N HIS D 351 24.55 44.68 11.11
CA HIS D 351 23.28 44.12 10.79
C HIS D 351 23.48 42.96 9.82
N LEU D 352 23.16 41.77 10.32
CA LEU D 352 23.23 40.53 9.54
C LEU D 352 21.91 39.77 9.67
N ARG D 353 20.82 40.43 9.36
CA ARG D 353 19.56 39.74 9.22
C ARG D 353 19.61 38.86 7.94
N GLY D 354 18.83 37.79 7.87
CA GLY D 354 18.65 37.12 6.58
C GLY D 354 19.88 36.59 5.89
N TYR D 355 20.86 36.14 6.67
CA TYR D 355 21.99 35.36 6.13
C TYR D 355 21.52 33.90 5.99
N VAL D 356 20.85 33.43 7.03
CA VAL D 356 20.13 32.14 7.11
C VAL D 356 21.07 30.97 7.37
N PHE D 357 21.11 30.52 8.62
CA PHE D 357 22.09 29.54 9.03
C PHE D 357 21.64 28.95 10.35
N GLN D 358 22.18 27.79 10.70
CA GLN D 358 21.56 26.93 11.71
C GLN D 358 22.09 27.14 13.08
N GLU D 359 23.36 27.50 13.19
CA GLU D 359 24.07 27.37 14.47
C GLU D 359 25.10 28.51 14.57
N LEU D 360 25.10 29.20 15.70
CA LEU D 360 26.16 30.16 16.02
C LEU D 360 27.10 29.59 17.11
N ARG D 361 28.37 29.39 16.77
CA ARG D 361 29.38 28.83 17.69
C ARG D 361 30.32 29.92 18.15
N GLU D 362 30.98 29.67 19.28
CA GLU D 362 31.86 30.68 19.92
C GLU D 362 32.89 31.31 18.98
N ASP D 363 33.48 30.51 18.11
CA ASP D 363 34.58 30.99 17.28
C ASP D 363 34.11 31.74 16.06
N ASP D 364 32.81 31.66 15.75
CA ASP D 364 32.32 32.23 14.50
C ASP D 364 32.40 33.77 14.48
N PHE D 365 32.29 34.38 15.65
CA PHE D 365 32.35 35.82 15.78
C PHE D 365 33.66 36.34 16.34
N GLN D 366 34.71 35.53 16.26
CA GLN D 366 35.94 35.97 16.84
C GLN D 366 36.46 37.24 16.20
N PRO D 367 36.26 37.40 14.90
CA PRO D 367 36.81 38.65 14.33
C PRO D 367 36.16 39.94 14.85
N LEU D 368 35.03 39.81 15.53
CA LEU D 368 34.30 40.96 16.03
C LEU D 368 34.65 41.31 17.47
N MET D 369 35.36 40.42 18.18
CA MET D 369 35.30 40.47 19.63
C MET D 369 36.20 41.56 20.24
N GLN D 370 37.09 42.13 19.46
CA GLN D 370 37.99 43.18 19.97
C GLN D 370 37.66 44.54 19.35
N LEU D 371 36.59 44.60 18.56
CA LEU D 371 36.17 45.89 18.04
C LEU D 371 35.67 46.77 19.20
N PRO D 372 36.37 47.87 19.47
CA PRO D 372 36.12 48.57 20.72
C PRO D 372 34.76 49.26 20.90
N ASN D 373 34.08 49.65 19.81
CA ASN D 373 32.83 50.38 19.95
C ASN D 373 31.57 49.63 19.48
N LEU D 374 31.72 48.35 19.14
CA LEU D 374 30.59 47.59 18.61
C LEU D 374 29.57 47.33 19.71
N SER D 375 28.46 48.06 19.71
CA SER D 375 27.46 47.91 20.78
C SER D 375 26.23 47.10 20.37
N THR D 376 26.00 46.94 19.06
CA THR D 376 24.78 46.37 18.51
C THR D 376 25.10 45.26 17.52
N ILE D 377 24.58 44.07 17.81
CA ILE D 377 24.70 42.98 16.87
C ILE D 377 23.31 42.48 16.55
N ASN D 378 22.93 42.56 15.29
CA ASN D 378 21.56 42.25 14.88
C ASN D 378 21.53 40.99 14.02
N LEU D 379 21.00 39.90 14.58
CA LEU D 379 20.93 38.61 13.89
C LEU D 379 19.46 38.17 13.72
N GLY D 380 18.59 39.15 13.60
CA GLY D 380 17.20 38.81 13.47
C GLY D 380 16.98 38.05 12.17
N ILE D 381 15.96 37.19 12.19
CA ILE D 381 15.48 36.53 11.00
C ILE D 381 16.52 35.73 10.29
N ASN D 382 17.12 34.78 11.01
CA ASN D 382 18.15 33.92 10.39
C ASN D 382 17.81 32.43 10.52
N PHE D 383 16.65 32.13 11.07
CA PHE D 383 16.22 30.76 11.37
C PHE D 383 17.25 29.98 12.20
N ILE D 384 17.96 30.69 13.08
CA ILE D 384 19.03 30.10 13.88
C ILE D 384 18.42 29.18 14.90
N LYS D 385 18.87 27.92 14.89
CA LYS D 385 18.34 26.85 15.76
C LYS D 385 19.04 26.81 17.10
N GLN D 386 20.31 27.20 17.15
CA GLN D 386 21.17 26.97 18.34
C GLN D 386 22.22 28.05 18.46
N ILE D 387 22.44 28.55 19.68
CA ILE D 387 23.48 29.55 19.92
C ILE D 387 24.27 29.19 21.18
N ASP D 388 25.57 29.30 21.09
CA ASP D 388 26.41 29.24 22.27
C ASP D 388 26.55 30.63 22.89
N PHE D 389 25.68 30.94 23.85
CA PHE D 389 25.51 32.28 24.36
C PHE D 389 26.75 32.83 25.03
N LYS D 390 27.71 31.95 25.31
CA LYS D 390 28.88 32.35 26.06
C LYS D 390 29.69 33.33 25.20
N LEU D 391 29.58 33.19 23.89
CA LEU D 391 30.39 33.96 22.95
C LEU D 391 30.21 35.48 23.12
N PHE D 392 29.03 35.90 23.57
CA PHE D 392 28.77 37.33 23.81
C PHE D 392 29.54 37.98 24.96
N GLN D 393 29.87 37.22 25.99
CA GLN D 393 30.74 37.72 27.07
C GLN D 393 32.08 38.23 26.55
N ASN D 394 32.62 37.59 25.54
CA ASN D 394 33.98 37.91 25.13
C ASN D 394 34.07 39.18 24.28
N PHE D 395 32.96 39.88 24.15
CA PHE D 395 32.91 41.12 23.40
C PHE D 395 33.24 42.27 24.30
N SER D 396 33.86 43.29 23.74
CA SER D 396 34.20 44.49 24.48
C SER D 396 33.00 45.17 25.14
N ASN D 397 31.96 45.44 24.36
CA ASN D 397 31.07 46.54 24.70
C ASN D 397 29.63 46.39 24.15
N LEU D 398 29.11 45.18 24.13
CA LEU D 398 27.80 44.95 23.49
C LEU D 398 26.75 45.51 24.41
N GLU D 399 25.82 46.27 23.86
CA GLU D 399 24.68 46.78 24.60
C GLU D 399 23.35 46.22 24.08
N ILE D 400 23.34 45.79 22.81
CA ILE D 400 22.12 45.23 22.19
C ILE D 400 22.47 43.95 21.46
N ILE D 401 21.91 42.84 21.92
CA ILE D 401 22.01 41.52 21.25
C ILE D 401 20.61 41.15 20.75
N TYR D 402 20.40 41.35 19.45
CA TYR D 402 19.08 41.24 18.84
C TYR D 402 19.00 39.90 18.11
N LEU D 403 18.26 38.98 18.69
CA LEU D 403 18.13 37.63 18.17
C LEU D 403 16.66 37.29 17.93
N SER D 404 15.83 38.32 17.76
CA SER D 404 14.40 38.12 17.55
C SER D 404 14.18 37.36 16.22
N GLU D 405 13.19 36.50 16.23
CA GLU D 405 12.72 35.86 15.01
C GLU D 405 13.76 34.86 14.47
N ASN D 406 14.01 33.84 15.28
CA ASN D 406 14.87 32.75 14.87
C ASN D 406 14.16 31.46 15.26
N ARG D 407 14.90 30.37 15.45
CA ARG D 407 14.32 29.11 15.92
C ARG D 407 15.00 28.62 17.20
N ILE D 408 15.25 29.52 18.14
CA ILE D 408 15.89 29.11 19.38
C ILE D 408 14.85 28.37 20.21
N SER D 409 15.24 27.27 20.81
CA SER D 409 14.32 26.44 21.57
C SER D 409 15.02 25.92 22.81
N PRO D 410 14.28 25.26 23.71
CA PRO D 410 14.87 24.87 24.99
C PRO D 410 16.08 23.99 24.79
N ASP D 436 -3.37 55.58 -1.37
CA ASP D 436 -3.21 54.12 -1.33
C ASP D 436 -2.05 53.63 -2.21
N PHE D 437 -0.89 54.26 -2.04
CA PHE D 437 0.37 53.65 -2.44
C PHE D 437 0.97 52.97 -1.19
N GLU D 438 1.57 51.79 -1.41
CA GLU D 438 1.96 50.89 -0.31
C GLU D 438 3.15 51.36 0.52
N PHE D 439 4.15 51.95 -0.12
CA PHE D 439 5.43 52.19 0.54
C PHE D 439 5.54 53.69 0.85
N ASP D 440 5.90 54.00 2.08
CA ASP D 440 6.06 55.38 2.51
C ASP D 440 7.27 56.00 1.85
N PRO D 441 7.03 57.01 1.00
CA PRO D 441 8.14 57.61 0.24
C PRO D 441 9.14 58.37 1.09
N HIS D 442 8.86 58.59 2.37
CA HIS D 442 9.80 59.28 3.25
C HIS D 442 10.52 58.33 4.23
N SER D 443 10.45 57.02 3.95
CA SER D 443 11.05 56.01 4.83
C SER D 443 12.12 55.22 4.09
N ASN D 444 12.91 54.43 4.81
CA ASN D 444 13.82 53.51 4.19
C ASN D 444 13.03 52.37 3.52
N PHE D 445 13.28 52.09 2.24
CA PHE D 445 12.60 51.02 1.51
C PHE D 445 13.11 49.61 1.89
N TYR D 446 14.32 49.48 2.45
CA TYR D 446 14.92 48.16 2.60
C TYR D 446 14.89 47.61 4.01
N HIS D 447 14.76 48.48 5.01
CA HIS D 447 14.52 48.02 6.37
C HIS D 447 13.72 49.06 7.13
N PHE D 448 13.06 48.60 8.19
CA PHE D 448 12.39 49.47 9.14
C PHE D 448 13.41 50.23 9.95
N THR D 449 13.02 51.36 10.48
CA THR D 449 13.97 52.17 11.24
C THR D 449 13.56 52.42 12.70
N ARG D 450 12.62 51.66 13.24
CA ARG D 450 12.36 51.77 14.68
C ARG D 450 13.55 51.17 15.43
N PRO D 451 13.76 51.59 16.68
CA PRO D 451 14.85 51.02 17.46
C PRO D 451 14.65 49.54 17.59
N LEU D 452 15.72 48.77 17.68
CA LEU D 452 15.61 47.34 17.80
C LEU D 452 14.95 46.96 19.08
N ILE D 453 15.32 47.66 20.16
CA ILE D 453 14.75 47.44 21.49
C ILE D 453 13.98 48.71 21.93
N LYS D 454 12.86 48.55 22.59
CA LYS D 454 12.18 49.72 23.13
C LYS D 454 13.19 50.51 24.00
N PRO D 455 13.34 51.80 23.74
CA PRO D 455 14.26 52.64 24.55
C PRO D 455 14.09 52.47 26.07
N GLN D 456 12.84 52.42 26.51
CA GLN D 456 12.54 52.26 27.93
C GLN D 456 13.09 50.99 28.53
N CYS D 457 13.27 49.95 27.72
CA CYS D 457 13.90 48.73 28.22
C CYS D 457 15.41 48.90 28.14
N ALA D 458 15.88 49.37 27.00
CA ALA D 458 17.31 49.50 26.79
C ALA D 458 17.96 50.53 27.75
N ALA D 459 17.20 51.53 28.19
CA ALA D 459 17.71 52.51 29.15
C ALA D 459 18.36 51.83 30.34
N TYR D 460 17.96 50.61 30.68
CA TYR D 460 18.43 49.96 31.89
C TYR D 460 19.78 49.35 31.75
N GLY D 461 20.29 49.21 30.53
CA GLY D 461 21.56 48.51 30.38
C GLY D 461 21.53 47.48 29.29
N LYS D 462 22.41 46.50 29.36
CA LYS D 462 22.60 45.52 28.30
C LYS D 462 21.27 44.79 28.02
N ALA D 463 20.89 44.79 26.75
CA ALA D 463 19.62 44.23 26.28
C ALA D 463 19.81 42.96 25.45
N LEU D 464 19.00 41.95 25.73
CA LEU D 464 18.99 40.73 24.94
C LEU D 464 17.56 40.48 24.51
N ASP D 465 17.34 40.39 23.20
CA ASP D 465 16.01 40.17 22.65
C ASP D 465 15.93 38.80 21.98
N LEU D 466 15.15 37.92 22.59
CA LEU D 466 14.92 36.60 22.11
C LEU D 466 13.44 36.41 21.81
N SER D 467 12.75 37.48 21.45
CA SER D 467 11.36 37.42 21.04
C SER D 467 11.21 36.54 19.79
N LEU D 468 10.02 35.96 19.66
CA LEU D 468 9.59 35.33 18.42
C LEU D 468 10.50 34.15 18.11
N ASN D 469 10.81 33.39 19.14
CA ASN D 469 11.51 32.14 18.97
C ASN D 469 10.60 31.06 19.54
N SER D 470 11.14 29.89 19.82
CA SER D 470 10.32 28.75 20.29
C SER D 470 10.79 28.25 21.67
N ILE D 471 11.10 29.18 22.55
CA ILE D 471 11.58 28.86 23.89
C ILE D 471 10.36 28.61 24.75
N PHE D 472 9.74 27.44 24.54
CA PHE D 472 8.41 27.13 25.12
C PHE D 472 8.51 26.75 26.61
N PHE D 473 9.73 26.47 27.06
CA PHE D 473 10.09 26.62 28.48
C PHE D 473 11.56 27.01 28.60
N ILE D 474 11.90 27.68 29.69
CA ILE D 474 13.28 28.01 30.03
C ILE D 474 13.85 26.89 30.87
N GLY D 475 14.80 26.15 30.31
CA GLY D 475 15.51 25.11 31.03
C GLY D 475 16.52 25.65 32.05
N PRO D 476 17.12 24.74 32.81
CA PRO D 476 17.93 25.10 34.00
C PRO D 476 19.11 26.01 33.67
N ASN D 477 19.66 25.81 32.48
CA ASN D 477 20.82 26.52 31.98
C ASN D 477 20.57 27.32 30.69
N GLN D 478 19.36 27.79 30.46
CA GLN D 478 19.06 28.50 29.22
C GLN D 478 19.91 29.76 29.14
N PHE D 479 20.15 30.40 30.27
CA PHE D 479 20.86 31.67 30.28
C PHE D 479 22.28 31.62 30.87
N GLU D 480 22.88 30.44 30.91
CA GLU D 480 24.28 30.31 31.34
C GLU D 480 25.26 31.12 30.48
N ASN D 481 26.16 31.84 31.15
CA ASN D 481 27.30 32.45 30.47
C ASN D 481 26.90 33.66 29.64
N LEU D 482 25.99 34.44 30.19
CA LEU D 482 25.46 35.59 29.51
C LEU D 482 26.07 36.79 30.22
N PRO D 483 26.25 37.90 29.51
CA PRO D 483 26.62 39.11 30.23
C PRO D 483 25.58 39.45 31.27
N ASP D 484 25.75 40.58 31.91
CA ASP D 484 24.83 41.03 32.94
C ASP D 484 23.65 41.80 32.32
N ILE D 485 22.66 41.03 31.90
CA ILE D 485 21.49 41.51 31.19
C ILE D 485 20.55 42.28 32.10
N ALA D 486 20.21 43.49 31.69
CA ALA D 486 19.26 44.31 32.43
C ALA D 486 17.90 44.38 31.75
N CYS D 487 17.88 44.08 30.47
CA CYS D 487 16.68 44.24 29.62
C CYS D 487 16.52 42.98 28.79
N LEU D 488 15.44 42.25 29.02
CA LEU D 488 15.29 40.91 28.42
C LEU D 488 13.94 40.81 27.78
N ASN D 489 13.92 40.43 26.51
CA ASN D 489 12.68 40.24 25.77
C ASN D 489 12.49 38.76 25.45
N LEU D 490 11.43 38.18 25.99
CA LEU D 490 11.06 36.84 25.67
C LEU D 490 9.62 36.80 25.13
N SER D 491 9.16 37.90 24.57
CA SER D 491 7.85 37.93 23.94
C SER D 491 7.70 36.81 22.88
N ALA D 492 6.52 36.23 22.84
CA ALA D 492 6.07 35.42 21.72
C ALA D 492 6.98 34.25 21.51
N ASN D 493 7.20 33.49 22.59
CA ASN D 493 7.89 32.23 22.52
C ASN D 493 6.98 31.04 22.85
N SER D 494 5.71 31.34 23.02
CA SER D 494 4.68 30.43 23.53
C SER D 494 5.19 29.61 24.70
N ASN D 495 5.74 30.33 25.66
CA ASN D 495 6.22 29.75 26.88
C ASN D 495 5.04 29.37 27.77
N ALA D 496 4.92 28.07 28.03
CA ALA D 496 3.81 27.53 28.76
C ALA D 496 4.19 27.16 30.22
N GLN D 497 5.37 27.52 30.66
CA GLN D 497 5.92 26.89 31.85
C GLN D 497 5.40 27.50 33.15
N VAL D 498 5.57 26.73 34.23
CA VAL D 498 5.35 27.24 35.60
C VAL D 498 6.67 27.85 36.06
N LEU D 499 6.75 29.16 36.01
CA LEU D 499 7.88 29.85 36.59
C LEU D 499 7.90 29.60 38.11
N SER D 500 9.08 29.40 38.64
CA SER D 500 9.26 28.78 39.95
C SER D 500 10.33 29.46 40.78
N GLY D 501 10.91 30.55 40.26
CA GLY D 501 11.87 31.35 40.99
C GLY D 501 13.35 31.02 40.74
N THR D 502 13.63 30.03 39.90
CA THR D 502 15.01 29.62 39.57
C THR D 502 15.43 29.96 38.14
N GLU D 503 14.46 30.35 37.31
CA GLU D 503 14.63 30.29 35.85
C GLU D 503 15.61 31.37 35.36
N PHE D 504 15.64 32.47 36.09
CA PHE D 504 16.44 33.61 35.74
C PHE D 504 17.66 33.81 36.65
N SER D 505 18.07 32.73 37.31
CA SER D 505 19.14 32.80 38.30
C SER D 505 20.48 33.26 37.68
N ALA D 506 20.73 32.89 36.43
CA ALA D 506 21.97 33.25 35.74
C ALA D 506 22.00 34.70 35.27
N ILE D 507 20.86 35.37 35.30
CA ILE D 507 20.80 36.77 34.97
C ILE D 507 19.87 37.49 35.92
N PRO D 508 20.28 37.63 37.19
CA PRO D 508 19.32 38.03 38.20
C PRO D 508 19.18 39.53 38.35
N HIS D 509 19.93 40.29 37.57
CA HIS D 509 19.80 41.74 37.60
C HIS D 509 18.92 42.30 36.48
N VAL D 510 18.01 41.49 35.94
CA VAL D 510 17.07 42.02 34.93
C VAL D 510 16.18 43.04 35.60
N LYS D 511 16.07 44.20 34.97
CA LYS D 511 15.21 45.26 35.46
C LYS D 511 13.94 45.44 34.64
N TYR D 512 13.97 45.02 33.38
CA TYR D 512 12.83 45.20 32.48
C TYR D 512 12.65 43.87 31.77
N LEU D 513 11.53 43.19 32.03
CA LEU D 513 11.32 41.85 31.52
C LEU D 513 10.04 41.86 30.70
N ASP D 514 10.17 41.56 29.41
CA ASP D 514 9.02 41.46 28.52
C ASP D 514 8.70 39.99 28.33
N LEU D 515 7.60 39.53 28.92
CA LEU D 515 7.12 38.18 28.67
C LEU D 515 5.74 38.18 28.00
N THR D 516 5.45 39.21 27.21
CA THR D 516 4.19 39.31 26.49
C THR D 516 3.98 38.13 25.51
N ASN D 517 2.72 37.87 25.19
CA ASN D 517 2.33 36.97 24.11
C ASN D 517 2.93 35.59 24.32
N ASN D 518 2.77 35.06 25.53
CA ASN D 518 3.14 33.72 25.84
C ASN D 518 1.92 33.01 26.45
N ARG D 519 2.15 31.87 27.06
CA ARG D 519 1.07 31.15 27.71
C ARG D 519 1.48 30.66 29.07
N LEU D 520 2.03 31.58 29.87
CA LEU D 520 2.60 31.21 31.19
C LEU D 520 1.56 30.59 32.10
N ASP D 521 1.97 29.55 32.82
CA ASP D 521 1.07 28.90 33.77
C ASP D 521 1.49 29.32 35.19
N PHE D 522 0.70 30.18 35.82
CA PHE D 522 1.01 30.69 37.16
C PHE D 522 0.57 29.76 38.31
N ASP D 523 1.35 28.72 38.53
CA ASP D 523 1.09 27.75 39.59
C ASP D 523 2.21 27.74 40.65
N ASN D 524 2.87 28.87 40.86
CA ASN D 524 3.97 28.94 41.85
C ASN D 524 4.26 30.36 42.28
N ALA D 525 4.02 30.60 43.56
CA ALA D 525 3.99 31.94 44.09
C ALA D 525 5.41 32.53 44.17
N SER D 526 6.41 31.71 43.99
CA SER D 526 7.79 32.20 43.86
C SER D 526 8.19 32.66 42.44
N ALA D 527 7.28 32.59 41.47
CA ALA D 527 7.65 32.92 40.08
C ALA D 527 8.33 34.29 40.02
N LEU D 528 9.48 34.33 39.36
CA LEU D 528 10.18 35.60 39.04
C LEU D 528 10.83 36.29 40.23
N THR D 529 10.78 35.67 41.41
CA THR D 529 11.23 36.35 42.62
C THR D 529 12.75 36.45 42.71
N GLU D 530 13.46 35.61 41.97
CA GLU D 530 14.94 35.73 41.87
C GLU D 530 15.38 37.08 41.26
N LEU D 531 14.46 37.79 40.61
CA LEU D 531 14.74 39.07 39.99
C LEU D 531 14.46 40.20 40.95
N SER D 532 15.27 40.32 42.00
CA SER D 532 14.88 41.25 43.08
C SER D 532 15.06 42.70 42.67
N ASP D 533 15.83 42.96 41.61
CA ASP D 533 15.96 44.32 41.06
C ASP D 533 14.84 44.71 40.09
N LEU D 534 13.91 43.79 39.81
CA LEU D 534 12.93 44.02 38.74
C LEU D 534 12.14 45.30 38.98
N GLU D 535 12.07 46.14 37.96
CA GLU D 535 11.25 47.33 37.99
C GLU D 535 10.10 47.37 37.01
N VAL D 536 10.25 46.68 35.88
CA VAL D 536 9.18 46.68 34.86
C VAL D 536 8.89 45.25 34.41
N LEU D 537 7.63 44.84 34.55
CA LEU D 537 7.23 43.48 34.15
C LEU D 537 6.03 43.54 33.19
N ASP D 538 6.21 43.03 31.96
CA ASP D 538 5.12 43.03 30.95
C ASP D 538 4.65 41.60 30.77
N LEU D 539 3.45 41.34 31.25
CA LEU D 539 2.84 40.03 31.11
C LEU D 539 1.60 40.07 30.20
N SER D 540 1.48 41.11 29.39
CA SER D 540 0.34 41.24 28.47
C SER D 540 0.19 39.94 27.61
N TYR D 541 -1.06 39.61 27.25
CA TYR D 541 -1.38 38.57 26.26
C TYR D 541 -0.84 37.22 26.68
N ASN D 542 -1.12 36.88 27.93
CA ASN D 542 -0.88 35.55 28.46
C ASN D 542 -2.18 34.92 28.91
N SER D 543 -3.20 35.06 28.07
CA SER D 543 -4.54 34.57 28.36
C SER D 543 -4.67 33.08 28.54
N HIS D 544 -3.80 32.33 27.88
CA HIS D 544 -4.03 30.91 27.66
C HIS D 544 -4.56 30.18 28.91
N TYR D 545 -3.86 30.26 30.06
CA TYR D 545 -4.33 29.54 31.26
C TYR D 545 -5.34 30.29 32.13
N PHE D 546 -5.32 31.62 32.01
CA PHE D 546 -6.29 32.49 32.69
C PHE D 546 -7.73 32.21 32.29
N ARG D 547 -7.88 31.82 31.03
CA ARG D 547 -9.17 31.44 30.47
C ARG D 547 -9.77 30.22 31.09
N ILE D 548 -8.93 29.33 31.58
CA ILE D 548 -9.41 28.07 32.08
C ILE D 548 -9.68 28.14 33.58
N ALA D 549 -10.95 28.00 33.95
CA ALA D 549 -11.37 28.08 35.33
C ALA D 549 -10.72 27.04 36.22
N GLY D 550 -10.61 25.82 35.75
CA GLY D 550 -10.28 24.67 36.60
C GLY D 550 -8.81 24.52 36.92
N VAL D 551 -7.96 25.34 36.31
CA VAL D 551 -6.53 25.30 36.65
C VAL D 551 -6.19 26.49 37.52
N THR D 552 -5.07 26.39 38.21
CA THR D 552 -4.75 27.43 39.21
C THR D 552 -4.21 28.67 38.56
N HIS D 553 -4.43 29.80 39.22
CA HIS D 553 -3.87 31.03 38.76
C HIS D 553 -3.33 31.79 40.00
N HIS D 554 -2.02 31.79 40.19
CA HIS D 554 -1.35 32.36 41.39
C HIS D 554 -0.58 33.64 41.02
N LEU D 555 -1.08 34.78 41.46
CA LEU D 555 -0.43 36.07 41.26
C LEU D 555 0.27 36.64 42.51
N GLU D 556 0.44 35.81 43.54
CA GLU D 556 0.95 36.28 44.84
C GLU D 556 2.35 36.86 44.71
N PHE D 557 3.14 36.33 43.77
CA PHE D 557 4.54 36.70 43.59
C PHE D 557 4.76 38.19 43.43
N ILE D 558 3.72 38.91 43.06
CA ILE D 558 3.84 40.34 42.78
C ILE D 558 4.31 41.13 44.02
N GLN D 559 3.93 40.67 45.21
CA GLN D 559 4.25 41.40 46.45
C GLN D 559 5.73 41.26 46.84
N ASN D 560 6.39 40.21 46.34
CA ASN D 560 7.74 39.87 46.73
C ASN D 560 8.77 40.73 45.99
N PHE D 561 8.36 41.81 45.33
CA PHE D 561 9.31 42.74 44.69
C PHE D 561 9.39 44.05 45.42
N THR D 562 10.62 44.50 45.67
CA THR D 562 10.90 45.69 46.45
C THR D 562 10.90 46.90 45.53
N ASN D 563 11.26 46.66 44.27
CA ASN D 563 11.56 47.73 43.34
C ASN D 563 10.66 47.76 42.11
N LEU D 564 9.60 46.95 42.10
CA LEU D 564 8.69 46.90 40.96
C LEU D 564 7.85 48.17 40.82
N LYS D 565 7.99 48.85 39.69
CA LYS D 565 7.29 50.13 39.44
C LYS D 565 6.12 49.97 38.51
N VAL D 566 6.30 49.15 37.46
CA VAL D 566 5.31 49.04 36.40
C VAL D 566 4.97 47.58 36.08
N LEU D 567 3.68 47.26 36.12
CA LEU D 567 3.20 45.92 35.83
C LEU D 567 2.06 45.97 34.84
N ASN D 568 2.24 45.28 33.71
CA ASN D 568 1.21 45.16 32.69
C ASN D 568 0.60 43.75 32.64
N LEU D 569 -0.67 43.67 33.05
CA LEU D 569 -1.43 42.44 32.96
C LEU D 569 -2.53 42.54 31.90
N SER D 570 -2.32 43.39 30.89
CA SER D 570 -3.35 43.58 29.87
C SER D 570 -3.65 42.30 29.11
N HIS D 571 -4.90 42.19 28.71
CA HIS D 571 -5.38 41.19 27.76
C HIS D 571 -5.06 39.80 28.22
N ASN D 572 -5.34 39.54 29.50
CA ASN D 572 -5.14 38.24 30.06
C ASN D 572 -6.43 37.54 30.33
N ASN D 573 -7.54 38.21 30.08
CA ASN D 573 -8.85 37.66 30.41
C ASN D 573 -8.94 37.12 31.84
N ILE D 574 -8.29 37.82 32.76
CA ILE D 574 -8.32 37.38 34.13
C ILE D 574 -9.73 37.57 34.69
N TYR D 575 -10.26 36.48 35.23
CA TYR D 575 -11.58 36.46 35.84
C TYR D 575 -11.67 35.60 37.12
N THR D 576 -10.64 34.84 37.43
CA THR D 576 -10.61 33.98 38.62
C THR D 576 -9.17 33.75 39.06
N LEU D 577 -8.91 33.82 40.38
CA LEU D 577 -7.58 33.56 40.95
C LEU D 577 -7.69 32.56 42.07
N THR D 578 -6.59 31.84 42.33
CA THR D 578 -6.53 30.83 43.37
C THR D 578 -6.01 31.41 44.72
N ASP D 579 -6.79 31.21 45.79
CA ASP D 579 -6.33 31.44 47.19
C ASP D 579 -6.22 32.91 47.52
N LYS D 580 -5.26 33.59 46.92
CA LYS D 580 -5.17 35.02 47.13
C LYS D 580 -5.94 35.77 46.06
N TYR D 581 -6.89 36.59 46.49
CA TYR D 581 -7.71 37.35 45.57
C TYR D 581 -7.24 38.80 45.39
N ASN D 582 -6.20 39.18 46.12
CA ASN D 582 -5.73 40.56 46.15
C ASN D 582 -4.39 40.76 45.52
N LEU D 583 -4.26 41.87 44.83
CA LEU D 583 -2.98 42.32 44.35
C LEU D 583 -2.37 43.28 45.37
N GLU D 584 -1.13 43.00 45.76
CA GLU D 584 -0.50 43.74 46.82
C GLU D 584 0.94 44.04 46.48
N SER D 585 1.30 45.31 46.65
CA SER D 585 2.68 45.71 46.45
C SER D 585 2.92 47.03 47.16
N LYS D 586 4.06 47.15 47.85
CA LYS D 586 4.46 48.45 48.42
C LYS D 586 5.12 49.32 47.38
N SER D 587 5.69 48.66 46.37
CA SER D 587 6.47 49.33 45.35
C SER D 587 5.59 49.98 44.28
N LEU D 588 4.60 49.22 43.78
CA LEU D 588 4.00 49.49 42.47
C LEU D 588 3.37 50.86 42.32
N VAL D 589 3.71 51.48 41.20
CA VAL D 589 3.24 52.79 40.78
C VAL D 589 2.18 52.71 39.65
N GLU D 590 2.36 51.79 38.69
CA GLU D 590 1.49 51.68 37.51
C GLU D 590 1.07 50.25 37.26
N LEU D 591 -0.24 50.01 37.28
CA LEU D 591 -0.84 48.73 36.89
C LEU D 591 -1.72 48.92 35.68
N VAL D 592 -1.47 48.13 34.63
CA VAL D 592 -2.41 48.07 33.51
C VAL D 592 -3.16 46.79 33.61
N PHE D 593 -4.48 46.93 33.74
CA PHE D 593 -5.38 45.78 33.87
C PHE D 593 -6.45 45.78 32.76
N SER D 594 -6.19 46.44 31.65
CA SER D 594 -7.13 46.44 30.53
C SER D 594 -7.30 45.02 29.95
N GLY D 595 -8.46 44.75 29.36
CA GLY D 595 -8.67 43.47 28.63
C GLY D 595 -8.71 42.27 29.54
N ASN D 596 -9.19 42.49 30.77
CA ASN D 596 -9.49 41.41 31.70
C ASN D 596 -10.96 41.43 31.98
N ARG D 597 -11.41 40.70 33.00
CA ARG D 597 -12.85 40.59 33.24
C ARG D 597 -13.29 41.10 34.63
N LEU D 598 -13.07 42.38 34.92
CA LEU D 598 -13.58 42.95 36.18
C LEU D 598 -15.10 42.89 36.27
N ASP D 599 -15.79 42.89 35.13
CA ASP D 599 -17.22 42.59 35.15
C ASP D 599 -17.52 41.31 35.89
N ILE D 600 -16.66 40.30 35.77
CA ILE D 600 -16.91 39.07 36.49
C ILE D 600 -16.35 39.12 37.92
N LEU D 601 -15.14 39.64 38.05
CA LEU D 601 -14.47 39.68 39.36
C LEU D 601 -15.29 40.48 40.39
N TRP D 602 -15.93 41.54 39.91
CA TRP D 602 -16.80 42.40 40.71
C TRP D 602 -18.26 42.16 40.45
N ASN D 603 -18.62 40.91 40.19
CA ASN D 603 -19.99 40.54 40.00
C ASN D 603 -20.74 40.74 41.33
N ASP D 604 -21.98 41.23 41.27
CA ASP D 604 -22.77 41.56 42.47
C ASP D 604 -22.92 40.41 43.46
N ASP D 605 -22.91 39.18 42.96
CA ASP D 605 -23.08 37.99 43.78
C ASP D 605 -21.77 37.45 44.37
N ASP D 606 -20.67 38.16 44.17
CA ASP D 606 -19.37 37.69 44.63
C ASP D 606 -18.65 38.81 45.37
N ASN D 607 -18.23 38.54 46.60
CA ASN D 607 -17.56 39.54 47.41
C ASN D 607 -16.05 39.49 47.36
N ARG D 608 -15.50 38.41 46.78
CA ARG D 608 -14.09 38.07 46.99
C ARG D 608 -13.07 39.03 46.39
N TYR D 609 -13.43 39.80 45.38
CA TYR D 609 -12.45 40.63 44.66
C TYR D 609 -12.73 42.11 44.90
N ILE D 610 -13.40 42.36 46.03
CA ILE D 610 -13.79 43.71 46.44
C ILE D 610 -12.58 44.60 46.67
N SER D 611 -11.50 44.03 47.20
CA SER D 611 -10.29 44.80 47.55
C SER D 611 -9.10 44.41 46.70
N ILE D 612 -9.36 44.09 45.43
CA ILE D 612 -8.36 43.46 44.56
C ILE D 612 -7.15 44.34 44.36
N PHE D 613 -7.35 45.64 44.18
CA PHE D 613 -6.21 46.56 44.04
C PHE D 613 -5.79 47.34 45.31
N LYS D 614 -6.50 47.13 46.42
CA LYS D 614 -6.32 48.00 47.59
C LYS D 614 -4.91 47.88 48.17
N GLY D 615 -4.38 46.67 48.26
CA GLY D 615 -3.00 46.42 48.67
C GLY D 615 -1.92 47.04 47.77
N LEU D 616 -2.34 47.77 46.74
CA LEU D 616 -1.39 48.49 45.93
C LEU D 616 -1.22 49.93 46.47
N LYS D 617 -0.52 50.02 47.59
CA LYS D 617 -0.47 51.23 48.44
C LYS D 617 0.18 52.44 47.76
N ASN D 618 1.19 52.20 46.93
CA ASN D 618 1.92 53.27 46.23
C ASN D 618 1.39 53.66 44.85
N LEU D 619 0.23 53.12 44.48
CA LEU D 619 -0.19 53.16 43.07
C LEU D 619 -0.67 54.53 42.68
N THR D 620 -0.17 55.07 41.57
CA THR D 620 -0.72 56.33 41.05
C THR D 620 -1.41 56.24 39.72
N ARG D 621 -1.13 55.19 38.94
CA ARG D 621 -1.78 54.99 37.63
C ARG D 621 -2.45 53.63 37.53
N LEU D 622 -3.76 53.63 37.28
CA LEU D 622 -4.53 52.40 37.13
C LEU D 622 -5.36 52.45 35.85
N ASP D 623 -5.24 51.40 35.03
CA ASP D 623 -5.97 51.29 33.74
C ASP D 623 -6.88 50.06 33.77
N LEU D 624 -8.17 50.34 33.81
CA LEU D 624 -9.21 49.34 33.87
C LEU D 624 -10.07 49.37 32.59
N SER D 625 -9.54 49.93 31.51
CA SER D 625 -10.24 49.94 30.22
C SER D 625 -10.52 48.51 29.76
N LEU D 626 -11.55 48.37 28.94
CA LEU D 626 -11.80 47.08 28.24
C LEU D 626 -11.97 45.94 29.23
N ASN D 627 -12.81 46.16 30.23
CA ASN D 627 -13.11 45.13 31.22
C ASN D 627 -14.62 44.80 31.24
N ARG D 628 -15.33 45.24 30.21
CA ARG D 628 -16.79 44.96 30.06
C ARG D 628 -17.67 45.40 31.22
N LEU D 629 -17.24 46.41 31.97
CA LEU D 629 -17.97 46.84 33.14
C LEU D 629 -19.27 47.58 32.75
N LYS D 630 -20.40 47.07 33.20
CA LYS D 630 -21.65 47.83 33.08
C LYS D 630 -21.85 48.75 34.30
N HIS D 631 -21.35 48.31 35.46
CA HIS D 631 -21.34 49.16 36.65
C HIS D 631 -20.23 48.73 37.60
N ILE D 632 -19.83 49.61 38.50
CA ILE D 632 -18.91 49.22 39.57
C ILE D 632 -19.53 49.25 40.97
N PRO D 633 -19.37 48.16 41.73
CA PRO D 633 -19.89 48.28 43.09
C PRO D 633 -19.26 49.44 43.81
N ASN D 634 -20.05 50.21 44.55
CA ASN D 634 -19.51 51.38 45.25
C ASN D 634 -18.33 51.04 46.16
N GLU D 635 -18.42 49.88 46.83
CA GLU D 635 -17.36 49.45 47.74
C GLU D 635 -16.05 49.10 47.01
N ALA D 636 -16.19 48.47 45.85
CA ALA D 636 -15.03 48.14 45.02
C ALA D 636 -14.36 49.43 44.61
N PHE D 637 -15.16 50.37 44.12
CA PHE D 637 -14.58 51.62 43.69
C PHE D 637 -13.92 52.29 44.90
N LEU D 638 -14.55 52.20 46.06
CA LEU D 638 -13.96 52.78 47.30
C LEU D 638 -12.67 52.08 47.70
N ASN D 639 -12.54 50.81 47.36
CA ASN D 639 -11.29 50.09 47.65
C ASN D 639 -10.14 50.31 46.65
N LEU D 640 -10.28 51.26 45.74
CA LEU D 640 -9.19 51.60 44.83
C LEU D 640 -8.18 52.48 45.58
N PRO D 641 -6.86 52.23 45.39
CA PRO D 641 -5.81 52.90 46.17
C PRO D 641 -6.02 54.40 46.29
N ALA D 642 -5.92 54.93 47.51
CA ALA D 642 -6.18 56.36 47.75
C ALA D 642 -5.09 57.21 47.12
N SER D 643 -3.94 56.60 46.87
CA SER D 643 -2.81 57.21 46.16
C SER D 643 -2.98 57.63 44.69
N LEU D 644 -4.08 57.25 44.04
CA LEU D 644 -4.20 57.45 42.59
C LEU D 644 -4.19 58.90 42.18
N THR D 645 -3.50 59.16 41.06
CA THR D 645 -3.57 60.43 40.35
C THR D 645 -4.19 60.32 38.99
N GLU D 646 -4.20 59.10 38.44
CA GLU D 646 -4.61 58.89 37.05
C GLU D 646 -5.37 57.58 36.98
N LEU D 647 -6.65 57.65 36.63
CA LEU D 647 -7.48 56.44 36.54
C LEU D 647 -8.25 56.38 35.23
N HIS D 648 -8.00 55.32 34.46
CA HIS D 648 -8.71 55.10 33.20
C HIS D 648 -9.70 53.97 33.36
N ILE D 649 -10.93 54.24 33.00
CA ILE D 649 -11.97 53.23 32.99
C ILE D 649 -12.65 53.30 31.62
N ASN D 650 -11.88 53.70 30.61
CA ASN D 650 -12.43 53.90 29.28
C ASN D 650 -12.71 52.58 28.56
N ASP D 651 -13.56 52.69 27.54
CA ASP D 651 -14.01 51.56 26.71
C ASP D 651 -14.56 50.38 27.51
N ASN D 652 -15.61 50.69 28.26
CA ASN D 652 -16.33 49.70 29.07
C ASN D 652 -17.78 49.91 28.72
N MET D 653 -18.73 49.55 29.59
CA MET D 653 -20.14 49.84 29.28
C MET D 653 -20.89 50.53 30.42
N LEU D 654 -20.23 51.48 31.08
CA LEU D 654 -20.75 52.08 32.30
C LEU D 654 -22.01 52.90 32.03
N LYS D 655 -23.11 52.52 32.67
CA LYS D 655 -24.37 53.19 32.47
C LYS D 655 -24.56 54.33 33.49
N PHE D 656 -23.94 54.19 34.67
CA PHE D 656 -24.02 55.19 35.74
C PHE D 656 -22.68 55.27 36.47
N PHE D 657 -22.34 56.41 37.08
CA PHE D 657 -21.06 56.59 37.82
C PHE D 657 -21.23 57.41 39.11
N ASN D 658 -20.99 56.80 40.27
CA ASN D 658 -21.14 57.52 41.52
C ASN D 658 -20.07 58.57 41.72
N TRP D 659 -20.33 59.78 41.23
CA TRP D 659 -19.40 60.91 41.36
C TRP D 659 -19.01 61.29 42.81
N THR D 660 -19.90 61.05 43.75
CA THR D 660 -19.63 61.42 45.14
C THR D 660 -18.40 60.66 45.67
N LEU D 661 -18.06 59.53 45.06
CA LEU D 661 -16.94 58.75 45.57
C LEU D 661 -15.57 59.38 45.25
N LEU D 662 -15.54 60.38 44.39
CA LEU D 662 -14.30 61.08 44.14
C LEU D 662 -13.78 61.70 45.42
N GLN D 663 -14.67 61.96 46.36
CA GLN D 663 -14.28 62.45 47.66
C GLN D 663 -13.08 61.70 48.22
N GLN D 664 -13.04 60.39 48.03
CA GLN D 664 -11.96 59.59 48.63
C GLN D 664 -10.65 59.61 47.83
N PHE D 665 -10.57 60.47 46.82
CA PHE D 665 -9.39 60.48 45.97
C PHE D 665 -8.82 61.88 45.84
N PRO D 666 -8.11 62.31 46.89
CA PRO D 666 -7.69 63.69 47.04
C PRO D 666 -6.61 64.04 46.05
N ARG D 667 -5.81 63.06 45.62
CA ARG D 667 -4.70 63.31 44.67
C ARG D 667 -5.05 63.09 43.18
N LEU D 668 -6.30 62.76 42.88
CA LEU D 668 -6.71 62.42 41.51
C LEU D 668 -6.73 63.60 40.52
N GLU D 669 -5.89 63.51 39.49
CA GLU D 669 -5.73 64.54 38.50
C GLU D 669 -6.41 64.25 37.19
N LEU D 670 -6.52 62.97 36.84
CA LEU D 670 -7.05 62.58 35.53
C LEU D 670 -8.03 61.42 35.69
N LEU D 671 -9.23 61.63 35.17
CA LEU D 671 -10.26 60.60 35.17
C LEU D 671 -10.76 60.41 33.75
N ASP D 672 -10.53 59.21 33.23
CA ASP D 672 -10.87 58.89 31.85
C ASP D 672 -12.06 57.95 31.85
N LEU D 673 -13.19 58.41 31.32
CA LEU D 673 -14.37 57.57 31.17
C LEU D 673 -14.88 57.58 29.72
N ARG D 674 -14.00 57.83 28.78
CA ARG D 674 -14.39 57.83 27.37
C ARG D 674 -14.93 56.47 26.97
N GLY D 675 -15.76 56.45 25.93
CA GLY D 675 -16.31 55.22 25.36
C GLY D 675 -17.12 54.37 26.34
N ASN D 676 -18.03 54.98 27.08
CA ASN D 676 -18.95 54.26 27.96
C ASN D 676 -20.40 54.56 27.61
N LYS D 677 -21.33 54.33 28.54
CA LYS D 677 -22.76 54.60 28.28
C LYS D 677 -23.39 55.61 29.26
N LEU D 678 -22.59 56.54 29.76
CA LEU D 678 -23.03 57.42 30.85
C LEU D 678 -24.15 58.36 30.42
N LEU D 679 -25.15 58.52 31.28
CA LEU D 679 -26.34 59.32 30.95
C LEU D 679 -26.28 60.77 31.46
N PHE D 680 -25.89 60.98 32.71
CA PHE D 680 -25.80 62.34 33.28
C PHE D 680 -24.58 62.57 34.15
N LEU D 681 -24.20 63.84 34.28
CA LEU D 681 -23.15 64.29 35.20
C LEU D 681 -23.72 64.46 36.61
N THR D 682 -22.90 64.93 37.55
CA THR D 682 -23.42 65.49 38.80
C THR D 682 -23.42 67.01 38.70
N ASP D 683 -24.31 67.65 39.45
CA ASP D 683 -24.29 69.11 39.55
C ASP D 683 -23.10 69.59 40.37
N SER D 684 -22.91 69.00 41.55
CA SER D 684 -22.01 69.57 42.55
C SER D 684 -20.67 68.86 42.63
N LEU D 685 -19.86 68.98 41.58
CA LEU D 685 -18.62 68.21 41.50
C LEU D 685 -17.53 68.77 42.42
N SER D 686 -17.48 70.09 42.55
CA SER D 686 -16.49 70.75 43.43
C SER D 686 -16.59 70.21 44.83
N ASP D 687 -17.78 69.72 45.18
CA ASP D 687 -17.97 69.03 46.45
C ASP D 687 -17.21 67.71 46.53
N PHE D 688 -16.93 67.10 45.37
CA PHE D 688 -16.36 65.75 45.32
C PHE D 688 -14.90 65.73 44.90
N THR D 689 -14.44 66.75 44.19
CA THR D 689 -13.00 66.82 43.91
C THR D 689 -12.49 68.26 43.95
N SER D 690 -11.28 68.40 44.51
CA SER D 690 -10.48 69.63 44.42
C SER D 690 -9.35 69.44 43.41
N SER D 691 -9.08 68.18 43.07
CA SER D 691 -7.82 67.81 42.45
C SER D 691 -7.95 67.61 40.94
N LEU D 692 -9.16 67.35 40.47
CA LEU D 692 -9.35 66.89 39.10
C LEU D 692 -8.91 67.92 38.07
N ARG D 693 -7.87 67.59 37.32
CA ARG D 693 -7.29 68.46 36.29
C ARG D 693 -7.75 68.12 34.85
N THR D 694 -7.97 66.84 34.55
CA THR D 694 -8.48 66.41 33.24
C THR D 694 -9.61 65.42 33.42
N LEU D 695 -10.69 65.59 32.67
CA LEU D 695 -11.84 64.69 32.77
C LEU D 695 -12.35 64.41 31.38
N LEU D 696 -12.32 63.14 31.00
CA LEU D 696 -12.49 62.75 29.61
C LEU D 696 -13.74 61.90 29.51
N LEU D 697 -14.65 62.29 28.63
CA LEU D 697 -15.96 61.72 28.62
C LEU D 697 -16.49 61.60 27.19
N SER D 698 -15.61 61.63 26.19
CA SER D 698 -16.04 61.42 24.80
C SER D 698 -16.69 60.07 24.60
N HIS D 699 -17.54 60.00 23.59
CA HIS D 699 -18.34 58.81 23.32
C HIS D 699 -18.99 58.32 24.61
N ASN D 700 -19.88 59.15 25.14
CA ASN D 700 -20.89 58.69 26.11
C ASN D 700 -22.26 59.23 25.71
N ARG D 701 -23.23 59.18 26.61
CA ARG D 701 -24.60 59.54 26.29
C ARG D 701 -25.10 60.76 27.12
N ILE D 702 -24.32 61.83 27.12
CA ILE D 702 -24.70 63.05 27.85
C ILE D 702 -25.44 64.03 26.95
N SER D 703 -26.63 64.45 27.37
CA SER D 703 -27.43 65.40 26.59
C SER D 703 -27.74 66.72 27.29
N HIS D 704 -27.39 66.82 28.58
CA HIS D 704 -27.53 68.06 29.35
C HIS D 704 -26.35 68.23 30.30
N LEU D 705 -25.71 69.40 30.25
CA LEU D 705 -24.77 69.82 31.30
C LEU D 705 -25.57 70.39 32.46
N PRO D 706 -25.12 70.12 33.69
CA PRO D 706 -25.82 70.70 34.85
C PRO D 706 -25.41 72.15 35.16
N SER D 707 -25.96 72.67 36.26
CA SER D 707 -25.79 74.08 36.62
C SER D 707 -24.33 74.43 36.81
N GLY D 708 -23.99 75.66 36.44
CA GLY D 708 -22.73 76.28 36.84
C GLY D 708 -21.57 75.34 36.60
N PHE D 709 -21.81 74.37 35.74
CA PHE D 709 -21.00 73.18 35.71
C PHE D 709 -19.61 73.57 35.23
N LEU D 710 -19.58 74.32 34.14
CA LEU D 710 -18.33 74.81 33.57
C LEU D 710 -17.47 75.55 34.58
N SER D 711 -18.06 75.96 35.70
CA SER D 711 -17.32 76.65 36.77
C SER D 711 -17.48 75.92 38.09
N GLU D 712 -17.42 74.59 38.02
CA GLU D 712 -17.44 73.76 39.22
C GLU D 712 -16.08 73.75 39.90
N VAL D 713 -15.17 72.94 39.35
CA VAL D 713 -13.89 72.65 40.01
C VAL D 713 -12.85 73.64 39.52
N SER D 714 -12.24 74.34 40.46
CA SER D 714 -11.23 75.34 40.15
C SER D 714 -10.12 74.73 39.30
N SER D 715 -9.75 73.49 39.64
CA SER D 715 -8.52 72.86 39.12
C SER D 715 -8.63 72.31 37.70
N LEU D 716 -9.85 72.23 37.16
CA LEU D 716 -10.09 71.50 35.91
C LEU D 716 -9.68 72.26 34.65
N LYS D 717 -8.59 71.80 34.02
CA LYS D 717 -7.99 72.43 32.84
C LYS D 717 -8.63 71.98 31.51
N HIS D 718 -8.97 70.70 31.43
CA HIS D 718 -9.33 70.04 30.16
C HIS D 718 -10.61 69.24 30.39
N LEU D 719 -11.60 69.51 29.55
CA LEU D 719 -12.86 68.80 29.60
C LEU D 719 -13.25 68.32 28.20
N ASP D 720 -13.39 67.01 28.06
CA ASP D 720 -13.68 66.40 26.75
C ASP D 720 -15.09 65.86 26.81
N LEU D 721 -15.98 66.50 26.07
CA LEU D 721 -17.34 66.02 25.97
C LEU D 721 -17.70 65.82 24.51
N SER D 722 -16.67 65.58 23.69
CA SER D 722 -16.88 65.26 22.29
C SER D 722 -17.65 63.95 22.11
N SER D 723 -18.29 63.83 20.96
CA SER D 723 -19.16 62.71 20.63
C SER D 723 -20.06 62.33 21.79
N ASN D 724 -20.78 63.32 22.29
CA ASN D 724 -21.87 63.04 23.21
C ASN D 724 -23.20 63.44 22.59
N LEU D 725 -24.24 63.61 23.40
CA LEU D 725 -25.59 63.82 22.87
C LEU D 725 -26.15 65.24 23.14
N LEU D 726 -25.25 66.20 23.31
CA LEU D 726 -25.62 67.59 23.56
C LEU D 726 -26.17 68.28 22.32
N LYS D 727 -27.43 68.71 22.40
CA LYS D 727 -28.07 69.48 21.34
C LYS D 727 -27.74 70.96 21.47
N THR D 728 -27.55 71.42 22.70
CA THR D 728 -27.23 72.83 22.98
C THR D 728 -26.45 72.95 24.29
N ILE D 729 -25.66 74.00 24.42
CA ILE D 729 -25.05 74.41 25.69
C ILE D 729 -25.82 75.58 26.32
N ASN D 730 -26.15 75.39 27.59
CA ASN D 730 -27.12 76.20 28.31
C ASN D 730 -26.44 77.40 28.98
N LYS D 731 -27.16 78.07 29.87
CA LYS D 731 -26.76 79.36 30.41
C LYS D 731 -26.73 79.29 31.95
N LEU D 742 -9.91 76.45 33.07
CA LEU D 742 -10.31 75.70 31.89
C LEU D 742 -9.59 76.18 30.65
N SER D 743 -8.58 75.42 30.23
CA SER D 743 -7.76 75.76 29.07
C SER D 743 -8.19 75.01 27.80
N MET D 744 -8.90 73.89 27.96
CA MET D 744 -9.36 73.14 26.79
C MET D 744 -10.74 72.55 26.99
N LEU D 745 -11.60 72.74 26.02
CA LEU D 745 -12.92 72.13 26.10
C LEU D 745 -13.28 71.54 24.75
N GLU D 746 -13.62 70.25 24.74
CA GLU D 746 -13.84 69.52 23.48
C GLU D 746 -15.31 69.21 23.29
N LEU D 747 -15.81 69.53 22.10
CA LEU D 747 -17.21 69.34 21.80
C LEU D 747 -17.53 68.90 20.38
N HIS D 748 -16.51 68.59 19.57
CA HIS D 748 -16.78 68.03 18.26
C HIS D 748 -17.64 66.77 18.43
N GLY D 749 -18.51 66.52 17.47
CA GLY D 749 -19.30 65.30 17.46
C GLY D 749 -20.71 65.38 18.02
N ASN D 750 -21.07 66.44 18.73
CA ASN D 750 -22.40 66.51 19.35
C ASN D 750 -23.46 67.00 18.36
N PRO D 751 -24.71 66.54 18.52
CA PRO D 751 -25.75 66.89 17.53
C PRO D 751 -26.36 68.24 17.85
N PHE D 752 -25.59 69.30 17.66
CA PHE D 752 -25.98 70.61 18.13
C PHE D 752 -27.23 71.07 17.40
N GLU D 753 -28.18 71.63 18.15
CA GLU D 753 -29.28 72.37 17.53
C GLU D 753 -28.85 73.82 17.31
N CYS D 754 -28.95 74.25 16.06
CA CYS D 754 -28.53 75.60 15.67
C CYS D 754 -29.75 76.48 15.39
N THR D 755 -30.48 76.79 16.46
CA THR D 755 -31.50 77.82 16.46
C THR D 755 -30.95 79.02 17.23
N CYS D 756 -31.82 79.95 17.58
CA CYS D 756 -31.39 81.15 18.32
C CYS D 756 -30.91 80.86 19.75
N ASP D 757 -31.24 79.67 20.26
CA ASP D 757 -30.73 79.25 21.57
C ASP D 757 -29.21 79.23 21.62
N ILE D 758 -28.59 78.73 20.55
CA ILE D 758 -27.17 78.47 20.54
C ILE D 758 -26.40 79.77 20.69
N GLY D 759 -27.02 80.87 20.26
CA GLY D 759 -26.42 82.20 20.34
C GLY D 759 -25.74 82.47 21.67
N ASP D 760 -26.32 81.96 22.75
CA ASP D 760 -25.75 82.22 24.07
C ASP D 760 -24.36 81.61 24.23
N PHE D 761 -24.27 80.32 23.91
CA PHE D 761 -22.99 79.63 23.97
C PHE D 761 -22.01 80.33 23.04
N ARG D 762 -22.48 80.63 21.84
CA ARG D 762 -21.67 81.35 20.87
C ARG D 762 -21.00 82.53 21.55
N ARG D 763 -21.80 83.34 22.25
CA ARG D 763 -21.29 84.54 22.95
C ARG D 763 -20.29 84.14 24.03
N TRP D 764 -20.64 83.09 24.78
CA TRP D 764 -19.73 82.56 25.81
C TRP D 764 -18.37 82.23 25.23
N MET D 765 -18.37 81.58 24.07
CA MET D 765 -17.12 81.25 23.39
C MET D 765 -16.31 82.53 23.21
N ASP D 766 -16.98 83.57 22.74
CA ASP D 766 -16.30 84.82 22.39
C ASP D 766 -15.86 85.55 23.63
N GLU D 767 -16.62 85.41 24.71
CA GLU D 767 -16.27 86.01 26.00
C GLU D 767 -15.16 85.24 26.69
N HIS D 768 -14.77 84.09 26.12
CA HIS D 768 -13.72 83.27 26.70
C HIS D 768 -12.87 82.63 25.61
N LEU D 769 -11.94 83.41 25.05
CA LEU D 769 -11.09 82.93 23.96
C LEU D 769 -9.89 82.13 24.46
N ASN D 770 -9.59 82.26 25.75
CA ASN D 770 -8.50 81.49 26.36
C ASN D 770 -8.96 80.07 26.76
N VAL D 771 -10.24 79.76 26.54
CA VAL D 771 -10.70 78.38 26.54
C VAL D 771 -10.65 77.84 25.11
N LYS D 772 -9.65 77.00 24.82
CA LYS D 772 -9.50 76.43 23.49
C LYS D 772 -10.51 75.31 23.22
N ILE D 773 -11.13 75.39 22.06
CA ILE D 773 -12.09 74.40 21.59
C ILE D 773 -11.59 73.81 20.28
N PRO D 774 -10.87 72.68 20.35
CA PRO D 774 -10.25 72.17 19.12
C PRO D 774 -11.26 71.76 18.08
N ARG D 775 -10.84 71.75 16.80
CA ARG D 775 -11.59 71.10 15.74
C ARG D 775 -12.99 71.68 15.62
N LEU D 776 -13.05 72.97 15.30
CA LEU D 776 -14.33 73.67 15.17
C LEU D 776 -15.12 73.20 13.95
N VAL D 777 -14.41 72.72 12.95
CA VAL D 777 -15.04 72.30 11.72
C VAL D 777 -15.90 71.08 11.96
N ASP D 778 -15.63 70.38 13.06
CA ASP D 778 -16.43 69.22 13.47
C ASP D 778 -17.31 69.54 14.68
N VAL D 779 -17.40 70.81 15.05
CA VAL D 779 -18.46 71.19 15.97
C VAL D 779 -19.64 71.66 15.13
N ILE D 780 -20.60 70.76 14.96
CA ILE D 780 -21.50 70.76 13.81
C ILE D 780 -22.96 70.83 14.26
N CYS D 781 -23.77 71.51 13.48
CA CYS D 781 -25.21 71.54 13.68
C CYS D 781 -25.77 70.20 13.28
N ALA D 782 -26.69 69.67 14.08
CA ALA D 782 -27.54 68.58 13.61
C ALA D 782 -28.86 69.14 13.04
N SER D 783 -29.56 69.94 13.82
CA SER D 783 -30.77 70.64 13.37
C SER D 783 -30.47 72.12 13.22
N PRO D 784 -31.34 72.89 12.54
CA PRO D 784 -32.51 72.35 11.85
C PRO D 784 -32.17 71.95 10.43
N GLY D 785 -33.02 71.11 9.83
CA GLY D 785 -32.77 70.55 8.50
C GLY D 785 -31.93 71.39 7.54
N ASP D 786 -32.24 72.68 7.44
CA ASP D 786 -31.58 73.55 6.46
C ASP D 786 -30.12 73.83 6.79
N GLN D 787 -29.80 73.94 8.08
CA GLN D 787 -28.47 74.34 8.56
C GLN D 787 -27.60 73.15 8.97
N ARG D 788 -28.15 71.94 8.84
CA ARG D 788 -27.45 70.70 9.19
C ARG D 788 -26.06 70.64 8.56
N GLY D 789 -25.05 70.27 9.37
CA GLY D 789 -23.73 69.94 8.86
C GLY D 789 -22.73 71.08 8.87
N LYS D 790 -23.19 72.27 9.24
CA LYS D 790 -22.33 73.44 9.25
C LYS D 790 -21.72 73.58 10.64
N SER D 791 -20.62 74.31 10.72
CA SER D 791 -20.07 74.67 12.01
C SER D 791 -21.12 75.52 12.70
N ILE D 792 -21.16 75.41 14.03
CA ILE D 792 -21.99 76.31 14.82
C ILE D 792 -21.39 77.72 14.78
N VAL D 793 -20.09 77.80 14.62
CA VAL D 793 -19.41 79.08 14.50
C VAL D 793 -19.90 79.84 13.27
N SER D 794 -19.90 79.17 12.12
CA SER D 794 -20.35 79.79 10.88
C SER D 794 -21.86 79.88 10.92
N LEU D 795 -22.38 80.95 11.52
CA LEU D 795 -23.80 81.06 11.80
C LEU D 795 -24.26 82.51 11.88
N GLU D 796 -25.54 82.72 11.59
CA GLU D 796 -26.13 84.06 11.46
C GLU D 796 -26.00 84.88 12.75
C1 NAG E . -8.34 -10.13 -15.38
C2 NAG E . -7.90 -11.22 -16.35
C3 NAG E . -9.06 -11.69 -17.22
C4 NAG E . -10.25 -12.03 -16.33
C5 NAG E . -10.54 -10.83 -15.45
C6 NAG E . -11.78 -11.07 -14.57
C7 NAG E . -5.77 -11.41 -17.55
C8 NAG E . -4.84 -10.89 -18.60
N2 NAG E . -6.89 -10.73 -17.26
O3 NAG E . -8.67 -12.81 -18.02
O4 NAG E . -11.40 -12.20 -17.12
O5 NAG E . -9.41 -10.62 -14.64
O6 NAG E . -11.47 -12.16 -13.71
O7 NAG E . -5.47 -12.46 -16.99
C1 NAG E . -11.66 -13.53 -17.53
C2 NAG E . -13.14 -13.72 -17.88
C3 NAG E . -13.39 -15.17 -18.34
C4 NAG E . -12.43 -15.56 -19.45
C5 NAG E . -11.01 -15.21 -19.01
C6 NAG E . -10.01 -15.56 -20.11
C7 NAG E . -15.21 -12.81 -16.94
C8 NAG E . -16.00 -12.64 -15.69
N2 NAG E . -14.03 -13.45 -16.78
O3 NAG E . -14.65 -15.23 -18.96
O4 NAG E . -12.60 -16.98 -19.59
O5 NAG E . -10.91 -13.81 -18.68
O6 NAG E . -10.42 -14.95 -21.31
O7 NAG E . -15.62 -12.31 -17.99
C1 BMA E . -13.01 -17.37 -20.90
C2 BMA E . -12.66 -18.84 -21.03
C3 BMA E . -13.27 -19.41 -22.31
C4 BMA E . -14.72 -19.09 -22.53
C5 BMA E . -15.26 -17.76 -21.97
C6 BMA E . -16.55 -18.08 -21.18
O2 BMA E . -13.04 -19.60 -19.86
O3 BMA E . -13.20 -20.84 -22.22
O4 BMA E . -14.94 -19.15 -23.93
O5 BMA E . -14.37 -17.05 -21.09
O6 BMA E . -17.63 -17.17 -21.39
C1 MAN E . -12.56 -21.42 -23.36
C2 MAN E . -12.96 -22.90 -23.47
C3 MAN E . -12.40 -23.67 -22.27
C4 MAN E . -10.91 -23.39 -22.20
C5 MAN E . -10.61 -21.89 -22.10
C6 MAN E . -9.10 -21.70 -22.26
O2 MAN E . -12.56 -23.40 -24.72
O3 MAN E . -12.59 -25.07 -22.34
O4 MAN E . -10.34 -24.09 -21.13
O5 MAN E . -11.18 -21.24 -23.22
O6 MAN E . -8.61 -22.08 -23.56
C1 NAG F . -5.76 -42.94 -9.57
C2 NAG F . -5.51 -41.64 -10.34
C3 NAG F . -6.74 -40.75 -10.26
C4 NAG F . -8.00 -41.54 -10.69
C5 NAG F . -8.08 -42.81 -9.84
C6 NAG F . -9.28 -43.71 -10.18
C7 NAG F . -3.30 -40.57 -10.57
C8 NAG F . -2.20 -39.76 -9.93
N2 NAG F . -4.38 -40.94 -9.81
O3 NAG F . -6.62 -39.62 -11.06
O4 NAG F . -9.14 -40.71 -10.43
O5 NAG F . -6.91 -43.56 -10.06
O6 NAG F . -9.24 -44.06 -11.55
O7 NAG F . -3.21 -40.81 -11.77
C1 NAG F . -10.12 -40.82 -11.44
C2 NAG F . -11.40 -40.19 -10.93
C3 NAG F . -12.47 -40.14 -12.01
C4 NAG F . -11.92 -39.43 -13.24
C5 NAG F . -10.57 -40.04 -13.66
C6 NAG F . -9.88 -39.11 -14.65
C7 NAG F . -11.80 -40.35 -8.56
C8 NAG F . -12.31 -41.15 -7.42
N2 NAG F . -11.90 -40.88 -9.77
O3 NAG F . -13.54 -39.39 -11.53
O4 NAG F . -12.81 -39.75 -14.28
O5 NAG F . -9.64 -40.17 -12.59
O6 NAG F . -9.18 -40.05 -15.38
O7 NAG F . -11.32 -39.26 -8.34
C1 BMA F . -13.14 -38.57 -15.02
C2 BMA F . -13.76 -38.94 -16.37
C3 BMA F . -14.26 -37.70 -17.13
C4 BMA F . -15.10 -36.86 -16.20
C5 BMA F . -14.28 -36.53 -14.95
C6 BMA F . -14.99 -35.60 -13.99
O2 BMA F . -14.85 -39.85 -16.16
O3 BMA F . -15.01 -38.06 -18.31
O4 BMA F . -15.48 -35.66 -16.87
O5 BMA F . -14.00 -37.74 -14.27
O6 BMA F . -16.15 -36.29 -13.51
C1 NAG G . -2.92 -33.15 -4.67
C2 NAG G . -3.99 -33.07 -5.74
C3 NAG G . -3.35 -33.45 -7.07
C4 NAG G . -2.14 -32.57 -7.33
C5 NAG G . -1.17 -32.58 -6.14
C6 NAG G . -0.03 -31.56 -6.30
C7 NAG G . -6.25 -33.73 -5.18
C8 NAG G . -7.10 -34.86 -4.74
N2 NAG G . -4.97 -34.02 -5.34
O3 NAG G . -4.32 -33.34 -8.05
O4 NAG G . -1.49 -32.91 -8.54
O5 NAG G . -1.92 -32.23 -4.97
O6 NAG G . -0.59 -30.23 -6.23
O7 NAG G . -6.72 -32.63 -5.40
C1 NAG G . -1.70 -31.89 -9.55
C2 NAG G . -0.66 -32.01 -10.65
C3 NAG G . -1.05 -31.19 -11.87
C4 NAG G . -2.38 -31.68 -12.38
C5 NAG G . -3.33 -31.31 -11.24
C6 NAG G . -4.81 -31.54 -11.57
C7 NAG G . 1.57 -32.52 -9.79
C8 NAG G . 2.90 -31.94 -9.39
N2 NAG G . 0.70 -31.64 -10.23
O3 NAG G . -0.11 -31.46 -12.86
O4 NAG G . -2.73 -31.03 -13.60
O5 NAG G . -2.96 -32.10 -10.12
O6 NAG G . -5.00 -32.71 -12.34
O7 NAG G . 1.35 -33.73 -9.62
C1 NAG H . 27.95 -67.30 -4.76
C2 NAG H . 27.21 -66.89 -5.99
C3 NAG H . 28.07 -67.02 -7.24
C4 NAG H . 29.40 -66.32 -7.09
C5 NAG H . 30.06 -66.64 -5.77
C6 NAG H . 31.23 -65.67 -5.61
C7 NAG H . 24.87 -67.18 -6.49
C8 NAG H . 23.73 -68.14 -6.64
N2 NAG H . 26.04 -67.70 -6.16
O3 NAG H . 27.36 -66.53 -8.34
O4 NAG H . 30.36 -66.69 -8.06
O5 NAG H . 29.15 -66.51 -4.68
O6 NAG H . 32.27 -66.46 -5.08
O7 NAG H . 24.65 -65.97 -6.60
C1 NAG H . 30.40 -65.84 -9.24
C2 NAG H . 31.72 -65.99 -10.02
C3 NAG H . 31.73 -65.10 -11.26
C4 NAG H . 30.45 -65.23 -12.09
C5 NAG H . 29.29 -65.11 -11.10
C6 NAG H . 27.93 -65.05 -11.75
C7 NAG H . 34.00 -66.43 -9.35
C8 NAG H . 35.18 -65.99 -8.56
N2 NAG H . 32.90 -65.66 -9.25
O3 NAG H . 32.85 -65.42 -12.04
O4 NAG H . 30.37 -64.12 -12.98
O5 NAG H . 29.36 -66.14 -10.14
O6 NAG H . 27.73 -66.30 -12.36
O7 NAG H . 34.07 -67.45 -10.08
C1 BMA H . 30.32 -64.50 -14.37
C2 BMA H . 29.82 -63.28 -15.15
C3 BMA H . 29.98 -63.45 -16.66
C4 BMA H . 31.40 -63.84 -16.92
C5 BMA H . 31.78 -65.12 -16.15
C6 BMA H . 33.22 -65.60 -16.43
O2 BMA H . 30.48 -62.11 -14.74
O3 BMA H . 29.56 -62.27 -17.43
O4 BMA H . 31.45 -64.05 -18.32
O5 BMA H . 31.62 -64.92 -14.76
O6 BMA H . 34.27 -64.67 -16.06
C1 NAG I . 24.60 -36.05 -16.45
C2 NAG I . 24.19 -37.51 -16.44
C3 NAG I . 25.47 -38.34 -16.26
C4 NAG I . 26.49 -38.00 -17.34
C5 NAG I . 26.75 -36.48 -17.33
C6 NAG I . 27.64 -36.00 -18.46
C7 NAG I . 22.23 -38.36 -15.25
C8 NAG I . 21.51 -38.59 -13.94
N2 NAG I . 23.40 -37.73 -15.26
O3 NAG I . 25.16 -39.72 -16.26
O4 NAG I . 27.67 -38.71 -17.00
O5 NAG I . 25.49 -35.84 -17.51
O6 NAG I . 27.17 -36.53 -19.70
O7 NAG I . 21.74 -38.76 -16.26
C1 NAG I . 28.33 -39.26 -18.13
C2 NAG I . 29.77 -39.63 -17.75
C3 NAG I . 30.47 -40.24 -18.95
C4 NAG I . 29.65 -41.42 -19.38
C5 NAG I . 28.23 -40.97 -19.73
C6 NAG I . 27.36 -42.17 -20.15
C7 NAG I . 30.76 -38.19 -16.11
C8 NAG I . 31.42 -36.90 -15.83
N2 NAG I . 30.47 -38.43 -17.38
O3 NAG I . 31.67 -40.76 -18.49
O4 NAG I . 30.27 -41.83 -20.57
O5 NAG I . 27.65 -40.39 -18.59
O6 NAG I . 26.09 -41.57 -20.33
O7 NAG I . 30.52 -38.96 -15.20
C1 BMA I . 30.40 -43.25 -20.59
C2 BMA I . 30.55 -43.67 -22.04
C3 BMA I . 30.75 -45.18 -22.12
C4 BMA I . 31.91 -45.61 -21.21
C5 BMA I . 31.75 -45.04 -19.80
C6 BMA I . 32.92 -45.35 -18.86
O2 BMA I . 31.72 -43.00 -22.48
O3 BMA I . 30.93 -45.61 -23.48
O4 BMA I . 31.84 -47.03 -21.10
O5 BMA I . 31.56 -43.62 -19.86
O6 BMA I . 34.11 -44.78 -19.37
C1 NAG J . 24.03 -41.61 -6.62
C2 NAG J . 24.79 -42.32 -7.76
C3 NAG J . 23.81 -42.74 -8.84
C4 NAG J . 22.71 -43.57 -8.20
C5 NAG J . 22.04 -42.82 -7.06
C6 NAG J . 20.91 -43.61 -6.37
C7 NAG J . 27.06 -41.60 -8.30
C8 NAG J . 27.93 -40.46 -8.71
N2 NAG J . 25.74 -41.37 -8.25
O3 NAG J . 24.53 -43.49 -9.80
O4 NAG J . 21.69 -43.79 -9.17
O5 NAG J . 23.05 -42.49 -6.13
O6 NAG J . 21.54 -44.69 -5.72
O7 NAG J . 27.57 -42.70 -8.06
C1 NAG J . 21.68 -45.15 -9.61
C2 NAG J . 20.32 -45.44 -10.22
C3 NAG J . 20.36 -46.83 -10.86
C4 NAG J . 21.47 -46.83 -11.89
C5 NAG J . 22.74 -46.63 -11.09
C6 NAG J . 23.96 -46.76 -11.98
C7 NAG J . 18.37 -44.41 -9.16
C8 NAG J . 17.28 -44.54 -8.14
N2 NAG J . 19.22 -45.42 -9.26
O3 NAG J . 19.13 -46.97 -11.50
O4 NAG J . 21.50 -48.04 -12.61
O5 NAG J . 22.69 -45.32 -10.56
O6 NAG J . 23.64 -46.00 -13.12
O7 NAG J . 18.56 -43.33 -9.74
C1 NAG K . -25.97 17.44 36.92
C2 NAG K . -25.98 18.80 36.28
C3 NAG K . -27.26 18.99 35.48
C4 NAG K . -27.44 17.93 34.45
C5 NAG K . -27.22 16.59 35.12
C6 NAG K . -27.16 15.53 34.02
C7 NAG K . -25.19 20.86 37.26
C8 NAG K . -25.40 21.83 38.38
N2 NAG K . -26.01 19.83 37.30
O3 NAG K . -27.20 20.26 34.87
O4 NAG K . -28.77 17.94 33.96
O5 NAG K . -26.02 16.59 35.82
O6 NAG K . -27.54 14.36 34.67
O7 NAG K . -24.30 21.03 36.41
C1 NAG K . -28.91 18.61 32.70
C2 NAG K . -30.17 18.14 31.99
C3 NAG K . -30.33 18.90 30.66
C4 NAG K . -30.35 20.39 30.93
C5 NAG K . -29.08 20.72 31.71
C6 NAG K . -28.96 22.20 32.01
C7 NAG K . -31.17 15.93 31.79
C8 NAG K . -30.98 14.50 31.43
N2 NAG K . -30.11 16.72 31.69
O3 NAG K . -31.51 18.57 30.00
O4 NAG K . -30.24 21.02 29.67
O5 NAG K . -29.02 20.00 32.91
O6 NAG K . -30.11 22.52 32.73
O7 NAG K . -32.25 16.30 32.21
C1 BMA K . -31.37 21.81 29.33
C2 BMA K . -30.94 22.81 28.28
C3 BMA K . -32.10 23.64 27.74
C4 BMA K . -33.30 22.76 27.44
C5 BMA K . -33.61 21.78 28.56
C6 BMA K . -34.71 20.78 28.20
O2 BMA K . -30.37 22.03 27.23
O3 BMA K . -31.71 24.36 26.56
O4 BMA K . -34.38 23.65 27.19
O5 BMA K . -32.42 21.01 28.78
O6 BMA K . -34.29 20.17 26.98
C1 MAN K . -34.63 18.77 26.83
C2 MAN K . -33.98 18.30 25.52
C3 MAN K . -34.42 19.24 24.44
C4 MAN K . -35.93 19.40 24.40
C5 MAN K . -36.64 19.39 25.77
C6 MAN K . -38.07 18.88 25.65
O2 MAN K . -34.39 17.00 25.16
O3 MAN K . -33.88 18.83 23.19
O4 MAN K . -36.17 20.66 23.85
O5 MAN K . -36.00 18.56 26.72
O6 MAN K . -38.81 19.78 24.87
C1 NAG L . -12.46 28.36 8.31
C2 NAG L . -13.11 28.52 9.66
C3 NAG L . -14.13 27.43 9.90
C4 NAG L . -15.12 27.34 8.74
C5 NAG L . -14.33 27.24 7.44
C6 NAG L . -15.24 27.17 6.23
C7 NAG L . -12.06 29.42 11.67
C8 NAG L . -11.10 29.18 12.77
N2 NAG L . -12.17 28.44 10.77
O3 NAG L . -14.81 27.67 11.12
O4 NAG L . -15.86 26.14 8.90
O5 NAG L . -13.50 28.39 7.34
O6 NAG L . -16.07 28.32 6.17
O7 NAG L . -12.64 30.50 11.57
C1 NAG L . -17.23 26.31 8.58
C2 NAG L . -17.88 24.95 8.51
C3 NAG L . -19.36 25.09 8.24
C4 NAG L . -19.96 25.98 9.30
C5 NAG L . -19.19 27.31 9.26
C6 NAG L . -19.76 28.27 10.31
C7 NAG L . -16.53 23.07 7.83
C8 NAG L . -15.99 22.29 6.67
N2 NAG L . -17.30 24.10 7.49
O3 NAG L . -19.94 23.82 8.32
O4 NAG L . -21.27 26.24 8.89
O5 NAG L . -17.84 27.06 9.57
O6 NAG L . -19.01 29.45 10.17
O7 NAG L . -16.23 22.79 9.00
C1 BMA L . -22.20 26.08 9.96
C2 BMA L . -23.46 26.82 9.54
C3 BMA L . -24.56 26.59 10.57
C4 BMA L . -24.77 25.10 10.73
C5 BMA L . -23.46 24.41 11.13
C6 BMA L . -23.58 22.89 11.32
O2 BMA L . -23.84 26.23 8.28
O3 BMA L . -25.80 27.25 10.24
O4 BMA L . -25.72 24.92 11.76
O5 BMA L . -22.49 24.68 10.10
O6 BMA L . -23.94 22.20 10.10
C1 NAG M . -9.32 22.34 17.44
C2 NAG M . -10.83 22.49 17.19
C3 NAG M . -11.28 23.93 17.39
C4 NAG M . -10.77 24.46 18.71
C5 NAG M . -9.28 24.17 18.90
C6 NAG M . -8.84 24.58 20.30
C7 NAG M . -11.93 21.19 15.45
C8 NAG M . -12.02 20.91 13.97
N2 NAG M . -11.09 22.16 15.81
O3 NAG M . -12.67 23.92 17.34
O4 NAG M . -10.99 25.85 18.79
O5 NAG M . -9.00 22.78 18.74
O6 NAG M . -9.50 23.70 21.17
O7 NAG M . -12.57 20.51 16.25
C1 NAG M . -12.15 26.07 19.65
C2 NAG M . -12.14 27.44 20.34
C3 NAG M . -13.42 27.70 21.13
C4 NAG M . -14.68 27.41 20.32
C5 NAG M . -14.50 25.99 19.78
C6 NAG M . -15.73 25.48 19.05
C7 NAG M . -9.92 28.27 20.89
C8 NAG M . -8.80 28.36 21.89
N2 NAG M . -10.99 27.57 21.23
O3 NAG M . -13.46 29.04 21.55
O4 NAG M . -15.78 27.48 21.19
O5 NAG M . -13.36 25.98 18.93
O6 NAG M . -15.94 26.38 17.98
O7 NAG M . -9.83 28.83 19.81
C1 BMA M . -16.97 28.07 20.65
C2 BMA M . -18.17 27.77 21.58
C3 BMA M . -19.47 28.38 21.06
C4 BMA M . -19.27 29.86 20.74
C5 BMA M . -18.00 30.13 19.93
C6 BMA M . -17.76 31.64 19.85
O2 BMA M . -17.92 28.32 22.89
O3 BMA M . -20.57 28.26 21.98
O4 BMA M . -20.42 30.30 20.02
O5 BMA M . -16.83 29.49 20.47
O6 BMA M . -17.34 32.15 21.13
C1 NAG N . 19.69 54.15 1.25
C2 NAG N . 18.23 54.36 1.48
C3 NAG N . 17.97 55.80 1.93
C4 NAG N . 18.76 56.20 3.14
C5 NAG N . 20.20 55.77 2.98
C6 NAG N . 20.86 55.75 4.38
C7 NAG N . 16.36 53.52 0.22
C8 NAG N . 15.63 53.47 -1.07
N2 NAG N . 17.51 54.19 0.24
O3 NAG N . 16.62 55.99 2.28
O4 NAG N . 18.74 57.61 3.29
O5 NAG N . 20.31 54.44 2.48
O6 NAG N . 22.07 56.29 3.96
O7 NAG N . 15.89 52.93 1.19
C1 NAG N . 17.86 58.06 4.32
C2 NAG N . 18.25 59.43 4.87
C3 NAG N . 17.22 59.90 5.91
C4 NAG N . 15.77 59.73 5.44
C5 NAG N . 15.62 58.32 4.89
C6 NAG N . 14.22 58.13 4.35
C7 NAG N . 20.44 60.36 5.43
C8 NAG N . 21.73 60.17 6.18
N2 NAG N . 19.53 59.39 5.56
O3 NAG N . 17.44 61.25 6.17
O4 NAG N . 14.91 59.84 6.57
O5 NAG N . 16.55 58.18 3.84
O6 NAG N . 14.07 59.08 3.34
O7 NAG N . 20.26 61.36 4.71
C1 BMA N . 14.05 61.00 6.49
C2 BMA N . 12.90 60.76 7.45
C3 BMA N . 11.92 61.92 7.46
C4 BMA N . 12.61 63.22 7.74
C5 BMA N . 14.06 63.36 7.23
C6 BMA N . 14.86 64.05 8.36
O2 BMA N . 13.49 60.53 8.73
O3 BMA N . 10.84 61.75 8.43
O4 BMA N . 11.80 64.23 7.12
O5 BMA N . 14.77 62.16 6.89
O6 BMA N . 15.97 64.78 7.86
C1 NAG O . 2.12 47.35 29.13
C2 NAG O . 2.35 47.70 27.66
C3 NAG O . 3.55 48.63 27.56
C4 NAG O . 3.37 49.87 28.42
C5 NAG O . 3.08 49.39 29.84
C6 NAG O . 2.95 50.54 30.85
C7 NAG O . 1.86 46.21 25.81
C8 NAG O . 2.14 44.97 25.05
N2 NAG O . 2.60 46.50 26.88
O3 NAG O . 3.71 49.06 26.25
O4 NAG O . 4.61 50.56 28.36
O5 NAG O . 1.90 48.59 29.81
O6 NAG O . 2.13 51.60 30.37
O7 NAG O . 0.94 46.90 25.43
C1 NAG O . 4.41 51.98 28.28
C2 NAG O . 5.77 52.66 28.45
C3 NAG O . 5.61 54.15 28.42
C4 NAG O . 4.91 54.53 27.16
C5 NAG O . 3.60 53.76 27.04
C6 NAG O . 2.94 54.05 25.71
C7 NAG O . 7.29 51.58 29.95
C8 NAG O . 7.66 51.37 31.38
N2 NAG O . 6.28 52.38 29.76
O3 NAG O . 6.88 54.71 28.38
O4 NAG O . 4.65 55.89 27.32
O5 NAG O . 3.84 52.38 27.08
O6 NAG O . 1.65 53.51 25.84
O7 NAG O . 7.87 50.99 29.04
C1 BMA O . 5.04 56.63 26.16
C2 BMA O . 4.23 57.93 26.13
C3 BMA O . 4.64 58.79 24.94
C4 BMA O . 6.15 58.97 25.01
C5 BMA O . 6.86 57.62 25.03
C6 BMA O . 8.38 57.77 25.07
O2 BMA O . 4.45 58.62 27.36
O3 BMA O . 3.95 60.05 24.95
O4 BMA O . 6.57 59.71 23.88
O5 BMA O . 6.42 56.89 26.17
O6 BMA O . 8.80 58.68 26.10
C1 NAG P . 9.83 42.49 22.47
C2 NAG P . 9.79 44.00 22.31
C3 NAG P . 8.43 44.37 21.74
C4 NAG P . 8.29 43.66 20.40
C5 NAG P . 8.63 42.16 20.44
C6 NAG P . 9.22 41.75 19.07
C7 NAG P . 10.75 45.40 24.04
C8 NAG P . 10.78 45.70 25.51
N2 NAG P . 9.89 44.45 23.65
O3 NAG P . 8.50 45.76 21.50
O4 NAG P . 6.99 43.86 19.92
O5 NAG P . 9.75 41.89 21.23
O6 NAG P . 8.17 41.32 18.29
O7 NAG P . 11.41 46.06 23.25
C1 NAG P . 6.94 44.70 18.76
C2 NAG P . 5.65 44.49 17.99
C3 NAG P . 5.52 45.51 16.86
C4 NAG P . 5.82 46.92 17.33
C5 NAG P . 7.16 46.90 18.08
C6 NAG P . 7.51 48.27 18.61
C7 NAG P . 4.85 42.17 17.77
C8 NAG P . 4.86 40.93 16.93
N2 NAG P . 5.56 43.19 17.31
O3 NAG P . 4.19 45.39 16.35
O4 NAG P . 5.87 47.81 16.24
O5 NAG P . 6.99 46.03 19.18
O6 NAG P . 6.47 48.62 19.48
O7 NAG P . 4.24 42.20 18.85
N1 URI Q . 12.22 -16.96 -1.24
C2 URI Q . 12.49 -18.08 -2.01
N3 URI Q . 12.76 -19.28 -1.43
C4 URI Q . 12.69 -19.46 -0.12
C5 URI Q . 12.43 -18.35 0.68
C6 URI Q . 12.15 -17.11 0.09
O2 URI Q . 12.53 -17.97 -3.26
O4 URI Q . 12.92 -20.60 0.34
C1' URI Q . 11.86 -15.67 -1.86
C2' URI Q . 12.80 -15.15 -2.93
C3' URI Q . 11.96 -14.29 -3.83
C4' URI Q . 10.56 -14.91 -3.67
O2' URI Q . 13.80 -14.38 -2.33
O3' URI Q . 12.04 -12.93 -3.32
O4' URI Q . 10.61 -15.83 -2.56
C5' URI Q . 10.13 -15.65 -4.94
O5' URI Q . 11.05 -16.70 -5.22
O4 UCG R . -17.98 -16.94 -5.54
C7 UCG R . -17.45 -16.63 -6.60
C5 UCG R . -16.63 -17.56 -7.21
C6 UCG R . -16.02 -17.25 -8.42
N1 UCG R . -17.66 -15.47 -7.16
C8 UCG R . -17.08 -15.19 -8.31
O5 UCG R . -17.29 -14.11 -8.81
N UCG R . -16.24 -16.08 -8.98
C UCG R . -15.58 -15.71 -10.25
C1 UCG R . -14.06 -15.78 -10.10
O2 UCG R . -13.47 -14.74 -10.83
O UCG R . -15.90 -16.56 -11.32
C3 UCG R . -14.74 -17.17 -11.88
C4 UCG R . -15.05 -18.60 -12.28
O1 UCG R . -14.33 -19.53 -11.50
P UCG R . -14.99 -20.77 -10.77
O6 UCG R . -16.31 -20.98 -11.36
O7 UCG R . -14.13 -22.08 -10.96
O8 UCG R . -15.04 -20.47 -9.21
C2 UCG R . -13.64 -17.01 -10.83
O3 UCG R . -12.42 -16.90 -11.48
P1 UCG R . -11.03 -17.17 -10.79
O15 UCG R . -10.04 -16.90 -11.80
O14 UCG R . -10.90 -16.27 -9.51
O11 UCG R . -11.01 -18.65 -10.26
C18 UCG R . -11.08 -19.77 -11.10
C17 UCG R . -10.56 -20.99 -10.35
C16 UCG R . -11.09 -21.01 -8.93
P2 UCG R . -11.12 -22.52 -6.99
O16 UCG R . -12.24 -21.98 -6.05
O17 UCG R . -10.70 -23.84 -6.70
O12 UCG R . -9.99 -21.48 -6.94
O13 UCG R . -11.47 -22.28 -8.52
C15 UCG R . -9.87 -20.75 -8.11
O10 UCG R . -9.16 -20.93 -10.23
C14 UCG R . -8.81 -21.35 -8.96
N4 UCG R . -7.53 -20.79 -8.59
C13 UCG R . -6.45 -21.48 -8.36
N5 UCG R . -5.43 -20.70 -8.04
C10 UCG R . -7.26 -19.53 -8.46
C9 UCG R . -5.87 -19.47 -8.08
N2 UCG R . -7.93 -18.40 -8.57
C12 UCG R . -7.34 -17.21 -8.35
N6 UCG R . -8.08 -16.11 -8.47
N3 UCG R . -6.08 -17.12 -8.00
C11 UCG R . -5.30 -18.16 -7.85
O9 UCG R . -4.15 -18.05 -7.56
C1 NAG S . -23.23 -16.69 4.28
C2 NAG S . -24.35 -17.31 3.50
C3 NAG S . -25.66 -17.22 4.29
C4 NAG S . -25.52 -17.84 5.66
C5 NAG S . -24.29 -17.31 6.38
C6 NAG S . -23.98 -18.19 7.59
C7 NAG S . -24.17 -17.09 1.11
C8 NAG S . -24.28 -16.25 -0.12
N2 NAG S . -24.48 -16.54 2.26
O3 NAG S . -26.64 -18.00 3.62
O4 NAG S . -26.65 -17.46 6.43
O5 NAG S . -23.15 -17.34 5.53
O6 NAG S . -23.23 -17.37 8.45
O7 NAG S . -23.75 -18.25 1.07
C1 NAG T . 1.82 -51.61 13.52
C2 NAG T . 2.11 -52.93 14.22
C3 NAG T . 1.65 -52.99 15.67
C4 NAG T . 1.98 -51.68 16.36
C5 NAG T . 1.48 -50.50 15.51
C6 NAG T . 1.70 -49.15 16.16
C7 NAG T . 2.09 -54.96 12.99
C8 NAG T . 1.26 -55.98 12.23
N2 NAG T . 1.42 -53.95 13.50
O3 NAG T . 2.33 -54.04 16.32
O4 NAG T . 1.33 -51.73 17.59
O5 NAG T . 2.26 -50.55 14.36
O6 NAG T . 3.09 -48.95 16.36
O7 NAG T . 3.29 -55.05 13.17
C1 NAG U . -4.15 -13.49 -52.52
C2 NAG U . -2.94 -12.65 -52.96
C3 NAG U . -3.22 -11.88 -54.26
C4 NAG U . -3.95 -12.75 -55.29
C5 NAG U . -5.11 -13.43 -54.58
C6 NAG U . -6.11 -14.18 -55.46
C7 NAG U . -1.43 -11.69 -51.29
C8 NAG U . -1.29 -10.74 -50.15
N2 NAG U . -2.63 -11.77 -51.86
O3 NAG U . -1.99 -11.39 -54.77
O4 NAG U . -4.42 -11.96 -56.36
O5 NAG U . -4.58 -14.30 -53.60
O6 NAG U . -7.36 -14.23 -54.77
O7 NAG U . -0.47 -12.33 -51.68
C1 NAG V . -7.96 -56.41 9.37
C2 NAG V . -8.08 -56.29 10.87
C3 NAG V . -7.47 -57.56 11.45
C4 NAG V . -8.14 -58.81 10.91
C5 NAG V . -8.14 -58.77 9.39
C6 NAG V . -8.86 -59.97 8.79
C7 NAG V . -7.70 -54.03 11.85
C8 NAG V . -6.61 -53.13 12.32
N2 NAG V . -7.26 -55.19 11.36
O3 NAG V . -7.50 -57.52 12.84
O4 NAG V . -7.31 -59.87 11.29
O5 NAG V . -8.66 -57.54 8.88
O6 NAG V . -10.24 -59.73 8.60
O7 NAG V . -8.89 -53.70 11.91
C1 NAG W . -20.25 -53.23 -3.81
C2 NAG W . -20.48 -53.01 -2.32
C3 NAG W . -21.74 -52.20 -2.11
C4 NAG W . -21.48 -50.83 -2.74
C5 NAG W . -21.04 -50.94 -4.20
C6 NAG W . -20.33 -49.63 -4.52
C7 NAG W . -19.96 -54.45 -0.42
C8 NAG W . -20.07 -55.82 0.18
N2 NAG W . -20.52 -54.29 -1.62
O3 NAG W . -21.88 -51.94 -0.75
O4 NAG W . -22.63 -50.03 -2.72
O5 NAG W . -20.15 -52.01 -4.48
O6 NAG W . -21.04 -49.08 -5.58
O7 NAG W . -19.45 -53.54 0.22
N1 URI X . 11.95 -52.31 8.98
C2 URI X . 11.37 -51.71 7.85
N3 URI X . 11.26 -50.36 7.80
C4 URI X . 11.67 -49.56 8.78
C5 URI X . 12.24 -50.15 9.90
C6 URI X . 12.39 -51.54 9.95
O2 URI X . 11.03 -52.50 6.91
O4 URI X . 11.54 -48.30 8.76
C1' URI X . 12.20 -53.76 9.03
C2' URI X . 11.06 -54.70 8.75
C3' URI X . 11.71 -55.97 8.23
C4' URI X . 13.05 -55.48 7.66
O2' URI X . 10.45 -55.05 9.97
O3' URI X . 11.88 -56.86 9.36
O4' URI X . 13.18 -54.13 8.04
C5' URI X . 13.07 -55.47 6.14
O5' URI X . 12.07 -54.55 5.68
O4 UCG Y . 39.78 -56.79 -3.41
C7 UCG Y . 38.98 -57.57 -3.93
C5 UCG Y . 38.06 -57.11 -4.83
C6 UCG Y . 37.17 -57.99 -5.41
N1 UCG Y . 39.02 -58.83 -3.63
C8 UCG Y . 38.19 -59.67 -4.18
O5 UCG Y . 38.29 -60.83 -3.82
N UCG Y . 37.22 -59.26 -5.10
C UCG Y . 36.25 -60.22 -5.71
C1 UCG Y . 34.85 -60.02 -5.15
O2 UCG Y . 34.21 -61.27 -5.18
O UCG Y . 36.07 -59.99 -7.08
C3 UCG Y . 34.71 -59.71 -7.40
C4 UCG Y . 34.58 -58.75 -8.57
O1 UCG Y . 34.77 -57.40 -8.22
P UCG Y . 35.04 -56.37 -9.42
O6 UCG Y . 35.70 -57.12 -10.49
O7 UCG Y . 33.71 -55.74 -9.99
O8 UCG Y . 35.96 -55.19 -8.89
C2 UCG Y . 34.09 -59.21 -6.12
O3 UCG Y . 32.78 -59.71 -6.07
P1 UCG Y . 31.56 -59.00 -5.35
O15 UCG Y . 30.33 -59.62 -5.83
O14 UCG Y . 31.77 -59.14 -3.80
O11 UCG Y . 31.66 -57.49 -5.81
C18 UCG Y . 31.28 -57.04 -7.10
C17 UCG Y . 30.92 -55.56 -7.03
C16 UCG Y . 31.76 -54.80 -6.03
P2 UCG Y . 32.25 -52.54 -5.18
O16 UCG Y . 33.63 -52.55 -4.48
O17 UCG Y . 31.79 -51.20 -5.40
O12 UCG Y . 31.25 -53.36 -4.26
O13 UCG Y . 32.16 -53.52 -6.41
C15 UCG Y . 30.82 -54.54 -4.89
O10 UCG Y . 29.59 -55.49 -6.57
C14 UCG Y . 29.50 -54.47 -5.62
N4 UCG Y . 28.41 -54.69 -4.68
C13 UCG Y . 27.34 -53.90 -4.56
N5 UCG Y . 26.53 -54.32 -3.59
C10 UCG Y . 28.32 -55.65 -3.77
C9 UCG Y . 27.08 -55.40 -3.07
N2 UCG Y . 29.06 -56.69 -3.41
C12 UCG Y . 28.66 -57.51 -2.43
N6 UCG Y . 29.42 -58.55 -2.10
N3 UCG Y . 27.53 -57.31 -1.77
C11 UCG Y . 26.72 -56.32 -2.02
O9 UCG Y . 25.69 -56.16 -1.38
C1 NAG Z . 47.13 -54.65 2.07
C2 NAG Z . 47.84 -55.95 2.46
C3 NAG Z . 49.26 -56.07 1.88
C4 NAG Z . 49.37 -55.47 0.49
C5 NAG Z . 48.63 -54.14 0.41
C6 NAG Z . 48.63 -53.53 -0.99
C7 NAG Z . 47.34 -56.97 4.58
C8 NAG Z . 47.42 -56.92 6.09
N2 NAG Z . 47.91 -55.99 3.91
O3 NAG Z . 49.63 -57.42 1.80
O4 NAG Z . 50.74 -55.29 0.21
O5 NAG Z . 47.29 -54.41 0.71
O6 NAG Z . 47.35 -53.73 -1.57
O7 NAG Z . 46.76 -57.89 3.99
C1 NAG AA . 23.09 -16.03 -0.23
C2 NAG AA . 22.86 -14.52 -0.36
C3 NAG AA . 23.60 -13.72 0.71
C4 NAG AA . 23.69 -14.39 2.07
C5 NAG AA . 23.86 -15.90 1.97
C6 NAG AA . 23.59 -16.50 3.34
C7 NAG AA . 22.88 -13.55 -2.59
C8 NAG AA . 23.72 -13.37 -3.83
N2 NAG AA . 23.49 -14.20 -1.62
O3 NAG AA . 23.03 -12.45 0.90
O4 NAG AA . 24.79 -13.86 2.75
O5 NAG AA . 22.87 -16.38 1.09
O6 NAG AA . 22.26 -16.13 3.68
O7 NAG AA . 21.71 -13.13 -2.51
C1 NAG BA . 30.93 -14.93 -8.94
C2 NAG BA . 31.32 -14.19 -7.67
C3 NAG BA . 30.75 -12.77 -7.76
C4 NAG BA . 31.32 -12.09 -8.97
C5 NAG BA . 31.03 -12.89 -10.24
C6 NAG BA . 31.80 -12.21 -11.37
C7 NAG BA . 31.47 -15.25 -5.49
C8 NAG BA . 30.73 -15.86 -4.32
N2 NAG BA . 30.74 -14.81 -6.51
O3 NAG BA . 31.12 -12.07 -6.60
O4 NAG BA . 30.63 -10.89 -9.14
O5 NAG BA . 31.36 -14.28 -10.12
O6 NAG BA . 32.24 -13.15 -12.33
O7 NAG BA . 32.69 -15.23 -5.51
C1 NAG CA . 39.08 -25.68 -21.31
C2 NAG CA . 39.72 -25.12 -20.04
C3 NAG CA . 41.07 -25.79 -19.84
C4 NAG CA . 40.91 -27.31 -19.75
C5 NAG CA . 39.97 -27.92 -20.81
C6 NAG CA . 39.37 -29.19 -20.20
C7 NAG CA . 39.86 -22.85 -19.14
C8 NAG CA . 40.11 -21.38 -19.39
N2 NAG CA . 39.92 -23.68 -20.17
O3 NAG CA . 41.56 -25.40 -18.58
O4 NAG CA . 42.19 -27.90 -19.85
O5 NAG CA . 38.88 -27.08 -21.17
O6 NAG CA . 38.87 -29.95 -21.25
O7 NAG CA . 39.59 -23.25 -18.00
C1 NAG DA . 19.84 -19.42 -42.51
C2 NAG DA . 18.67 -18.84 -43.26
C3 NAG DA . 19.09 -17.66 -44.11
C4 NAG DA . 19.63 -16.56 -43.22
C5 NAG DA . 20.41 -17.12 -42.00
C6 NAG DA . 20.27 -16.18 -40.81
C7 NAG DA . 16.76 -20.17 -43.65
C8 NAG DA . 16.14 -21.31 -44.43
N2 NAG DA . 18.02 -19.88 -43.97
O3 NAG DA . 17.92 -17.17 -44.69
O4 NAG DA . 20.46 -15.67 -43.98
O5 NAG DA . 20.07 -18.43 -41.54
O6 NAG DA . 21.31 -16.38 -39.89
O7 NAG DA . 16.13 -19.54 -42.78
N1 URI EA . -0.24 21.54 37.81
C2 URI EA . -0.26 22.78 37.11
N3 URI EA . 0.57 23.02 36.08
C4 URI EA . 1.44 22.09 35.70
C5 URI EA . 1.48 20.85 36.38
C6 URI EA . 0.62 20.60 37.41
O2 URI EA . -1.10 23.65 37.42
O4 URI EA . 2.26 22.34 34.77
C1' URI EA . -1.18 21.24 38.92
C2' URI EA . -1.27 22.31 40.01
C3' URI EA . -2.70 22.31 40.45
C4' URI EA . -3.43 21.83 39.18
O2' URI EA . -0.46 21.94 41.13
O3' URI EA . -2.82 21.45 41.59
O4' URI EA . -2.51 21.03 38.45
C5' URI EA . -3.67 23.05 38.28
O5' URI EA . -5.05 23.29 38.32
O4 UCG FA . -24.32 7.93 24.28
C7 UCG FA . -24.66 8.84 25.03
C5 UCG FA . -24.42 10.15 24.68
C6 UCG FA . -24.81 11.17 25.52
N1 UCG FA . -25.28 8.56 26.16
C8 UCG FA . -25.66 9.55 26.96
O5 UCG FA . -26.22 9.26 28.00
N UCG FA . -25.43 10.88 26.65
C UCG FA . -25.85 11.93 27.57
C1 UCG FA . -24.68 12.66 28.17
O2 UCG FA . -24.96 12.87 29.52
O UCG FA . -26.59 12.90 26.88
C3 UCG FA . -26.17 14.18 27.26
C4 UCG FA . -26.46 15.23 26.20
O1 UCG FA . -25.87 14.82 24.99
P UCG FA . -26.04 15.63 23.63
O6 UCG FA . -27.12 14.98 22.91
O7 UCG FA . -26.33 17.15 23.89
O8 UCG FA . -24.71 15.42 22.84
C2 UCG FA . -24.71 14.00 27.51
O3 UCG FA . -24.32 15.01 28.39
P1 UCG FA . -22.84 15.45 28.61
O15 UCG FA . -22.89 16.64 29.36
O14 UCG FA . -22.01 14.33 29.29
O11 UCG FA . -22.25 15.69 27.19
C18 UCG FA . -22.65 16.66 26.26
C17 UCG FA . -21.44 16.99 25.41
C16 UCG FA . -20.77 15.72 24.92
P2 UCG FA . -19.11 14.94 23.34
O16 UCG FA . -19.47 13.44 23.03
O17 UCG FA . -18.30 15.55 22.35
O12 UCG FA . -18.57 15.10 24.79
O13 UCG FA . -20.41 15.76 23.59
C15 UCG FA . -19.47 15.67 25.67
O10 UCG FA . -20.48 17.64 26.20
C14 UCG FA . -19.21 17.12 25.87
N4 UCG FA . -18.23 17.40 26.90
C13 UCG FA . -17.20 18.20 26.79
N5 UCG FA . -16.49 18.26 27.90
C10 UCG FA . -18.22 16.91 28.12
C9 UCG FA . -17.06 17.48 28.77
N2 UCG FA . -19.00 16.08 28.79
C12 UCG FA . -18.71 15.77 30.05
N6 UCG FA . -19.52 14.93 30.67
N3 UCG FA . -17.65 16.25 30.71
C11 UCG FA . -16.80 17.09 30.15
O9 UCG FA . -15.83 17.54 30.72
C1 NAG GA . -22.73 -2.06 24.16
C2 NAG GA . -22.78 -3.52 24.60
C3 NAG GA . -24.16 -4.15 24.36
C4 NAG GA . -25.30 -3.29 24.87
C5 NAG GA . -25.09 -1.78 24.65
C6 NAG GA . -25.98 -1.09 25.68
C7 NAG GA . -21.06 -5.21 24.33
C8 NAG GA . -20.27 -5.99 23.32
N2 NAG GA . -21.88 -4.32 23.80
O3 NAG GA . -24.23 -5.42 24.94
O4 NAG GA . -26.50 -3.71 24.25
O5 NAG GA . -23.75 -1.35 24.86
O6 NAG GA . -25.73 0.28 25.63
O7 NAG GA . -20.91 -5.38 25.57
C1 NAG HA . 10.75 19.87 0.52
C2 NAG HA . 11.66 20.02 -0.70
C3 NAG HA . 12.18 18.64 -1.12
C4 NAG HA . 12.72 17.88 0.07
C5 NAG HA . 11.61 17.76 1.12
C6 NAG HA . 12.09 17.03 2.37
C7 NAG HA . 10.97 21.56 -2.43
C8 NAG HA . 9.95 21.90 -3.46
N2 NAG HA . 10.77 20.46 -1.74
O3 NAG HA . 13.22 18.84 -2.06
O4 NAG HA . 13.06 16.61 -0.36
O5 NAG HA . 11.34 19.08 1.52
O6 NAG HA . 13.01 17.89 3.00
O7 NAG HA . 11.95 22.29 -2.23
C1 NAG IA . -16.17 20.25 -8.29
C2 NAG IA . -15.57 18.84 -8.26
C3 NAG IA . -16.64 17.77 -8.32
C4 NAG IA . -17.75 18.05 -7.32
C5 NAG IA . -18.19 19.51 -7.29
C6 NAG IA . -19.04 19.74 -6.04
C7 NAG IA . -13.38 18.24 -9.16
C8 NAG IA . -12.51 18.15 -10.39
N2 NAG IA . -14.62 18.68 -9.35
O3 NAG IA . -16.04 16.51 -8.04
O4 NAG IA . -18.89 17.30 -7.66
O5 NAG IA . -17.09 20.42 -7.24
O6 NAG IA . -19.82 20.89 -6.28
O7 NAG IA . -12.95 17.86 -8.06
C1 NAG JA . -16.74 48.74 -14.95
C2 NAG JA . -16.52 50.22 -15.22
C3 NAG JA . -16.41 50.40 -16.72
C4 NAG JA . -15.26 49.62 -17.27
C5 NAG JA . -15.36 48.15 -16.88
C6 NAG JA . -13.97 47.54 -17.15
C7 NAG JA . -17.83 51.62 -13.67
C8 NAG JA . -19.17 52.25 -13.39
N2 NAG JA . -17.72 50.90 -14.79
O3 NAG JA . -16.12 51.73 -16.98
O4 NAG JA . -15.36 49.75 -18.66
O5 NAG JA . -15.73 47.94 -15.53
O6 NAG JA . -13.93 46.17 -16.83
O7 NAG JA . -16.90 51.78 -12.89
N1 URI KA . 14.78 29.09 5.13
C2 URI KA . 13.47 29.31 5.53
N3 URI KA . 12.98 28.71 6.62
C4 URI KA . 13.71 27.85 7.34
C5 URI KA . 15.04 27.65 7.00
C6 URI KA . 15.56 28.29 5.87
O2 URI KA . 12.75 30.03 4.81
O4 URI KA . 13.23 27.35 8.36
C1' URI KA . 15.32 29.82 4.01
C2' URI KA . 14.50 29.69 2.73
C3' URI KA . 14.77 30.97 1.97
C4' URI KA . 15.19 31.94 3.07
O2' URI KA . 14.95 28.58 1.95
O3' URI KA . 15.82 30.77 1.00
O4' URI KA . 15.27 31.23 4.33
C5' URI KA . 14.16 33.05 3.19
O5' URI KA . 12.98 32.48 3.78
O4 UCG LA . 26.51 55.38 15.10
C7 UCG LA . 25.73 55.64 14.19
C5 UCG LA . 24.38 55.44 14.37
C6 UCG LA . 23.47 55.74 13.38
N1 UCG LA . 26.16 56.15 13.06
C8 UCG LA . 25.30 56.43 12.10
O5 UCG LA . 25.74 56.87 11.06
N UCG LA . 23.90 56.22 12.23
C UCG LA . 22.95 56.51 11.13
C1 UCG LA . 22.38 55.24 10.52
O2 UCG LA . 22.35 55.38 9.11
O UCG LA . 21.80 57.24 11.57
C3 UCG LA . 20.60 56.63 11.12
C4 UCG LA . 19.44 56.80 12.08
O1 UCG LA . 19.92 57.23 13.32
P UCG LA . 19.24 56.82 14.69
O6 UCG LA . 19.52 57.89 15.65
O7 UCG LA . 17.67 56.71 14.47
O8 UCG LA . 19.91 55.46 15.21
C2 UCG LA . 20.94 55.18 10.99
O3 UCG LA . 20.01 54.64 10.07
P1 UCG LA . 19.58 53.12 10.09
O15 UCG LA . 18.49 52.96 9.16
O14 UCG LA . 20.85 52.25 9.81
O11 UCG LA . 19.04 52.86 11.54
C18 UCG LA . 17.88 53.42 12.10
C17 UCG LA . 17.37 52.51 13.19
C16 UCG LA . 18.50 51.98 14.04
P2 UCG LA . 18.85 50.76 16.19
O16 UCG LA . 20.31 50.99 16.67
O17 UCG LA . 18.05 50.31 17.27
O12 UCG LA . 18.87 49.84 14.93
O13 UCG LA . 18.31 52.05 15.43
C15 UCG LA . 18.56 50.52 13.74
O10 UCG LA . 16.75 51.40 12.60
C14 UCG LA . 17.14 50.26 13.32
N4 UCG LA . 17.09 49.04 12.53
C13 UCG LA . 16.29 48.03 12.76
N5 UCG LA . 16.49 47.05 11.87
C10 UCG LA . 17.84 48.77 11.50
C9 UCG LA . 17.45 47.45 11.07
N2 UCG LA . 18.83 49.39 10.85
C12 UCG LA . 19.41 48.81 9.79
N6 UCG LA . 20.38 49.50 9.16
N3 UCG LA . 19.07 47.61 9.35
C11 UCG LA . 18.14 46.87 9.93
O9 UCG LA . 17.83 45.76 9.55
C1 NAG MA . 35.24 53.52 21.62
C2 NAG MA . 34.88 54.82 22.27
C3 NAG MA . 36.11 55.39 22.99
C4 NAG MA . 36.57 54.40 24.04
C5 NAG MA . 36.81 53.04 23.40
C6 NAG MA . 36.92 52.00 24.52
C7 NAG MA . 33.14 56.05 21.11
C8 NAG MA . 32.81 57.06 20.05
N2 NAG MA . 34.42 55.75 21.26
O3 NAG MA . 35.72 56.60 23.61
O4 NAG MA . 37.77 54.83 24.62
O5 NAG MA . 35.75 52.62 22.57
O6 NAG MA . 38.08 51.27 24.22
O7 NAG MA . 32.29 55.54 21.81
C1 NAG NA . 7.96 26.64 43.34
C2 NAG NA . 7.49 26.09 44.69
C3 NAG NA . 8.52 25.26 45.45
C4 NAG NA . 9.58 24.62 44.59
C5 NAG NA . 9.97 25.53 43.44
C6 NAG NA . 11.03 24.91 42.54
C7 NAG NA . 6.06 27.66 45.82
C8 NAG NA . 6.04 28.92 46.67
N2 NAG NA . 7.26 27.24 45.49
O3 NAG NA . 7.86 24.23 46.14
O4 NAG NA . 10.66 24.42 45.44
O5 NAG NA . 8.79 25.73 42.68
O6 NAG NA . 10.43 23.74 42.03
O7 NAG NA . 5.04 27.06 45.45
C1 NAG OA . 6.61 54.80 45.67
C2 NAG OA . 7.91 54.05 45.97
C3 NAG OA . 9.03 55.04 46.14
C4 NAG OA . 9.15 55.77 44.82
C5 NAG OA . 7.84 56.41 44.36
C6 NAG OA . 7.96 56.73 42.87
C7 NAG OA . 8.58 52.05 47.30
C8 NAG OA . 9.67 51.67 46.33
N2 NAG OA . 7.82 53.15 47.13
O3 NAG OA . 10.21 54.32 46.37
O4 NAG OA . 10.18 56.72 44.93
O5 NAG OA . 6.71 55.56 44.49
O6 NAG OA . 8.31 55.55 42.16
O7 NAG OA . 8.42 51.32 48.27
C1 NAG PA . 39.59 62.86 -9.37
C2 NAG PA . 40.21 64.26 -9.51
C3 NAG PA . 41.41 64.22 -10.44
C4 NAG PA . 42.43 63.25 -9.93
C5 NAG PA . 41.83 61.90 -9.54
C6 NAG PA . 42.85 61.28 -8.61
C7 NAG PA . 38.98 66.35 -9.55
C8 NAG PA . 38.13 67.29 -10.35
N2 NAG PA . 39.34 65.22 -10.15
O3 NAG PA . 41.99 65.51 -10.45
O4 NAG PA . 43.34 63.05 -10.96
O5 NAG PA . 40.55 61.94 -8.90
O6 NAG PA . 42.17 60.35 -7.80
O7 NAG PA . 39.25 66.58 -8.38
#